data_7Q9I
#
_entry.id   7Q9I
#
_cell.length_a   1.00
_cell.length_b   1.00
_cell.length_c   1.00
_cell.angle_alpha   90.00
_cell.angle_beta   90.00
_cell.angle_gamma   90.00
#
_symmetry.space_group_name_H-M   'P 1'
#
loop_
_entity.id
_entity.type
_entity.pdbx_description
1 polymer 'Spike glycoprotein'
2 polymer 'Beta-43 heavy chain'
3 polymer 'Beta-43 light chain'
4 branched 2-acetamido-2-deoxy-beta-D-glucopyranose-(1-4)-2-acetamido-2-deoxy-beta-D-glucopyranose
5 non-polymer 2-acetamido-2-deoxy-beta-D-glucopyranose
#
loop_
_entity_poly.entity_id
_entity_poly.type
_entity_poly.pdbx_seq_one_letter_code
_entity_poly.pdbx_strand_id
1 'polypeptide(L)'
;MFVFLVLLPLVSSQCVNFTTRTQLPPAYTNSFTRGVYYPDKVFRSSVLHSTQDLFLPFFSNVTWFHAIHVSGTNGTKRFA
NPVLPFNDGVYFASTEKSNIIRGWIFGTTLDSKTQSLLIVNNATNVVIKVCEFQFCNDPFLGVYYHKNNKSWMESEFRVY
SSANNCTFEYVSQPFLMDLEGKQGNFKNLREFVFKNIDGYFKIYSKHTPINLVRGLPQGFSALEPLVDLPIGINITRFQT
LHISYLTPGDSSSGWTAGAAAYYVGYLQPRTFLLKYNENGTITDAVDCALDPLSETKCTLKSFTVEKGIYQTSNFRVQPT
ESIVRFPNITNLCPFGEVFNATRFASVYAWNRKRISNCVADYSVLYNSASFSTFKCYGVSPTKLNDLCFTNVYADSFVIR
GDEVRQIAPGQTGNIADYNYKLPDDFTGCVIAWNSNNLDSKVGGNYNYLYRLFRKSNLKPFERDISTEIYQAGSTPCNGV
KGFNCYFPLQSYGFQPTYGVGYQPYRVVVLSFELLHAPATVCGPKKSTNLVKNKCVNFNFNGLTGTGVLTESNKKFLPFQ
QFGRDIADTTDAVRDPQTLEILDITPCSFGGVSVITPGTNTSNQVAVLYQGVNCTEVPVAIHADQLTPTWRVYSTGSNVF
QTRAGCLIGAEHVNNSYECDIPIGAGICASYQTQTNSPGSASSVASQSIIAYTMSLGVENSVAYSNNSIAIPTNFTISVT
TEILPVSMTKTSVDCTMYICGDSTECSNLLLQYGSFCTQLNRALTGIAVEQDKNTQEVFAQVKQIYKTPPIKDFGGFNFS
QILPDPSKPSKRSFIEDLLFNKVTLADAGFIKQYGDCLGDIAARDLICAQKFNGLTVLPPLLTDEMIAQYTSALLAGTIT
SGWTFGAGAALQIPFAMQMAYRFNGIGVTQNVLYENQKLIANQFNSAIGKIQDSLSSTASALGKLQDVVNQNAQALNTLV
KQLSSNFGAISSVLNDILSRLDPPEAEVQIDRLITGRLQSLQTYVTQQLIRAAEIRASANLAATKMSECVLGQSKRVDFC
GKGYHLMSFPQSAPHGVVFLHVTYVPAQEKNFTTAPAICHDGKAHFPREGVFVSNGTHWFVTQRNFYEPQIITTDNTFVS
GNCDVVIGIVNNTVYDPLQPELDSFKEELDKYFKNHTSPDVDLGDISGINASVVNIQKEIDRLNEVAKNLNESLIDLQEL
GKYEQGSGYIPEAPRDGQAYVRKDGEWVLLSTFLGRSLEVLFQGPGHHHHHHHHGSAWSHPQFEKGGGSGGGSGGSAWSH
PQFEK
;
A,B,C
2 'polypeptide(L)'
;EVQLVESGGGVVQPGRSLRLSCAASGFTFSSYGMHWVRQAPGKGLEWVAVIWYDGSNNFYADSVKGRFTISRDNFKNTLY
LQMNSLRAEDTAVYYCARSYCSGGFCFGYYYGLDVWGQGTTVTVSSASTKGPSVFPLAPSSKSTSGGTAALGCLVKDYFP
EPVTVSWNSGALTSGVHTFPAVLQSSGLYSLSSVVTVPSSSLGTQTYICNVNHKPSNTKVDKKVEPKSCDK
;
H,E,J
3 'polypeptide(L)'
;SYELTQPPSVSVAPGKTATITCGGNNIGTKSVHWYQQKPGQAPVLVIYYNSDRPSGIPERFSGSNSGNTVTLTISRVEAG
DEADYYCQVWDSGSDHYVFGTGTKVTVVGQPKANPTVTLFPPSSEELQANKATLVCLISDFYPGAVTVAWKADSSPVKAG
VETTTPSKQSNNKYAASSYLSLTPEQWKSHRSYSCQVTHEGSTVEKTVAPTECS
;
L,F,K
#
# COMPACT_ATOMS: atom_id res chain seq x y z
N SER A 13 60.07 -17.10 25.97
CA SER A 13 61.18 -17.48 26.84
C SER A 13 61.38 -18.99 26.84
N GLN A 14 61.58 -19.58 28.01
CA GLN A 14 61.78 -21.02 28.14
C GLN A 14 60.86 -21.53 29.23
N CYS A 15 59.97 -22.45 28.85
CA CYS A 15 58.94 -22.93 29.77
C CYS A 15 59.55 -23.73 30.92
N VAL A 16 59.00 -23.53 32.11
CA VAL A 16 59.39 -24.35 33.27
C VAL A 16 58.59 -25.65 33.23
N ASN A 17 59.29 -26.77 33.35
CA ASN A 17 58.69 -28.09 33.26
C ASN A 17 58.32 -28.60 34.65
N PHE A 18 57.18 -29.28 34.73
CA PHE A 18 56.72 -29.91 35.97
C PHE A 18 56.50 -31.39 35.73
N THR A 19 57.12 -32.21 36.57
CA THR A 19 57.02 -33.66 36.40
C THR A 19 55.67 -34.19 36.86
N THR A 20 55.06 -33.55 37.85
CA THR A 20 53.77 -33.98 38.41
C THR A 20 52.74 -32.92 38.08
N ARG A 21 51.84 -33.25 37.15
CA ARG A 21 50.79 -32.34 36.70
C ARG A 21 49.43 -32.89 37.12
N THR A 22 48.68 -32.10 37.86
CA THR A 22 47.32 -32.46 38.27
C THR A 22 46.48 -31.20 38.23
N GLN A 23 45.17 -31.39 38.37
CA GLN A 23 44.23 -30.27 38.44
C GLN A 23 43.07 -30.65 39.35
N LEU A 24 42.62 -29.70 40.15
CA LEU A 24 41.55 -29.99 41.11
C LEU A 24 40.25 -30.29 40.35
N PRO A 25 39.40 -31.13 40.92
CA PRO A 25 38.10 -31.40 40.29
C PRO A 25 37.28 -30.12 40.18
N PRO A 26 36.51 -29.95 39.11
CA PRO A 26 35.64 -28.77 39.01
C PRO A 26 34.52 -28.82 40.03
N ALA A 27 33.96 -27.65 40.32
CA ALA A 27 32.81 -27.57 41.21
C ALA A 27 31.73 -26.71 40.57
N TYR A 28 30.50 -26.84 41.05
CA TYR A 28 29.36 -26.19 40.44
C TYR A 28 28.67 -25.26 41.44
N THR A 29 28.25 -24.10 40.93
CA THR A 29 27.45 -23.14 41.68
C THR A 29 26.42 -22.53 40.74
N ASN A 30 25.79 -21.44 41.17
CA ASN A 30 24.70 -20.85 40.41
C ASN A 30 24.96 -19.37 40.23
N SER A 31 24.58 -18.87 39.05
CA SER A 31 24.90 -17.51 38.64
C SER A 31 24.10 -16.46 39.38
N PHE A 32 23.08 -16.87 40.15
CA PHE A 32 22.22 -15.91 40.82
C PHE A 32 21.63 -14.95 39.79
N THR A 33 22.03 -13.67 39.83
CA THR A 33 21.54 -12.68 38.89
C THR A 33 22.66 -11.76 38.42
N ARG A 34 23.88 -12.29 38.32
CA ARG A 34 25.03 -11.50 37.91
C ARG A 34 25.26 -11.62 36.40
N GLY A 35 26.25 -10.87 35.91
CA GLY A 35 26.60 -10.87 34.50
C GLY A 35 25.96 -9.79 33.67
N VAL A 36 25.07 -8.98 34.24
CA VAL A 36 24.45 -7.91 33.47
C VAL A 36 25.47 -6.83 33.17
N TYR A 37 25.43 -6.32 31.94
CA TYR A 37 26.35 -5.30 31.48
C TYR A 37 25.58 -4.31 30.62
N TYR A 38 26.21 -3.18 30.30
CA TYR A 38 25.60 -2.17 29.46
C TYR A 38 25.77 -2.57 28.00
N PRO A 39 24.70 -2.83 27.25
CA PRO A 39 24.88 -3.27 25.87
C PRO A 39 25.41 -2.16 24.97
N ASP A 40 24.83 -0.98 25.09
CA ASP A 40 25.23 0.20 24.36
C ASP A 40 25.76 1.26 25.32
N LYS A 41 26.38 2.29 24.75
CA LYS A 41 26.95 3.40 25.51
C LYS A 41 26.04 4.62 25.50
N VAL A 42 24.73 4.41 25.50
CA VAL A 42 23.75 5.49 25.43
C VAL A 42 23.30 5.85 26.83
N PHE A 43 23.36 7.14 27.16
CA PHE A 43 22.89 7.59 28.46
C PHE A 43 21.37 7.46 28.52
N ARG A 44 20.89 6.67 29.47
CA ARG A 44 19.47 6.43 29.67
C ARG A 44 19.12 6.74 31.11
N SER A 45 18.07 7.52 31.32
CA SER A 45 17.72 8.01 32.65
C SER A 45 16.29 7.61 32.98
N SER A 46 16.13 6.90 34.09
CA SER A 46 14.81 6.63 34.69
C SER A 46 13.85 6.05 33.64
N VAL A 47 14.16 4.85 33.18
CA VAL A 47 13.38 4.25 32.10
C VAL A 47 13.70 2.77 32.02
N LEU A 48 12.77 2.01 31.42
CA LEU A 48 13.00 0.61 31.10
C LEU A 48 13.33 0.49 29.63
N HIS A 49 14.44 -0.19 29.32
CA HIS A 49 14.88 -0.39 27.95
C HIS A 49 15.10 -1.88 27.70
N SER A 50 14.61 -2.37 26.57
CA SER A 50 14.63 -3.80 26.26
C SER A 50 15.59 -4.06 25.11
N THR A 51 16.46 -5.05 25.28
CA THR A 51 17.44 -5.37 24.25
C THR A 51 17.71 -6.88 24.24
N GLN A 52 17.97 -7.41 23.05
CA GLN A 52 18.26 -8.82 22.86
C GLN A 52 19.75 -8.96 22.55
N ASP A 53 20.50 -9.47 23.52
CA ASP A 53 21.94 -9.67 23.32
C ASP A 53 22.42 -10.94 23.99
N LEU A 54 23.72 -11.20 23.95
CA LEU A 54 24.32 -12.36 24.60
C LEU A 54 24.45 -12.04 26.08
N PHE A 55 23.54 -12.58 26.88
CA PHE A 55 23.50 -12.33 28.31
C PHE A 55 23.69 -13.62 29.07
N LEU A 56 24.13 -13.50 30.32
CA LEU A 56 24.21 -14.65 31.19
C LEU A 56 22.83 -14.89 31.79
N PRO A 57 22.13 -15.95 31.42
CA PRO A 57 20.76 -16.14 31.92
C PRO A 57 20.76 -16.21 33.44
N PHE A 58 19.70 -15.67 34.04
CA PHE A 58 19.57 -15.71 35.49
C PHE A 58 19.55 -17.15 35.98
N PHE A 59 20.21 -17.38 37.12
CA PHE A 59 20.25 -18.68 37.76
C PHE A 59 20.82 -19.74 36.81
N SER A 60 21.89 -19.38 36.13
CA SER A 60 22.58 -20.26 35.21
C SER A 60 23.63 -21.09 35.94
N ASN A 61 23.81 -22.33 35.46
CA ASN A 61 24.87 -23.19 35.96
C ASN A 61 26.20 -22.51 35.77
N VAL A 62 27.04 -22.56 36.81
CA VAL A 62 28.36 -21.95 36.79
C VAL A 62 29.36 -22.99 37.26
N THR A 63 30.49 -23.08 36.57
CA THR A 63 31.57 -23.95 37.01
C THR A 63 32.69 -23.13 37.63
N TRP A 64 33.13 -23.52 38.82
CA TRP A 64 34.14 -22.74 39.54
C TRP A 64 35.28 -23.65 39.98
N PHE A 65 36.47 -23.09 39.93
CA PHE A 65 37.73 -23.73 40.26
C PHE A 65 38.53 -22.83 41.20
N HIS A 66 39.69 -23.33 41.62
CA HIS A 66 40.61 -22.62 42.48
C HIS A 66 41.94 -22.39 41.76
N ALA A 67 42.58 -21.27 42.09
CA ALA A 67 43.90 -20.93 41.58
C ALA A 67 44.89 -20.99 42.73
N ILE A 68 45.62 -22.10 42.83
CA ILE A 68 46.58 -22.31 43.91
C ILE A 68 47.82 -21.48 43.60
N HIS A 69 48.12 -20.52 44.49
CA HIS A 69 49.20 -19.57 44.28
C HIS A 69 50.41 -19.82 45.17
N VAL A 70 50.45 -20.95 45.89
CA VAL A 70 51.55 -21.25 46.79
C VAL A 70 51.70 -22.76 46.89
N SER A 71 52.93 -23.21 47.08
CA SER A 71 53.27 -24.63 47.16
C SER A 71 53.94 -24.90 48.50
N GLY A 72 53.26 -25.64 49.37
CA GLY A 72 53.80 -25.98 50.67
C GLY A 72 53.12 -27.18 51.29
N GLY A 75 55.51 -30.89 48.55
CA GLY A 75 55.16 -29.61 47.95
C GLY A 75 55.75 -29.44 46.57
N THR A 76 55.77 -30.53 45.80
CA THR A 76 56.30 -30.52 44.44
C THR A 76 55.24 -30.93 43.43
N LYS A 77 53.99 -30.55 43.68
CA LYS A 77 52.87 -30.88 42.80
C LYS A 77 52.39 -29.61 42.12
N ARG A 78 52.32 -29.65 40.79
CA ARG A 78 51.87 -28.53 39.98
C ARG A 78 50.39 -28.73 39.67
N PHE A 79 49.54 -27.87 40.24
CA PHE A 79 48.12 -27.89 39.95
C PHE A 79 47.83 -26.93 38.80
N ALA A 80 47.36 -27.47 37.68
CA ALA A 80 47.20 -26.69 36.45
C ALA A 80 45.75 -26.28 36.26
N ASN A 81 45.56 -25.11 35.65
CA ASN A 81 44.22 -24.64 35.32
C ASN A 81 43.70 -25.39 34.09
N PRO A 82 42.40 -25.66 34.01
CA PRO A 82 41.87 -26.39 32.86
C PRO A 82 41.51 -25.47 31.71
N VAL A 83 41.55 -26.04 30.51
CA VAL A 83 41.12 -25.33 29.31
C VAL A 83 39.61 -25.48 29.18
N LEU A 84 38.90 -24.35 29.18
CA LEU A 84 37.45 -24.39 29.18
C LEU A 84 36.89 -23.93 27.83
N PRO A 85 35.71 -24.40 27.46
CA PRO A 85 35.08 -23.92 26.22
C PRO A 85 34.73 -22.45 26.33
N PHE A 86 34.64 -21.81 25.17
CA PHE A 86 34.21 -20.41 25.10
C PHE A 86 32.75 -20.27 24.71
N ASN A 87 32.25 -21.14 23.85
CA ASN A 87 30.84 -21.10 23.42
C ASN A 87 30.58 -19.73 22.80
N ASP A 88 29.51 -19.04 23.18
CA ASP A 88 29.17 -17.76 22.59
C ASP A 88 29.70 -16.56 23.38
N GLY A 89 30.43 -16.80 24.44
CA GLY A 89 30.90 -15.75 25.32
C GLY A 89 30.86 -16.25 26.74
N VAL A 90 31.64 -15.60 27.60
CA VAL A 90 31.83 -16.09 28.97
C VAL A 90 31.72 -14.96 29.97
N TYR A 91 31.05 -15.26 31.09
CA TYR A 91 31.08 -14.45 32.28
C TYR A 91 32.10 -15.07 33.23
N PHE A 92 33.21 -14.39 33.46
CA PHE A 92 34.30 -14.88 34.29
C PHE A 92 34.43 -13.99 35.52
N ALA A 93 34.36 -14.60 36.70
CA ALA A 93 34.41 -13.86 37.95
C ALA A 93 35.51 -14.42 38.83
N SER A 94 36.10 -13.57 39.65
CA SER A 94 37.16 -14.00 40.54
C SER A 94 36.96 -13.36 41.91
N THR A 95 37.12 -14.18 42.95
CA THR A 95 37.07 -13.75 44.34
C THR A 95 38.45 -14.05 44.93
N GLU A 96 39.18 -12.99 45.27
CA GLU A 96 40.48 -13.15 45.90
C GLU A 96 40.82 -11.90 46.71
N LYS A 97 41.73 -12.07 47.66
CA LYS A 97 42.21 -10.91 48.42
C LYS A 97 43.29 -10.17 47.63
N SER A 98 44.39 -10.85 47.34
CA SER A 98 45.42 -10.30 46.47
C SER A 98 45.15 -10.73 45.04
N ASN A 99 45.72 -9.98 44.09
CA ASN A 99 45.43 -10.22 42.69
C ASN A 99 46.11 -11.49 42.20
N ILE A 100 45.48 -12.64 42.43
CA ILE A 100 46.04 -13.91 41.99
C ILE A 100 45.76 -14.14 40.51
N ILE A 101 44.51 -13.91 40.09
CA ILE A 101 44.15 -14.10 38.69
C ILE A 101 44.78 -12.98 37.88
N ARG A 102 45.60 -13.34 36.90
CA ARG A 102 46.34 -12.36 36.11
C ARG A 102 45.85 -12.24 34.68
N GLY A 103 45.20 -13.25 34.11
CA GLY A 103 44.70 -13.11 32.76
C GLY A 103 44.27 -14.43 32.18
N TRP A 104 44.12 -14.43 30.86
CA TRP A 104 43.64 -15.58 30.11
C TRP A 104 44.29 -15.62 28.73
N ILE A 105 44.19 -16.80 28.12
CA ILE A 105 44.56 -17.01 26.72
C ILE A 105 43.35 -17.58 26.01
N PHE A 106 43.07 -17.07 24.81
CA PHE A 106 41.94 -17.48 24.02
C PHE A 106 42.38 -17.94 22.64
N GLY A 107 41.66 -18.91 22.10
CA GLY A 107 41.94 -19.40 20.77
C GLY A 107 41.13 -20.65 20.48
N THR A 108 41.51 -21.32 19.40
CA THR A 108 40.85 -22.56 19.01
C THR A 108 41.78 -23.73 19.20
N THR A 109 42.97 -23.68 18.59
CA THR A 109 43.97 -24.72 18.80
C THR A 109 44.94 -24.38 19.92
N LEU A 110 45.13 -23.09 20.23
CA LEU A 110 46.07 -22.66 21.26
C LEU A 110 47.47 -23.18 20.98
N ASP A 111 47.85 -23.25 19.70
CA ASP A 111 49.21 -23.61 19.31
C ASP A 111 49.68 -22.69 18.20
N SER A 112 50.84 -22.99 17.61
CA SER A 112 51.38 -22.14 16.56
C SER A 112 50.61 -22.24 15.25
N LYS A 113 49.68 -23.19 15.13
CA LYS A 113 48.95 -23.37 13.88
C LYS A 113 47.90 -22.30 13.65
N THR A 114 47.38 -21.67 14.71
CA THR A 114 46.35 -20.65 14.60
C THR A 114 46.74 -19.46 15.45
N GLN A 115 46.07 -18.34 15.20
CA GLN A 115 46.27 -17.16 16.01
C GLN A 115 45.63 -17.37 17.37
N SER A 116 46.17 -16.66 18.37
CA SER A 116 45.74 -16.80 19.74
C SER A 116 45.88 -15.45 20.43
N LEU A 117 44.87 -15.12 21.23
CA LEU A 117 44.85 -13.90 22.03
C LEU A 117 45.37 -14.18 23.42
N LEU A 118 46.15 -13.24 23.96
CA LEU A 118 46.75 -13.34 25.28
C LEU A 118 46.49 -12.03 26.00
N ILE A 119 45.70 -12.07 27.07
CA ILE A 119 45.42 -10.90 27.90
C ILE A 119 46.01 -11.21 29.27
N VAL A 120 47.12 -10.56 29.59
CA VAL A 120 47.79 -10.80 30.87
C VAL A 120 48.01 -9.45 31.55
N ASN A 121 48.11 -9.48 32.88
CA ASN A 121 48.32 -8.28 33.68
C ASN A 121 49.54 -8.50 34.56
N ASN A 122 50.71 -8.16 34.05
CA ASN A 122 51.89 -8.13 34.90
C ASN A 122 51.86 -6.87 35.75
N ALA A 123 52.75 -6.82 36.76
CA ALA A 123 52.68 -5.77 37.75
C ALA A 123 52.78 -4.38 37.12
N THR A 124 53.57 -4.25 36.04
CA THR A 124 53.77 -2.94 35.44
C THR A 124 52.51 -2.46 34.72
N ASN A 125 52.01 -3.24 33.77
CA ASN A 125 50.89 -2.81 32.95
C ASN A 125 50.19 -4.03 32.38
N VAL A 126 49.11 -3.80 31.65
CA VAL A 126 48.34 -4.86 31.02
C VAL A 126 48.85 -5.06 29.60
N VAL A 127 48.98 -6.32 29.19
CA VAL A 127 49.51 -6.68 27.88
C VAL A 127 48.47 -7.52 27.16
N ILE A 128 48.15 -7.13 25.92
CA ILE A 128 47.20 -7.84 25.08
C ILE A 128 47.89 -8.09 23.74
N LYS A 129 48.08 -9.36 23.40
CA LYS A 129 48.80 -9.69 22.18
C LYS A 129 48.11 -10.85 21.46
N VAL A 130 47.97 -10.71 20.14
CA VAL A 130 47.37 -11.73 19.30
C VAL A 130 48.44 -12.19 18.32
N CYS A 131 48.91 -13.42 18.52
CA CYS A 131 50.07 -13.94 17.79
C CYS A 131 49.89 -15.45 17.56
N GLU A 132 50.83 -16.04 16.84
CA GLU A 132 50.86 -17.50 16.66
C GLU A 132 51.65 -18.09 17.81
N PHE A 133 51.03 -18.10 18.98
CA PHE A 133 51.71 -18.50 20.20
C PHE A 133 51.92 -20.01 20.24
N GLN A 134 53.06 -20.42 20.77
CA GLN A 134 53.33 -21.81 21.15
C GLN A 134 53.37 -21.82 22.67
N PHE A 135 52.19 -21.97 23.28
CA PHE A 135 52.06 -21.80 24.72
C PHE A 135 52.77 -22.91 25.47
N CYS A 136 53.16 -22.59 26.71
CA CYS A 136 53.76 -23.59 27.59
C CYS A 136 52.70 -24.56 28.08
N ASN A 137 53.16 -25.75 28.47
CA ASN A 137 52.26 -26.72 29.10
C ASN A 137 51.69 -26.16 30.39
N ASP A 138 52.53 -25.51 31.20
CA ASP A 138 52.13 -24.91 32.47
C ASP A 138 52.52 -23.44 32.45
N PRO A 139 51.68 -22.57 31.91
CA PRO A 139 51.99 -21.13 31.94
C PRO A 139 52.27 -20.66 33.37
N PHE A 140 53.40 -19.98 33.54
CA PHE A 140 53.92 -19.66 34.86
C PHE A 140 54.14 -18.17 35.02
N LEU A 141 53.69 -17.64 36.15
CA LEU A 141 54.02 -16.29 36.58
C LEU A 141 54.48 -16.37 38.02
N GLY A 142 55.74 -16.02 38.27
CA GLY A 142 56.36 -16.21 39.57
C GLY A 142 56.85 -14.92 40.19
N VAL A 143 56.62 -14.79 41.50
CA VAL A 143 57.04 -13.66 42.30
C VAL A 143 57.89 -14.16 43.45
N TYR A 144 58.76 -13.29 43.94
CA TYR A 144 59.55 -13.57 45.14
C TYR A 144 59.55 -12.33 46.02
N TYR A 145 59.67 -12.55 47.31
CA TYR A 145 59.59 -11.47 48.29
C TYR A 145 60.98 -10.87 48.48
N HIS A 146 61.09 -9.56 48.28
CA HIS A 146 62.36 -8.85 48.48
C HIS A 146 62.41 -8.42 49.94
N LYS A 147 63.14 -9.20 50.74
CA LYS A 147 63.15 -8.94 52.18
C LYS A 147 63.78 -7.59 52.51
N ASN A 148 64.81 -7.18 51.75
CA ASN A 148 65.46 -5.91 52.00
C ASN A 148 64.59 -4.71 51.63
N ASN A 149 63.59 -4.91 50.77
CA ASN A 149 62.65 -3.87 50.42
C ASN A 149 61.26 -4.08 50.99
N LYS A 150 61.03 -5.20 51.67
CA LYS A 150 59.72 -5.52 52.24
C LYS A 150 58.62 -5.38 51.19
N SER A 151 58.84 -6.03 50.05
CA SER A 151 57.90 -5.93 48.95
C SER A 151 58.08 -7.16 48.05
N TRP A 152 56.99 -7.54 47.38
CA TRP A 152 57.00 -8.61 46.42
C TRP A 152 57.41 -8.07 45.05
N MET A 153 58.22 -8.83 44.34
CA MET A 153 58.64 -8.46 42.99
C MET A 153 58.45 -9.67 42.09
N GLU A 154 57.65 -9.51 41.05
CA GLU A 154 57.45 -10.58 40.10
C GLU A 154 58.59 -10.59 39.09
N SER A 155 59.27 -11.73 38.96
CA SER A 155 60.41 -11.84 38.09
C SER A 155 60.39 -13.08 37.21
N GLU A 156 59.30 -13.85 37.18
CA GLU A 156 59.19 -15.00 36.31
C GLU A 156 57.95 -14.84 35.45
N PHE A 157 58.13 -14.90 34.14
CA PHE A 157 57.02 -14.85 33.19
C PHE A 157 57.35 -15.85 32.08
N ARG A 158 56.81 -17.06 32.18
CA ARG A 158 57.06 -18.12 31.20
C ARG A 158 55.71 -18.68 30.78
N VAL A 159 55.09 -18.05 29.79
CA VAL A 159 53.76 -18.41 29.34
C VAL A 159 53.79 -19.08 27.97
N TYR A 160 54.61 -18.57 27.06
CA TYR A 160 54.71 -19.11 25.71
C TYR A 160 56.18 -19.26 25.34
N SER A 161 56.49 -20.32 24.61
CA SER A 161 57.84 -20.54 24.14
C SER A 161 58.13 -19.84 22.83
N SER A 162 57.11 -19.55 22.03
CA SER A 162 57.29 -18.90 20.74
C SER A 162 56.11 -17.97 20.49
N ALA A 163 56.38 -16.88 19.78
CA ALA A 163 55.32 -15.94 19.41
C ALA A 163 55.76 -15.28 18.09
N ASN A 164 55.17 -15.74 17.00
CA ASN A 164 55.53 -15.28 15.66
C ASN A 164 54.29 -14.83 14.91
N ASN A 165 54.52 -14.04 13.86
CA ASN A 165 53.45 -13.54 12.99
C ASN A 165 52.34 -12.92 13.82
N CYS A 166 52.71 -12.01 14.71
CA CYS A 166 51.74 -11.33 15.55
C CYS A 166 50.82 -10.47 14.70
N THR A 167 49.54 -10.44 15.06
CA THR A 167 48.57 -9.56 14.44
C THR A 167 48.04 -8.49 15.37
N PHE A 168 48.31 -8.58 16.67
CA PHE A 168 47.88 -7.51 17.57
C PHE A 168 48.83 -7.35 18.74
N GLU A 169 49.03 -6.10 19.16
CA GLU A 169 49.81 -5.79 20.35
C GLU A 169 49.26 -4.52 20.99
N TYR A 170 49.14 -4.53 22.32
CA TYR A 170 48.71 -3.37 23.09
C TYR A 170 49.29 -3.48 24.48
N VAL A 171 50.02 -2.45 24.91
CA VAL A 171 50.61 -2.40 26.25
C VAL A 171 50.11 -1.13 26.91
N SER A 172 49.40 -1.27 28.02
CA SER A 172 48.86 -0.12 28.73
C SER A 172 49.98 0.61 29.47
N GLN A 173 49.65 1.80 29.95
CA GLN A 173 50.64 2.62 30.65
C GLN A 173 51.08 1.93 31.94
N PRO A 174 52.35 2.10 32.34
CA PRO A 174 52.83 1.39 33.53
C PRO A 174 52.09 1.82 34.79
N PHE A 175 51.96 0.88 35.71
CA PHE A 175 51.42 1.15 37.04
C PHE A 175 52.07 0.18 38.01
N LEU A 176 51.69 0.26 39.27
CA LEU A 176 52.22 -0.60 40.33
C LEU A 176 51.05 -1.33 40.98
N MET A 177 50.95 -2.63 40.72
CA MET A 177 49.88 -3.45 41.27
C MET A 177 50.25 -3.89 42.68
N ASP A 178 49.31 -3.76 43.61
CA ASP A 178 49.54 -4.16 45.00
C ASP A 178 49.58 -5.67 45.09
N LEU A 179 50.75 -6.22 45.42
CA LEU A 179 50.93 -7.66 45.56
C LEU A 179 50.75 -8.07 47.01
N PHE A 186 37.72 -8.80 53.90
CA PHE A 186 37.77 -7.97 52.70
C PHE A 186 38.34 -8.74 51.53
N LYS A 187 37.48 -9.39 50.77
CA LYS A 187 37.89 -9.95 49.48
C LYS A 187 37.46 -9.03 48.36
N ASN A 188 38.05 -9.22 47.19
CA ASN A 188 37.70 -8.49 46.00
C ASN A 188 37.03 -9.42 45.01
N LEU A 189 35.94 -8.92 44.42
CA LEU A 189 35.18 -9.60 43.39
C LEU A 189 35.42 -8.83 42.09
N ARG A 190 36.04 -9.49 41.12
CA ARG A 190 36.32 -8.89 39.82
C ARG A 190 35.57 -9.71 38.77
N GLU A 191 34.63 -9.05 38.09
CA GLU A 191 33.76 -9.70 37.13
C GLU A 191 34.08 -9.17 35.73
N PHE A 192 34.08 -10.08 34.76
CA PHE A 192 34.33 -9.77 33.37
C PHE A 192 33.32 -10.51 32.50
N VAL A 193 32.98 -9.89 31.37
CA VAL A 193 32.19 -10.53 30.32
C VAL A 193 32.97 -10.40 29.02
N PHE A 194 33.22 -11.54 28.37
CA PHE A 194 33.97 -11.63 27.14
C PHE A 194 33.04 -12.09 26.02
N LYS A 195 33.02 -11.32 24.93
CA LYS A 195 32.09 -11.55 23.83
C LYS A 195 32.82 -11.37 22.51
N ASN A 196 32.85 -12.40 21.67
CA ASN A 196 33.60 -12.38 20.41
C ASN A 196 32.61 -12.31 19.26
N ILE A 197 32.32 -11.09 18.79
CA ILE A 197 31.29 -10.87 17.78
C ILE A 197 31.85 -9.96 16.70
N ASP A 198 31.68 -10.38 15.44
CA ASP A 198 31.99 -9.53 14.28
C ASP A 198 33.44 -9.05 14.33
N GLY A 199 34.35 -9.96 14.67
CA GLY A 199 35.76 -9.64 14.73
C GLY A 199 36.17 -8.77 15.89
N TYR A 200 35.25 -8.41 16.78
CA TYR A 200 35.55 -7.62 17.95
C TYR A 200 35.44 -8.48 19.20
N PHE A 201 36.48 -8.46 20.01
CA PHE A 201 36.48 -9.08 21.33
C PHE A 201 36.14 -7.99 22.32
N LYS A 202 34.91 -8.01 22.80
CA LYS A 202 34.37 -7.00 23.69
C LYS A 202 34.46 -7.50 25.11
N ILE A 203 35.00 -6.67 25.99
CA ILE A 203 35.19 -6.98 27.39
C ILE A 203 34.48 -5.91 28.22
N TYR A 204 33.67 -6.37 29.16
CA TYR A 204 33.03 -5.51 30.14
C TYR A 204 33.49 -5.96 31.52
N SER A 205 33.64 -5.02 32.45
CA SER A 205 34.27 -5.35 33.72
C SER A 205 33.57 -4.62 34.86
N LYS A 206 33.78 -5.14 36.07
CA LYS A 206 33.27 -4.53 37.29
C LYS A 206 34.07 -5.05 38.47
N HIS A 207 34.33 -4.17 39.43
CA HIS A 207 35.10 -4.52 40.62
C HIS A 207 34.32 -4.08 41.85
N THR A 208 34.07 -5.01 42.77
CA THR A 208 33.45 -4.65 44.04
C THR A 208 34.16 -5.33 45.20
N PRO A 209 34.30 -4.63 46.34
CA PRO A 209 34.84 -5.29 47.54
C PRO A 209 33.77 -6.09 48.25
N ILE A 210 33.88 -7.41 48.17
CA ILE A 210 32.91 -8.33 48.76
C ILE A 210 33.42 -8.78 50.13
N ASN A 211 32.47 -9.06 51.02
CA ASN A 211 32.76 -9.50 52.38
C ASN A 211 32.63 -11.00 52.58
N LEU A 212 32.24 -11.74 51.54
CA LEU A 212 32.00 -13.16 51.67
C LEU A 212 33.32 -13.92 51.80
N VAL A 213 33.26 -15.06 52.47
CA VAL A 213 34.46 -15.86 52.73
C VAL A 213 34.58 -17.06 51.80
N ARG A 214 33.47 -17.53 51.23
CA ARG A 214 33.52 -18.69 50.33
C ARG A 214 32.34 -18.63 49.38
N GLY A 215 32.61 -18.83 48.09
CA GLY A 215 31.59 -18.94 47.08
C GLY A 215 31.27 -17.60 46.42
N LEU A 216 30.56 -17.70 45.30
CA LEU A 216 30.18 -16.51 44.56
C LEU A 216 29.08 -15.75 45.30
N PRO A 217 29.18 -14.43 45.42
CA PRO A 217 28.17 -13.68 46.17
C PRO A 217 26.91 -13.46 45.34
N GLN A 218 25.77 -13.61 46.01
CA GLN A 218 24.48 -13.34 45.38
C GLN A 218 24.23 -11.83 45.36
N GLY A 219 23.82 -11.31 44.21
CA GLY A 219 23.55 -9.90 44.09
C GLY A 219 23.53 -9.47 42.64
N PHE A 220 23.30 -8.17 42.45
CA PHE A 220 23.19 -7.56 41.14
C PHE A 220 24.24 -6.46 41.01
N SER A 221 24.95 -6.45 39.89
CA SER A 221 25.94 -5.41 39.62
C SER A 221 26.17 -5.35 38.12
N ALA A 222 25.84 -4.22 37.51
CA ALA A 222 25.97 -4.08 36.07
C ALA A 222 27.44 -3.89 35.69
N LEU A 223 27.89 -4.66 34.70
CA LEU A 223 29.27 -4.56 34.24
C LEU A 223 29.39 -3.45 33.20
N GLU A 224 30.34 -2.60 33.39
CA GLU A 224 30.54 -1.51 32.45
C GLU A 224 31.46 -1.94 31.31
N PRO A 225 31.31 -1.34 30.13
CA PRO A 225 32.18 -1.70 29.01
C PRO A 225 33.63 -1.36 29.32
N LEU A 226 34.50 -2.35 29.21
CA LEU A 226 35.92 -2.12 29.41
C LEU A 226 36.60 -1.73 28.10
N VAL A 227 36.52 -2.58 27.09
CA VAL A 227 37.16 -2.29 25.81
C VAL A 227 36.76 -3.34 24.79
N ASP A 228 36.71 -2.93 23.52
CA ASP A 228 36.46 -3.85 22.42
C ASP A 228 37.64 -3.79 21.46
N LEU A 229 38.28 -4.94 21.24
CA LEU A 229 39.49 -5.04 20.43
C LEU A 229 39.16 -5.64 19.08
N PRO A 230 39.56 -5.00 17.97
CA PRO A 230 39.34 -5.62 16.66
C PRO A 230 40.34 -6.72 16.35
N ILE A 231 40.29 -7.83 17.09
CA ILE A 231 41.26 -8.89 16.89
C ILE A 231 40.93 -9.72 15.65
N GLY A 232 39.64 -10.00 15.44
CA GLY A 232 39.23 -10.72 14.25
C GLY A 232 39.73 -12.16 14.17
N ILE A 233 39.71 -12.89 15.29
CA ILE A 233 40.09 -14.29 15.31
C ILE A 233 38.90 -15.11 15.79
N ASN A 234 39.02 -16.43 15.64
CA ASN A 234 38.02 -17.37 16.13
C ASN A 234 38.46 -17.91 17.49
N ILE A 235 37.53 -17.94 18.44
CA ILE A 235 37.80 -18.38 19.81
C ILE A 235 36.77 -19.44 20.17
N THR A 236 37.25 -20.61 20.58
CA THR A 236 36.39 -21.68 21.08
C THR A 236 36.81 -22.19 22.45
N ARG A 237 38.04 -21.95 22.86
CA ARG A 237 38.54 -22.39 24.16
C ARG A 237 39.33 -21.26 24.79
N PHE A 238 39.57 -21.38 26.09
CA PHE A 238 40.40 -20.43 26.81
C PHE A 238 40.92 -21.09 28.07
N GLN A 239 41.93 -20.46 28.66
CA GLN A 239 42.55 -20.94 29.90
C GLN A 239 42.90 -19.74 30.76
N THR A 240 42.85 -19.95 32.08
CA THR A 240 43.11 -18.89 33.04
C THR A 240 44.58 -18.90 33.46
N LEU A 241 45.13 -17.70 33.66
CA LEU A 241 46.50 -17.52 34.10
C LEU A 241 46.49 -16.96 35.52
N HIS A 242 47.31 -17.54 36.39
CA HIS A 242 47.39 -17.11 37.78
C HIS A 242 48.86 -16.86 38.14
N ILE A 243 49.05 -16.35 39.35
CA ILE A 243 50.36 -15.99 39.86
C ILE A 243 50.81 -17.07 40.85
N SER A 244 52.12 -17.30 40.90
CA SER A 244 52.73 -18.23 41.83
C SER A 244 53.63 -17.47 42.79
N TYR A 245 53.41 -17.68 44.09
CA TYR A 245 54.19 -17.02 45.13
C TYR A 245 55.33 -17.94 45.54
N LEU A 246 56.54 -17.62 45.08
CA LEU A 246 57.71 -18.43 45.42
C LEU A 246 58.11 -18.16 46.87
N THR A 247 58.18 -19.22 47.66
CA THR A 247 58.48 -19.10 49.08
C THR A 247 59.66 -19.99 49.44
N PRO A 248 60.46 -19.60 50.45
CA PRO A 248 61.60 -20.43 50.85
C PRO A 248 61.17 -21.75 51.44
N GLY A 249 60.23 -21.71 52.38
CA GLY A 249 59.76 -22.91 53.05
C GLY A 249 60.61 -23.30 54.24
N ALA A 257 47.09 -20.67 52.26
CA ALA A 257 46.00 -21.62 52.13
C ALA A 257 44.75 -20.96 51.55
N GLY A 258 44.70 -19.63 51.62
CA GLY A 258 43.58 -18.89 51.10
C GLY A 258 43.72 -18.60 49.62
N ALA A 259 43.52 -19.63 48.80
CA ALA A 259 43.67 -19.49 47.36
C ALA A 259 42.50 -18.70 46.77
N ALA A 260 42.74 -18.11 45.60
CA ALA A 260 41.69 -17.41 44.88
C ALA A 260 40.74 -18.41 44.21
N ALA A 261 39.53 -17.95 43.93
CA ALA A 261 38.52 -18.81 43.32
C ALA A 261 37.90 -18.11 42.13
N TYR A 262 37.76 -18.82 41.01
CA TYR A 262 37.16 -18.22 39.84
C TYR A 262 36.00 -19.07 39.33
N TYR A 263 35.06 -18.36 38.68
CA TYR A 263 33.77 -18.90 38.28
C TYR A 263 33.53 -18.55 36.82
N VAL A 264 32.95 -19.49 36.08
CA VAL A 264 32.74 -19.36 34.65
C VAL A 264 31.29 -19.71 34.33
N GLY A 265 30.60 -18.80 33.66
CA GLY A 265 29.30 -19.09 33.07
C GLY A 265 29.31 -18.70 31.60
N TYR A 266 28.28 -19.15 30.89
CA TYR A 266 28.22 -18.97 29.44
C TYR A 266 27.01 -18.13 29.05
N LEU A 267 27.23 -17.24 28.09
CA LEU A 267 26.19 -16.35 27.60
C LEU A 267 25.29 -17.07 26.60
N GLN A 268 24.08 -16.54 26.44
CA GLN A 268 23.11 -17.03 25.49
C GLN A 268 22.37 -15.84 24.90
N PRO A 269 21.85 -15.97 23.68
CA PRO A 269 21.04 -14.88 23.12
C PRO A 269 19.72 -14.76 23.84
N ARG A 270 19.57 -13.71 24.64
CA ARG A 270 18.41 -13.50 25.48
C ARG A 270 17.93 -12.07 25.35
N THR A 271 16.64 -11.87 25.58
CA THR A 271 16.06 -10.53 25.62
C THR A 271 15.93 -10.11 27.07
N PHE A 272 16.57 -9.00 27.42
CA PHE A 272 16.62 -8.49 28.77
C PHE A 272 15.97 -7.12 28.85
N LEU A 273 15.31 -6.87 29.98
CA LEU A 273 14.67 -5.60 30.26
C LEU A 273 15.46 -4.93 31.37
N LEU A 274 16.21 -3.88 31.02
CA LEU A 274 17.09 -3.20 31.95
C LEU A 274 16.43 -1.94 32.48
N LYS A 275 16.67 -1.64 33.75
CA LYS A 275 16.07 -0.49 34.42
C LYS A 275 17.17 0.52 34.73
N TYR A 276 17.07 1.71 34.13
CA TYR A 276 18.00 2.79 34.34
C TYR A 276 17.41 3.79 35.31
N ASN A 277 18.23 4.21 36.27
CA ASN A 277 17.80 5.17 37.27
C ASN A 277 17.97 6.58 36.71
N GLU A 278 17.85 7.59 37.57
CA GLU A 278 17.97 8.97 37.11
C GLU A 278 19.39 9.32 36.70
N ASN A 279 20.39 8.62 37.24
CA ASN A 279 21.78 8.91 36.93
C ASN A 279 22.35 8.05 35.81
N GLY A 280 21.60 7.05 35.34
CA GLY A 280 22.05 6.21 34.25
C GLY A 280 22.53 4.84 34.68
N THR A 281 22.57 4.55 35.98
CA THR A 281 23.02 3.24 36.44
C THR A 281 21.92 2.22 36.22
N ILE A 282 22.31 1.05 35.69
CA ILE A 282 21.37 -0.07 35.58
C ILE A 282 21.17 -0.64 36.98
N THR A 283 19.99 -0.39 37.56
CA THR A 283 19.71 -0.81 38.92
C THR A 283 19.15 -2.23 38.99
N ASP A 284 18.42 -2.66 37.97
CA ASP A 284 17.81 -3.98 38.00
C ASP A 284 17.56 -4.44 36.57
N ALA A 285 17.34 -5.74 36.43
CA ALA A 285 17.08 -6.31 35.11
C ALA A 285 16.08 -7.44 35.24
N VAL A 286 15.40 -7.73 34.14
CA VAL A 286 14.45 -8.84 34.05
C VAL A 286 14.85 -9.70 32.87
N ASP A 287 15.06 -10.99 33.13
CA ASP A 287 15.31 -11.97 32.09
C ASP A 287 13.95 -12.44 31.57
N CYS A 288 13.55 -11.94 30.40
CA CYS A 288 12.19 -12.17 29.93
C CYS A 288 11.88 -13.66 29.82
N ALA A 289 12.79 -14.43 29.26
CA ALA A 289 12.54 -15.83 28.95
C ALA A 289 12.84 -16.77 30.11
N LEU A 290 13.15 -16.22 31.29
CA LEU A 290 13.44 -17.07 32.44
C LEU A 290 12.20 -17.89 32.82
N ASP A 291 11.05 -17.25 32.87
CA ASP A 291 9.84 -17.90 33.37
C ASP A 291 8.64 -17.11 32.88
N PRO A 292 7.44 -17.71 32.92
CA PRO A 292 6.25 -16.96 32.49
C PRO A 292 6.05 -15.66 33.24
N LEU A 293 6.45 -15.58 34.51
CA LEU A 293 6.31 -14.32 35.23
C LEU A 293 7.13 -13.22 34.57
N SER A 294 8.38 -13.54 34.20
CA SER A 294 9.22 -12.55 33.53
C SER A 294 8.70 -12.24 32.13
N GLU A 295 8.14 -13.23 31.44
CA GLU A 295 7.52 -12.96 30.15
C GLU A 295 6.38 -11.96 30.31
N THR A 296 5.57 -12.11 31.36
CA THR A 296 4.51 -11.15 31.60
C THR A 296 5.08 -9.78 31.95
N LYS A 297 6.17 -9.75 32.70
CA LYS A 297 6.81 -8.49 33.01
C LYS A 297 7.24 -7.77 31.74
N CYS A 298 7.80 -8.52 30.79
CA CYS A 298 8.34 -7.89 29.58
C CYS A 298 7.25 -7.53 28.59
N THR A 299 6.17 -8.32 28.53
CA THR A 299 5.05 -7.99 27.66
C THR A 299 4.41 -6.67 28.09
N LEU A 300 4.23 -6.48 29.39
CA LEU A 300 3.74 -5.23 29.90
C LEU A 300 4.85 -4.21 30.08
N LYS A 301 6.10 -4.59 29.79
CA LYS A 301 7.24 -3.67 29.81
C LYS A 301 7.35 -2.97 31.16
N SER A 302 7.23 -3.73 32.24
CA SER A 302 7.36 -3.19 33.58
C SER A 302 8.01 -4.20 34.48
N PHE A 303 8.63 -3.70 35.55
CA PHE A 303 9.15 -4.52 36.63
C PHE A 303 8.08 -4.89 37.65
N THR A 304 6.82 -4.85 37.24
CA THR A 304 5.71 -5.18 38.10
C THR A 304 4.59 -5.72 37.23
N VAL A 305 4.05 -6.88 37.61
CA VAL A 305 2.92 -7.48 36.92
C VAL A 305 1.74 -7.41 37.88
N GLU A 306 0.65 -6.79 37.42
CA GLU A 306 -0.55 -6.70 38.22
C GLU A 306 -1.34 -8.00 38.12
N LYS A 307 -2.22 -8.21 39.09
CA LYS A 307 -3.01 -9.43 39.14
C LYS A 307 -3.89 -9.55 37.90
N GLY A 308 -3.90 -10.72 37.30
CA GLY A 308 -4.68 -10.96 36.10
C GLY A 308 -4.13 -12.14 35.33
N ILE A 309 -4.56 -12.23 34.07
CA ILE A 309 -4.09 -13.25 33.14
C ILE A 309 -3.64 -12.55 31.87
N TYR A 310 -2.46 -12.93 31.37
CA TYR A 310 -1.86 -12.25 30.24
C TYR A 310 -1.41 -13.28 29.21
N GLN A 311 -1.80 -13.05 27.96
CA GLN A 311 -1.34 -13.86 26.83
C GLN A 311 0.06 -13.42 26.46
N THR A 312 1.03 -14.30 26.63
CA THR A 312 2.43 -13.96 26.49
C THR A 312 3.08 -14.53 25.24
N SER A 313 2.73 -15.74 24.83
CA SER A 313 3.41 -16.39 23.72
C SER A 313 2.44 -17.35 23.05
N ASN A 314 2.97 -18.15 22.13
CA ASN A 314 2.19 -19.17 21.45
C ASN A 314 2.88 -20.51 21.60
N PHE A 315 2.09 -21.56 21.78
CA PHE A 315 2.59 -22.91 21.91
C PHE A 315 2.34 -23.65 20.60
N ARG A 316 3.32 -24.47 20.25
CA ARG A 316 3.35 -25.26 19.03
C ARG A 316 4.07 -26.56 19.34
N VAL A 317 3.51 -27.66 18.84
CA VAL A 317 4.19 -28.93 18.94
C VAL A 317 5.08 -29.01 17.71
N GLN A 318 6.26 -28.40 17.79
CA GLN A 318 7.18 -28.35 16.66
C GLN A 318 7.33 -29.75 16.08
N PRO A 319 7.42 -29.87 14.76
CA PRO A 319 7.40 -31.21 14.14
C PRO A 319 8.59 -32.03 14.59
N THR A 320 8.33 -33.32 14.79
CA THR A 320 9.34 -34.24 15.27
C THR A 320 10.34 -34.57 14.18
N GLU A 321 9.85 -34.77 12.96
CA GLU A 321 10.70 -35.17 11.86
C GLU A 321 10.04 -34.76 10.55
N SER A 322 10.83 -34.82 9.48
CA SER A 322 10.37 -34.47 8.14
C SER A 322 10.11 -35.73 7.34
N ILE A 323 9.00 -35.75 6.61
CA ILE A 323 8.59 -36.89 5.81
C ILE A 323 8.54 -36.45 4.35
N VAL A 324 9.16 -37.24 3.48
CA VAL A 324 9.14 -37.00 2.04
C VAL A 324 8.47 -38.19 1.37
N ARG A 325 7.46 -37.92 0.55
CA ARG A 325 6.71 -38.95 -0.16
C ARG A 325 6.62 -38.53 -1.62
N PHE A 326 7.49 -39.06 -2.46
CA PHE A 326 7.45 -38.88 -3.89
C PHE A 326 7.00 -40.16 -4.57
N PRO A 327 6.43 -40.06 -5.78
CA PRO A 327 6.04 -41.28 -6.48
C PRO A 327 7.26 -42.10 -6.87
N ASN A 328 7.04 -43.39 -7.11
CA ASN A 328 8.10 -44.35 -7.39
C ASN A 328 8.58 -44.19 -8.84
N ILE A 329 9.04 -42.98 -9.12
CA ILE A 329 9.43 -42.59 -10.48
C ILE A 329 10.80 -43.16 -10.81
N THR A 330 10.96 -43.64 -12.06
CA THR A 330 12.12 -44.41 -12.48
C THR A 330 12.74 -43.91 -13.78
N ASN A 331 12.42 -42.69 -14.20
CA ASN A 331 12.85 -42.18 -15.49
C ASN A 331 13.73 -40.94 -15.31
N LEU A 332 14.76 -40.86 -16.16
CA LEU A 332 15.61 -39.68 -16.24
C LEU A 332 15.07 -38.73 -17.30
N CYS A 333 15.15 -37.44 -17.02
CA CYS A 333 14.63 -36.45 -17.95
C CYS A 333 15.56 -36.31 -19.15
N PRO A 334 15.06 -36.46 -20.38
CA PRO A 334 15.93 -36.38 -21.56
C PRO A 334 16.31 -34.94 -21.91
N PHE A 335 17.11 -34.32 -21.04
CA PHE A 335 17.60 -32.98 -21.29
C PHE A 335 18.80 -32.96 -22.23
N GLY A 336 19.40 -34.11 -22.51
CA GLY A 336 20.52 -34.12 -23.42
C GLY A 336 20.12 -33.72 -24.83
N GLU A 337 19.02 -34.27 -25.33
CA GLU A 337 18.61 -33.95 -26.69
C GLU A 337 18.18 -32.49 -26.83
N VAL A 338 18.00 -31.78 -25.72
CA VAL A 338 17.72 -30.35 -25.76
C VAL A 338 18.99 -29.53 -25.65
N PHE A 339 19.76 -29.73 -24.58
CA PHE A 339 20.97 -28.97 -24.36
C PHE A 339 22.16 -29.49 -25.15
N ASN A 340 22.02 -30.63 -25.82
CA ASN A 340 23.13 -31.25 -26.52
C ASN A 340 22.80 -31.52 -27.99
N ALA A 341 21.76 -30.87 -28.52
CA ALA A 341 21.36 -31.11 -29.90
C ALA A 341 22.41 -30.56 -30.86
N THR A 342 22.57 -31.25 -32.00
CA THR A 342 23.55 -30.82 -32.99
C THR A 342 23.17 -29.49 -33.61
N ARG A 343 21.89 -29.32 -33.94
CA ARG A 343 21.41 -28.11 -34.61
C ARG A 343 20.15 -27.64 -33.91
N PHE A 344 20.21 -26.47 -33.29
CA PHE A 344 19.04 -25.86 -32.70
C PHE A 344 18.15 -25.27 -33.79
N ALA A 345 16.86 -25.15 -33.48
CA ALA A 345 15.91 -24.67 -34.46
C ALA A 345 16.00 -23.14 -34.59
N SER A 346 15.39 -22.62 -35.66
CA SER A 346 15.35 -21.19 -35.87
C SER A 346 14.42 -20.55 -34.86
N VAL A 347 14.70 -19.28 -34.54
CA VAL A 347 13.92 -18.61 -33.50
C VAL A 347 12.46 -18.48 -33.92
N TYR A 348 12.20 -18.21 -35.20
CA TYR A 348 10.81 -18.10 -35.65
C TYR A 348 10.10 -19.44 -35.57
N ALA A 349 10.85 -20.54 -35.72
CA ALA A 349 10.30 -21.88 -35.57
C ALA A 349 10.94 -22.55 -34.35
N TRP A 350 11.05 -21.79 -33.25
CA TRP A 350 11.67 -22.29 -32.04
C TRP A 350 11.12 -23.66 -31.66
N ASN A 351 12.02 -24.59 -31.40
CA ASN A 351 11.62 -25.95 -31.07
C ASN A 351 11.10 -26.01 -29.64
N ARG A 352 10.07 -26.82 -29.41
CA ARG A 352 9.54 -27.03 -28.07
C ARG A 352 9.48 -28.52 -27.78
N LYS A 353 9.99 -28.90 -26.61
CA LYS A 353 9.92 -30.28 -26.12
C LYS A 353 9.22 -30.30 -24.77
N ARG A 354 8.42 -31.32 -24.55
CA ARG A 354 7.69 -31.49 -23.30
C ARG A 354 8.40 -32.50 -22.42
N ILE A 355 8.68 -32.12 -21.18
CA ILE A 355 9.32 -32.97 -20.19
C ILE A 355 8.30 -33.31 -19.12
N SER A 356 8.10 -34.61 -18.90
CA SER A 356 7.10 -35.12 -17.97
C SER A 356 7.49 -36.53 -17.58
N ASN A 357 7.20 -36.88 -16.32
CA ASN A 357 7.34 -38.25 -15.85
C ASN A 357 8.81 -38.67 -15.81
N CYS A 358 9.63 -37.86 -15.16
CA CYS A 358 11.06 -38.12 -15.07
C CYS A 358 11.61 -37.33 -13.89
N VAL A 359 12.84 -37.68 -13.50
CA VAL A 359 13.56 -36.97 -12.45
C VAL A 359 14.81 -36.36 -13.06
N ALA A 360 15.06 -35.09 -12.74
CA ALA A 360 16.16 -34.34 -13.29
C ALA A 360 17.04 -33.81 -12.17
N ASP A 361 18.34 -34.09 -12.23
CA ASP A 361 19.31 -33.58 -11.27
C ASP A 361 19.79 -32.23 -11.79
N TYR A 362 19.19 -31.16 -11.31
CA TYR A 362 19.51 -29.82 -11.79
C TYR A 362 20.87 -29.33 -11.30
N SER A 363 21.51 -30.06 -10.39
CA SER A 363 22.83 -29.65 -9.92
C SER A 363 23.83 -29.61 -11.08
N VAL A 364 23.78 -30.61 -11.96
CA VAL A 364 24.66 -30.61 -13.12
C VAL A 364 24.42 -29.38 -13.98
N LEU A 365 23.15 -28.98 -14.11
CA LEU A 365 22.82 -27.87 -15.01
C LEU A 365 23.45 -26.57 -14.54
N TYR A 366 23.21 -26.19 -13.28
CA TYR A 366 23.67 -24.90 -12.81
C TYR A 366 25.10 -24.91 -12.29
N ASN A 367 25.67 -26.09 -12.02
CA ASN A 367 27.09 -26.17 -11.73
C ASN A 367 27.94 -26.09 -12.99
N SER A 368 27.32 -26.14 -14.16
CA SER A 368 28.06 -26.02 -15.41
C SER A 368 28.54 -24.58 -15.62
N ALA A 369 29.76 -24.45 -16.11
CA ALA A 369 30.35 -23.16 -16.43
C ALA A 369 30.25 -22.83 -17.91
N SER A 370 29.49 -23.60 -18.68
CA SER A 370 29.41 -23.43 -20.13
C SER A 370 28.35 -22.44 -20.56
N PHE A 371 27.67 -21.79 -19.62
CA PHE A 371 26.59 -20.87 -19.94
C PHE A 371 27.01 -19.43 -19.64
N SER A 372 26.64 -18.53 -20.54
CA SER A 372 26.86 -17.10 -20.32
C SER A 372 25.65 -16.41 -19.72
N THR A 373 24.44 -16.87 -20.05
CA THR A 373 23.22 -16.35 -19.45
C THR A 373 22.53 -17.50 -18.73
N PHE A 374 22.20 -17.29 -17.47
CA PHE A 374 21.41 -18.26 -16.71
C PHE A 374 20.57 -17.46 -15.72
N LYS A 375 19.34 -17.14 -16.11
CA LYS A 375 18.47 -16.28 -15.32
C LYS A 375 17.15 -16.98 -15.09
N CYS A 376 16.84 -17.24 -13.83
CA CYS A 376 15.61 -17.92 -13.44
C CYS A 376 14.65 -16.92 -12.81
N TYR A 377 13.46 -16.82 -13.38
CA TYR A 377 12.42 -15.93 -12.90
C TYR A 377 11.35 -16.76 -12.22
N GLY A 378 11.03 -16.43 -10.97
CA GLY A 378 10.13 -17.23 -10.19
C GLY A 378 10.77 -18.45 -9.53
N VAL A 379 12.06 -18.64 -9.70
CA VAL A 379 12.74 -19.86 -9.26
C VAL A 379 14.22 -19.58 -9.26
N SER A 380 14.98 -20.39 -8.53
CA SER A 380 16.42 -20.27 -8.43
C SER A 380 17.11 -21.57 -8.89
N PRO A 381 18.27 -21.52 -9.54
CA PRO A 381 18.88 -22.79 -10.00
C PRO A 381 19.12 -23.78 -8.87
N THR A 382 19.49 -23.31 -7.68
CA THR A 382 19.94 -24.20 -6.62
C THR A 382 18.79 -24.96 -5.95
N LYS A 383 17.54 -24.55 -6.17
CA LYS A 383 16.41 -25.14 -5.46
C LYS A 383 15.63 -26.15 -6.29
N LEU A 384 15.87 -26.21 -7.61
CA LEU A 384 15.07 -27.09 -8.46
C LEU A 384 15.15 -28.53 -8.00
N ASN A 385 16.26 -28.92 -7.39
CA ASN A 385 16.43 -30.31 -6.97
C ASN A 385 15.48 -30.72 -5.85
N ASP A 386 14.80 -29.78 -5.20
CA ASP A 386 13.94 -30.09 -4.07
C ASP A 386 12.46 -30.14 -4.44
N LEU A 387 12.14 -29.95 -5.71
CA LEU A 387 10.79 -29.62 -6.15
C LEU A 387 10.24 -30.67 -7.10
N CYS A 388 8.91 -30.76 -7.15
CA CYS A 388 8.18 -31.50 -8.16
C CYS A 388 7.30 -30.55 -8.96
N PHE A 389 7.36 -30.66 -10.30
CA PHE A 389 6.57 -29.84 -11.21
C PHE A 389 5.62 -30.72 -12.01
N THR A 390 4.43 -30.20 -12.30
CA THR A 390 3.47 -30.93 -13.12
C THR A 390 4.00 -31.19 -14.52
N ASN A 391 4.64 -30.20 -15.12
CA ASN A 391 5.20 -30.34 -16.46
C ASN A 391 6.30 -29.31 -16.65
N VAL A 392 7.21 -29.60 -17.59
CA VAL A 392 8.24 -28.65 -17.98
C VAL A 392 8.24 -28.56 -19.49
N TYR A 393 8.50 -27.36 -20.01
CA TYR A 393 8.66 -27.15 -21.43
C TYR A 393 10.06 -26.60 -21.71
N ALA A 394 10.79 -27.25 -22.61
CA ALA A 394 12.13 -26.81 -23.01
C ALA A 394 12.02 -26.27 -24.43
N ASP A 395 12.13 -24.95 -24.57
CA ASP A 395 12.07 -24.32 -25.87
C ASP A 395 13.48 -23.89 -26.27
N SER A 396 13.94 -24.41 -27.40
CA SER A 396 15.32 -24.24 -27.84
C SER A 396 15.35 -23.54 -29.19
N PHE A 397 16.31 -22.65 -29.35
CA PHE A 397 16.50 -21.95 -30.62
C PHE A 397 17.87 -21.28 -30.62
N VAL A 398 18.18 -20.59 -31.72
CA VAL A 398 19.44 -19.89 -31.90
C VAL A 398 19.13 -18.44 -32.28
N ILE A 399 19.80 -17.51 -31.61
CA ILE A 399 19.72 -16.09 -31.93
C ILE A 399 21.13 -15.53 -31.96
N ARG A 400 21.22 -14.20 -31.96
CA ARG A 400 22.49 -13.52 -31.76
C ARG A 400 22.58 -12.95 -30.35
N GLY A 401 23.80 -12.59 -29.95
CA GLY A 401 24.01 -12.14 -28.58
C GLY A 401 23.17 -10.92 -28.22
N ASP A 402 23.11 -9.94 -29.13
CA ASP A 402 22.37 -8.71 -28.84
C ASP A 402 20.89 -8.97 -28.60
N GLU A 403 20.36 -10.08 -29.11
CA GLU A 403 18.97 -10.44 -28.90
C GLU A 403 18.74 -11.26 -27.64
N VAL A 404 19.79 -11.70 -26.97
CA VAL A 404 19.61 -12.52 -25.78
C VAL A 404 18.85 -11.75 -24.71
N ARG A 405 19.15 -10.46 -24.58
CA ARG A 405 18.42 -9.63 -23.62
C ARG A 405 16.92 -9.63 -23.89
N GLN A 406 16.51 -9.83 -25.13
CA GLN A 406 15.09 -9.81 -25.46
C GLN A 406 14.36 -11.04 -24.94
N ILE A 407 15.08 -12.10 -24.59
CA ILE A 407 14.44 -13.33 -24.06
C ILE A 407 14.32 -13.12 -22.55
N ALA A 408 13.23 -12.47 -22.16
CA ALA A 408 12.94 -12.24 -20.75
C ALA A 408 11.49 -11.79 -20.64
N PRO A 409 10.86 -11.93 -19.48
CA PRO A 409 9.45 -11.57 -19.35
C PRO A 409 9.25 -10.08 -19.56
N GLY A 410 8.46 -9.73 -20.57
CA GLY A 410 8.13 -8.34 -20.85
C GLY A 410 9.11 -7.62 -21.74
N GLN A 411 10.16 -8.27 -22.23
CA GLN A 411 11.09 -7.58 -23.11
C GLN A 411 10.43 -7.31 -24.46
N THR A 412 10.82 -6.20 -25.07
CA THR A 412 10.29 -5.77 -26.35
C THR A 412 11.41 -5.75 -27.38
N GLY A 413 11.10 -6.22 -28.58
CA GLY A 413 12.10 -6.25 -29.63
C GLY A 413 11.61 -7.07 -30.80
N ASN A 414 12.46 -7.13 -31.82
CA ASN A 414 12.14 -7.92 -33.01
C ASN A 414 11.87 -9.38 -32.65
N ILE A 415 12.74 -9.96 -31.83
CA ILE A 415 12.56 -11.35 -31.43
C ILE A 415 11.35 -11.48 -30.52
N ALA A 416 11.23 -10.58 -29.54
CA ALA A 416 10.10 -10.64 -28.62
C ALA A 416 8.78 -10.34 -29.29
N ASP A 417 8.79 -9.73 -30.47
CA ASP A 417 7.57 -9.32 -31.16
C ASP A 417 7.13 -10.32 -32.22
N TYR A 418 8.05 -10.78 -33.06
CA TYR A 418 7.68 -11.60 -34.21
C TYR A 418 8.26 -13.01 -34.17
N ASN A 419 9.11 -13.33 -33.20
CA ASN A 419 9.79 -14.62 -33.18
C ASN A 419 9.46 -15.45 -31.94
N TYR A 420 9.57 -14.90 -30.74
CA TYR A 420 9.35 -15.68 -29.53
C TYR A 420 9.01 -14.73 -28.39
N LYS A 421 7.86 -14.95 -27.75
CA LYS A 421 7.37 -14.06 -26.70
C LYS A 421 7.24 -14.83 -25.39
N LEU A 422 7.74 -14.24 -24.30
CA LEU A 422 7.57 -14.78 -22.96
C LEU A 422 6.52 -13.99 -22.20
N PRO A 423 5.67 -14.63 -21.41
CA PRO A 423 4.69 -13.89 -20.61
C PRO A 423 5.36 -13.17 -19.46
N ASP A 424 4.65 -12.17 -18.93
CA ASP A 424 5.19 -11.39 -17.82
C ASP A 424 5.25 -12.21 -16.53
N ASP A 425 4.32 -13.13 -16.34
CA ASP A 425 4.32 -14.05 -15.21
C ASP A 425 5.07 -15.34 -15.50
N PHE A 426 6.03 -15.31 -16.42
CA PHE A 426 6.77 -16.51 -16.77
C PHE A 426 7.58 -17.01 -15.58
N THR A 427 7.37 -18.26 -15.22
CA THR A 427 8.17 -18.94 -14.21
C THR A 427 9.05 -19.96 -14.91
N GLY A 428 10.35 -19.72 -14.90
CA GLY A 428 11.29 -20.64 -15.50
C GLY A 428 12.63 -19.96 -15.71
N CYS A 429 13.53 -20.69 -16.35
CA CYS A 429 14.92 -20.28 -16.50
C CYS A 429 15.27 -20.09 -17.97
N VAL A 430 15.96 -19.01 -18.26
CA VAL A 430 16.51 -18.73 -19.58
C VAL A 430 18.00 -18.99 -19.52
N ILE A 431 18.46 -19.94 -20.32
CA ILE A 431 19.85 -20.38 -20.32
C ILE A 431 20.38 -20.24 -21.73
N ALA A 432 21.38 -19.37 -21.92
CA ALA A 432 21.94 -19.11 -23.22
C ALA A 432 23.45 -19.23 -23.17
N TRP A 433 24.02 -19.77 -24.24
CA TRP A 433 25.46 -19.94 -24.31
C TRP A 433 25.93 -19.68 -25.74
N ASN A 434 27.20 -19.28 -25.86
CA ASN A 434 27.77 -18.93 -27.14
C ASN A 434 28.08 -20.20 -27.94
N SER A 435 27.49 -20.30 -29.12
CA SER A 435 27.69 -21.45 -30.01
C SER A 435 28.41 -21.02 -31.30
N ASN A 436 29.38 -20.12 -31.17
CA ASN A 436 30.11 -19.66 -32.34
C ASN A 436 30.87 -20.81 -33.00
N ASN A 437 31.42 -21.72 -32.19
CA ASN A 437 32.18 -22.84 -32.72
C ASN A 437 31.31 -23.84 -33.47
N LEU A 438 29.99 -23.76 -33.35
CA LEU A 438 29.09 -24.75 -33.93
C LEU A 438 28.22 -24.19 -35.04
N ASP A 439 27.56 -23.05 -34.81
CA ASP A 439 26.58 -22.52 -35.73
C ASP A 439 27.15 -21.53 -36.73
N SER A 440 28.45 -21.25 -36.67
CA SER A 440 29.08 -20.26 -37.55
C SER A 440 29.83 -20.98 -38.67
N LYS A 441 29.51 -20.63 -39.91
CA LYS A 441 30.22 -21.12 -41.08
C LYS A 441 31.10 -20.01 -41.65
N VAL A 442 32.21 -20.42 -42.28
CA VAL A 442 33.14 -19.45 -42.84
C VAL A 442 32.44 -18.60 -43.90
N GLY A 443 31.68 -19.24 -44.78
CA GLY A 443 30.94 -18.55 -45.81
C GLY A 443 29.63 -17.96 -45.38
N GLY A 444 29.25 -18.14 -44.12
CA GLY A 444 27.98 -17.62 -43.62
C GLY A 444 26.93 -18.70 -43.52
N ASN A 445 26.42 -18.93 -42.31
CA ASN A 445 25.40 -19.95 -42.08
C ASN A 445 24.03 -19.33 -42.24
N TYR A 446 23.29 -19.78 -43.26
CA TYR A 446 21.97 -19.24 -43.57
C TYR A 446 20.84 -20.16 -43.12
N ASN A 447 21.14 -21.17 -42.32
CA ASN A 447 20.12 -22.10 -41.87
C ASN A 447 19.21 -21.50 -40.79
N TYR A 448 19.62 -20.40 -40.17
CA TYR A 448 18.85 -19.76 -39.12
C TYR A 448 18.17 -18.51 -39.66
N LEU A 449 16.85 -18.45 -39.49
CA LEU A 449 16.05 -17.33 -39.98
C LEU A 449 15.19 -16.80 -38.84
N TYR A 450 14.98 -15.49 -38.85
CA TYR A 450 14.12 -14.83 -37.87
C TYR A 450 13.08 -14.00 -38.60
N ARG A 451 11.86 -13.98 -38.07
CA ARG A 451 10.78 -13.22 -38.68
C ARG A 451 10.95 -11.74 -38.39
N LEU A 452 11.00 -10.93 -39.44
CA LEU A 452 11.20 -9.50 -39.31
C LEU A 452 9.94 -8.69 -39.63
N PHE A 453 8.93 -9.30 -40.22
CA PHE A 453 7.68 -8.62 -40.56
C PHE A 453 6.51 -9.42 -40.06
N ARG A 454 5.59 -8.76 -39.36
CA ARG A 454 4.36 -9.40 -38.90
C ARG A 454 3.30 -8.35 -38.70
N LYS A 455 2.04 -8.77 -38.84
CA LYS A 455 0.93 -7.82 -38.70
C LYS A 455 0.78 -7.36 -37.25
N SER A 456 1.04 -8.25 -36.29
CA SER A 456 0.89 -7.92 -34.88
C SER A 456 1.85 -8.77 -34.07
N ASN A 457 2.07 -8.34 -32.83
CA ASN A 457 3.00 -9.03 -31.95
C ASN A 457 2.44 -10.39 -31.54
N LEU A 458 3.36 -11.30 -31.23
CA LEU A 458 2.98 -12.66 -30.85
C LEU A 458 2.41 -12.68 -29.44
N LYS A 459 1.44 -13.58 -29.23
CA LYS A 459 1.02 -13.91 -27.88
C LYS A 459 2.12 -14.73 -27.20
N PRO A 460 2.18 -14.73 -25.87
CA PRO A 460 3.22 -15.52 -25.19
C PRO A 460 3.13 -16.99 -25.60
N PHE A 461 4.30 -17.59 -25.83
CA PHE A 461 4.39 -19.00 -26.21
C PHE A 461 3.51 -19.31 -27.41
N GLU A 462 3.57 -18.44 -28.42
CA GLU A 462 2.88 -18.65 -29.68
C GLU A 462 3.92 -18.78 -30.79
N ARG A 463 3.74 -19.78 -31.65
CA ARG A 463 4.64 -20.04 -32.76
C ARG A 463 3.92 -19.76 -34.07
N ASP A 464 4.59 -19.02 -34.96
CA ASP A 464 4.10 -18.79 -36.31
C ASP A 464 5.22 -19.16 -37.28
N ILE A 465 4.96 -20.13 -38.15
CA ILE A 465 5.95 -20.63 -39.09
C ILE A 465 5.57 -20.31 -40.52
N SER A 466 4.61 -19.42 -40.73
CA SER A 466 4.17 -19.09 -42.08
C SER A 466 5.27 -18.33 -42.82
N THR A 467 5.41 -18.64 -44.11
CA THR A 467 6.34 -17.95 -44.99
C THR A 467 5.62 -17.02 -45.97
N GLU A 468 4.38 -16.66 -45.67
CA GLU A 468 3.62 -15.81 -46.56
C GLU A 468 4.29 -14.45 -46.72
N ILE A 469 4.24 -13.90 -47.93
CA ILE A 469 4.83 -12.60 -48.19
C ILE A 469 4.05 -11.54 -47.42
N TYR A 470 4.77 -10.75 -46.62
CA TYR A 470 4.17 -9.67 -45.87
C TYR A 470 3.80 -8.52 -46.82
N GLN A 471 2.57 -8.03 -46.68
CA GLN A 471 2.00 -7.01 -47.55
C GLN A 471 2.01 -5.70 -46.76
N ALA A 472 3.10 -4.93 -46.92
CA ALA A 472 3.27 -3.72 -46.14
C ALA A 472 2.26 -2.64 -46.51
N GLY A 473 1.78 -2.63 -47.75
CA GLY A 473 0.86 -1.62 -48.21
C GLY A 473 -0.54 -2.16 -48.48
N SER A 474 -1.38 -1.36 -49.13
CA SER A 474 -2.72 -1.80 -49.50
C SER A 474 -2.74 -2.62 -50.77
N THR A 475 -1.65 -2.64 -51.53
CA THR A 475 -1.59 -3.40 -52.76
C THR A 475 -1.34 -4.87 -52.45
N PRO A 476 -2.21 -5.79 -52.87
CA PRO A 476 -1.96 -7.21 -52.59
C PRO A 476 -0.71 -7.71 -53.30
N CYS A 477 -0.03 -8.65 -52.65
CA CYS A 477 1.21 -9.21 -53.20
C CYS A 477 0.98 -10.49 -53.98
N ASN A 478 0.00 -11.29 -53.57
CA ASN A 478 -0.33 -12.54 -54.26
C ASN A 478 0.90 -13.44 -54.36
N GLY A 479 1.69 -13.49 -53.28
CA GLY A 479 2.83 -14.37 -53.24
C GLY A 479 3.98 -13.97 -54.13
N VAL A 480 4.09 -12.69 -54.48
CA VAL A 480 5.16 -12.19 -55.33
C VAL A 480 5.93 -11.12 -54.57
N LYS A 481 7.25 -11.31 -54.46
CA LYS A 481 8.09 -10.30 -53.84
C LYS A 481 8.16 -9.06 -54.73
N GLY A 482 8.19 -7.89 -54.10
CA GLY A 482 8.24 -6.65 -54.86
C GLY A 482 8.02 -5.45 -53.97
N PHE A 483 7.56 -4.36 -54.60
CA PHE A 483 7.33 -3.12 -53.87
C PHE A 483 6.26 -3.33 -52.80
N ASN A 484 6.59 -2.97 -51.56
CA ASN A 484 5.70 -3.16 -50.43
C ASN A 484 5.27 -4.62 -50.31
N CYS A 485 6.20 -5.53 -50.60
CA CYS A 485 5.95 -6.96 -50.48
C CYS A 485 7.27 -7.60 -50.07
N TYR A 486 7.34 -8.08 -48.83
CA TYR A 486 8.61 -8.50 -48.24
C TYR A 486 8.53 -9.94 -47.76
N PHE A 487 9.66 -10.65 -47.86
CA PHE A 487 9.72 -11.99 -47.29
C PHE A 487 10.00 -11.89 -45.80
N PRO A 488 9.09 -12.36 -44.93
CA PRO A 488 9.24 -12.07 -43.49
C PRO A 488 10.51 -12.65 -42.86
N LEU A 489 11.07 -13.72 -43.42
CA LEU A 489 12.19 -14.39 -42.80
C LEU A 489 13.51 -13.79 -43.28
N GLN A 490 14.38 -13.45 -42.34
CA GLN A 490 15.68 -12.88 -42.62
C GLN A 490 16.75 -13.78 -42.03
N SER A 491 17.80 -14.06 -42.81
CA SER A 491 18.87 -14.94 -42.38
C SER A 491 19.88 -14.20 -41.51
N TYR A 492 20.34 -14.87 -40.46
CA TYR A 492 21.38 -14.29 -39.62
C TYR A 492 22.72 -14.23 -40.35
N GLY A 493 23.06 -15.28 -41.09
CA GLY A 493 24.33 -15.32 -41.79
C GLY A 493 25.51 -15.31 -40.84
N PHE A 494 25.45 -16.13 -39.79
CA PHE A 494 26.52 -16.15 -38.80
C PHE A 494 27.85 -16.49 -39.45
N GLN A 495 28.88 -15.75 -39.08
CA GLN A 495 30.25 -16.00 -39.53
C GLN A 495 31.18 -15.94 -38.33
N PRO A 496 32.28 -16.69 -38.36
CA PRO A 496 33.20 -16.69 -37.21
C PRO A 496 33.81 -15.33 -36.92
N THR A 497 33.87 -14.43 -37.91
CA THR A 497 34.49 -13.13 -37.74
C THR A 497 33.56 -12.10 -37.10
N TYR A 498 32.30 -12.45 -36.86
CA TYR A 498 31.37 -11.50 -36.26
C TYR A 498 31.78 -11.17 -34.83
N GLY A 499 31.32 -10.02 -34.36
CA GLY A 499 31.52 -9.64 -32.98
C GLY A 499 30.60 -10.39 -32.05
N VAL A 500 30.84 -10.20 -30.74
CA VAL A 500 30.09 -10.95 -29.74
C VAL A 500 28.60 -10.66 -29.86
N GLY A 501 28.24 -9.46 -30.30
CA GLY A 501 26.83 -9.11 -30.43
C GLY A 501 26.12 -9.74 -31.61
N TYR A 502 26.87 -10.38 -32.51
CA TYR A 502 26.29 -11.05 -33.67
C TYR A 502 26.65 -12.52 -33.76
N GLN A 503 27.50 -13.02 -32.86
CA GLN A 503 27.82 -14.43 -32.88
C GLN A 503 26.62 -15.26 -32.46
N PRO A 504 26.47 -16.47 -32.98
CA PRO A 504 25.31 -17.29 -32.63
C PRO A 504 25.32 -17.66 -31.16
N TYR A 505 24.14 -17.63 -30.56
CA TYR A 505 23.91 -18.04 -29.18
C TYR A 505 22.75 -19.01 -29.16
N ARG A 506 22.97 -20.16 -28.53
CA ARG A 506 21.95 -21.16 -28.34
C ARG A 506 21.21 -20.87 -27.03
N VAL A 507 19.89 -20.75 -27.12
CA VAL A 507 19.04 -20.37 -25.99
C VAL A 507 18.05 -21.50 -25.74
N VAL A 508 17.99 -21.94 -24.49
CA VAL A 508 17.00 -22.91 -24.00
C VAL A 508 16.22 -22.24 -22.88
N VAL A 509 14.91 -22.23 -23.00
CA VAL A 509 14.01 -21.68 -22.00
C VAL A 509 13.26 -22.84 -21.37
N LEU A 510 13.47 -23.04 -20.07
CA LEU A 510 12.74 -24.02 -19.29
C LEU A 510 11.56 -23.33 -18.63
N SER A 511 10.36 -23.80 -18.92
CA SER A 511 9.12 -23.28 -18.34
C SER A 511 8.58 -24.36 -17.42
N PHE A 512 8.70 -24.14 -16.12
CA PHE A 512 8.18 -25.06 -15.11
C PHE A 512 6.75 -24.66 -14.78
N GLU A 513 5.82 -25.61 -14.88
CA GLU A 513 4.42 -25.35 -14.58
C GLU A 513 4.04 -26.10 -13.31
N LEU A 514 3.59 -25.35 -12.30
CA LEU A 514 3.17 -25.92 -11.03
C LEU A 514 1.66 -25.73 -10.91
N LEU A 515 0.92 -26.69 -11.46
CA LEU A 515 -0.53 -26.68 -11.40
C LEU A 515 -0.98 -27.53 -10.21
N HIS A 516 -2.29 -27.74 -10.11
CA HIS A 516 -2.83 -28.62 -9.08
C HIS A 516 -2.80 -30.09 -9.50
N ALA A 517 -2.42 -30.38 -10.74
CA ALA A 517 -2.37 -31.75 -11.22
C ALA A 517 -1.23 -32.50 -10.55
N PRO A 518 -1.26 -33.83 -10.59
CA PRO A 518 -0.15 -34.60 -10.02
C PRO A 518 1.16 -34.21 -10.67
N ALA A 519 2.20 -34.10 -9.85
CA ALA A 519 3.51 -33.71 -10.36
C ALA A 519 4.16 -34.88 -11.07
N THR A 520 4.86 -34.58 -12.16
CA THR A 520 5.51 -35.60 -12.96
C THR A 520 6.97 -35.33 -13.25
N VAL A 521 7.46 -34.11 -13.01
CA VAL A 521 8.88 -33.78 -13.11
C VAL A 521 9.35 -33.40 -11.72
N CYS A 522 10.32 -34.14 -11.20
CA CYS A 522 10.83 -33.92 -9.84
C CYS A 522 12.35 -33.92 -9.85
N GLY A 523 12.91 -33.42 -8.75
CA GLY A 523 14.33 -33.48 -8.54
C GLY A 523 14.76 -34.80 -7.95
N PRO A 524 16.07 -34.95 -7.76
CA PRO A 524 16.58 -36.22 -7.20
C PRO A 524 16.43 -36.29 -5.69
N LYS A 525 15.19 -36.41 -5.23
CA LYS A 525 14.87 -36.42 -3.81
C LYS A 525 14.24 -37.76 -3.44
N LYS A 526 14.81 -38.41 -2.43
CA LYS A 526 14.33 -39.72 -1.99
C LYS A 526 13.23 -39.58 -0.95
N SER A 527 12.24 -40.46 -1.04
CA SER A 527 11.11 -40.46 -0.11
C SER A 527 11.44 -41.26 1.13
N THR A 528 11.08 -40.71 2.29
CA THR A 528 11.33 -41.36 3.56
C THR A 528 10.16 -42.30 3.89
N ASN A 529 10.22 -42.91 5.07
CA ASN A 529 9.14 -43.75 5.53
C ASN A 529 7.94 -42.91 5.93
N LEU A 530 6.76 -43.52 5.90
CA LEU A 530 5.53 -42.84 6.28
C LEU A 530 5.33 -42.93 7.78
N VAL A 531 5.26 -41.78 8.44
CA VAL A 531 5.08 -41.71 9.88
C VAL A 531 3.70 -41.13 10.17
N LYS A 532 2.92 -41.85 10.97
CA LYS A 532 1.56 -41.47 11.30
C LYS A 532 1.45 -41.18 12.79
N ASN A 533 0.36 -40.50 13.14
CA ASN A 533 0.03 -40.22 14.54
C ASN A 533 1.10 -39.36 15.22
N LYS A 534 1.89 -38.65 14.43
CA LYS A 534 2.96 -37.81 14.97
C LYS A 534 2.96 -36.48 14.25
N CYS A 535 3.50 -35.46 14.91
CA CYS A 535 3.71 -34.17 14.28
C CYS A 535 4.97 -34.24 13.42
N VAL A 536 4.79 -34.12 12.12
CA VAL A 536 5.87 -34.25 11.16
C VAL A 536 5.80 -33.08 10.18
N ASN A 537 6.88 -32.94 9.41
CA ASN A 537 6.98 -31.97 8.32
C ASN A 537 6.97 -32.79 7.03
N PHE A 538 5.78 -33.00 6.50
CA PHE A 538 5.58 -33.89 5.37
C PHE A 538 5.74 -33.15 4.05
N ASN A 539 6.02 -33.92 3.00
CA ASN A 539 6.20 -33.38 1.65
C ASN A 539 5.67 -34.44 0.68
N PHE A 540 4.48 -34.20 0.14
CA PHE A 540 3.83 -35.12 -0.78
C PHE A 540 3.89 -34.53 -2.18
N ASN A 541 4.81 -35.03 -3.00
CA ASN A 541 4.93 -34.60 -4.39
C ASN A 541 5.11 -33.09 -4.50
N GLY A 542 5.93 -32.54 -3.59
CA GLY A 542 6.17 -31.11 -3.55
C GLY A 542 5.23 -30.34 -2.67
N LEU A 543 4.09 -30.93 -2.30
CA LEU A 543 3.15 -30.31 -1.37
C LEU A 543 3.75 -30.44 0.02
N THR A 544 4.42 -29.39 0.46
CA THR A 544 5.02 -29.38 1.78
C THR A 544 4.00 -28.92 2.81
N GLY A 545 4.20 -29.36 4.05
CA GLY A 545 3.33 -28.93 5.13
C GLY A 545 3.77 -29.55 6.43
N THR A 546 3.06 -29.17 7.48
CA THR A 546 3.33 -29.65 8.84
C THR A 546 2.02 -30.13 9.45
N GLY A 547 2.04 -31.31 10.04
CA GLY A 547 0.84 -31.82 10.67
C GLY A 547 0.99 -33.26 11.09
N VAL A 548 -0.16 -33.87 11.37
CA VAL A 548 -0.27 -35.27 11.78
C VAL A 548 -0.98 -36.02 10.67
N LEU A 549 -0.34 -37.08 10.17
CA LEU A 549 -0.90 -37.91 9.13
C LEU A 549 -1.58 -39.12 9.77
N THR A 550 -2.83 -39.38 9.40
CA THR A 550 -3.55 -40.52 9.95
C THR A 550 -4.32 -41.24 8.85
N GLU A 551 -4.57 -42.53 9.05
CA GLU A 551 -5.42 -43.25 8.12
C GLU A 551 -6.83 -42.67 8.17
N SER A 552 -7.46 -42.58 7.00
CA SER A 552 -8.74 -41.92 6.85
C SER A 552 -9.73 -42.84 6.16
N ASN A 553 -11.00 -42.67 6.50
CA ASN A 553 -12.09 -43.42 5.89
C ASN A 553 -12.70 -42.70 4.70
N LYS A 554 -12.10 -41.59 4.29
CA LYS A 554 -12.58 -40.88 3.10
C LYS A 554 -12.53 -41.79 1.89
N LYS A 555 -13.61 -41.80 1.10
CA LYS A 555 -13.72 -42.65 -0.08
C LYS A 555 -13.32 -41.83 -1.30
N PHE A 556 -12.01 -41.74 -1.52
CA PHE A 556 -11.50 -41.07 -2.71
C PHE A 556 -11.83 -41.88 -3.95
N LEU A 557 -12.34 -41.22 -4.98
CA LEU A 557 -12.45 -41.85 -6.28
C LEU A 557 -11.04 -42.06 -6.86
N PRO A 558 -10.86 -43.11 -7.67
CA PRO A 558 -9.49 -43.46 -8.09
C PRO A 558 -8.74 -42.32 -8.75
N PHE A 559 -9.42 -41.49 -9.54
CA PHE A 559 -8.77 -40.36 -10.19
C PHE A 559 -8.42 -39.26 -9.21
N GLN A 560 -9.00 -39.27 -8.01
CA GLN A 560 -8.77 -38.21 -7.04
C GLN A 560 -7.47 -38.45 -6.29
N GLN A 561 -6.74 -37.36 -6.05
CA GLN A 561 -5.45 -37.42 -5.38
C GLN A 561 -5.43 -36.73 -4.03
N PHE A 562 -6.24 -35.70 -3.82
CA PHE A 562 -6.27 -35.02 -2.54
C PHE A 562 -7.61 -34.30 -2.40
N GLY A 563 -7.97 -34.00 -1.16
CA GLY A 563 -9.15 -33.23 -0.86
C GLY A 563 -8.78 -31.94 -0.17
N ARG A 564 -9.57 -30.90 -0.40
CA ARG A 564 -9.30 -29.57 0.11
C ARG A 564 -10.35 -29.18 1.15
N ASP A 565 -10.09 -28.07 1.83
CA ASP A 565 -11.00 -27.49 2.78
C ASP A 565 -11.50 -26.14 2.26
N ILE A 566 -12.31 -25.47 3.07
CA ILE A 566 -12.84 -24.17 2.66
C ILE A 566 -11.70 -23.21 2.38
N ALA A 567 -10.62 -23.32 3.16
CA ALA A 567 -9.46 -22.46 3.02
C ALA A 567 -8.47 -22.97 1.98
N ASP A 568 -8.93 -23.79 1.05
CA ASP A 568 -8.05 -24.35 0.01
C ASP A 568 -6.85 -25.05 0.63
N THR A 569 -7.03 -25.55 1.85
CA THR A 569 -5.98 -26.28 2.55
C THR A 569 -6.19 -27.78 2.36
N THR A 570 -5.11 -28.48 2.07
CA THR A 570 -5.19 -29.90 1.76
C THR A 570 -5.57 -30.67 3.03
N ASP A 571 -6.84 -31.04 3.13
CA ASP A 571 -7.32 -31.80 4.28
C ASP A 571 -6.88 -33.25 4.23
N ALA A 572 -6.74 -33.82 3.04
CA ALA A 572 -6.30 -35.20 2.90
C ALA A 572 -5.49 -35.36 1.63
N VAL A 573 -4.67 -36.40 1.61
CA VAL A 573 -3.81 -36.69 0.48
C VAL A 573 -3.85 -38.19 0.18
N ARG A 574 -3.47 -38.54 -1.05
CA ARG A 574 -3.22 -39.92 -1.43
C ARG A 574 -1.71 -40.14 -1.50
N ASP A 575 -1.23 -41.13 -0.76
CA ASP A 575 0.21 -41.38 -0.73
C ASP A 575 0.68 -41.80 -2.11
N PRO A 576 1.71 -41.14 -2.67
CA PRO A 576 2.08 -41.42 -4.07
C PRO A 576 2.60 -42.82 -4.31
N GLN A 577 3.06 -43.53 -3.28
CA GLN A 577 3.64 -44.85 -3.45
C GLN A 577 2.64 -45.95 -3.11
N THR A 578 2.13 -45.96 -1.88
CA THR A 578 1.05 -46.87 -1.48
C THR A 578 -0.23 -46.06 -1.48
N LEU A 579 -1.09 -46.32 -2.47
CA LEU A 579 -2.21 -45.42 -2.72
C LEU A 579 -3.26 -45.51 -1.63
N GLU A 580 -2.91 -45.00 -0.44
CA GLU A 580 -3.82 -44.91 0.67
C GLU A 580 -4.14 -43.45 0.97
N ILE A 581 -5.29 -43.23 1.58
CA ILE A 581 -5.76 -41.88 1.88
C ILE A 581 -5.35 -41.53 3.30
N LEU A 582 -4.68 -40.38 3.46
CA LEU A 582 -4.24 -39.89 4.74
C LEU A 582 -4.92 -38.57 5.05
N ASP A 583 -5.56 -38.51 6.22
CA ASP A 583 -6.02 -37.25 6.79
C ASP A 583 -4.82 -36.48 7.33
N ILE A 584 -4.85 -35.17 7.10
CA ILE A 584 -3.84 -34.24 7.57
C ILE A 584 -4.50 -33.37 8.62
N THR A 585 -3.96 -33.39 9.84
CA THR A 585 -4.53 -32.56 10.88
C THR A 585 -3.43 -31.76 11.56
N PRO A 586 -3.55 -30.44 11.64
CA PRO A 586 -2.46 -29.64 12.24
C PRO A 586 -2.15 -30.11 13.65
N CYS A 587 -0.86 -30.13 14.00
CA CYS A 587 -0.45 -30.88 15.18
C CYS A 587 -1.12 -30.37 16.44
N SER A 588 -0.76 -29.16 16.84
CA SER A 588 -1.30 -28.57 18.06
C SER A 588 -0.71 -27.19 18.16
N PHE A 589 -1.55 -26.24 18.56
CA PHE A 589 -1.05 -24.90 18.81
C PHE A 589 -2.11 -24.08 19.50
N GLY A 590 -1.67 -23.00 20.13
CA GLY A 590 -2.62 -22.09 20.74
C GLY A 590 -1.92 -21.10 21.65
N GLY A 591 -2.71 -20.15 22.13
CA GLY A 591 -2.14 -19.11 22.96
C GLY A 591 -1.63 -19.67 24.27
N VAL A 592 -0.64 -19.01 24.85
CA VAL A 592 -0.12 -19.34 26.16
C VAL A 592 -0.33 -18.13 27.04
N SER A 593 -1.14 -18.28 28.07
CA SER A 593 -1.47 -17.19 28.99
C SER A 593 -0.88 -17.49 30.35
N VAL A 594 -0.41 -16.45 31.04
CA VAL A 594 0.16 -16.59 32.37
C VAL A 594 -0.84 -16.04 33.37
N ILE A 595 -1.35 -16.90 34.25
CA ILE A 595 -2.17 -16.48 35.37
C ILE A 595 -1.23 -16.17 36.52
N THR A 596 -1.27 -14.93 37.00
CA THR A 596 -0.38 -14.51 38.06
C THR A 596 -1.09 -13.55 39.01
N PRO A 597 -0.88 -13.70 40.31
CA PRO A 597 -1.17 -12.60 41.23
C PRO A 597 -0.13 -11.50 41.03
N GLY A 598 -0.35 -10.38 41.73
CA GLY A 598 0.61 -9.30 41.65
C GLY A 598 1.99 -9.76 42.10
N THR A 599 3.02 -9.31 41.38
CA THR A 599 4.39 -9.60 41.80
C THR A 599 4.65 -9.04 43.19
N ASN A 600 3.89 -8.01 43.58
CA ASN A 600 3.93 -7.52 44.95
C ASN A 600 3.45 -8.57 45.93
N THR A 601 2.72 -9.58 45.46
CA THR A 601 2.21 -10.65 46.31
C THR A 601 3.07 -11.91 46.26
N SER A 602 3.38 -12.39 45.07
CA SER A 602 4.17 -13.61 44.93
C SER A 602 4.78 -13.66 43.54
N ASN A 603 5.79 -14.52 43.39
CA ASN A 603 6.37 -14.82 42.09
C ASN A 603 5.87 -16.14 41.52
N GLN A 604 4.95 -16.81 42.22
CA GLN A 604 4.40 -18.08 41.74
C GLN A 604 3.31 -17.81 40.71
N VAL A 605 3.34 -18.54 39.60
CA VAL A 605 2.43 -18.33 38.49
C VAL A 605 1.91 -19.67 37.99
N ALA A 606 0.75 -19.63 37.32
CA ALA A 606 0.19 -20.76 36.61
C ALA A 606 0.15 -20.46 35.12
N VAL A 607 0.14 -21.52 34.31
CA VAL A 607 0.23 -21.40 32.85
C VAL A 607 -0.99 -22.05 32.23
N LEU A 608 -1.61 -21.36 31.27
CA LEU A 608 -2.73 -21.90 30.52
C LEU A 608 -2.32 -22.05 29.06
N TYR A 609 -2.42 -23.27 28.55
CA TYR A 609 -2.26 -23.55 27.13
C TYR A 609 -3.66 -23.62 26.54
N GLN A 610 -3.99 -22.63 25.72
CA GLN A 610 -5.36 -22.43 25.26
C GLN A 610 -5.76 -23.47 24.24
N GLY A 611 -6.88 -24.15 24.49
CA GLY A 611 -7.44 -25.04 23.50
C GLY A 611 -6.61 -26.26 23.20
N VAL A 612 -5.79 -26.71 24.14
CA VAL A 612 -4.97 -27.89 23.94
C VAL A 612 -5.35 -28.94 24.98
N ASN A 613 -5.10 -30.20 24.63
CA ASN A 613 -5.30 -31.31 25.54
C ASN A 613 -4.14 -31.38 26.52
N CYS A 614 -4.41 -31.92 27.71
CA CYS A 614 -3.36 -32.01 28.71
C CYS A 614 -2.48 -33.23 28.45
N THR A 615 -2.04 -33.40 27.20
CA THR A 615 -1.09 -34.44 26.85
C THR A 615 -0.01 -33.99 25.88
N GLU A 616 -0.22 -32.92 25.12
CA GLU A 616 0.75 -32.44 24.14
C GLU A 616 1.77 -31.49 24.77
N VAL A 617 1.62 -31.15 26.04
CA VAL A 617 2.54 -30.23 26.69
C VAL A 617 3.78 -30.97 27.13
N SER A 634 8.17 -25.34 34.51
CA SER A 634 7.38 -25.43 33.28
C SER A 634 6.14 -26.30 33.50
N THR A 635 6.31 -27.61 33.34
CA THR A 635 5.20 -28.56 33.47
C THR A 635 5.27 -29.17 34.87
N GLY A 636 4.65 -28.50 35.83
CA GLY A 636 4.57 -29.00 37.19
C GLY A 636 3.50 -30.06 37.33
N SER A 637 3.45 -30.65 38.53
CA SER A 637 2.51 -31.72 38.83
C SER A 637 1.18 -31.18 39.34
N ASN A 638 0.59 -30.25 38.60
CA ASN A 638 -0.71 -29.68 38.93
C ASN A 638 -1.54 -29.51 37.67
N VAL A 639 -1.47 -30.50 36.77
CA VAL A 639 -2.20 -30.40 35.51
C VAL A 639 -3.69 -30.49 35.76
N PHE A 640 -4.47 -29.83 34.91
CA PHE A 640 -5.93 -29.84 35.05
C PHE A 640 -6.55 -29.41 33.73
N GLN A 641 -7.39 -30.26 33.16
CA GLN A 641 -7.94 -30.03 31.82
C GLN A 641 -9.22 -29.20 31.94
N THR A 642 -9.12 -27.92 31.60
CA THR A 642 -10.27 -27.04 31.52
C THR A 642 -10.79 -26.98 30.09
N ARG A 643 -12.04 -26.55 29.95
CA ARG A 643 -12.60 -26.37 28.63
C ARG A 643 -11.86 -25.30 27.84
N ALA A 644 -11.17 -24.40 28.52
CA ALA A 644 -10.37 -23.40 27.84
C ALA A 644 -9.01 -23.92 27.41
N GLY A 645 -8.62 -25.10 27.84
CA GLY A 645 -7.32 -25.62 27.51
C GLY A 645 -6.78 -26.47 28.65
N CYS A 646 -5.46 -26.41 28.83
CA CYS A 646 -4.78 -27.12 29.90
C CYS A 646 -4.20 -26.12 30.88
N LEU A 647 -4.48 -26.30 32.16
CA LEU A 647 -4.00 -25.43 33.23
C LEU A 647 -2.94 -26.15 34.04
N ILE A 648 -1.75 -25.57 34.15
CA ILE A 648 -0.62 -26.17 34.83
C ILE A 648 -0.14 -25.23 35.92
N GLY A 649 -0.05 -25.76 37.14
CA GLY A 649 0.42 -24.98 38.27
C GLY A 649 -0.66 -24.43 39.16
N ALA A 650 -1.92 -24.78 38.91
CA ALA A 650 -3.03 -24.36 39.75
C ALA A 650 -3.71 -25.60 40.33
N GLU A 651 -3.95 -25.58 41.63
CA GLU A 651 -4.59 -26.69 42.30
C GLU A 651 -6.10 -26.55 42.16
N HIS A 652 -6.72 -27.48 41.44
CA HIS A 652 -8.17 -27.46 41.30
C HIS A 652 -8.82 -27.67 42.66
N VAL A 653 -9.86 -26.88 42.92
CA VAL A 653 -10.55 -26.89 44.20
C VAL A 653 -12.03 -27.08 43.96
N ASN A 654 -12.65 -27.94 44.76
CA ASN A 654 -14.06 -28.20 44.63
C ASN A 654 -14.92 -27.09 45.22
N ASN A 655 -14.36 -26.20 46.02
CA ASN A 655 -15.12 -25.05 46.51
C ASN A 655 -15.39 -24.07 45.37
N SER A 656 -16.35 -23.17 45.60
CA SER A 656 -16.73 -22.17 44.62
C SER A 656 -16.63 -20.79 45.27
N TYR A 657 -15.87 -19.90 44.65
CA TYR A 657 -15.72 -18.53 45.11
C TYR A 657 -16.03 -17.57 43.97
N GLU A 658 -15.95 -16.27 44.26
CA GLU A 658 -16.10 -15.26 43.23
C GLU A 658 -14.93 -15.33 42.25
N CYS A 659 -15.20 -14.95 41.01
CA CYS A 659 -14.15 -14.97 39.99
C CYS A 659 -13.14 -13.88 40.29
N ASP A 660 -11.88 -14.28 40.47
CA ASP A 660 -10.80 -13.36 40.75
C ASP A 660 -9.94 -13.13 39.50
N ILE A 661 -9.44 -14.21 38.91
CA ILE A 661 -8.74 -14.13 37.64
C ILE A 661 -9.50 -15.00 36.66
N PRO A 662 -10.18 -14.43 35.66
CA PRO A 662 -10.96 -15.27 34.74
C PRO A 662 -10.05 -16.14 33.89
N ILE A 663 -10.36 -17.44 33.87
CA ILE A 663 -9.71 -18.38 32.98
C ILE A 663 -10.61 -18.76 31.82
N GLY A 664 -11.88 -18.98 32.08
CA GLY A 664 -12.85 -19.27 31.04
C GLY A 664 -13.70 -20.50 31.32
N ALA A 665 -14.85 -20.57 30.64
CA ALA A 665 -15.78 -21.67 30.81
C ALA A 665 -16.21 -21.82 32.26
N GLY A 666 -16.35 -20.71 32.96
CA GLY A 666 -16.73 -20.73 34.36
C GLY A 666 -15.60 -21.03 35.31
N ILE A 667 -14.37 -21.16 34.81
CA ILE A 667 -13.22 -21.50 35.64
C ILE A 667 -12.44 -20.22 35.89
N CYS A 668 -12.13 -19.98 37.16
CA CYS A 668 -11.37 -18.81 37.59
C CYS A 668 -10.29 -19.26 38.54
N ALA A 669 -9.30 -18.38 38.76
CA ALA A 669 -8.14 -18.70 39.58
C ALA A 669 -7.93 -17.63 40.64
N SER A 670 -7.46 -18.07 41.81
CA SER A 670 -7.15 -17.19 42.92
C SER A 670 -5.84 -17.65 43.55
N TYR A 671 -5.37 -16.87 44.52
CA TYR A 671 -4.13 -17.16 45.25
C TYR A 671 -4.50 -17.22 46.73
N GLN A 672 -4.59 -18.43 47.27
CA GLN A 672 -5.09 -18.62 48.62
C GLN A 672 -4.30 -19.73 49.32
N THR A 673 -4.37 -19.73 50.64
CA THR A 673 -3.69 -20.73 51.44
C THR A 673 -4.22 -22.13 51.13
N SER A 686 1.88 -20.49 53.07
CA SER A 686 1.51 -21.70 52.35
C SER A 686 0.52 -21.39 51.23
N GLN A 687 0.54 -20.15 50.76
CA GLN A 687 -0.37 -19.73 49.70
C GLN A 687 0.01 -20.38 48.38
N SER A 688 -1.01 -20.62 47.55
CA SER A 688 -0.82 -21.26 46.27
C SER A 688 -1.94 -20.83 45.33
N ILE A 689 -1.70 -21.01 44.04
CA ILE A 689 -2.69 -20.68 43.03
C ILE A 689 -3.68 -21.82 42.90
N ILE A 690 -4.97 -21.51 43.07
CA ILE A 690 -6.05 -22.48 43.02
C ILE A 690 -6.98 -22.13 41.89
N ALA A 691 -7.58 -23.16 41.30
CA ALA A 691 -8.55 -23.01 40.22
C ALA A 691 -9.88 -23.59 40.67
N TYR A 692 -10.97 -22.91 40.29
CA TYR A 692 -12.28 -23.30 40.77
C TYR A 692 -13.36 -22.81 39.83
N THR A 693 -14.49 -23.49 39.87
CA THR A 693 -15.69 -22.99 39.20
C THR A 693 -16.23 -21.82 39.99
N MET A 694 -16.44 -20.70 39.32
CA MET A 694 -16.85 -19.49 40.01
C MET A 694 -18.27 -19.63 40.55
N SER A 695 -18.53 -18.91 41.64
CA SER A 695 -19.87 -18.83 42.20
C SER A 695 -20.59 -17.66 41.56
N LEU A 696 -21.78 -17.91 40.99
CA LEU A 696 -22.61 -16.84 40.47
C LEU A 696 -23.40 -16.25 41.64
N GLY A 697 -22.93 -15.12 42.16
CA GLY A 697 -23.58 -14.46 43.27
C GLY A 697 -23.79 -15.40 44.44
N VAL A 698 -24.49 -14.95 45.47
CA VAL A 698 -25.07 -15.86 46.45
C VAL A 698 -26.45 -16.23 45.95
N GLU A 699 -26.72 -17.53 45.86
CA GLU A 699 -28.05 -17.99 45.50
C GLU A 699 -29.04 -17.64 46.59
N ASN A 700 -30.26 -17.29 46.18
CA ASN A 700 -31.26 -16.80 47.13
C ASN A 700 -32.65 -17.03 46.55
N SER A 701 -33.39 -17.95 47.16
CA SER A 701 -34.77 -18.19 46.78
C SER A 701 -35.69 -17.21 47.51
N VAL A 702 -36.55 -16.53 46.76
CA VAL A 702 -37.49 -15.61 47.39
C VAL A 702 -38.60 -16.41 48.05
N ALA A 703 -38.98 -15.98 49.26
CA ALA A 703 -40.04 -16.63 50.03
C ALA A 703 -41.40 -16.29 49.42
N TYR A 704 -41.60 -16.74 48.18
CA TYR A 704 -42.79 -16.39 47.44
C TYR A 704 -43.99 -17.22 47.88
N SER A 705 -45.14 -16.56 48.00
CA SER A 705 -46.41 -17.22 48.21
C SER A 705 -47.50 -16.29 47.66
N ASN A 706 -48.73 -16.77 47.67
CA ASN A 706 -49.82 -15.99 47.11
C ASN A 706 -50.49 -15.07 48.12
N ASN A 707 -50.00 -15.01 49.36
CA ASN A 707 -50.58 -14.07 50.33
C ASN A 707 -49.53 -13.43 51.23
N SER A 708 -48.25 -13.46 50.85
CA SER A 708 -47.18 -12.93 51.68
C SER A 708 -46.52 -11.77 50.97
N ILE A 709 -46.24 -10.70 51.71
CA ILE A 709 -45.58 -9.52 51.16
C ILE A 709 -44.50 -9.07 52.12
N ALA A 710 -43.36 -8.66 51.58
CA ALA A 710 -42.25 -8.15 52.38
C ALA A 710 -42.20 -6.63 52.24
N ILE A 711 -42.21 -5.93 53.38
CA ILE A 711 -42.28 -4.47 53.34
C ILE A 711 -41.14 -3.88 54.15
N PRO A 712 -40.41 -2.89 53.62
CA PRO A 712 -39.30 -2.30 54.38
C PRO A 712 -39.82 -1.47 55.56
N THR A 713 -39.21 -1.68 56.72
CA THR A 713 -39.48 -0.88 57.90
C THR A 713 -38.45 0.21 58.11
N ASN A 714 -37.39 0.25 57.31
CA ASN A 714 -36.32 1.21 57.48
C ASN A 714 -35.75 1.53 56.11
N PHE A 715 -34.64 2.27 56.08
CA PHE A 715 -34.02 2.63 54.81
C PHE A 715 -32.58 3.07 55.06
N THR A 716 -31.85 3.17 53.96
CA THR A 716 -30.50 3.71 53.95
C THR A 716 -30.39 4.72 52.82
N ILE A 717 -29.56 5.72 53.03
CA ILE A 717 -29.25 6.72 52.01
C ILE A 717 -27.90 6.34 51.43
N SER A 718 -27.89 5.93 50.16
CA SER A 718 -26.66 5.50 49.52
C SER A 718 -26.16 6.60 48.60
N VAL A 719 -24.84 6.80 48.61
CA VAL A 719 -24.19 7.74 47.72
C VAL A 719 -23.17 6.93 46.93
N THR A 720 -23.44 6.73 45.65
CA THR A 720 -22.55 5.96 44.80
C THR A 720 -21.86 6.88 43.81
N THR A 721 -20.65 6.49 43.42
CA THR A 721 -19.84 7.26 42.50
C THR A 721 -19.88 6.64 41.11
N GLU A 722 -20.19 7.46 40.12
CA GLU A 722 -20.08 7.06 38.72
C GLU A 722 -19.12 8.02 38.05
N ILE A 723 -18.25 7.50 37.19
CA ILE A 723 -17.25 8.30 36.50
C ILE A 723 -17.43 8.13 35.00
N LEU A 724 -17.47 9.24 34.27
CA LEU A 724 -17.64 9.19 32.83
C LEU A 724 -16.57 10.06 32.17
N PRO A 725 -15.78 9.51 31.24
CA PRO A 725 -14.93 10.37 30.42
C PRO A 725 -15.78 11.37 29.66
N VAL A 726 -15.27 12.58 29.52
CA VAL A 726 -15.97 13.65 28.83
C VAL A 726 -15.24 14.07 27.57
N SER A 727 -13.92 14.24 27.66
CA SER A 727 -13.11 14.64 26.52
C SER A 727 -11.79 13.89 26.58
N MET A 728 -10.94 14.13 25.60
CA MET A 728 -9.58 13.61 25.62
C MET A 728 -8.64 14.71 25.14
N THR A 729 -7.34 14.42 25.20
CA THR A 729 -6.35 15.42 24.86
C THR A 729 -6.47 15.82 23.39
N LYS A 730 -6.41 17.12 23.15
CA LYS A 730 -6.54 17.66 21.80
C LYS A 730 -5.16 17.62 21.16
N THR A 731 -4.94 16.60 20.34
CA THR A 731 -3.65 16.41 19.69
C THR A 731 -3.72 16.90 18.25
N SER A 732 -2.59 17.42 17.77
CA SER A 732 -2.44 17.82 16.38
C SER A 732 -1.11 17.33 15.86
N VAL A 733 -1.12 16.88 14.60
CA VAL A 733 0.07 16.37 13.94
C VAL A 733 0.24 17.15 12.63
N ASP A 734 1.37 17.85 12.50
CA ASP A 734 1.74 18.43 11.23
C ASP A 734 2.21 17.30 10.32
N CYS A 735 1.38 16.94 9.34
CA CYS A 735 1.66 15.78 8.53
C CYS A 735 3.01 15.92 7.82
N THR A 736 3.28 17.09 7.25
CA THR A 736 4.55 17.28 6.56
C THR A 736 5.71 17.21 7.53
N MET A 737 5.60 17.87 8.68
CA MET A 737 6.68 17.82 9.65
C MET A 737 6.88 16.39 10.13
N TYR A 738 5.80 15.66 10.35
CA TYR A 738 5.93 14.29 10.82
C TYR A 738 6.61 13.42 9.76
N ILE A 739 6.26 13.61 8.49
CA ILE A 739 6.85 12.80 7.44
C ILE A 739 8.15 13.40 6.94
N CYS A 740 8.16 14.70 6.70
CA CYS A 740 9.27 15.36 6.05
C CYS A 740 9.83 16.47 6.93
N GLY A 741 10.06 16.17 8.20
CA GLY A 741 10.47 17.19 9.14
C GLY A 741 11.66 17.99 8.64
N ASP A 742 11.40 19.23 8.22
CA ASP A 742 12.44 20.16 7.80
C ASP A 742 13.26 19.61 6.64
N SER A 743 12.59 18.99 5.67
CA SER A 743 13.25 18.47 4.47
C SER A 743 12.45 18.90 3.25
N THR A 744 13.08 19.71 2.39
CA THR A 744 12.42 20.12 1.16
C THR A 744 12.38 18.99 0.13
N GLU A 745 13.44 18.18 0.06
CA GLU A 745 13.46 17.08 -0.88
C GLU A 745 12.34 16.09 -0.55
N CYS A 746 12.14 15.83 0.74
CA CYS A 746 11.05 14.94 1.15
C CYS A 746 9.69 15.57 0.92
N SER A 747 9.57 16.87 1.19
CA SER A 747 8.28 17.53 1.01
C SER A 747 7.86 17.52 -0.46
N ASN A 748 8.83 17.75 -1.36
CA ASN A 748 8.52 17.76 -2.78
C ASN A 748 8.06 16.39 -3.27
N LEU A 749 8.63 15.32 -2.72
CA LEU A 749 8.14 13.99 -3.05
C LEU A 749 6.78 13.73 -2.41
N LEU A 750 6.55 14.28 -1.21
CA LEU A 750 5.29 14.06 -0.51
C LEU A 750 4.13 14.76 -1.20
N LEU A 751 4.40 15.87 -1.88
CA LEU A 751 3.34 16.55 -2.61
C LEU A 751 2.70 15.64 -3.65
N GLN A 752 3.44 14.65 -4.15
CA GLN A 752 2.95 13.79 -5.21
C GLN A 752 1.82 12.89 -4.76
N TYR A 753 1.57 12.80 -3.45
CA TYR A 753 0.48 12.01 -2.93
C TYR A 753 -0.83 12.77 -2.89
N GLY A 754 -0.85 13.99 -3.40
CA GLY A 754 -2.08 14.76 -3.46
C GLY A 754 -2.34 15.45 -2.14
N SER A 755 -3.56 15.31 -1.64
CA SER A 755 -4.02 16.05 -0.47
C SER A 755 -4.17 15.14 0.75
N PHE A 756 -3.44 14.03 0.79
CA PHE A 756 -3.59 13.10 1.90
C PHE A 756 -3.35 13.79 3.24
N CYS A 757 -2.33 14.63 3.33
CA CYS A 757 -1.98 15.25 4.60
C CYS A 757 -3.06 16.20 5.09
N THR A 758 -3.67 16.97 4.17
CA THR A 758 -4.61 17.99 4.58
C THR A 758 -5.88 17.38 5.17
N GLN A 759 -6.25 16.19 4.73
CA GLN A 759 -7.44 15.56 5.28
C GLN A 759 -7.19 14.88 6.61
N LEU A 760 -5.98 14.36 6.83
CA LEU A 760 -5.61 13.93 8.17
C LEU A 760 -5.65 15.11 9.13
N ASN A 761 -5.08 16.24 8.72
CA ASN A 761 -5.10 17.41 9.59
C ASN A 761 -6.53 17.86 9.84
N ARG A 762 -7.37 17.82 8.81
CA ARG A 762 -8.77 18.17 8.98
C ARG A 762 -9.45 17.24 9.97
N ALA A 763 -9.17 15.95 9.89
CA ALA A 763 -9.76 15.00 10.82
C ALA A 763 -9.34 15.32 12.25
N LEU A 764 -8.05 15.56 12.45
CA LEU A 764 -7.57 15.86 13.79
C LEU A 764 -8.21 17.13 14.32
N THR A 765 -8.36 18.15 13.46
CA THR A 765 -8.99 19.39 13.90
C THR A 765 -10.44 19.15 14.29
N GLY A 766 -11.15 18.34 13.51
CA GLY A 766 -12.51 18.01 13.87
C GLY A 766 -12.57 17.32 15.22
N ILE A 767 -11.64 16.40 15.46
CA ILE A 767 -11.59 15.72 16.76
C ILE A 767 -11.39 16.74 17.87
N ALA A 768 -10.44 17.65 17.68
CA ALA A 768 -10.13 18.62 18.72
C ALA A 768 -11.32 19.51 19.00
N VAL A 769 -12.01 19.94 17.95
CA VAL A 769 -13.15 20.82 18.13
C VAL A 769 -14.26 20.07 18.86
N GLU A 770 -14.50 18.82 18.48
CA GLU A 770 -15.58 18.09 19.13
C GLU A 770 -15.25 17.76 20.58
N GLN A 771 -13.97 17.73 20.95
CA GLN A 771 -13.65 17.61 22.38
C GLN A 771 -14.21 18.79 23.14
N ASP A 772 -13.93 20.00 22.69
CA ASP A 772 -14.45 21.19 23.34
C ASP A 772 -15.97 21.19 23.29
N LYS A 773 -16.54 20.74 22.18
CA LYS A 773 -17.99 20.67 22.08
C LYS A 773 -18.56 19.75 23.15
N ASN A 774 -17.91 18.61 23.36
CA ASN A 774 -18.36 17.67 24.38
C ASN A 774 -18.28 18.31 25.76
N THR A 775 -17.17 18.96 26.06
CA THR A 775 -17.04 19.58 27.37
C THR A 775 -18.13 20.62 27.58
N GLN A 776 -18.37 21.45 26.56
CA GLN A 776 -19.39 22.48 26.65
C GLN A 776 -20.76 21.84 26.89
N GLU A 777 -21.09 20.82 26.11
CA GLU A 777 -22.39 20.19 26.24
C GLU A 777 -22.57 19.59 27.62
N VAL A 778 -21.52 18.96 28.14
CA VAL A 778 -21.64 18.29 29.43
C VAL A 778 -21.80 19.31 30.54
N PHE A 779 -21.01 20.39 30.51
CA PHE A 779 -20.93 21.28 31.65
C PHE A 779 -21.69 22.59 31.46
N ALA A 780 -21.76 23.12 30.25
CA ALA A 780 -22.44 24.39 30.07
C ALA A 780 -23.95 24.18 29.97
N GLN A 781 -24.51 23.40 30.89
CA GLN A 781 -25.94 23.17 30.95
C GLN A 781 -26.63 24.16 31.88
N VAL A 782 -25.91 25.12 32.41
CA VAL A 782 -26.45 26.09 33.37
C VAL A 782 -26.31 27.47 32.77
N LYS A 783 -27.42 28.21 32.75
CA LYS A 783 -27.43 29.52 32.10
C LYS A 783 -26.77 30.59 32.96
N GLN A 784 -26.97 30.55 34.28
CA GLN A 784 -26.46 31.56 35.18
C GLN A 784 -25.62 30.91 36.28
N ILE A 785 -24.65 31.68 36.78
CA ILE A 785 -23.67 31.16 37.73
C ILE A 785 -24.26 31.35 39.13
N TYR A 786 -24.83 30.27 39.66
CA TYR A 786 -25.38 30.29 41.01
C TYR A 786 -24.29 29.98 42.03
N LYS A 787 -24.35 30.66 43.17
CA LYS A 787 -23.44 30.41 44.28
C LYS A 787 -24.23 30.36 45.57
N THR A 788 -23.86 29.43 46.44
CA THR A 788 -24.63 29.20 47.64
C THR A 788 -24.54 30.39 48.58
N PRO A 789 -25.57 30.61 49.40
CA PRO A 789 -25.50 31.67 50.41
C PRO A 789 -24.49 31.33 51.48
N PRO A 790 -23.94 32.33 52.17
CA PRO A 790 -22.99 32.03 53.25
C PRO A 790 -23.60 31.21 54.38
N ILE A 791 -24.92 31.29 54.57
CA ILE A 791 -25.60 30.49 55.59
C ILE A 791 -25.84 29.09 55.04
N LYS A 792 -25.45 28.08 55.80
CA LYS A 792 -25.53 26.68 55.37
C LYS A 792 -26.63 25.92 56.10
N ASP A 793 -27.74 26.59 56.42
CA ASP A 793 -28.83 25.96 57.16
C ASP A 793 -29.61 25.02 56.24
N PHE A 794 -28.92 24.00 55.76
CA PHE A 794 -29.49 23.03 54.83
C PHE A 794 -30.09 21.83 55.57
N GLY A 795 -30.99 22.10 56.51
CA GLY A 795 -31.68 21.02 57.18
C GLY A 795 -30.77 20.00 57.81
N GLY A 796 -29.51 20.37 58.07
CA GLY A 796 -28.54 19.45 58.62
C GLY A 796 -27.64 18.78 57.60
N PHE A 797 -27.93 18.91 56.31
CA PHE A 797 -27.11 18.27 55.29
C PHE A 797 -25.84 19.07 55.06
N ASN A 798 -24.72 18.36 54.96
CA ASN A 798 -23.39 18.97 54.94
C ASN A 798 -22.77 18.71 53.56
N PHE A 799 -22.63 19.76 52.77
CA PHE A 799 -22.05 19.68 51.45
C PHE A 799 -20.67 20.33 51.39
N SER A 800 -20.03 20.50 52.56
CA SER A 800 -18.77 21.22 52.61
C SER A 800 -17.71 20.56 51.74
N GLN A 801 -17.73 19.22 51.68
CA GLN A 801 -16.68 18.49 50.99
C GLN A 801 -16.89 18.44 49.48
N ILE A 802 -18.07 18.84 49.01
CA ILE A 802 -18.33 18.96 47.58
C ILE A 802 -18.44 20.41 47.13
N LEU A 803 -18.57 21.33 48.04
CA LEU A 803 -18.61 22.73 47.64
C LEU A 803 -17.21 23.27 47.44
N PRO A 804 -17.08 24.37 46.70
CA PRO A 804 -15.73 24.90 46.40
C PRO A 804 -15.01 25.32 47.67
N ASP A 805 -13.68 25.23 47.62
CA ASP A 805 -12.84 25.69 48.71
C ASP A 805 -12.28 27.06 48.36
N PRO A 806 -12.73 28.14 49.02
CA PRO A 806 -12.19 29.47 48.68
C PRO A 806 -10.70 29.59 48.92
N SER A 807 -10.15 28.85 49.88
CA SER A 807 -8.74 29.01 50.23
C SER A 807 -7.84 28.67 49.05
N LYS A 808 -8.14 27.59 48.34
CA LYS A 808 -7.28 27.14 47.27
C LYS A 808 -7.31 28.12 46.11
N PRO A 809 -6.25 28.16 45.31
CA PRO A 809 -6.27 29.05 44.12
C PRO A 809 -7.43 28.71 43.19
N SER A 810 -7.53 27.47 42.76
CA SER A 810 -8.69 27.00 42.02
C SER A 810 -9.77 26.60 43.01
N LYS A 811 -10.92 27.27 42.95
CA LYS A 811 -11.98 27.01 43.92
C LYS A 811 -12.64 25.67 43.63
N ARG A 812 -11.88 24.59 43.80
CA ARG A 812 -12.40 23.24 43.65
C ARG A 812 -12.97 22.76 44.99
N SER A 813 -13.73 21.67 44.91
CA SER A 813 -14.15 21.02 46.13
C SER A 813 -13.09 20.02 46.58
N PHE A 814 -13.17 19.62 47.85
CA PHE A 814 -12.21 18.68 48.40
C PHE A 814 -12.19 17.40 47.58
N ILE A 815 -13.37 16.88 47.24
CA ILE A 815 -13.43 15.67 46.44
C ILE A 815 -12.83 15.91 45.07
N GLU A 816 -13.05 17.10 44.50
CA GLU A 816 -12.50 17.37 43.17
C GLU A 816 -10.98 17.43 43.21
N ASP A 817 -10.41 17.94 44.31
CA ASP A 817 -8.97 17.91 44.45
C ASP A 817 -8.46 16.49 44.58
N LEU A 818 -9.18 15.66 45.32
CA LEU A 818 -8.82 14.25 45.35
C LEU A 818 -8.83 13.65 43.94
N LEU A 819 -9.88 13.95 43.18
CA LEU A 819 -10.02 13.39 41.85
C LEU A 819 -8.87 13.82 40.95
N PHE A 820 -8.53 15.11 41.00
CA PHE A 820 -7.46 15.61 40.15
C PHE A 820 -6.10 15.11 40.61
N ASN A 821 -5.96 14.77 41.89
CA ASN A 821 -4.72 14.16 42.35
C ASN A 821 -4.59 12.72 41.88
N LYS A 822 -5.71 11.99 41.82
CA LYS A 822 -5.62 10.57 41.54
C LYS A 822 -5.29 10.27 40.08
N VAL A 823 -5.69 11.13 39.16
CA VAL A 823 -5.44 10.92 37.74
C VAL A 823 -4.16 11.66 37.38
N THR A 824 -3.21 10.94 36.80
CA THR A 824 -1.92 11.50 36.46
C THR A 824 -1.92 12.05 35.03
N PHE A 852 7.11 16.61 20.21
CA PHE A 852 8.17 17.41 19.62
C PHE A 852 8.71 16.78 18.34
N ASN A 853 7.80 16.23 17.53
CA ASN A 853 8.18 15.74 16.21
C ASN A 853 7.08 16.08 15.21
N GLY A 854 6.57 17.30 15.28
CA GLY A 854 5.36 17.67 14.61
C GLY A 854 4.11 17.47 15.44
N LEU A 855 4.25 16.94 16.66
CA LEU A 855 3.13 16.67 17.54
C LEU A 855 2.96 17.83 18.51
N THR A 856 1.75 18.34 18.60
CA THR A 856 1.44 19.44 19.49
C THR A 856 0.15 19.14 20.24
N VAL A 857 0.03 19.74 21.42
CA VAL A 857 -1.13 19.56 22.28
C VAL A 857 -1.82 20.90 22.41
N LEU A 858 -3.04 20.98 21.97
CA LEU A 858 -3.81 22.21 22.07
C LEU A 858 -4.53 22.26 23.41
N PRO A 859 -4.41 23.35 24.16
CA PRO A 859 -5.08 23.41 25.45
C PRO A 859 -6.58 23.37 25.27
N PRO A 860 -7.32 22.82 26.23
CA PRO A 860 -8.78 22.87 26.14
C PRO A 860 -9.29 24.29 26.25
N LEU A 861 -10.41 24.55 25.57
CA LEU A 861 -10.99 25.89 25.59
C LEU A 861 -11.32 26.32 27.02
N LEU A 862 -11.99 25.45 27.77
CA LEU A 862 -12.37 25.74 29.14
C LEU A 862 -11.28 25.27 30.08
N THR A 863 -10.88 26.12 31.01
CA THR A 863 -9.86 25.74 31.98
C THR A 863 -10.47 24.87 33.07
N ASP A 864 -9.61 24.18 33.80
CA ASP A 864 -10.09 23.40 34.93
C ASP A 864 -10.83 24.28 35.91
N GLU A 865 -10.44 25.55 36.01
CA GLU A 865 -11.14 26.48 36.89
C GLU A 865 -12.53 26.77 36.37
N MET A 866 -12.70 26.85 35.05
CA MET A 866 -14.01 27.12 34.48
C MET A 866 -14.93 25.93 34.64
N ILE A 867 -14.42 24.71 34.45
CA ILE A 867 -15.24 23.53 34.70
C ILE A 867 -15.60 23.45 36.17
N ALA A 868 -14.66 23.79 37.05
CA ALA A 868 -14.97 23.82 38.46
C ALA A 868 -16.07 24.82 38.76
N GLN A 869 -16.00 25.99 38.12
CA GLN A 869 -17.05 26.99 38.33
C GLN A 869 -18.39 26.46 37.86
N TYR A 870 -18.42 25.80 36.70
CA TYR A 870 -19.67 25.24 36.20
C TYR A 870 -20.24 24.22 37.18
N THR A 871 -19.38 23.33 37.67
CA THR A 871 -19.84 22.33 38.63
C THR A 871 -20.36 23.00 39.88
N SER A 872 -19.66 24.03 40.33
CA SER A 872 -20.10 24.76 41.51
C SER A 872 -21.47 25.37 41.28
N ALA A 873 -21.68 25.97 40.11
CA ALA A 873 -22.96 26.57 39.82
C ALA A 873 -24.06 25.53 39.81
N LEU A 874 -23.79 24.37 39.20
CA LEU A 874 -24.80 23.33 39.17
C LEU A 874 -25.14 22.87 40.58
N LEU A 875 -24.12 22.62 41.39
CA LEU A 875 -24.37 22.15 42.75
C LEU A 875 -25.16 23.18 43.53
N ALA A 876 -24.78 24.45 43.41
CA ALA A 876 -25.48 25.48 44.15
C ALA A 876 -26.94 25.58 43.72
N GLY A 877 -27.18 25.59 42.41
CA GLY A 877 -28.55 25.68 41.94
C GLY A 877 -29.37 24.51 42.44
N THR A 878 -28.80 23.31 42.38
CA THR A 878 -29.51 22.14 42.88
C THR A 878 -29.81 22.28 44.36
N ILE A 879 -28.79 22.58 45.16
CA ILE A 879 -28.95 22.59 46.61
C ILE A 879 -29.91 23.68 47.04
N THR A 880 -29.97 24.78 46.29
CA THR A 880 -30.72 25.95 46.71
C THR A 880 -32.11 26.04 46.09
N SER A 881 -32.37 25.32 45.01
CA SER A 881 -33.62 25.47 44.30
C SER A 881 -34.26 24.16 43.86
N GLY A 882 -33.58 23.02 44.01
CA GLY A 882 -34.14 21.78 43.52
C GLY A 882 -33.96 21.67 42.01
N TRP A 883 -35.00 21.19 41.33
CA TRP A 883 -34.95 20.99 39.88
C TRP A 883 -35.54 22.17 39.12
N THR A 884 -35.88 23.26 39.79
CA THR A 884 -36.53 24.37 39.13
C THR A 884 -35.59 25.18 38.27
N PHE A 885 -34.30 25.21 38.60
CA PHE A 885 -33.34 26.02 37.86
C PHE A 885 -33.01 25.43 36.49
N GLY A 886 -33.20 24.13 36.32
CA GLY A 886 -33.00 23.55 35.01
C GLY A 886 -34.12 23.79 34.04
N ALA A 887 -35.28 24.23 34.53
CA ALA A 887 -36.45 24.49 33.71
C ALA A 887 -36.68 25.97 33.44
N GLY A 888 -36.52 26.81 34.45
CA GLY A 888 -36.68 28.25 34.30
C GLY A 888 -35.80 28.98 35.26
N ALA A 889 -36.34 30.01 35.90
CA ALA A 889 -35.59 30.72 36.92
C ALA A 889 -35.48 29.87 38.18
N ALA A 890 -34.30 29.86 38.78
CA ALA A 890 -34.08 29.08 40.00
C ALA A 890 -34.98 29.60 41.10
N LEU A 891 -35.92 28.78 41.54
CA LEU A 891 -36.82 29.12 42.63
C LEU A 891 -36.27 28.48 43.90
N GLN A 892 -35.95 29.31 44.89
CA GLN A 892 -35.40 28.79 46.12
C GLN A 892 -36.45 27.98 46.87
N ILE A 893 -35.98 27.00 47.64
CA ILE A 893 -36.85 26.23 48.51
C ILE A 893 -36.00 25.60 49.61
N PRO A 894 -36.50 25.45 50.83
CA PRO A 894 -35.70 24.80 51.87
C PRO A 894 -35.30 23.40 51.43
N PHE A 895 -34.06 23.03 51.74
CA PHE A 895 -33.51 21.79 51.22
C PHE A 895 -34.24 20.58 51.80
N ALA A 896 -34.68 20.66 53.05
CA ALA A 896 -35.45 19.56 53.62
C ALA A 896 -36.79 19.40 52.91
N MET A 897 -37.41 20.50 52.51
CA MET A 897 -38.62 20.39 51.71
C MET A 897 -38.29 19.89 50.32
N GLN A 898 -37.10 20.21 49.81
CA GLN A 898 -36.67 19.59 48.56
C GLN A 898 -36.57 18.09 48.71
N MET A 899 -36.00 17.62 49.81
CA MET A 899 -35.92 16.19 50.06
C MET A 899 -37.30 15.57 50.22
N ALA A 900 -38.25 16.32 50.79
CA ALA A 900 -39.62 15.84 50.83
C ALA A 900 -40.18 15.68 49.41
N TYR A 901 -39.88 16.64 48.54
CA TYR A 901 -40.28 16.49 47.14
C TYR A 901 -39.64 15.26 46.54
N ARG A 902 -38.38 15.00 46.85
CA ARG A 902 -37.70 13.82 46.33
C ARG A 902 -38.40 12.55 46.81
N PHE A 903 -38.72 12.50 48.11
CA PHE A 903 -39.38 11.32 48.67
C PHE A 903 -40.71 11.07 47.99
N ASN A 904 -41.47 12.14 47.76
CA ASN A 904 -42.71 12.00 47.01
C ASN A 904 -42.44 11.49 45.60
N GLY A 905 -41.38 11.98 44.97
CA GLY A 905 -41.05 11.55 43.63
C GLY A 905 -40.68 10.08 43.55
N ILE A 906 -40.07 9.53 44.60
CA ILE A 906 -39.74 8.11 44.62
C ILE A 906 -40.87 7.26 45.17
N GLY A 907 -41.91 7.88 45.72
CA GLY A 907 -43.04 7.15 46.24
C GLY A 907 -43.08 7.00 47.75
N VAL A 908 -42.31 7.77 48.48
CA VAL A 908 -42.35 7.76 49.94
C VAL A 908 -43.06 9.02 50.41
N THR A 909 -44.00 8.84 51.34
CA THR A 909 -44.71 9.98 51.89
C THR A 909 -43.73 10.91 52.60
N GLN A 910 -43.94 12.22 52.43
CA GLN A 910 -42.96 13.19 52.86
C GLN A 910 -42.84 13.27 54.37
N ASN A 911 -43.87 12.88 55.11
CA ASN A 911 -43.75 12.87 56.56
C ASN A 911 -42.65 11.94 57.02
N VAL A 912 -42.30 10.94 56.21
CA VAL A 912 -41.17 10.08 56.53
C VAL A 912 -39.88 10.89 56.54
N LEU A 913 -39.69 11.72 55.52
CA LEU A 913 -38.48 12.54 55.45
C LEU A 913 -38.37 13.46 56.66
N TYR A 914 -39.48 14.11 57.02
CA TYR A 914 -39.45 15.05 58.12
C TYR A 914 -39.27 14.36 59.47
N GLU A 915 -39.92 13.22 59.67
CA GLU A 915 -39.83 12.52 60.94
C GLU A 915 -38.48 11.84 61.13
N ASN A 916 -37.72 11.66 60.06
CA ASN A 916 -36.39 11.07 60.13
C ASN A 916 -35.35 11.99 59.51
N GLN A 917 -35.58 13.29 59.60
CA GLN A 917 -34.71 14.24 58.92
C GLN A 917 -33.29 14.14 59.43
N LYS A 918 -33.10 14.08 60.75
CA LYS A 918 -31.75 14.00 61.30
C LYS A 918 -31.07 12.71 60.91
N LEU A 919 -31.79 11.59 60.99
CA LEU A 919 -31.23 10.31 60.60
C LEU A 919 -30.83 10.32 59.13
N ILE A 920 -31.69 10.86 58.28
CA ILE A 920 -31.40 10.89 56.85
C ILE A 920 -30.18 11.77 56.59
N ALA A 921 -30.10 12.93 57.24
CA ALA A 921 -28.96 13.80 57.05
C ALA A 921 -27.67 13.15 57.53
N ASN A 922 -27.72 12.47 58.68
CA ASN A 922 -26.54 11.80 59.17
C ASN A 922 -26.10 10.70 58.21
N GLN A 923 -27.04 9.94 57.68
CA GLN A 923 -26.69 8.92 56.70
C GLN A 923 -26.04 9.54 55.47
N PHE A 924 -26.59 10.65 55.00
CA PHE A 924 -26.03 11.31 53.82
C PHE A 924 -24.61 11.78 54.09
N ASN A 925 -24.40 12.40 55.25
CA ASN A 925 -23.06 12.86 55.60
C ASN A 925 -22.10 11.69 55.72
N SER A 926 -22.55 10.60 56.31
CA SER A 926 -21.70 9.43 56.46
C SER A 926 -21.32 8.86 55.09
N ALA A 927 -22.27 8.80 54.18
CA ALA A 927 -21.98 8.30 52.85
C ALA A 927 -21.01 9.21 52.14
N ILE A 928 -21.16 10.53 52.31
CA ILE A 928 -20.23 11.45 51.69
C ILE A 928 -18.82 11.25 52.25
N GLY A 929 -18.74 11.08 53.57
CA GLY A 929 -17.44 10.83 54.18
C GLY A 929 -16.82 9.54 53.69
N LYS A 930 -17.64 8.51 53.49
CA LYS A 930 -17.13 7.25 52.95
C LYS A 930 -16.64 7.44 51.53
N ILE A 931 -17.34 8.26 50.75
CA ILE A 931 -16.86 8.59 49.41
C ILE A 931 -15.48 9.24 49.51
N GLN A 932 -15.35 10.21 50.40
CA GLN A 932 -14.07 10.87 50.60
C GLN A 932 -12.98 9.87 50.93
N ASP A 933 -13.28 8.97 51.88
CA ASP A 933 -12.29 8.02 52.33
C ASP A 933 -11.91 7.06 51.22
N SER A 934 -12.89 6.56 50.47
CA SER A 934 -12.59 5.64 49.37
C SER A 934 -11.72 6.31 48.33
N LEU A 935 -12.05 7.56 47.97
CA LEU A 935 -11.24 8.27 46.99
C LEU A 935 -9.84 8.50 47.52
N SER A 936 -9.71 8.90 48.79
CA SER A 936 -8.40 9.20 49.33
C SER A 936 -7.58 7.94 49.60
N SER A 937 -8.22 6.78 49.62
CA SER A 937 -7.55 5.52 49.92
C SER A 937 -7.24 4.72 48.66
N THR A 938 -8.25 4.42 47.86
CA THR A 938 -8.06 3.60 46.68
C THR A 938 -7.52 4.46 45.54
N ALA A 939 -6.29 4.18 45.12
CA ALA A 939 -5.67 4.98 44.07
C ALA A 939 -6.38 4.82 42.74
N SER A 940 -6.71 3.58 42.36
CA SER A 940 -7.29 3.29 41.05
C SER A 940 -8.81 3.41 41.07
N ALA A 941 -9.31 4.55 41.54
CA ALA A 941 -10.75 4.78 41.54
C ALA A 941 -11.23 5.27 40.17
N LEU A 942 -10.49 6.18 39.55
CA LEU A 942 -10.88 6.74 38.26
C LEU A 942 -10.19 5.95 37.15
N GLY A 943 -10.48 4.65 37.14
CA GLY A 943 -9.82 3.77 36.19
C GLY A 943 -10.19 4.08 34.76
N LYS A 944 -11.42 4.52 34.53
CA LYS A 944 -11.85 4.76 33.14
C LYS A 944 -11.12 5.96 32.54
N LEU A 945 -10.93 7.03 33.32
CA LEU A 945 -10.19 8.17 32.79
C LEU A 945 -8.75 7.84 32.54
N GLN A 946 -8.12 7.14 33.49
CA GLN A 946 -6.73 6.74 33.29
C GLN A 946 -6.61 5.82 32.09
N ASP A 947 -7.65 5.05 31.81
CA ASP A 947 -7.62 4.20 30.62
C ASP A 947 -7.57 5.04 29.35
N VAL A 948 -8.38 6.10 29.28
CA VAL A 948 -8.35 6.96 28.10
C VAL A 948 -6.99 7.62 27.98
N VAL A 949 -6.46 8.12 29.09
CA VAL A 949 -5.16 8.79 29.07
C VAL A 949 -4.09 7.82 28.57
N ASN A 950 -4.11 6.59 29.10
CA ASN A 950 -3.12 5.61 28.70
C ASN A 950 -3.27 5.24 27.24
N GLN A 951 -4.51 5.14 26.77
CA GLN A 951 -4.72 4.83 25.35
C GLN A 951 -4.11 5.90 24.48
N ASN A 952 -4.36 7.17 24.81
CA ASN A 952 -3.81 8.25 24.01
C ASN A 952 -2.29 8.25 24.06
N ALA A 953 -1.73 8.04 25.26
CA ALA A 953 -0.29 8.00 25.39
C ALA A 953 0.32 6.88 24.58
N GLN A 954 -0.30 5.70 24.64
CA GLN A 954 0.18 4.56 23.88
C GLN A 954 0.14 4.85 22.39
N ALA A 955 -0.95 5.46 21.93
CA ALA A 955 -1.09 5.77 20.52
C ALA A 955 0.01 6.73 20.08
N LEU A 956 0.24 7.78 20.86
CA LEU A 956 1.28 8.73 20.49
C LEU A 956 2.65 8.07 20.52
N ASN A 957 2.90 7.23 21.51
CA ASN A 957 4.18 6.57 21.59
C ASN A 957 4.41 5.67 20.38
N THR A 958 3.38 4.94 19.97
CA THR A 958 3.50 4.12 18.77
C THR A 958 3.77 4.99 17.55
N LEU A 959 3.04 6.09 17.42
CA LEU A 959 3.23 6.97 16.28
C LEU A 959 4.66 7.46 16.23
N VAL A 960 5.20 7.84 17.39
CA VAL A 960 6.57 8.33 17.42
C VAL A 960 7.54 7.21 17.10
N LYS A 961 7.38 6.05 17.75
CA LYS A 961 8.32 4.97 17.58
C LYS A 961 8.36 4.46 16.14
N GLN A 962 7.27 4.62 15.41
CA GLN A 962 7.30 4.20 14.02
C GLN A 962 8.31 4.99 13.20
N LEU A 963 8.71 6.17 13.68
CA LEU A 963 9.69 6.96 12.94
C LEU A 963 11.05 6.30 12.92
N SER A 964 11.24 5.26 13.72
CA SER A 964 12.49 4.51 13.75
C SER A 964 12.51 3.35 12.78
N SER A 965 11.39 3.05 12.13
CA SER A 965 11.33 1.93 11.20
C SER A 965 11.96 2.31 9.87
N ASN A 966 12.78 1.42 9.33
CA ASN A 966 13.39 1.68 8.02
C ASN A 966 12.39 1.49 6.89
N PHE A 967 11.43 0.58 7.05
CA PHE A 967 10.45 0.32 6.01
C PHE A 967 11.13 -0.04 4.69
N GLY A 968 12.28 -0.70 4.76
CA GLY A 968 13.02 -1.08 3.58
C GLY A 968 14.08 -0.10 3.14
N ALA A 969 14.22 1.04 3.83
CA ALA A 969 15.27 1.99 3.49
C ALA A 969 16.56 1.64 4.23
N ILE A 970 17.66 2.22 3.76
CA ILE A 970 18.95 1.96 4.39
C ILE A 970 18.93 2.44 5.83
N SER A 971 18.29 3.59 6.08
CA SER A 971 18.22 4.17 7.41
C SER A 971 16.83 4.71 7.63
N SER A 972 16.45 4.84 8.91
CA SER A 972 15.21 5.51 9.27
C SER A 972 15.41 6.99 9.52
N VAL A 973 16.64 7.50 9.43
CA VAL A 973 16.91 8.92 9.60
C VAL A 973 16.98 9.56 8.22
N LEU A 974 16.07 10.50 7.96
CA LEU A 974 16.06 11.19 6.68
C LEU A 974 17.32 12.01 6.46
N ASN A 975 17.87 12.58 7.53
CA ASN A 975 19.05 13.41 7.38
C ASN A 975 20.28 12.57 7.08
N ASP A 976 20.34 11.33 7.58
CA ASP A 976 21.42 10.42 7.20
C ASP A 976 21.36 10.12 5.71
N ILE A 977 20.16 9.90 5.18
CA ILE A 977 20.04 9.61 3.76
C ILE A 977 20.42 10.83 2.93
N LEU A 978 19.93 12.00 3.31
CA LEU A 978 20.25 13.19 2.53
C LEU A 978 21.72 13.56 2.64
N SER A 979 22.33 13.40 3.81
CA SER A 979 23.74 13.68 3.98
C SER A 979 24.61 12.57 3.41
N ARG A 980 24.02 11.43 3.09
CA ARG A 980 24.78 10.31 2.52
C ARG A 980 24.54 10.08 1.04
N LEU A 981 23.35 10.38 0.54
CA LEU A 981 22.97 10.02 -0.82
C LEU A 981 22.68 11.24 -1.67
N ASP A 982 22.98 11.10 -2.96
CA ASP A 982 22.62 12.08 -3.96
C ASP A 982 21.13 11.97 -4.29
N PRO A 983 20.54 13.00 -4.87
CA PRO A 983 19.09 13.02 -5.08
C PRO A 983 18.61 11.80 -5.85
N PRO A 984 19.30 11.40 -6.93
CA PRO A 984 18.79 10.24 -7.68
C PRO A 984 18.65 8.99 -6.84
N GLU A 985 19.59 8.75 -5.92
CA GLU A 985 19.50 7.61 -5.02
C GLU A 985 18.80 7.97 -3.73
N ALA A 986 18.90 9.21 -3.28
CA ALA A 986 18.24 9.61 -2.04
C ALA A 986 16.73 9.49 -2.18
N GLU A 987 16.19 9.86 -3.33
CA GLU A 987 14.74 9.85 -3.53
C GLU A 987 14.17 8.46 -3.35
N VAL A 988 14.92 7.43 -3.76
CA VAL A 988 14.40 6.07 -3.67
C VAL A 988 14.11 5.71 -2.22
N GLN A 989 15.07 5.98 -1.32
CA GLN A 989 14.86 5.66 0.09
C GLN A 989 13.82 6.60 0.70
N ILE A 990 13.83 7.87 0.29
CA ILE A 990 12.87 8.81 0.85
C ILE A 990 11.46 8.37 0.50
N ASP A 991 11.27 7.79 -0.68
CA ASP A 991 9.95 7.31 -1.06
C ASP A 991 9.48 6.20 -0.13
N ARG A 992 10.36 5.25 0.20
CA ARG A 992 10.00 4.21 1.13
C ARG A 992 9.65 4.79 2.50
N LEU A 993 10.49 5.72 2.98
CA LEU A 993 10.23 6.31 4.28
C LEU A 993 8.89 7.04 4.29
N ILE A 994 8.61 7.79 3.22
CA ILE A 994 7.34 8.50 3.12
C ILE A 994 6.19 7.51 3.14
N THR A 995 6.30 6.43 2.39
CA THR A 995 5.23 5.46 2.35
C THR A 995 4.94 4.93 3.75
N GLY A 996 5.99 4.47 4.44
CA GLY A 996 5.79 3.89 5.75
C GLY A 996 5.21 4.88 6.74
N ARG A 997 5.76 6.09 6.77
CA ARG A 997 5.28 7.07 7.73
C ARG A 997 3.86 7.52 7.41
N LEU A 998 3.53 7.65 6.13
CA LEU A 998 2.17 8.03 5.76
C LEU A 998 1.18 6.95 6.17
N GLN A 999 1.53 5.68 5.94
CA GLN A 999 0.65 4.61 6.38
C GLN A 999 0.47 4.65 7.88
N SER A 1000 1.56 4.87 8.62
CA SER A 1000 1.45 4.93 10.07
C SER A 1000 0.55 6.08 10.49
N LEU A 1001 0.70 7.24 9.86
CA LEU A 1001 -0.12 8.39 10.23
C LEU A 1001 -1.58 8.11 9.95
N GLN A 1002 -1.88 7.50 8.80
CA GLN A 1002 -3.26 7.17 8.49
C GLN A 1002 -3.83 6.22 9.52
N THR A 1003 -3.05 5.21 9.92
CA THR A 1003 -3.52 4.30 10.96
C THR A 1003 -3.82 5.05 12.25
N TYR A 1004 -2.91 5.94 12.65
CA TYR A 1004 -3.10 6.67 13.89
C TYR A 1004 -4.36 7.52 13.81
N VAL A 1005 -4.56 8.21 12.69
CA VAL A 1005 -5.71 9.09 12.55
C VAL A 1005 -6.99 8.28 12.58
N THR A 1006 -7.00 7.11 11.95
CA THR A 1006 -8.18 6.26 11.98
C THR A 1006 -8.50 5.80 13.39
N GLN A 1007 -7.47 5.35 14.11
CA GLN A 1007 -7.66 4.92 15.49
C GLN A 1007 -8.18 6.07 16.33
N GLN A 1008 -7.61 7.25 16.13
CA GLN A 1008 -8.04 8.42 16.87
C GLN A 1008 -9.49 8.76 16.55
N LEU A 1009 -9.89 8.62 15.29
CA LEU A 1009 -11.27 8.89 14.93
C LEU A 1009 -12.21 7.95 15.67
N ILE A 1010 -11.86 6.66 15.71
CA ILE A 1010 -12.73 5.71 16.37
C ILE A 1010 -12.80 6.01 17.87
N ARG A 1011 -11.65 6.25 18.49
CA ARG A 1011 -11.63 6.55 19.91
C ARG A 1011 -12.40 7.83 20.20
N ALA A 1012 -12.33 8.80 19.29
CA ALA A 1012 -13.07 10.03 19.44
C ALA A 1012 -14.56 9.77 19.35
N ALA A 1013 -14.98 8.88 18.46
CA ALA A 1013 -16.38 8.52 18.41
C ALA A 1013 -16.83 7.90 19.72
N GLU A 1014 -16.01 7.01 20.28
CA GLU A 1014 -16.34 6.41 21.56
C GLU A 1014 -16.46 7.48 22.64
N ILE A 1015 -15.53 8.42 22.67
CA ILE A 1015 -15.55 9.47 23.67
C ILE A 1015 -16.79 10.34 23.49
N ARG A 1016 -17.18 10.60 22.24
CA ARG A 1016 -18.37 11.40 22.01
C ARG A 1016 -19.61 10.68 22.51
N ALA A 1017 -19.68 9.37 22.30
CA ALA A 1017 -20.79 8.61 22.86
C ALA A 1017 -20.81 8.72 24.37
N SER A 1018 -19.65 8.56 24.99
CA SER A 1018 -19.59 8.65 26.44
C SER A 1018 -20.03 10.03 26.92
N ALA A 1019 -19.60 11.08 26.23
CA ALA A 1019 -19.93 12.42 26.66
C ALA A 1019 -21.40 12.72 26.46
N ASN A 1020 -22.00 12.19 25.39
CA ASN A 1020 -23.44 12.35 25.24
C ASN A 1020 -24.17 11.68 26.38
N LEU A 1021 -23.74 10.48 26.75
CA LEU A 1021 -24.32 9.84 27.93
C LEU A 1021 -24.13 10.72 29.15
N ALA A 1022 -22.95 11.33 29.27
CA ALA A 1022 -22.66 12.13 30.45
C ALA A 1022 -23.55 13.35 30.53
N ALA A 1023 -23.77 14.02 29.40
CA ALA A 1023 -24.64 15.19 29.41
C ALA A 1023 -26.08 14.78 29.70
N THR A 1024 -26.50 13.66 29.14
CA THR A 1024 -27.85 13.17 29.44
C THR A 1024 -28.01 12.92 30.92
N LYS A 1025 -27.01 12.28 31.54
CA LYS A 1025 -27.08 12.02 32.96
C LYS A 1025 -27.04 13.31 33.77
N MET A 1026 -26.18 14.24 33.37
CA MET A 1026 -26.14 15.54 34.05
C MET A 1026 -27.53 16.13 34.09
N SER A 1027 -28.18 16.22 32.93
CA SER A 1027 -29.53 16.75 32.87
C SER A 1027 -30.46 15.95 33.76
N GLU A 1028 -30.62 14.66 33.48
CA GLU A 1028 -31.71 13.88 34.05
C GLU A 1028 -31.51 13.51 35.51
N CYS A 1029 -30.29 13.68 36.05
CA CYS A 1029 -30.02 13.31 37.44
C CYS A 1029 -29.67 14.51 38.31
N VAL A 1030 -29.08 15.55 37.73
CA VAL A 1030 -28.74 16.76 38.48
C VAL A 1030 -29.80 17.83 38.30
N LEU A 1031 -30.27 18.05 37.08
CA LEU A 1031 -31.30 19.04 36.83
C LEU A 1031 -32.70 18.49 37.07
N GLY A 1032 -32.84 17.19 37.31
CA GLY A 1032 -34.13 16.63 37.66
C GLY A 1032 -34.00 15.31 38.37
N GLN A 1033 -35.14 14.73 38.76
CA GLN A 1033 -35.16 13.45 39.45
C GLN A 1033 -35.66 12.40 38.47
N SER A 1034 -34.82 11.42 38.19
CA SER A 1034 -35.10 10.46 37.12
C SER A 1034 -35.92 9.30 37.65
N LYS A 1035 -36.81 8.79 36.80
CA LYS A 1035 -37.54 7.56 37.07
C LYS A 1035 -36.91 6.35 36.42
N ARG A 1036 -35.98 6.56 35.50
CA ARG A 1036 -35.30 5.43 34.86
C ARG A 1036 -34.50 4.65 35.88
N VAL A 1037 -34.67 3.32 35.86
CA VAL A 1037 -34.00 2.48 36.83
C VAL A 1037 -32.51 2.38 36.49
N ASP A 1038 -31.67 2.55 37.50
CA ASP A 1038 -30.22 2.40 37.39
C ASP A 1038 -29.57 3.43 36.48
N PHE A 1039 -30.31 4.46 36.06
CA PHE A 1039 -29.71 5.49 35.23
C PHE A 1039 -28.94 6.50 36.07
N CYS A 1040 -29.40 6.77 37.28
CA CYS A 1040 -28.72 7.68 38.18
C CYS A 1040 -28.30 6.93 39.44
N GLY A 1041 -27.74 5.74 39.27
CA GLY A 1041 -27.27 4.94 40.38
C GLY A 1041 -28.26 3.86 40.79
N LYS A 1042 -27.75 2.89 41.54
CA LYS A 1042 -28.56 1.78 42.00
C LYS A 1042 -29.44 2.25 43.15
N GLY A 1043 -30.74 2.05 43.01
CA GLY A 1043 -31.72 2.46 44.00
C GLY A 1043 -32.64 3.53 43.46
N TYR A 1044 -33.64 3.87 44.27
CA TYR A 1044 -34.59 4.91 43.89
C TYR A 1044 -33.86 6.26 43.94
N HIS A 1045 -33.66 6.86 42.78
CA HIS A 1045 -32.86 8.06 42.69
C HIS A 1045 -33.50 9.20 43.47
N LEU A 1046 -32.71 9.82 44.34
CA LEU A 1046 -33.10 11.03 45.04
C LEU A 1046 -32.50 12.27 44.39
N MET A 1047 -31.18 12.27 44.19
CA MET A 1047 -30.54 13.42 43.57
C MET A 1047 -29.14 13.04 43.11
N SER A 1048 -28.49 13.98 42.42
CA SER A 1048 -27.13 13.76 41.96
C SER A 1048 -26.32 15.05 42.07
N PHE A 1049 -25.03 14.90 42.34
CA PHE A 1049 -24.11 16.01 42.48
C PHE A 1049 -22.94 15.86 41.52
N PRO A 1050 -22.66 16.85 40.67
CA PRO A 1050 -21.53 16.74 39.76
C PRO A 1050 -20.22 17.20 40.39
N GLN A 1051 -19.13 16.55 40.00
CA GLN A 1051 -17.79 16.99 40.35
C GLN A 1051 -16.89 16.86 39.13
N SER A 1052 -16.17 17.93 38.84
CA SER A 1052 -15.29 17.94 37.68
C SER A 1052 -14.10 17.02 37.91
N ALA A 1053 -13.70 16.31 36.87
CA ALA A 1053 -12.53 15.44 36.91
C ALA A 1053 -11.68 15.71 35.67
N PRO A 1054 -10.41 15.36 35.71
CA PRO A 1054 -9.56 15.58 34.54
C PRO A 1054 -10.10 14.89 33.31
N HIS A 1055 -10.51 15.68 32.33
CA HIS A 1055 -11.07 15.17 31.07
C HIS A 1055 -12.37 14.42 31.28
N GLY A 1056 -13.02 14.56 32.43
CA GLY A 1056 -14.22 13.81 32.69
C GLY A 1056 -15.05 14.38 33.81
N VAL A 1057 -16.06 13.60 34.21
CA VAL A 1057 -16.98 14.03 35.25
C VAL A 1057 -17.25 12.87 36.19
N VAL A 1058 -17.62 13.23 37.42
CA VAL A 1058 -18.05 12.27 38.43
C VAL A 1058 -19.45 12.68 38.89
N PHE A 1059 -20.32 11.71 39.02
CA PHE A 1059 -21.66 11.92 39.56
C PHE A 1059 -21.78 11.18 40.88
N LEU A 1060 -22.15 11.93 41.92
CA LEU A 1060 -22.50 11.38 43.22
C LEU A 1060 -24.00 11.19 43.23
N HIS A 1061 -24.44 9.94 43.11
CA HIS A 1061 -25.85 9.62 43.08
C HIS A 1061 -26.33 9.32 44.49
N VAL A 1062 -27.20 10.18 45.01
CA VAL A 1062 -27.91 9.94 46.24
C VAL A 1062 -29.18 9.17 45.91
N THR A 1063 -29.28 7.94 46.41
CA THR A 1063 -30.39 7.04 46.17
C THR A 1063 -30.94 6.56 47.51
N TYR A 1064 -32.21 6.12 47.47
CA TYR A 1064 -32.93 5.63 48.63
C TYR A 1064 -33.03 4.11 48.52
N VAL A 1065 -32.53 3.40 49.53
CA VAL A 1065 -32.43 1.94 49.49
C VAL A 1065 -33.24 1.38 50.65
N PRO A 1066 -34.32 0.63 50.40
CA PRO A 1066 -34.96 -0.07 51.51
C PRO A 1066 -33.98 -0.97 52.22
N ALA A 1067 -34.07 -1.00 53.55
CA ALA A 1067 -33.05 -1.60 54.40
C ALA A 1067 -33.55 -2.82 55.16
N GLN A 1068 -34.62 -2.67 55.93
CA GLN A 1068 -35.06 -3.68 56.90
C GLN A 1068 -36.50 -4.05 56.60
N GLU A 1069 -36.68 -5.12 55.84
CA GLU A 1069 -38.02 -5.58 55.45
C GLU A 1069 -38.51 -6.64 56.40
N LYS A 1070 -39.84 -6.71 56.52
CA LYS A 1070 -40.50 -7.69 57.36
C LYS A 1070 -41.65 -8.34 56.60
N ASN A 1071 -41.92 -9.60 56.96
CA ASN A 1071 -43.02 -10.36 56.39
C ASN A 1071 -44.36 -9.81 56.88
N PHE A 1072 -45.36 -9.89 56.01
CA PHE A 1072 -46.73 -9.60 56.38
C PHE A 1072 -47.66 -10.41 55.50
N THR A 1073 -48.90 -10.56 55.97
CA THR A 1073 -49.95 -11.20 55.19
C THR A 1073 -50.79 -10.11 54.52
N THR A 1074 -51.02 -10.27 53.23
CA THR A 1074 -51.62 -9.23 52.40
C THR A 1074 -52.81 -9.81 51.65
N ALA A 1075 -53.74 -8.92 51.27
CA ALA A 1075 -54.90 -9.29 50.48
C ALA A 1075 -55.14 -8.22 49.42
N PRO A 1076 -55.56 -8.62 48.21
CA PRO A 1076 -55.81 -7.61 47.16
C PRO A 1076 -56.90 -6.62 47.53
N ALA A 1077 -57.91 -7.06 48.28
CA ALA A 1077 -59.05 -6.20 48.62
C ALA A 1077 -59.64 -6.68 49.93
N ILE A 1078 -60.72 -6.03 50.35
CA ILE A 1078 -61.39 -6.34 51.61
C ILE A 1078 -62.89 -6.20 51.42
N CYS A 1079 -63.64 -7.04 52.13
CA CYS A 1079 -65.10 -7.00 52.14
C CYS A 1079 -65.58 -6.43 53.47
N HIS A 1080 -66.41 -5.39 53.40
CA HIS A 1080 -66.98 -4.77 54.59
C HIS A 1080 -68.49 -4.97 54.66
N ASP A 1081 -69.21 -4.58 53.61
CA ASP A 1081 -70.67 -4.69 53.54
C ASP A 1081 -71.08 -5.24 52.18
N GLY A 1082 -70.44 -6.33 51.78
CA GLY A 1082 -70.64 -6.88 50.45
C GLY A 1082 -69.93 -6.14 49.35
N LYS A 1083 -69.12 -5.15 49.70
CA LYS A 1083 -68.39 -4.34 48.74
C LYS A 1083 -66.92 -4.65 48.84
N ALA A 1084 -66.25 -4.70 47.69
CA ALA A 1084 -64.81 -4.94 47.65
C ALA A 1084 -64.08 -3.61 47.75
N HIS A 1085 -63.14 -3.53 48.67
CA HIS A 1085 -62.41 -2.30 48.94
C HIS A 1085 -60.96 -2.46 48.51
N PHE A 1086 -60.41 -1.40 47.91
CA PHE A 1086 -59.05 -1.40 47.40
C PHE A 1086 -58.32 -0.17 47.92
N PRO A 1087 -57.01 -0.28 48.17
CA PRO A 1087 -56.26 0.88 48.67
C PRO A 1087 -56.14 1.95 47.59
N ARG A 1088 -56.43 3.19 47.98
CA ARG A 1088 -56.17 4.31 47.08
C ARG A 1088 -54.68 4.41 46.76
N GLU A 1089 -53.85 4.41 47.80
CA GLU A 1089 -52.40 4.32 47.66
C GLU A 1089 -51.89 3.39 48.74
N GLY A 1090 -50.99 2.49 48.38
CA GLY A 1090 -50.42 1.55 49.34
C GLY A 1090 -50.86 0.13 49.11
N VAL A 1091 -50.72 -0.68 50.17
CA VAL A 1091 -51.06 -2.09 50.14
C VAL A 1091 -51.65 -2.48 51.49
N PHE A 1092 -52.58 -3.44 51.47
CA PHE A 1092 -53.11 -4.04 52.68
C PHE A 1092 -52.15 -5.07 53.24
N VAL A 1093 -51.97 -5.05 54.57
CA VAL A 1093 -51.10 -6.00 55.26
C VAL A 1093 -51.79 -6.45 56.53
N SER A 1094 -51.32 -7.56 57.08
CA SER A 1094 -51.77 -8.05 58.37
C SER A 1094 -50.57 -8.40 59.23
N ASN A 1095 -50.61 -7.99 60.50
CA ASN A 1095 -49.58 -8.35 61.47
C ASN A 1095 -49.91 -9.64 62.19
N GLY A 1096 -50.88 -10.41 61.68
CA GLY A 1096 -51.24 -11.68 62.28
C GLY A 1096 -52.68 -11.73 62.71
N THR A 1097 -53.18 -10.61 63.23
CA THR A 1097 -54.54 -10.55 63.74
C THR A 1097 -55.29 -9.36 63.16
N HIS A 1098 -54.60 -8.25 62.96
CA HIS A 1098 -55.21 -7.01 62.50
C HIS A 1098 -54.74 -6.67 61.11
N TRP A 1099 -55.59 -5.97 60.36
CA TRP A 1099 -55.31 -5.56 58.99
C TRP A 1099 -55.12 -4.05 58.95
N PHE A 1100 -54.05 -3.60 58.29
CA PHE A 1100 -53.76 -2.20 58.10
C PHE A 1100 -53.48 -1.94 56.63
N VAL A 1101 -53.40 -0.66 56.28
CA VAL A 1101 -53.05 -0.22 54.94
C VAL A 1101 -51.82 0.67 55.06
N THR A 1102 -50.72 0.27 54.42
CA THR A 1102 -49.45 0.98 54.55
C THR A 1102 -48.92 1.32 53.17
N GLN A 1103 -48.09 2.37 53.12
CA GLN A 1103 -47.48 2.75 51.87
C GLN A 1103 -46.52 1.65 51.40
N ARG A 1104 -46.35 1.56 50.09
CA ARG A 1104 -45.77 0.36 49.49
C ARG A 1104 -44.28 0.24 49.76
N ASN A 1105 -43.59 1.36 49.92
CA ASN A 1105 -42.14 1.34 50.09
C ASN A 1105 -41.70 1.67 51.51
N PHE A 1106 -42.63 1.70 52.46
CA PHE A 1106 -42.29 1.95 53.86
C PHE A 1106 -43.42 1.43 54.73
N TYR A 1107 -43.07 0.75 55.81
CA TYR A 1107 -44.09 0.19 56.69
C TYR A 1107 -44.61 1.30 57.60
N GLU A 1108 -45.78 1.85 57.25
CA GLU A 1108 -46.48 2.81 58.08
C GLU A 1108 -47.93 2.37 58.16
N PRO A 1109 -48.21 1.32 58.94
CA PRO A 1109 -49.57 0.78 58.98
C PRO A 1109 -50.57 1.82 59.47
N GLN A 1110 -51.76 1.79 58.87
CA GLN A 1110 -52.83 2.70 59.26
C GLN A 1110 -54.15 1.95 59.26
N ILE A 1111 -55.08 2.43 60.08
CA ILE A 1111 -56.40 1.83 60.15
C ILE A 1111 -57.07 1.99 58.80
N ILE A 1112 -57.65 0.90 58.30
CA ILE A 1112 -58.29 0.89 56.99
C ILE A 1112 -59.64 1.60 57.12
N THR A 1113 -59.75 2.76 56.51
CA THR A 1113 -60.95 3.59 56.58
C THR A 1113 -61.52 3.77 55.18
N THR A 1114 -62.63 4.51 55.10
CA THR A 1114 -63.22 4.83 53.82
C THR A 1114 -62.44 5.89 53.06
N ASP A 1115 -61.50 6.57 53.72
CA ASP A 1115 -60.63 7.52 53.05
C ASP A 1115 -59.35 6.85 52.54
N ASN A 1116 -58.90 5.81 53.22
CA ASN A 1116 -57.74 5.07 52.74
C ASN A 1116 -58.08 4.28 51.48
N THR A 1117 -59.34 3.90 51.32
CA THR A 1117 -59.73 2.91 50.33
C THR A 1117 -60.85 3.45 49.45
N PHE A 1118 -61.17 2.68 48.43
CA PHE A 1118 -62.28 2.96 47.53
C PHE A 1118 -62.95 1.65 47.15
N VAL A 1119 -64.23 1.73 46.80
CA VAL A 1119 -65.03 0.54 46.54
C VAL A 1119 -65.18 0.34 45.04
N SER A 1120 -65.33 -0.93 44.64
CA SER A 1120 -65.59 -1.25 43.24
C SER A 1120 -66.29 -2.61 43.20
N GLY A 1121 -67.61 -2.60 43.00
CA GLY A 1121 -68.34 -3.83 42.85
C GLY A 1121 -68.51 -4.59 44.17
N ASN A 1122 -68.66 -5.91 44.04
CA ASN A 1122 -68.90 -6.79 45.17
C ASN A 1122 -67.71 -7.73 45.33
N CYS A 1123 -67.86 -8.70 46.23
CA CYS A 1123 -66.77 -9.58 46.62
C CYS A 1123 -66.84 -10.96 45.98
N ASP A 1124 -67.60 -11.12 44.90
CA ASP A 1124 -67.72 -12.40 44.22
C ASP A 1124 -66.71 -12.57 43.09
N VAL A 1125 -65.82 -11.62 42.90
CA VAL A 1125 -64.92 -11.60 41.74
C VAL A 1125 -63.46 -11.67 42.17
N VAL A 1126 -63.07 -10.90 43.19
CA VAL A 1126 -61.67 -10.77 43.55
C VAL A 1126 -61.16 -12.08 44.12
N ILE A 1127 -59.99 -12.50 43.67
CA ILE A 1127 -59.36 -13.73 44.15
C ILE A 1127 -58.39 -13.36 45.27
N GLY A 1128 -58.63 -13.89 46.46
CA GLY A 1128 -57.82 -13.58 47.62
C GLY A 1128 -58.39 -12.52 48.53
N ILE A 1129 -59.61 -12.05 48.27
CA ILE A 1129 -60.19 -11.02 49.11
C ILE A 1129 -60.44 -11.58 50.50
N VAL A 1130 -60.30 -10.72 51.50
CA VAL A 1130 -60.44 -11.13 52.89
C VAL A 1130 -61.52 -10.27 53.54
N ASN A 1131 -62.10 -10.81 54.61
CA ASN A 1131 -63.14 -10.11 55.36
C ASN A 1131 -62.49 -9.21 56.41
N ASN A 1132 -62.87 -7.94 56.40
CA ASN A 1132 -62.43 -7.01 57.44
C ASN A 1132 -63.35 -5.81 57.45
N THR A 1133 -63.28 -5.04 58.54
CA THR A 1133 -64.13 -3.88 58.74
C THR A 1133 -63.43 -2.64 58.22
N VAL A 1134 -64.16 -1.80 57.49
CA VAL A 1134 -63.64 -0.55 56.97
C VAL A 1134 -64.27 0.58 57.78
N TYR A 1135 -63.43 1.29 58.53
CA TYR A 1135 -63.91 2.31 59.44
C TYR A 1135 -64.44 3.51 58.69
N ASP A 1136 -65.52 4.10 59.21
CA ASP A 1136 -66.13 5.29 58.64
C ASP A 1136 -65.90 6.47 59.57
N PRO A 1137 -65.03 7.42 59.23
CA PRO A 1137 -64.78 8.55 60.15
C PRO A 1137 -66.02 9.38 60.44
N LEU A 1138 -67.01 9.39 59.53
CA LEU A 1138 -68.19 10.21 59.72
C LEU A 1138 -69.15 9.61 60.75
N GLN A 1139 -69.12 8.30 60.92
CA GLN A 1139 -70.09 7.64 61.79
C GLN A 1139 -70.02 8.13 63.23
N PRO A 1140 -68.85 8.19 63.89
CA PRO A 1140 -68.85 8.69 65.28
C PRO A 1140 -69.35 10.12 65.38
N GLU A 1141 -69.02 10.96 64.40
CA GLU A 1141 -69.48 12.34 64.44
C GLU A 1141 -71.00 12.42 64.34
N LEU A 1142 -71.58 11.62 63.45
CA LEU A 1142 -73.04 11.63 63.31
C LEU A 1142 -73.71 11.05 64.56
N ASP A 1143 -73.16 9.96 65.09
CA ASP A 1143 -73.75 9.34 66.26
C ASP A 1143 -73.70 10.27 67.47
N SER A 1144 -72.57 10.95 67.66
CA SER A 1144 -72.42 11.86 68.78
C SER A 1144 -73.14 13.18 68.50
N SER B 13 -4.23 -48.57 -46.09
CA SER B 13 -4.67 -49.67 -46.94
C SER B 13 -5.17 -49.13 -48.28
N GLN B 14 -6.30 -49.65 -48.75
CA GLN B 14 -6.88 -49.23 -50.02
C GLN B 14 -8.35 -48.91 -49.80
N CYS B 15 -8.73 -47.67 -50.07
CA CYS B 15 -10.08 -47.21 -49.77
C CYS B 15 -11.11 -47.92 -50.65
N VAL B 16 -12.25 -48.24 -50.06
CA VAL B 16 -13.38 -48.77 -50.83
C VAL B 16 -14.15 -47.60 -51.43
N ASN B 17 -14.40 -47.66 -52.73
CA ASN B 17 -15.06 -46.59 -53.46
C ASN B 17 -16.56 -46.85 -53.52
N PHE B 18 -17.34 -45.77 -53.42
CA PHE B 18 -18.79 -45.83 -53.52
C PHE B 18 -19.23 -44.88 -54.63
N THR B 19 -20.01 -45.41 -55.58
CA THR B 19 -20.46 -44.61 -56.70
C THR B 19 -21.58 -43.64 -56.32
N THR B 20 -22.40 -44.02 -55.34
CA THR B 20 -23.53 -43.21 -54.89
C THR B 20 -23.25 -42.76 -53.46
N ARG B 21 -22.96 -41.48 -53.30
CA ARG B 21 -22.67 -40.89 -51.99
C ARG B 21 -23.75 -39.90 -51.63
N THR B 22 -24.38 -40.11 -50.47
CA THR B 22 -25.39 -39.20 -49.95
C THR B 22 -25.20 -39.12 -48.44
N GLN B 23 -25.89 -38.17 -47.81
CA GLN B 23 -25.90 -38.05 -46.36
C GLN B 23 -27.25 -37.53 -45.92
N LEU B 24 -27.75 -38.07 -44.80
CA LEU B 24 -29.06 -37.68 -44.32
C LEU B 24 -29.05 -36.21 -43.90
N PRO B 25 -30.19 -35.53 -44.02
CA PRO B 25 -30.26 -34.14 -43.55
C PRO B 25 -30.01 -34.07 -42.05
N PRO B 26 -29.36 -33.02 -41.56
CA PRO B 26 -29.17 -32.87 -40.11
C PRO B 26 -30.49 -32.59 -39.41
N ALA B 27 -30.50 -32.87 -38.10
CA ALA B 27 -31.67 -32.57 -37.29
C ALA B 27 -31.25 -31.84 -36.03
N TYR B 28 -32.21 -31.16 -35.38
CA TYR B 28 -31.91 -30.30 -34.25
C TYR B 28 -32.67 -30.74 -33.01
N THR B 29 -31.99 -30.69 -31.87
CA THR B 29 -32.58 -30.96 -30.57
C THR B 29 -31.98 -30.01 -29.56
N ASN B 30 -32.19 -30.25 -28.27
CA ASN B 30 -31.73 -29.32 -27.24
C ASN B 30 -30.90 -30.08 -26.22
N SER B 31 -29.85 -29.42 -25.73
CA SER B 31 -28.87 -30.03 -24.86
C SER B 31 -29.38 -30.28 -23.46
N PHE B 32 -30.56 -29.76 -23.11
CA PHE B 32 -31.08 -29.92 -21.76
C PHE B 32 -30.07 -29.39 -20.75
N THR B 33 -29.45 -30.28 -19.96
CA THR B 33 -28.47 -29.88 -18.96
C THR B 33 -27.30 -30.86 -18.91
N ARG B 34 -26.95 -31.44 -20.05
CA ARG B 34 -25.84 -32.39 -20.10
C ARG B 34 -24.55 -31.68 -20.50
N GLY B 35 -23.45 -32.45 -20.49
CA GLY B 35 -22.15 -31.92 -20.84
C GLY B 35 -21.28 -31.50 -19.67
N VAL B 36 -21.80 -31.54 -18.45
CA VAL B 36 -21.01 -31.15 -17.29
C VAL B 36 -19.93 -32.19 -17.05
N TYR B 37 -18.72 -31.72 -16.73
CA TYR B 37 -17.58 -32.58 -16.45
C TYR B 37 -16.80 -31.99 -15.30
N TYR B 38 -15.89 -32.80 -14.75
CA TYR B 38 -15.03 -32.35 -13.66
C TYR B 38 -13.89 -31.53 -14.24
N PRO B 39 -13.74 -30.26 -13.90
CA PRO B 39 -12.67 -29.46 -14.50
C PRO B 39 -11.30 -29.89 -14.00
N ASP B 40 -11.17 -30.07 -12.70
CA ASP B 40 -9.93 -30.49 -12.06
C ASP B 40 -10.11 -31.86 -11.42
N LYS B 41 -9.01 -32.44 -10.98
CA LYS B 41 -8.98 -33.76 -10.34
C LYS B 41 -8.86 -33.64 -8.83
N VAL B 42 -9.49 -32.63 -8.24
CA VAL B 42 -9.39 -32.35 -6.81
C VAL B 42 -10.62 -32.92 -6.11
N PHE B 43 -10.38 -33.71 -5.06
CA PHE B 43 -11.49 -34.26 -4.29
C PHE B 43 -12.19 -33.13 -3.54
N ARG B 44 -13.49 -32.98 -3.79
CA ARG B 44 -14.30 -31.98 -3.14
C ARG B 44 -15.51 -32.66 -2.53
N SER B 45 -15.82 -32.35 -1.28
CA SER B 45 -16.89 -33.04 -0.56
C SER B 45 -17.88 -32.02 -0.03
N SER B 46 -19.15 -32.19 -0.40
CA SER B 46 -20.26 -31.41 0.17
C SER B 46 -19.96 -29.91 0.13
N VAL B 47 -19.87 -29.37 -1.07
CA VAL B 47 -19.48 -27.97 -1.23
C VAL B 47 -19.85 -27.50 -2.63
N LEU B 48 -20.04 -26.18 -2.77
CA LEU B 48 -20.21 -25.53 -4.06
C LEU B 48 -18.90 -24.90 -4.49
N HIS B 49 -18.44 -25.22 -5.68
CA HIS B 49 -17.20 -24.68 -6.21
C HIS B 49 -17.46 -24.05 -7.57
N SER B 50 -16.87 -22.89 -7.82
CA SER B 50 -17.14 -22.10 -9.00
C SER B 50 -15.91 -22.06 -9.88
N THR B 51 -16.09 -22.33 -11.18
CA THR B 51 -14.98 -22.33 -12.12
C THR B 51 -15.43 -21.81 -13.48
N GLN B 52 -14.51 -21.15 -14.17
CA GLN B 52 -14.77 -20.62 -15.52
C GLN B 52 -13.98 -21.48 -16.50
N ASP B 53 -14.71 -22.28 -17.28
CA ASP B 53 -14.06 -23.13 -18.28
C ASP B 53 -14.93 -23.27 -19.53
N LEU B 54 -14.49 -24.09 -20.48
CA LEU B 54 -15.26 -24.36 -21.68
C LEU B 54 -16.34 -25.39 -21.33
N PHE B 55 -17.57 -24.92 -21.16
CA PHE B 55 -18.70 -25.75 -20.81
C PHE B 55 -19.74 -25.71 -21.91
N LEU B 56 -20.55 -26.76 -21.96
CA LEU B 56 -21.70 -26.78 -22.85
C LEU B 56 -22.81 -25.98 -22.17
N PRO B 57 -23.19 -24.82 -22.70
CA PRO B 57 -24.22 -24.02 -22.02
C PRO B 57 -25.52 -24.80 -21.91
N PHE B 58 -26.21 -24.59 -20.80
CA PHE B 58 -27.50 -25.25 -20.60
C PHE B 58 -28.48 -24.84 -21.70
N PHE B 59 -29.26 -25.82 -22.16
CA PHE B 59 -30.27 -25.59 -23.18
C PHE B 59 -29.64 -25.01 -24.45
N SER B 60 -28.50 -25.58 -24.84
CA SER B 60 -27.86 -25.23 -26.08
C SER B 60 -28.45 -26.05 -27.23
N ASN B 61 -28.53 -25.43 -28.40
CA ASN B 61 -29.04 -26.11 -29.58
C ASN B 61 -28.01 -27.14 -30.03
N VAL B 62 -28.47 -28.36 -30.28
CA VAL B 62 -27.60 -29.48 -30.59
C VAL B 62 -27.99 -30.05 -31.94
N THR B 63 -27.00 -30.38 -32.76
CA THR B 63 -27.26 -31.00 -34.06
C THR B 63 -27.02 -32.51 -33.97
N TRP B 64 -27.99 -33.29 -34.45
CA TRP B 64 -27.90 -34.74 -34.33
C TRP B 64 -28.17 -35.39 -35.68
N PHE B 65 -27.43 -36.48 -35.92
CA PHE B 65 -27.48 -37.27 -37.14
C PHE B 65 -27.61 -38.74 -36.78
N HIS B 66 -27.69 -39.57 -37.81
CA HIS B 66 -27.78 -41.02 -37.68
C HIS B 66 -26.56 -41.68 -38.33
N ALA B 67 -26.18 -42.83 -37.77
CA ALA B 67 -25.09 -43.64 -38.31
C ALA B 67 -25.69 -44.95 -38.82
N ILE B 68 -25.90 -45.02 -40.13
CA ILE B 68 -26.50 -46.20 -40.74
C ILE B 68 -25.45 -47.29 -40.82
N HIS B 69 -25.70 -48.41 -40.16
CA HIS B 69 -24.74 -49.50 -40.02
C HIS B 69 -25.12 -50.73 -40.84
N VAL B 70 -26.14 -50.63 -41.70
CA VAL B 70 -26.59 -51.77 -42.50
C VAL B 70 -27.19 -51.26 -43.79
N SER B 71 -27.05 -52.04 -44.85
CA SER B 71 -27.53 -51.68 -46.18
C SER B 71 -28.50 -52.77 -46.66
N GLY B 72 -29.78 -52.42 -46.77
CA GLY B 72 -30.78 -53.35 -47.24
C GLY B 72 -32.01 -52.65 -47.77
N GLY B 75 -30.21 -51.24 -52.38
CA GLY B 75 -29.36 -51.24 -51.21
C GLY B 75 -27.89 -51.00 -51.55
N THR B 76 -27.65 -50.12 -52.53
CA THR B 76 -26.31 -49.78 -52.97
C THR B 76 -26.04 -48.29 -52.78
N LYS B 77 -26.59 -47.70 -51.73
CA LYS B 77 -26.41 -46.29 -51.42
C LYS B 77 -25.53 -46.13 -50.18
N ARG B 78 -24.45 -45.37 -50.32
CA ARG B 78 -23.53 -45.12 -49.23
C ARG B 78 -23.91 -43.80 -48.56
N PHE B 79 -24.40 -43.89 -47.33
CA PHE B 79 -24.72 -42.71 -46.54
C PHE B 79 -23.52 -42.32 -45.70
N ALA B 80 -22.97 -41.14 -45.97
CA ALA B 80 -21.71 -40.71 -45.37
C ALA B 80 -21.96 -39.74 -44.22
N ASN B 81 -21.08 -39.80 -43.22
CA ASN B 81 -21.15 -38.86 -42.11
C ASN B 81 -20.62 -37.50 -42.54
N PRO B 82 -21.16 -36.40 -42.01
CA PRO B 82 -20.68 -35.08 -42.41
C PRO B 82 -19.51 -34.61 -41.56
N VAL B 83 -18.69 -33.76 -42.17
CA VAL B 83 -17.58 -33.13 -41.46
C VAL B 83 -18.12 -31.91 -40.72
N LEU B 84 -17.96 -31.91 -39.40
CA LEU B 84 -18.55 -30.85 -38.57
C LEU B 84 -17.48 -29.93 -38.01
N PRO B 85 -17.81 -28.68 -37.73
CA PRO B 85 -16.84 -27.78 -37.09
C PRO B 85 -16.50 -28.26 -35.69
N PHE B 86 -15.31 -27.87 -35.23
CA PHE B 86 -14.89 -28.14 -33.86
C PHE B 86 -15.09 -26.93 -32.95
N ASN B 87 -14.89 -25.73 -33.46
CA ASN B 87 -15.07 -24.50 -32.68
C ASN B 87 -14.12 -24.59 -31.48
N ASP B 88 -14.59 -24.34 -30.25
CA ASP B 88 -13.72 -24.35 -29.08
C ASP B 88 -13.72 -25.70 -28.38
N GLY B 89 -14.41 -26.69 -28.90
CA GLY B 89 -14.58 -27.97 -28.24
C GLY B 89 -15.96 -28.49 -28.51
N VAL B 90 -16.15 -29.79 -28.29
CA VAL B 90 -17.41 -30.43 -28.65
C VAL B 90 -17.86 -31.39 -27.57
N TYR B 91 -19.17 -31.37 -27.31
CA TYR B 91 -19.85 -32.39 -26.53
C TYR B 91 -20.50 -33.34 -27.53
N PHE B 92 -20.01 -34.57 -27.59
CA PHE B 92 -20.46 -35.58 -28.55
C PHE B 92 -21.10 -36.72 -27.79
N ALA B 93 -22.35 -37.04 -28.13
CA ALA B 93 -23.09 -38.08 -27.43
C ALA B 93 -23.61 -39.07 -28.44
N SER B 94 -23.76 -40.32 -28.01
CA SER B 94 -24.25 -41.38 -28.88
C SER B 94 -25.23 -42.25 -28.13
N THR B 95 -26.35 -42.54 -28.77
CA THR B 95 -27.37 -43.46 -28.26
C THR B 95 -27.44 -44.62 -29.24
N GLU B 96 -27.04 -45.80 -28.77
CA GLU B 96 -27.10 -47.00 -29.59
C GLU B 96 -27.18 -48.23 -28.71
N LYS B 97 -27.69 -49.32 -29.26
CA LYS B 97 -27.70 -50.59 -28.52
C LYS B 97 -26.33 -51.26 -28.62
N SER B 98 -25.91 -51.60 -29.84
CA SER B 98 -24.57 -52.10 -30.07
C SER B 98 -23.63 -50.95 -30.42
N ASN B 99 -22.34 -51.19 -30.24
CA ASN B 99 -21.36 -50.12 -30.41
C ASN B 99 -21.16 -49.79 -31.89
N ILE B 100 -22.04 -48.94 -32.43
CA ILE B 100 -21.94 -48.55 -33.82
C ILE B 100 -20.90 -47.45 -34.00
N ILE B 101 -20.94 -46.43 -33.12
CA ILE B 101 -19.98 -45.34 -33.21
C ILE B 101 -18.62 -45.86 -32.73
N ARG B 102 -17.62 -45.76 -33.60
CA ARG B 102 -16.29 -46.30 -33.31
C ARG B 102 -15.24 -45.24 -33.06
N GLY B 103 -15.42 -44.02 -33.55
CA GLY B 103 -14.42 -42.99 -33.27
C GLY B 103 -14.61 -41.77 -34.15
N TRP B 104 -13.55 -40.97 -34.21
CA TRP B 104 -13.54 -39.72 -34.94
C TRP B 104 -12.16 -39.44 -35.50
N ILE B 105 -12.13 -38.52 -36.46
CA ILE B 105 -10.89 -37.95 -36.99
C ILE B 105 -10.98 -36.44 -36.83
N PHE B 106 -9.90 -35.84 -36.35
CA PHE B 106 -9.83 -34.41 -36.10
C PHE B 106 -8.69 -33.80 -36.88
N GLY B 107 -8.89 -32.55 -37.31
CA GLY B 107 -7.85 -31.82 -38.00
C GLY B 107 -8.40 -30.53 -38.56
N THR B 108 -7.59 -29.91 -39.42
CA THR B 108 -8.00 -28.66 -40.06
C THR B 108 -8.25 -28.90 -41.54
N THR B 109 -7.25 -29.43 -42.24
CA THR B 109 -7.43 -29.80 -43.64
C THR B 109 -7.85 -31.25 -43.81
N LEU B 110 -7.54 -32.12 -42.84
CA LEU B 110 -7.87 -33.55 -42.93
C LEU B 110 -7.28 -34.17 -44.20
N ASP B 111 -6.10 -33.71 -44.60
CA ASP B 111 -5.38 -34.30 -45.72
C ASP B 111 -3.91 -34.46 -45.35
N SER B 112 -3.08 -34.85 -46.33
CA SER B 112 -1.66 -35.06 -46.05
C SER B 112 -0.91 -33.76 -45.80
N LYS B 113 -1.53 -32.60 -46.05
CA LYS B 113 -0.83 -31.33 -45.91
C LYS B 113 -0.63 -30.94 -44.45
N THR B 114 -1.47 -31.42 -43.54
CA THR B 114 -1.39 -31.08 -42.13
C THR B 114 -1.50 -32.35 -41.30
N GLN B 115 -1.13 -32.23 -40.03
CA GLN B 115 -1.30 -33.32 -39.10
C GLN B 115 -2.77 -33.50 -38.77
N SER B 116 -3.12 -34.74 -38.43
CA SER B 116 -4.50 -35.10 -38.14
C SER B 116 -4.52 -36.18 -37.08
N LEU B 117 -5.46 -36.05 -36.16
CA LEU B 117 -5.67 -37.01 -35.08
C LEU B 117 -6.74 -38.01 -35.49
N LEU B 118 -6.53 -39.26 -35.11
CA LEU B 118 -7.45 -40.36 -35.41
C LEU B 118 -7.64 -41.14 -34.11
N ILE B 119 -8.86 -41.13 -33.58
CA ILE B 119 -9.22 -41.90 -32.40
C ILE B 119 -10.25 -42.91 -32.86
N VAL B 120 -9.86 -44.18 -32.94
CA VAL B 120 -10.74 -45.24 -33.41
C VAL B 120 -10.72 -46.36 -32.37
N ASN B 121 -11.81 -47.12 -32.34
CA ASN B 121 -11.94 -48.24 -31.41
C ASN B 121 -12.29 -49.49 -32.21
N ASN B 122 -11.28 -50.22 -32.65
CA ASN B 122 -11.52 -51.53 -33.22
C ASN B 122 -11.79 -52.53 -32.09
N ALA B 123 -12.24 -53.72 -32.47
CA ALA B 123 -12.70 -54.68 -31.47
C ALA B 123 -11.60 -55.03 -30.48
N THR B 124 -10.36 -55.08 -30.93
CA THR B 124 -9.27 -55.49 -30.04
C THR B 124 -8.97 -54.41 -28.99
N ASN B 125 -8.68 -53.19 -29.43
CA ASN B 125 -8.26 -52.15 -28.51
C ASN B 125 -8.51 -50.79 -29.16
N VAL B 126 -8.23 -49.73 -28.42
CA VAL B 126 -8.41 -48.36 -28.90
C VAL B 126 -7.09 -47.87 -29.48
N VAL B 127 -7.17 -47.16 -30.61
CA VAL B 127 -6.01 -46.68 -31.34
C VAL B 127 -6.12 -45.17 -31.48
N ILE B 128 -5.07 -44.45 -31.11
CA ILE B 128 -5.00 -43.01 -31.22
C ILE B 128 -3.71 -42.67 -31.93
N LYS B 129 -3.83 -42.07 -33.11
CA LYS B 129 -2.65 -41.78 -33.92
C LYS B 129 -2.76 -40.38 -34.52
N VAL B 130 -1.65 -39.65 -34.47
CA VAL B 130 -1.56 -38.31 -35.03
C VAL B 130 -0.51 -38.36 -36.11
N CYS B 131 -0.95 -38.24 -37.37
CA CYS B 131 -0.10 -38.43 -38.53
C CYS B 131 -0.54 -37.50 -39.66
N GLU B 132 0.22 -37.52 -40.76
CA GLU B 132 -0.16 -36.80 -41.98
C GLU B 132 -1.04 -37.74 -42.81
N PHE B 133 -2.26 -37.93 -42.35
CA PHE B 133 -3.17 -38.89 -42.97
C PHE B 133 -3.69 -38.39 -44.31
N GLN B 134 -3.86 -39.32 -45.24
CA GLN B 134 -4.61 -39.08 -46.47
C GLN B 134 -5.88 -39.92 -46.35
N PHE B 135 -6.89 -39.34 -45.72
CA PHE B 135 -8.09 -40.08 -45.37
C PHE B 135 -8.86 -40.50 -46.61
N CYS B 136 -9.63 -41.58 -46.45
CA CYS B 136 -10.51 -42.03 -47.50
C CYS B 136 -11.72 -41.12 -47.63
N ASN B 137 -12.31 -41.11 -48.82
CA ASN B 137 -13.56 -40.37 -49.02
C ASN B 137 -14.66 -40.92 -48.12
N ASP B 138 -14.75 -42.25 -48.03
CA ASP B 138 -15.74 -42.92 -47.18
C ASP B 138 -14.99 -43.84 -46.22
N PRO B 139 -14.52 -43.33 -45.09
CA PRO B 139 -13.89 -44.21 -44.10
C PRO B 139 -14.81 -45.37 -43.74
N PHE B 140 -14.27 -46.58 -43.82
CA PHE B 140 -15.06 -47.80 -43.74
C PHE B 140 -14.54 -48.71 -42.63
N LEU B 141 -15.47 -49.22 -41.84
CA LEU B 141 -15.20 -50.30 -40.88
C LEU B 141 -16.27 -51.36 -41.07
N GLY B 142 -15.84 -52.55 -41.49
CA GLY B 142 -16.75 -53.61 -41.87
C GLY B 142 -16.59 -54.87 -41.05
N VAL B 143 -17.73 -55.47 -40.69
CA VAL B 143 -17.80 -56.70 -39.92
C VAL B 143 -18.62 -57.70 -40.72
N TYR B 144 -18.38 -58.99 -40.46
CA TYR B 144 -19.17 -60.06 -41.04
C TYR B 144 -19.44 -61.08 -39.94
N TYR B 145 -20.56 -61.77 -40.08
CA TYR B 145 -21.01 -62.73 -39.06
C TYR B 145 -20.40 -64.09 -39.36
N HIS B 146 -19.68 -64.65 -38.39
CA HIS B 146 -19.09 -65.97 -38.52
C HIS B 146 -20.13 -66.99 -38.06
N LYS B 147 -20.82 -67.60 -39.03
CA LYS B 147 -21.92 -68.49 -38.69
C LYS B 147 -21.44 -69.71 -37.92
N ASN B 148 -20.25 -70.22 -38.25
CA ASN B 148 -19.73 -71.40 -37.57
C ASN B 148 -19.30 -71.11 -36.14
N ASN B 149 -19.04 -69.85 -35.81
CA ASN B 149 -18.70 -69.46 -34.45
C ASN B 149 -19.81 -68.68 -33.77
N LYS B 150 -20.89 -68.36 -34.48
CA LYS B 150 -22.01 -67.59 -33.93
C LYS B 150 -21.50 -66.31 -33.28
N SER B 151 -20.70 -65.56 -34.04
CA SER B 151 -20.11 -64.33 -33.53
C SER B 151 -19.74 -63.44 -34.71
N TRP B 152 -19.76 -62.13 -34.46
CA TRP B 152 -19.35 -61.14 -35.44
C TRP B 152 -17.84 -60.95 -35.36
N MET B 153 -17.21 -60.80 -36.52
CA MET B 153 -15.78 -60.55 -36.60
C MET B 153 -15.56 -59.39 -37.54
N GLU B 154 -14.95 -58.32 -37.05
CA GLU B 154 -14.63 -57.19 -37.90
C GLU B 154 -13.34 -57.47 -38.66
N SER B 155 -13.42 -57.36 -39.98
CA SER B 155 -12.28 -57.67 -40.82
C SER B 155 -12.01 -56.64 -41.90
N GLU B 156 -12.70 -55.50 -41.89
CA GLU B 156 -12.45 -54.45 -42.86
C GLU B 156 -12.16 -53.16 -42.11
N PHE B 157 -11.00 -52.57 -42.38
CA PHE B 157 -10.62 -51.27 -41.80
C PHE B 157 -9.95 -50.47 -42.90
N ARG B 158 -10.70 -49.59 -43.56
CA ARG B 158 -10.19 -48.78 -44.65
C ARG B 158 -10.58 -47.34 -44.37
N VAL B 159 -9.75 -46.65 -43.59
CA VAL B 159 -10.03 -45.29 -43.14
C VAL B 159 -9.14 -44.28 -43.84
N TYR B 160 -7.86 -44.60 -43.99
CA TYR B 160 -6.88 -43.71 -44.61
C TYR B 160 -6.07 -44.49 -45.61
N SER B 161 -5.73 -43.84 -46.73
CA SER B 161 -4.88 -44.46 -47.73
C SER B 161 -3.40 -44.29 -47.43
N SER B 162 -3.02 -43.25 -46.69
CA SER B 162 -1.63 -42.98 -46.39
C SER B 162 -1.54 -42.43 -44.98
N ALA B 163 -0.41 -42.71 -44.32
CA ALA B 163 -0.17 -42.19 -42.98
C ALA B 163 1.36 -42.08 -42.83
N ASN B 164 1.87 -40.85 -42.96
CA ASN B 164 3.31 -40.61 -42.95
C ASN B 164 3.63 -39.52 -41.95
N ASN B 165 4.89 -39.52 -41.51
CA ASN B 165 5.39 -38.53 -40.56
C ASN B 165 4.45 -38.42 -39.35
N CYS B 166 4.16 -39.59 -38.77
CA CYS B 166 3.36 -39.63 -37.56
C CYS B 166 4.06 -38.90 -36.42
N THR B 167 3.28 -38.16 -35.65
CA THR B 167 3.78 -37.53 -34.43
C THR B 167 3.20 -38.14 -33.17
N PHE B 168 2.19 -39.00 -33.27
CA PHE B 168 1.67 -39.64 -32.07
C PHE B 168 1.13 -41.03 -32.37
N GLU B 169 1.33 -41.94 -31.43
CA GLU B 169 0.76 -43.28 -31.52
C GLU B 169 0.49 -43.81 -30.11
N TYR B 170 -0.68 -44.41 -29.93
CA TYR B 170 -1.06 -45.03 -28.66
C TYR B 170 -2.05 -46.14 -28.94
N VAL B 171 -1.74 -47.35 -28.48
CA VAL B 171 -2.61 -48.51 -28.65
C VAL B 171 -2.88 -49.09 -27.27
N SER B 172 -4.14 -49.10 -26.86
CA SER B 172 -4.51 -49.62 -25.56
C SER B 172 -4.41 -51.14 -25.54
N GLN B 173 -4.49 -51.71 -24.34
CA GLN B 173 -4.38 -53.14 -24.18
C GLN B 173 -5.54 -53.85 -24.89
N PRO B 174 -5.31 -55.03 -25.44
CA PRO B 174 -6.39 -55.71 -26.17
C PRO B 174 -7.56 -56.05 -25.28
N PHE B 175 -8.75 -56.04 -25.87
CA PHE B 175 -9.96 -56.49 -25.21
C PHE B 175 -10.89 -57.05 -26.29
N LEU B 176 -12.07 -57.48 -25.87
CA LEU B 176 -13.08 -58.03 -26.78
C LEU B 176 -14.36 -57.21 -26.61
N MET B 177 -14.68 -56.42 -27.63
CA MET B 177 -15.88 -55.60 -27.63
C MET B 177 -17.08 -56.42 -28.07
N ASP B 178 -18.18 -56.30 -27.33
CA ASP B 178 -19.40 -57.03 -27.64
C ASP B 178 -20.04 -56.43 -28.89
N LEU B 179 -20.07 -57.21 -29.97
CA LEU B 179 -20.67 -56.75 -31.23
C LEU B 179 -22.11 -57.21 -31.32
N PHE B 186 -33.25 -51.24 -23.71
CA PHE B 186 -31.91 -51.02 -23.18
C PHE B 186 -30.99 -50.46 -24.25
N LYS B 187 -30.93 -49.13 -24.36
CA LYS B 187 -29.91 -48.50 -25.17
C LYS B 187 -28.78 -48.01 -24.27
N ASN B 188 -27.64 -47.72 -24.89
CA ASN B 188 -26.49 -47.17 -24.20
C ASN B 188 -26.29 -45.74 -24.67
N LEU B 189 -26.05 -44.86 -23.70
CA LEU B 189 -25.73 -43.46 -23.91
C LEU B 189 -24.26 -43.27 -23.55
N ARG B 190 -23.46 -42.88 -24.53
CA ARG B 190 -22.03 -42.65 -24.34
C ARG B 190 -21.76 -41.20 -24.65
N GLU B 191 -21.30 -40.45 -23.65
CA GLU B 191 -21.07 -39.02 -23.76
C GLU B 191 -19.58 -38.74 -23.66
N PHE B 192 -19.12 -37.79 -24.48
CA PHE B 192 -17.74 -37.36 -24.49
C PHE B 192 -17.68 -35.84 -24.60
N VAL B 193 -16.64 -35.27 -24.03
CA VAL B 193 -16.30 -33.86 -24.20
C VAL B 193 -14.86 -33.80 -24.68
N PHE B 194 -14.65 -33.14 -25.82
CA PHE B 194 -13.36 -32.97 -26.46
C PHE B 194 -12.95 -31.50 -26.38
N LYS B 195 -11.75 -31.24 -25.86
CA LYS B 195 -11.28 -29.88 -25.62
C LYS B 195 -9.82 -29.79 -26.04
N ASN B 196 -9.51 -28.88 -26.96
CA ASN B 196 -8.15 -28.75 -27.50
C ASN B 196 -7.55 -27.45 -26.98
N ILE B 197 -6.80 -27.54 -25.87
CA ILE B 197 -6.26 -26.37 -25.19
C ILE B 197 -4.79 -26.61 -24.88
N ASP B 198 -3.95 -25.64 -25.22
CA ASP B 198 -2.54 -25.63 -24.83
C ASP B 198 -1.83 -26.91 -25.27
N GLY B 199 -2.10 -27.33 -26.51
CA GLY B 199 -1.47 -28.52 -27.05
C GLY B 199 -1.97 -29.82 -26.48
N TYR B 200 -2.95 -29.78 -25.58
CA TYR B 200 -3.53 -30.96 -24.98
C TYR B 200 -4.94 -31.16 -25.54
N PHE B 201 -5.19 -32.37 -26.03
CA PHE B 201 -6.53 -32.79 -26.41
C PHE B 201 -7.08 -33.57 -25.22
N LYS B 202 -7.95 -32.93 -24.47
CA LYS B 202 -8.52 -33.48 -23.25
C LYS B 202 -9.88 -34.09 -23.58
N ILE B 203 -10.09 -35.31 -23.12
CA ILE B 203 -11.30 -36.06 -23.36
C ILE B 203 -11.87 -36.47 -22.02
N TYR B 204 -13.16 -36.19 -21.83
CA TYR B 204 -13.90 -36.64 -20.66
C TYR B 204 -15.04 -37.51 -21.16
N SER B 205 -15.40 -38.55 -20.40
CA SER B 205 -16.35 -39.53 -20.90
C SER B 205 -17.29 -39.98 -19.80
N LYS B 206 -18.42 -40.53 -20.22
CA LYS B 206 -19.41 -41.09 -19.30
C LYS B 206 -20.28 -42.08 -20.07
N HIS B 207 -20.67 -43.16 -19.41
CA HIS B 207 -21.50 -44.19 -20.01
C HIS B 207 -22.68 -44.48 -19.08
N THR B 208 -23.89 -44.36 -19.60
CA THR B 208 -25.06 -44.75 -18.84
C THR B 208 -26.02 -45.59 -19.68
N PRO B 209 -26.66 -46.60 -19.09
CA PRO B 209 -27.71 -47.34 -19.82
C PRO B 209 -29.03 -46.58 -19.78
N ILE B 210 -29.42 -46.05 -20.93
CA ILE B 210 -30.64 -45.27 -21.04
C ILE B 210 -31.76 -46.17 -21.58
N ASN B 211 -33.00 -45.83 -21.18
CA ASN B 211 -34.18 -46.58 -21.56
C ASN B 211 -34.97 -45.91 -22.68
N LEU B 212 -34.54 -44.74 -23.15
CA LEU B 212 -35.30 -44.01 -24.16
C LEU B 212 -35.16 -44.67 -25.52
N VAL B 213 -36.17 -44.47 -26.35
CA VAL B 213 -36.21 -45.11 -27.66
C VAL B 213 -35.84 -44.16 -28.80
N ARG B 214 -35.96 -42.86 -28.61
CA ARG B 214 -35.62 -41.90 -29.65
C ARG B 214 -35.29 -40.56 -29.02
N GLY B 215 -34.17 -39.96 -29.46
CA GLY B 215 -33.78 -38.63 -29.04
C GLY B 215 -32.83 -38.66 -27.86
N LEU B 216 -32.22 -37.51 -27.62
CA LEU B 216 -31.27 -37.38 -26.51
C LEU B 216 -32.03 -37.30 -25.19
N PRO B 217 -31.58 -38.03 -24.16
CA PRO B 217 -32.32 -38.04 -22.89
C PRO B 217 -32.05 -36.80 -22.06
N GLN B 218 -33.11 -36.30 -21.44
CA GLN B 218 -33.00 -35.17 -20.52
C GLN B 218 -32.52 -35.66 -19.16
N GLY B 219 -31.51 -34.99 -18.62
CA GLY B 219 -30.99 -35.36 -17.33
C GLY B 219 -29.61 -34.78 -17.11
N PHE B 220 -29.05 -35.10 -15.94
CA PHE B 220 -27.76 -34.59 -15.50
C PHE B 220 -26.83 -35.77 -15.22
N SER B 221 -25.59 -35.67 -15.70
CA SER B 221 -24.59 -36.69 -15.44
C SER B 221 -23.23 -36.08 -15.69
N ALA B 222 -22.40 -36.03 -14.65
CA ALA B 222 -21.08 -35.42 -14.77
C ALA B 222 -20.14 -36.34 -15.51
N LEU B 223 -19.44 -35.79 -16.51
CA LEU B 223 -18.47 -36.57 -17.28
C LEU B 223 -17.14 -36.60 -16.56
N GLU B 224 -16.59 -37.77 -16.41
CA GLU B 224 -15.32 -37.90 -15.73
C GLU B 224 -14.16 -37.77 -16.72
N PRO B 225 -13.00 -37.30 -16.25
CA PRO B 225 -11.85 -37.16 -17.17
C PRO B 225 -11.42 -38.51 -17.71
N LEU B 226 -11.35 -38.60 -19.03
CA LEU B 226 -10.88 -39.83 -19.67
C LEU B 226 -9.37 -39.80 -19.88
N VAL B 227 -8.88 -38.82 -20.63
CA VAL B 227 -7.44 -38.74 -20.89
C VAL B 227 -7.13 -37.44 -21.60
N ASP B 228 -5.95 -36.89 -21.34
CA ASP B 228 -5.47 -35.70 -22.04
C ASP B 228 -4.18 -36.06 -22.77
N LEU B 229 -4.17 -35.87 -24.07
CA LEU B 229 -3.08 -36.27 -24.93
C LEU B 229 -2.29 -35.04 -25.36
N PRO B 230 -0.96 -35.03 -25.20
CA PRO B 230 -0.18 -33.88 -25.69
C PRO B 230 0.05 -33.95 -27.19
N ILE B 231 -1.00 -33.82 -27.99
CA ILE B 231 -0.85 -33.93 -29.44
C ILE B 231 -0.25 -32.66 -30.03
N GLY B 232 -0.66 -31.50 -29.55
CA GLY B 232 -0.11 -30.25 -30.03
C GLY B 232 -0.39 -29.94 -31.49
N ILE B 233 -1.62 -30.17 -31.94
CA ILE B 233 -2.03 -29.83 -33.29
C ILE B 233 -3.21 -28.86 -33.22
N ASN B 234 -3.55 -28.27 -34.37
CA ASN B 234 -4.71 -27.40 -34.50
C ASN B 234 -5.88 -28.20 -35.06
N ILE B 235 -7.05 -28.02 -34.46
CA ILE B 235 -8.25 -28.76 -34.84
C ILE B 235 -9.37 -27.76 -35.07
N THR B 236 -9.95 -27.79 -36.26
CA THR B 236 -11.11 -26.97 -36.60
C THR B 236 -12.28 -27.78 -37.12
N ARG B 237 -12.06 -29.00 -37.60
CA ARG B 237 -13.12 -29.85 -38.11
C ARG B 237 -12.91 -31.27 -37.59
N PHE B 238 -13.97 -32.07 -37.69
CA PHE B 238 -13.90 -33.47 -37.30
C PHE B 238 -15.01 -34.23 -38.01
N GLN B 239 -14.88 -35.55 -38.04
CA GLN B 239 -15.84 -36.43 -38.66
C GLN B 239 -16.00 -37.68 -37.81
N THR B 240 -17.20 -38.24 -37.83
CA THR B 240 -17.52 -39.42 -37.01
C THR B 240 -17.31 -40.69 -37.83
N LEU B 241 -16.78 -41.72 -37.17
CA LEU B 241 -16.54 -43.02 -37.78
C LEU B 241 -17.51 -44.02 -37.17
N HIS B 242 -18.15 -44.82 -38.03
CA HIS B 242 -19.11 -45.82 -37.60
C HIS B 242 -18.76 -47.17 -38.21
N ILE B 243 -19.49 -48.19 -37.80
CA ILE B 243 -19.26 -49.56 -38.23
C ILE B 243 -20.31 -49.94 -39.27
N SER B 244 -19.93 -50.80 -40.20
CA SER B 244 -20.82 -51.32 -41.22
C SER B 244 -20.99 -52.82 -41.02
N TYR B 245 -22.23 -53.26 -40.92
CA TYR B 245 -22.55 -54.68 -40.75
C TYR B 245 -22.81 -55.31 -42.11
N LEU B 246 -21.83 -56.07 -42.59
CA LEU B 246 -21.97 -56.73 -43.89
C LEU B 246 -22.92 -57.91 -43.76
N THR B 247 -23.95 -57.93 -44.59
CA THR B 247 -24.97 -58.96 -44.53
C THR B 247 -25.15 -59.61 -45.90
N PRO B 248 -25.53 -60.89 -45.94
CA PRO B 248 -25.74 -61.54 -47.24
C PRO B 248 -26.91 -60.96 -48.01
N GLY B 249 -28.05 -60.81 -47.34
CA GLY B 249 -29.24 -60.29 -47.97
C GLY B 249 -30.05 -61.36 -48.68
N ALA B 257 -32.73 -51.78 -38.89
CA ALA B 257 -33.40 -50.50 -39.05
C ALA B 257 -33.15 -49.59 -37.84
N GLY B 258 -32.74 -50.19 -36.73
CA GLY B 258 -32.46 -49.42 -35.53
C GLY B 258 -31.06 -48.86 -35.53
N ALA B 259 -30.83 -47.82 -36.33
CA ALA B 259 -29.50 -47.23 -36.44
C ALA B 259 -29.18 -46.42 -35.19
N ALA B 260 -27.88 -46.23 -34.96
CA ALA B 260 -27.42 -45.41 -33.86
C ALA B 260 -27.59 -43.93 -34.18
N ALA B 261 -27.65 -43.11 -33.12
CA ALA B 261 -27.88 -41.69 -33.30
C ALA B 261 -26.86 -40.91 -32.48
N TYR B 262 -26.24 -39.89 -33.09
CA TYR B 262 -25.25 -39.10 -32.38
C TYR B 262 -25.60 -37.62 -32.43
N TYR B 263 -25.17 -36.92 -31.39
CA TYR B 263 -25.54 -35.53 -31.11
C TYR B 263 -24.28 -34.73 -30.84
N VAL B 264 -24.25 -33.49 -31.33
CA VAL B 264 -23.08 -32.63 -31.24
C VAL B 264 -23.52 -31.27 -30.71
N GLY B 265 -22.88 -30.83 -29.62
CA GLY B 265 -23.00 -29.46 -29.18
C GLY B 265 -21.62 -28.85 -29.00
N TYR B 266 -21.59 -27.53 -28.86
CA TYR B 266 -20.33 -26.80 -28.82
C TYR B 266 -20.15 -26.09 -27.48
N LEU B 267 -18.91 -26.13 -26.98
CA LEU B 267 -18.57 -25.51 -25.71
C LEU B 267 -18.34 -24.02 -25.87
N GLN B 268 -18.50 -23.30 -24.76
CA GLN B 268 -18.25 -21.87 -24.69
C GLN B 268 -17.59 -21.56 -23.36
N PRO B 269 -16.81 -20.47 -23.29
CA PRO B 269 -16.25 -20.06 -22.00
C PRO B 269 -17.34 -19.55 -21.06
N ARG B 270 -17.65 -20.34 -20.05
CA ARG B 270 -18.74 -20.04 -19.13
C ARG B 270 -18.28 -20.28 -17.70
N THR B 271 -18.92 -19.59 -16.78
CA THR B 271 -18.68 -19.79 -15.35
C THR B 271 -19.79 -20.67 -14.80
N PHE B 272 -19.39 -21.81 -14.23
CA PHE B 272 -20.30 -22.81 -13.71
C PHE B 272 -20.11 -22.94 -12.21
N LEU B 273 -21.22 -23.21 -11.52
CA LEU B 273 -21.21 -23.49 -10.09
C LEU B 273 -21.57 -24.96 -9.90
N LEU B 274 -20.59 -25.76 -9.49
CA LEU B 274 -20.76 -27.19 -9.35
C LEU B 274 -20.99 -27.56 -7.90
N LYS B 275 -21.85 -28.56 -7.68
CA LYS B 275 -22.22 -29.03 -6.35
C LYS B 275 -21.66 -30.43 -6.14
N TYR B 276 -20.76 -30.57 -5.18
CA TYR B 276 -20.17 -31.85 -4.83
C TYR B 276 -20.82 -32.38 -3.58
N ASN B 277 -21.16 -33.67 -3.60
CA ASN B 277 -21.82 -34.31 -2.48
C ASN B 277 -20.77 -34.76 -1.46
N GLU B 278 -21.18 -35.54 -0.48
CA GLU B 278 -20.22 -36.04 0.50
C GLU B 278 -19.25 -37.03 -0.12
N ASN B 279 -19.61 -37.66 -1.24
CA ASN B 279 -18.76 -38.66 -1.87
C ASN B 279 -17.84 -38.09 -2.93
N GLY B 280 -18.00 -36.82 -3.31
CA GLY B 280 -17.20 -36.23 -4.37
C GLY B 280 -17.88 -36.21 -5.72
N THR B 281 -19.09 -36.73 -5.84
CA THR B 281 -19.80 -36.72 -7.10
C THR B 281 -20.44 -35.36 -7.35
N ILE B 282 -20.27 -34.84 -8.56
CA ILE B 282 -20.95 -33.62 -8.96
C ILE B 282 -22.43 -33.96 -9.17
N THR B 283 -23.27 -33.55 -8.22
CA THR B 283 -24.68 -33.88 -8.27
C THR B 283 -25.51 -32.89 -9.07
N ASP B 284 -25.11 -31.62 -9.08
CA ASP B 284 -25.88 -30.61 -9.79
C ASP B 284 -24.95 -29.47 -10.17
N ALA B 285 -25.41 -28.63 -11.09
CA ALA B 285 -24.63 -27.50 -11.53
C ALA B 285 -25.57 -26.34 -11.86
N VAL B 286 -25.01 -25.14 -11.83
CA VAL B 286 -25.73 -23.92 -12.20
C VAL B 286 -24.92 -23.20 -13.25
N ASP B 287 -25.57 -22.92 -14.39
CA ASP B 287 -24.99 -22.11 -15.46
C ASP B 287 -25.25 -20.65 -15.11
N CYS B 288 -24.21 -19.98 -14.59
CA CYS B 288 -24.40 -18.64 -14.04
C CYS B 288 -24.99 -17.69 -15.08
N ALA B 289 -24.43 -17.68 -16.28
CA ALA B 289 -24.80 -16.70 -17.30
C ALA B 289 -26.01 -17.12 -18.11
N LEU B 290 -26.69 -18.20 -17.71
CA LEU B 290 -27.88 -18.62 -18.45
C LEU B 290 -28.98 -17.57 -18.35
N ASP B 291 -29.26 -17.09 -17.14
CA ASP B 291 -30.38 -16.19 -16.92
C ASP B 291 -30.12 -15.39 -15.66
N PRO B 292 -30.86 -14.30 -15.45
CA PRO B 292 -30.69 -13.55 -14.20
C PRO B 292 -30.88 -14.40 -12.96
N LEU B 293 -31.74 -15.40 -13.00
CA LEU B 293 -31.93 -16.26 -11.84
C LEU B 293 -30.63 -16.98 -11.49
N SER B 294 -29.98 -17.56 -12.49
CA SER B 294 -28.73 -18.26 -12.25
C SER B 294 -27.61 -17.31 -11.84
N GLU B 295 -27.60 -16.10 -12.41
CA GLU B 295 -26.63 -15.11 -11.97
C GLU B 295 -26.81 -14.79 -10.50
N THR B 296 -28.06 -14.63 -10.06
CA THR B 296 -28.30 -14.38 -8.64
C THR B 296 -27.90 -15.58 -7.79
N LYS B 297 -28.13 -16.78 -8.30
CA LYS B 297 -27.70 -17.98 -7.59
C LYS B 297 -26.19 -17.98 -7.40
N CYS B 298 -25.45 -17.59 -8.43
CA CYS B 298 -23.99 -17.62 -8.35
C CYS B 298 -23.45 -16.49 -7.51
N THR B 299 -24.14 -15.35 -7.49
CA THR B 299 -23.72 -14.24 -6.64
C THR B 299 -23.81 -14.61 -5.18
N LEU B 300 -24.90 -15.24 -4.78
CA LEU B 300 -25.05 -15.69 -3.41
C LEU B 300 -24.42 -17.06 -3.20
N LYS B 301 -23.86 -17.66 -4.26
CA LYS B 301 -23.10 -18.91 -4.14
C LYS B 301 -23.96 -20.02 -3.56
N SER B 302 -25.22 -20.08 -3.97
CA SER B 302 -26.14 -21.12 -3.51
C SER B 302 -27.04 -21.55 -4.65
N PHE B 303 -27.55 -22.77 -4.54
CA PHE B 303 -28.55 -23.29 -5.47
C PHE B 303 -29.96 -22.89 -5.10
N THR B 304 -30.11 -21.84 -4.28
CA THR B 304 -31.41 -21.38 -3.84
C THR B 304 -31.31 -19.91 -3.49
N VAL B 305 -32.29 -19.13 -3.93
CA VAL B 305 -32.34 -17.70 -3.69
C VAL B 305 -33.67 -17.36 -3.04
N GLU B 306 -33.62 -16.50 -2.03
CA GLU B 306 -34.81 -16.05 -1.33
C GLU B 306 -35.38 -14.81 -2.01
N LYS B 307 -36.63 -14.50 -1.68
CA LYS B 307 -37.28 -13.33 -2.25
C LYS B 307 -36.49 -12.07 -1.93
N GLY B 308 -36.24 -11.26 -2.94
CA GLY B 308 -35.52 -10.02 -2.75
C GLY B 308 -34.99 -9.50 -4.08
N ILE B 309 -34.20 -8.43 -3.96
CA ILE B 309 -33.58 -7.78 -5.11
C ILE B 309 -32.08 -7.73 -4.83
N TYR B 310 -31.29 -8.14 -5.81
CA TYR B 310 -29.86 -8.34 -5.62
C TYR B 310 -29.08 -7.67 -6.73
N GLN B 311 -28.08 -6.88 -6.36
CA GLN B 311 -27.14 -6.34 -7.32
C GLN B 311 -26.30 -7.48 -7.86
N THR B 312 -26.48 -7.79 -9.14
CA THR B 312 -25.84 -8.94 -9.77
C THR B 312 -24.70 -8.57 -10.69
N SER B 313 -24.79 -7.44 -11.40
CA SER B 313 -23.75 -7.03 -12.34
C SER B 313 -23.88 -5.52 -12.56
N ASN B 314 -23.12 -5.00 -13.52
CA ASN B 314 -23.17 -3.59 -13.87
C ASN B 314 -23.40 -3.44 -15.37
N PHE B 315 -24.37 -2.62 -15.74
CA PHE B 315 -24.70 -2.41 -17.12
C PHE B 315 -23.99 -1.19 -17.67
N ARG B 316 -23.48 -1.37 -18.88
CA ARG B 316 -22.82 -0.31 -19.65
C ARG B 316 -23.06 -0.62 -21.12
N VAL B 317 -23.40 0.41 -21.87
CA VAL B 317 -23.74 0.28 -23.27
C VAL B 317 -22.45 0.03 -24.06
N GLN B 318 -21.52 0.98 -24.02
CA GLN B 318 -20.24 1.09 -24.68
C GLN B 318 -20.38 2.21 -25.69
N PRO B 319 -19.31 2.95 -25.99
CA PRO B 319 -19.32 3.84 -27.15
C PRO B 319 -19.53 3.02 -28.40
N THR B 320 -20.16 3.63 -29.38
CA THR B 320 -20.41 2.94 -30.62
C THR B 320 -19.25 3.10 -31.58
N GLU B 321 -18.60 4.26 -31.52
CA GLU B 321 -17.53 4.58 -32.44
C GLU B 321 -16.58 5.58 -31.79
N SER B 322 -15.44 5.77 -32.43
CA SER B 322 -14.40 6.68 -31.98
C SER B 322 -14.38 7.91 -32.88
N ILE B 323 -14.39 9.10 -32.27
CA ILE B 323 -14.42 10.36 -32.99
C ILE B 323 -13.10 11.08 -32.75
N VAL B 324 -12.44 11.47 -33.84
CA VAL B 324 -11.19 12.20 -33.78
C VAL B 324 -11.38 13.53 -34.50
N ARG B 325 -11.02 14.63 -33.82
CA ARG B 325 -11.21 15.97 -34.34
C ARG B 325 -9.94 16.78 -34.08
N PHE B 326 -9.26 17.19 -35.15
CA PHE B 326 -8.01 17.90 -35.04
C PHE B 326 -8.07 19.23 -35.76
N PRO B 327 -7.23 20.20 -35.38
CA PRO B 327 -7.15 21.47 -36.11
C PRO B 327 -6.40 21.33 -37.42
N ASN B 328 -7.10 21.03 -38.51
CA ASN B 328 -6.51 20.48 -39.72
C ASN B 328 -5.12 21.04 -39.99
N ILE B 329 -4.95 22.36 -40.03
CA ILE B 329 -3.61 22.94 -40.15
C ILE B 329 -3.63 24.36 -39.61
N THR B 330 -2.74 24.63 -38.65
CA THR B 330 -2.24 25.99 -38.47
C THR B 330 -1.20 26.33 -39.53
N ASN B 331 -0.35 25.36 -39.88
CA ASN B 331 0.67 25.54 -40.91
C ASN B 331 0.99 24.20 -41.53
N LEU B 332 1.19 24.20 -42.85
CA LEU B 332 1.68 23.03 -43.55
C LEU B 332 3.20 23.06 -43.62
N CYS B 333 3.81 21.88 -43.68
CA CYS B 333 5.26 21.80 -43.73
C CYS B 333 5.74 22.08 -45.15
N PRO B 334 6.71 22.99 -45.33
CA PRO B 334 7.19 23.33 -46.69
C PRO B 334 8.15 22.29 -47.25
N PHE B 335 7.66 21.07 -47.39
CA PHE B 335 8.47 19.99 -47.97
C PHE B 335 8.57 20.09 -49.48
N GLY B 336 7.75 20.92 -50.12
CA GLY B 336 7.81 21.02 -51.57
C GLY B 336 9.15 21.55 -52.05
N GLU B 337 9.63 22.62 -51.41
CA GLU B 337 10.91 23.20 -51.81
C GLU B 337 12.09 22.32 -51.44
N VAL B 338 11.88 21.25 -50.68
CA VAL B 338 12.94 20.29 -50.38
C VAL B 338 12.99 19.19 -51.43
N PHE B 339 11.85 18.55 -51.69
CA PHE B 339 11.75 17.44 -52.61
C PHE B 339 11.50 17.88 -54.05
N ASN B 340 11.35 19.19 -54.29
CA ASN B 340 10.94 19.69 -55.60
C ASN B 340 11.78 20.90 -56.01
N ALA B 341 12.99 21.01 -55.48
CA ALA B 341 13.86 22.13 -55.82
C ALA B 341 14.36 21.99 -57.26
N THR B 342 14.58 23.15 -57.90
CA THR B 342 15.05 23.14 -59.28
C THR B 342 16.48 22.60 -59.37
N ARG B 343 17.36 23.07 -58.49
CA ARG B 343 18.77 22.67 -58.48
C ARG B 343 19.16 22.32 -57.05
N PHE B 344 19.25 21.02 -56.78
CA PHE B 344 19.72 20.57 -55.48
C PHE B 344 21.19 20.94 -55.30
N ALA B 345 21.57 21.21 -54.05
CA ALA B 345 22.93 21.63 -53.78
C ALA B 345 23.90 20.47 -53.96
N SER B 346 25.18 20.82 -54.12
CA SER B 346 26.22 19.81 -54.26
C SER B 346 26.35 19.01 -52.98
N VAL B 347 26.78 17.75 -53.12
CA VAL B 347 26.85 16.85 -51.98
C VAL B 347 27.86 17.38 -50.95
N TYR B 348 28.96 17.96 -51.41
CA TYR B 348 29.92 18.54 -50.47
C TYR B 348 29.35 19.75 -49.75
N ALA B 349 28.32 20.39 -50.32
CA ALA B 349 27.63 21.52 -49.71
C ALA B 349 26.13 21.24 -49.63
N TRP B 350 25.79 20.06 -49.12
CA TRP B 350 24.41 19.64 -49.04
C TRP B 350 23.57 20.66 -48.26
N ASN B 351 22.39 20.96 -48.79
CA ASN B 351 21.53 21.97 -48.19
C ASN B 351 20.74 21.38 -47.02
N ARG B 352 20.68 22.12 -45.92
CA ARG B 352 19.90 21.72 -44.75
C ARG B 352 18.78 22.74 -44.52
N LYS B 353 17.56 22.23 -44.39
CA LYS B 353 16.40 23.05 -44.11
C LYS B 353 15.74 22.58 -42.82
N ARG B 354 15.37 23.53 -41.96
CA ARG B 354 14.73 23.22 -40.69
C ARG B 354 13.22 23.30 -40.87
N ILE B 355 12.54 22.15 -40.74
CA ILE B 355 11.09 22.08 -40.76
C ILE B 355 10.61 22.08 -39.31
N SER B 356 9.73 23.04 -38.99
CA SER B 356 9.24 23.19 -37.64
C SER B 356 7.90 23.91 -37.70
N ASN B 357 7.07 23.66 -36.69
CA ASN B 357 5.79 24.36 -36.53
C ASN B 357 4.90 24.14 -37.75
N CYS B 358 4.57 22.87 -37.98
CA CYS B 358 3.76 22.47 -39.12
C CYS B 358 3.42 21.00 -38.95
N VAL B 359 2.50 20.51 -39.79
CA VAL B 359 2.19 19.08 -39.85
C VAL B 359 2.24 18.65 -41.31
N ALA B 360 2.85 17.50 -41.55
CA ALA B 360 3.06 16.98 -42.90
C ALA B 360 2.39 15.63 -43.04
N ASP B 361 1.59 15.47 -44.09
CA ASP B 361 0.99 14.18 -44.41
C ASP B 361 2.02 13.34 -45.14
N TYR B 362 2.61 12.38 -44.42
CA TYR B 362 3.66 11.55 -45.00
C TYR B 362 3.09 10.45 -45.89
N SER B 363 1.78 10.27 -45.91
CA SER B 363 1.18 9.31 -46.84
C SER B 363 1.51 9.69 -48.28
N VAL B 364 1.52 10.98 -48.59
CA VAL B 364 1.88 11.41 -49.94
C VAL B 364 3.32 11.01 -50.25
N LEU B 365 4.17 10.89 -49.23
CA LEU B 365 5.58 10.64 -49.46
C LEU B 365 5.85 9.16 -49.73
N TYR B 366 5.41 8.27 -48.84
CA TYR B 366 5.73 6.86 -48.97
C TYR B 366 4.74 6.10 -49.85
N ASN B 367 3.64 6.73 -50.25
CA ASN B 367 2.75 6.16 -51.25
C ASN B 367 3.13 6.56 -52.67
N SER B 368 4.13 7.42 -52.83
CA SER B 368 4.61 7.82 -54.14
C SER B 368 5.68 6.85 -54.63
N ALA B 369 5.53 6.38 -55.86
CA ALA B 369 6.44 5.41 -56.45
C ALA B 369 7.57 6.07 -57.23
N SER B 370 7.80 7.36 -57.02
CA SER B 370 8.83 8.09 -57.75
C SER B 370 10.22 7.96 -57.11
N PHE B 371 10.34 7.26 -55.99
CA PHE B 371 11.60 7.12 -55.28
C PHE B 371 12.12 5.69 -55.42
N SER B 372 13.37 5.56 -55.82
CA SER B 372 14.00 4.25 -55.93
C SER B 372 14.33 3.68 -54.55
N THR B 373 14.83 4.53 -53.66
CA THR B 373 15.23 4.12 -52.32
C THR B 373 14.42 4.89 -51.29
N PHE B 374 13.87 4.18 -50.31
CA PHE B 374 13.17 4.81 -49.18
C PHE B 374 13.42 3.93 -47.96
N LYS B 375 14.45 4.28 -47.20
CA LYS B 375 14.89 3.48 -46.05
C LYS B 375 14.80 4.31 -44.78
N CYS B 376 13.97 3.88 -43.85
CA CYS B 376 13.82 4.56 -42.58
C CYS B 376 14.50 3.76 -41.46
N TYR B 377 15.29 4.47 -40.66
CA TYR B 377 16.03 3.88 -39.55
C TYR B 377 15.43 4.40 -38.25
N GLY B 378 15.04 3.47 -37.37
CA GLY B 378 14.47 3.83 -36.09
C GLY B 378 13.02 4.24 -36.13
N VAL B 379 12.38 4.21 -37.30
CA VAL B 379 10.98 4.61 -37.40
C VAL B 379 10.39 3.93 -38.63
N SER B 380 9.10 3.62 -38.57
CA SER B 380 8.43 3.01 -39.71
C SER B 380 7.85 4.10 -40.62
N PRO B 381 7.96 3.96 -41.94
CA PRO B 381 7.41 5.00 -42.82
C PRO B 381 5.92 5.24 -42.60
N THR B 382 5.17 4.21 -42.27
CA THR B 382 3.73 4.33 -42.11
C THR B 382 3.33 4.82 -40.73
N LYS B 383 4.28 5.00 -39.81
CA LYS B 383 3.99 5.48 -38.47
C LYS B 383 4.09 7.00 -38.35
N LEU B 384 4.62 7.69 -39.36
CA LEU B 384 4.93 9.10 -39.21
C LEU B 384 3.67 9.95 -39.02
N ASN B 385 2.53 9.50 -39.53
CA ASN B 385 1.30 10.25 -39.34
C ASN B 385 0.79 10.16 -37.91
N ASP B 386 1.27 9.19 -37.13
CA ASP B 386 0.87 9.04 -35.74
C ASP B 386 1.88 9.66 -34.77
N LEU B 387 2.94 10.27 -35.28
CA LEU B 387 4.04 10.75 -34.45
C LEU B 387 4.15 12.27 -34.53
N CYS B 388 4.54 12.86 -33.40
CA CYS B 388 4.86 14.27 -33.31
C CYS B 388 6.34 14.44 -33.00
N PHE B 389 6.98 15.40 -33.66
CA PHE B 389 8.42 15.61 -33.54
C PHE B 389 8.71 17.05 -33.14
N THR B 390 9.74 17.22 -32.32
CA THR B 390 10.14 18.56 -31.89
C THR B 390 10.65 19.38 -33.06
N ASN B 391 11.42 18.76 -33.97
CA ASN B 391 11.93 19.47 -35.13
C ASN B 391 12.39 18.44 -36.15
N VAL B 392 12.23 18.75 -37.44
CA VAL B 392 12.68 17.90 -38.52
C VAL B 392 13.74 18.65 -39.31
N TYR B 393 14.76 17.96 -39.75
CA TYR B 393 15.81 18.54 -40.57
C TYR B 393 15.91 17.77 -41.89
N ALA B 394 15.74 18.48 -43.00
CA ALA B 394 15.82 17.87 -44.31
C ALA B 394 17.15 18.26 -44.94
N ASP B 395 17.97 17.26 -45.24
CA ASP B 395 19.28 17.47 -45.86
C ASP B 395 19.21 16.92 -47.29
N SER B 396 19.34 17.81 -48.26
CA SER B 396 19.15 17.50 -49.67
C SER B 396 20.45 17.67 -50.41
N PHE B 397 20.73 16.76 -51.34
CA PHE B 397 21.92 16.84 -52.18
C PHE B 397 21.76 15.87 -53.34
N VAL B 398 22.77 15.83 -54.21
CA VAL B 398 22.80 14.97 -55.39
C VAL B 398 24.09 14.18 -55.37
N ILE B 399 23.99 12.87 -55.61
CA ILE B 399 25.15 12.00 -55.74
C ILE B 399 24.91 11.09 -56.95
N ARG B 400 25.81 10.13 -57.13
CA ARG B 400 25.59 9.10 -58.14
C ARG B 400 24.92 7.88 -57.52
N GLY B 401 24.44 6.98 -58.39
CA GLY B 401 23.68 5.84 -57.91
C GLY B 401 24.49 4.93 -57.01
N ASP B 402 25.73 4.62 -57.40
CA ASP B 402 26.57 3.72 -56.61
C ASP B 402 26.86 4.27 -55.23
N GLU B 403 26.73 5.59 -55.03
CA GLU B 403 26.96 6.21 -53.73
C GLU B 403 25.69 6.27 -52.88
N VAL B 404 24.53 5.89 -53.43
CA VAL B 404 23.31 5.95 -52.65
C VAL B 404 23.40 5.05 -51.44
N ARG B 405 24.01 3.88 -51.60
CA ARG B 405 24.17 2.96 -50.47
C ARG B 405 25.05 3.56 -49.37
N GLN B 406 25.86 4.57 -49.68
CA GLN B 406 26.70 5.18 -48.65
C GLN B 406 25.93 6.11 -47.74
N ILE B 407 24.71 6.47 -48.09
CA ILE B 407 23.87 7.34 -47.23
C ILE B 407 23.10 6.40 -46.30
N ALA B 408 23.76 6.02 -45.21
CA ALA B 408 23.16 5.14 -44.21
C ALA B 408 24.05 5.06 -42.99
N PRO B 409 23.48 4.87 -41.79
CA PRO B 409 24.31 4.79 -40.59
C PRO B 409 25.28 3.63 -40.66
N GLY B 410 26.47 3.85 -40.12
CA GLY B 410 27.49 2.81 -40.08
C GLY B 410 28.12 2.50 -41.43
N GLN B 411 28.13 3.46 -42.34
CA GLN B 411 28.72 3.28 -43.65
C GLN B 411 30.02 4.08 -43.76
N THR B 412 30.93 3.59 -44.60
CA THR B 412 32.22 4.22 -44.81
C THR B 412 32.45 4.39 -46.31
N GLY B 413 33.21 5.42 -46.65
CA GLY B 413 33.51 5.69 -48.04
C GLY B 413 33.80 7.17 -48.23
N ASN B 414 33.97 7.55 -49.50
CA ASN B 414 34.23 8.94 -49.82
C ASN B 414 33.08 9.84 -49.37
N ILE B 415 31.84 9.42 -49.67
CA ILE B 415 30.69 10.23 -49.29
C ILE B 415 30.47 10.21 -47.78
N ALA B 416 30.58 9.04 -47.16
CA ALA B 416 30.30 8.90 -45.74
C ALA B 416 31.39 9.48 -44.86
N ASP B 417 32.56 9.79 -45.41
CA ASP B 417 33.68 10.29 -44.62
C ASP B 417 34.11 11.70 -44.97
N TYR B 418 33.88 12.16 -46.21
CA TYR B 418 34.32 13.47 -46.64
C TYR B 418 33.18 14.42 -47.01
N ASN B 419 31.98 13.90 -47.26
CA ASN B 419 30.88 14.72 -47.75
C ASN B 419 29.70 14.80 -46.78
N TYR B 420 29.19 13.65 -46.33
CA TYR B 420 27.99 13.63 -45.51
C TYR B 420 27.97 12.37 -44.67
N LYS B 421 27.95 12.52 -43.35
CA LYS B 421 28.02 11.40 -42.42
C LYS B 421 26.73 11.34 -41.60
N LEU B 422 26.09 10.16 -41.61
CA LEU B 422 24.91 9.92 -40.77
C LEU B 422 25.33 9.24 -39.47
N PRO B 423 24.88 9.70 -38.31
CA PRO B 423 25.31 9.08 -37.06
C PRO B 423 24.77 7.65 -36.93
N ASP B 424 25.43 6.88 -36.06
CA ASP B 424 25.04 5.49 -35.88
C ASP B 424 23.63 5.38 -35.33
N ASP B 425 23.26 6.27 -34.41
CA ASP B 425 21.93 6.29 -33.83
C ASP B 425 20.95 7.14 -34.63
N PHE B 426 21.20 7.29 -35.93
CA PHE B 426 20.37 8.14 -36.77
C PHE B 426 18.94 7.61 -36.82
N THR B 427 18.02 8.38 -36.25
CA THR B 427 16.59 8.12 -36.37
C THR B 427 16.04 9.07 -37.43
N GLY B 428 15.49 8.50 -38.50
CA GLY B 428 15.04 9.30 -39.61
C GLY B 428 14.78 8.43 -40.83
N CYS B 429 14.81 9.06 -42.00
CA CYS B 429 14.58 8.38 -43.26
C CYS B 429 15.50 8.93 -44.33
N VAL B 430 15.78 8.09 -45.33
CA VAL B 430 16.59 8.45 -46.49
C VAL B 430 15.78 8.12 -47.73
N ILE B 431 15.50 9.13 -48.54
CA ILE B 431 14.72 8.98 -49.77
C ILE B 431 15.60 9.41 -50.93
N ALA B 432 15.87 8.49 -51.84
CA ALA B 432 16.70 8.76 -53.00
C ALA B 432 15.93 8.37 -54.26
N TRP B 433 16.01 9.23 -55.27
CA TRP B 433 15.33 8.97 -56.54
C TRP B 433 16.22 9.39 -57.70
N ASN B 434 16.02 8.73 -58.84
CA ASN B 434 16.81 8.99 -60.01
C ASN B 434 16.45 10.35 -60.60
N SER B 435 17.47 11.15 -60.90
CA SER B 435 17.29 12.48 -61.46
C SER B 435 18.09 12.63 -62.76
N ASN B 436 18.13 11.56 -63.55
CA ASN B 436 18.86 11.60 -64.82
C ASN B 436 18.23 12.62 -65.77
N ASN B 437 16.90 12.69 -65.80
CA ASN B 437 16.20 13.59 -66.69
C ASN B 437 16.41 15.06 -66.34
N LEU B 438 16.94 15.36 -65.15
CA LEU B 438 17.08 16.73 -64.69
C LEU B 438 18.51 17.16 -64.44
N ASP B 439 19.40 16.25 -64.04
CA ASP B 439 20.76 16.59 -63.66
C ASP B 439 21.78 16.12 -64.69
N SER B 440 21.34 15.69 -65.87
CA SER B 440 22.23 15.22 -66.93
C SER B 440 22.17 16.16 -68.12
N LYS B 441 23.34 16.46 -68.69
CA LYS B 441 23.45 17.31 -69.86
C LYS B 441 24.23 16.58 -70.95
N VAL B 442 23.92 16.91 -72.20
CA VAL B 442 24.60 16.25 -73.32
C VAL B 442 26.09 16.54 -73.28
N GLY B 443 26.46 17.79 -73.03
CA GLY B 443 27.86 18.17 -72.92
C GLY B 443 28.49 17.90 -71.58
N GLY B 444 27.75 17.34 -70.63
CA GLY B 444 28.28 17.06 -69.32
C GLY B 444 27.86 18.08 -68.28
N ASN B 445 27.16 17.64 -67.23
CA ASN B 445 26.71 18.53 -66.17
C ASN B 445 27.79 18.59 -65.11
N TYR B 446 28.52 19.71 -65.07
CA TYR B 446 29.61 19.90 -64.13
C TYR B 446 29.22 20.77 -62.94
N ASN B 447 27.93 21.08 -62.79
CA ASN B 447 27.49 21.92 -61.68
C ASN B 447 27.63 21.19 -60.35
N TYR B 448 27.40 19.88 -60.33
CA TYR B 448 27.45 19.10 -59.10
C TYR B 448 28.87 18.66 -58.82
N LEU B 449 29.34 18.93 -57.61
CA LEU B 449 30.69 18.59 -57.18
C LEU B 449 30.64 17.83 -55.87
N TYR B 450 31.65 16.99 -55.65
CA TYR B 450 31.78 16.24 -54.41
C TYR B 450 33.22 16.35 -53.92
N ARG B 451 33.38 16.42 -52.60
CA ARG B 451 34.71 16.49 -52.01
C ARG B 451 35.36 15.12 -52.04
N LEU B 452 36.57 15.05 -52.60
CA LEU B 452 37.30 13.80 -52.72
C LEU B 452 38.43 13.66 -51.71
N PHE B 453 39.07 14.77 -51.34
CA PHE B 453 40.20 14.74 -50.42
C PHE B 453 39.85 15.53 -49.16
N ARG B 454 40.22 14.97 -48.01
CA ARG B 454 40.03 15.65 -46.74
C ARG B 454 41.04 15.10 -45.74
N LYS B 455 41.47 15.98 -44.82
CA LYS B 455 42.47 15.59 -43.84
C LYS B 455 41.94 14.63 -42.78
N SER B 456 40.62 14.49 -42.66
CA SER B 456 40.03 13.61 -41.65
C SER B 456 38.63 13.23 -42.12
N ASN B 457 37.87 12.61 -41.23
CA ASN B 457 36.51 12.18 -41.51
C ASN B 457 35.51 13.13 -40.87
N LEU B 458 34.45 13.44 -41.61
CA LEU B 458 33.43 14.37 -41.11
C LEU B 458 32.66 13.76 -39.94
N LYS B 459 32.40 14.58 -38.94
CA LYS B 459 31.51 14.19 -37.86
C LYS B 459 30.08 14.13 -38.39
N PRO B 460 29.21 13.38 -37.72
CA PRO B 460 27.82 13.28 -38.21
C PRO B 460 27.17 14.64 -38.33
N PHE B 461 26.45 14.84 -39.44
CA PHE B 461 25.73 16.08 -39.71
C PHE B 461 26.66 17.30 -39.61
N GLU B 462 27.84 17.18 -40.21
CA GLU B 462 28.78 18.28 -40.33
C GLU B 462 29.01 18.59 -41.80
N ARG B 463 29.11 19.88 -42.11
CA ARG B 463 29.27 20.34 -43.49
C ARG B 463 30.65 20.98 -43.66
N ASP B 464 31.33 20.63 -44.73
CA ASP B 464 32.62 21.22 -45.09
C ASP B 464 32.49 21.85 -46.47
N ILE B 465 32.69 23.16 -46.54
CA ILE B 465 32.58 23.91 -47.78
C ILE B 465 33.87 24.60 -48.18
N SER B 466 34.95 24.38 -47.44
CA SER B 466 36.22 25.03 -47.78
C SER B 466 36.75 24.51 -49.11
N THR B 467 37.38 25.41 -49.86
CA THR B 467 37.96 25.09 -51.16
C THR B 467 39.49 25.09 -51.12
N GLU B 468 40.08 24.99 -49.93
CA GLU B 468 41.53 25.01 -49.81
C GLU B 468 42.14 23.81 -50.50
N ILE B 469 43.31 24.01 -51.11
CA ILE B 469 44.01 22.93 -51.79
C ILE B 469 44.49 21.93 -50.75
N TYR B 470 44.22 20.65 -50.99
CA TYR B 470 44.61 19.61 -50.05
C TYR B 470 46.12 19.40 -50.10
N GLN B 471 46.77 19.61 -48.97
CA GLN B 471 48.23 19.43 -48.85
C GLN B 471 48.49 18.02 -48.36
N ALA B 472 48.74 17.10 -49.29
CA ALA B 472 48.96 15.70 -48.94
C ALA B 472 50.36 15.42 -48.44
N GLY B 473 51.31 16.33 -48.64
CA GLY B 473 52.68 16.15 -48.21
C GLY B 473 53.14 17.28 -47.30
N SER B 474 54.40 17.16 -46.88
CA SER B 474 55.00 18.18 -46.02
C SER B 474 55.28 19.48 -46.79
N THR B 475 55.30 19.44 -48.10
CA THR B 475 55.56 20.64 -48.89
C THR B 475 54.28 21.47 -49.00
N PRO B 476 54.27 22.73 -48.56
CA PRO B 476 53.04 23.52 -48.67
C PRO B 476 52.66 23.78 -50.11
N CYS B 477 51.34 23.87 -50.34
CA CYS B 477 50.82 24.14 -51.67
C CYS B 477 50.59 25.63 -51.92
N ASN B 478 50.32 26.39 -50.87
CA ASN B 478 50.11 27.84 -51.00
C ASN B 478 48.97 28.15 -51.98
N GLY B 479 47.95 27.29 -51.97
CA GLY B 479 46.78 27.54 -52.80
C GLY B 479 46.98 27.32 -54.28
N VAL B 480 48.05 26.64 -54.69
CA VAL B 480 48.34 26.39 -56.09
C VAL B 480 48.32 24.89 -56.33
N LYS B 481 47.55 24.47 -57.32
CA LYS B 481 47.49 23.05 -57.68
C LYS B 481 48.82 22.59 -58.25
N GLY B 482 49.12 21.31 -58.05
CA GLY B 482 50.37 20.77 -58.55
C GLY B 482 50.67 19.43 -57.93
N PHE B 483 51.97 19.12 -57.85
CA PHE B 483 52.40 17.85 -57.27
C PHE B 483 52.03 17.81 -55.79
N ASN B 484 51.39 16.72 -55.38
CA ASN B 484 50.90 16.57 -54.00
C ASN B 484 50.01 17.74 -53.60
N CYS B 485 49.27 18.28 -54.56
CA CYS B 485 48.36 19.41 -54.33
C CYS B 485 47.17 19.23 -55.27
N TYR B 486 46.08 18.67 -54.74
CA TYR B 486 44.89 18.37 -55.53
C TYR B 486 43.72 19.21 -55.02
N PHE B 487 42.89 19.66 -55.96
CA PHE B 487 41.70 20.40 -55.60
C PHE B 487 40.67 19.44 -55.00
N PRO B 488 40.19 19.67 -53.77
CA PRO B 488 39.34 18.66 -53.12
C PRO B 488 38.06 18.34 -53.88
N LEU B 489 37.47 19.32 -54.56
CA LEU B 489 36.18 19.12 -55.22
C LEU B 489 36.40 18.52 -56.60
N GLN B 490 35.57 17.53 -56.93
CA GLN B 490 35.61 16.86 -58.23
C GLN B 490 34.20 16.81 -58.79
N SER B 491 34.08 17.05 -60.09
CA SER B 491 32.79 17.13 -60.75
C SER B 491 32.33 15.74 -61.19
N TYR B 492 31.03 15.48 -60.98
CA TYR B 492 30.46 14.22 -61.45
C TYR B 492 30.47 14.14 -62.97
N GLY B 493 30.15 15.23 -63.66
CA GLY B 493 30.07 15.22 -65.10
C GLY B 493 28.96 14.31 -65.60
N PHE B 494 27.79 14.41 -64.99
CA PHE B 494 26.67 13.56 -65.37
C PHE B 494 26.32 13.76 -66.83
N GLN B 495 26.07 12.65 -67.52
CA GLN B 495 25.60 12.65 -68.89
C GLN B 495 24.46 11.66 -69.04
N PRO B 496 23.51 11.93 -69.94
CA PRO B 496 22.40 10.98 -70.12
C PRO B 496 22.84 9.62 -70.65
N THR B 497 24.01 9.54 -71.29
CA THR B 497 24.50 8.29 -71.84
C THR B 497 25.20 7.41 -70.80
N TYR B 498 25.41 7.92 -69.59
CA TYR B 498 26.04 7.12 -68.54
C TYR B 498 25.12 5.97 -68.12
N GLY B 499 25.72 4.96 -67.51
CA GLY B 499 24.97 3.83 -67.01
C GLY B 499 24.17 4.18 -65.78
N VAL B 500 23.31 3.24 -65.38
CA VAL B 500 22.40 3.49 -64.26
C VAL B 500 23.20 3.75 -62.98
N GLY B 501 24.30 3.03 -62.78
CA GLY B 501 25.10 3.21 -61.59
C GLY B 501 25.76 4.57 -61.50
N TYR B 502 25.88 5.28 -62.62
CA TYR B 502 26.47 6.62 -62.63
C TYR B 502 25.45 7.71 -62.89
N GLN B 503 24.20 7.37 -63.19
CA GLN B 503 23.19 8.39 -63.37
C GLN B 503 22.95 9.15 -62.06
N PRO B 504 22.64 10.44 -62.14
CA PRO B 504 22.44 11.21 -60.91
C PRO B 504 21.25 10.71 -60.11
N TYR B 505 21.39 10.78 -58.79
CA TYR B 505 20.32 10.47 -57.84
C TYR B 505 20.25 11.59 -56.81
N ARG B 506 19.04 12.11 -56.61
CA ARG B 506 18.79 13.11 -55.59
C ARG B 506 18.45 12.40 -54.29
N VAL B 507 19.08 12.84 -53.20
CA VAL B 507 18.94 12.23 -51.88
C VAL B 507 18.45 13.29 -50.91
N VAL B 508 17.40 12.95 -50.17
CA VAL B 508 16.87 13.77 -49.08
C VAL B 508 16.88 12.92 -47.82
N VAL B 509 17.48 13.45 -46.76
CA VAL B 509 17.61 12.77 -45.47
C VAL B 509 16.77 13.56 -44.48
N LEU B 510 15.68 12.95 -44.00
CA LEU B 510 14.83 13.55 -43.00
C LEU B 510 15.26 13.04 -41.62
N SER B 511 15.74 13.96 -40.78
CA SER B 511 16.11 13.65 -39.41
C SER B 511 15.00 14.14 -38.49
N PHE B 512 14.37 13.23 -37.78
CA PHE B 512 13.29 13.55 -36.86
C PHE B 512 13.85 13.61 -35.44
N GLU B 513 13.62 14.75 -34.77
CA GLU B 513 14.06 14.91 -33.39
C GLU B 513 12.88 14.60 -32.48
N LEU B 514 12.86 13.40 -31.91
CA LEU B 514 11.84 12.99 -30.95
C LEU B 514 12.41 13.21 -29.55
N LEU B 515 12.50 14.49 -29.17
CA LEU B 515 13.02 14.90 -27.88
C LEU B 515 11.88 15.07 -26.88
N HIS B 516 12.23 15.48 -25.66
CA HIS B 516 11.24 15.84 -24.66
C HIS B 516 10.75 17.28 -24.81
N ALA B 517 11.33 18.04 -25.74
CA ALA B 517 10.87 19.38 -26.02
C ALA B 517 9.50 19.34 -26.68
N PRO B 518 8.73 20.43 -26.61
CA PRO B 518 7.41 20.42 -27.21
C PRO B 518 7.48 20.10 -28.70
N ALA B 519 6.51 19.31 -29.16
CA ALA B 519 6.42 18.99 -30.57
C ALA B 519 6.07 20.23 -31.38
N THR B 520 6.67 20.33 -32.56
CA THR B 520 6.34 21.36 -33.52
C THR B 520 6.10 20.81 -34.92
N VAL B 521 6.57 19.60 -35.21
CA VAL B 521 6.23 18.89 -36.43
C VAL B 521 5.42 17.66 -36.03
N CYS B 522 4.19 17.56 -36.55
CA CYS B 522 3.30 16.46 -36.23
C CYS B 522 2.76 15.84 -37.51
N GLY B 523 2.12 14.67 -37.35
CA GLY B 523 1.43 14.04 -38.44
C GLY B 523 -0.03 14.46 -38.47
N PRO B 524 -0.71 14.18 -39.59
CA PRO B 524 -2.06 14.70 -39.78
C PRO B 524 -3.14 13.84 -39.14
N LYS B 525 -2.77 12.97 -38.17
CA LYS B 525 -3.60 11.82 -37.85
C LYS B 525 -5.07 12.18 -37.95
N LYS B 526 -5.78 11.42 -38.78
CA LYS B 526 -6.93 11.96 -39.46
C LYS B 526 -8.12 12.14 -38.53
N SER B 527 -8.76 13.30 -38.67
CA SER B 527 -9.92 13.66 -37.88
C SER B 527 -11.17 13.15 -38.57
N THR B 528 -11.94 12.33 -37.87
CA THR B 528 -13.13 11.73 -38.45
C THR B 528 -14.26 12.75 -38.41
N ASN B 529 -15.46 12.32 -38.78
CA ASN B 529 -16.60 13.22 -38.72
C ASN B 529 -17.05 13.40 -37.28
N LEU B 530 -17.85 14.44 -37.05
CA LEU B 530 -18.36 14.76 -35.73
C LEU B 530 -19.73 14.10 -35.57
N VAL B 531 -19.86 13.25 -34.56
CA VAL B 531 -21.10 12.53 -34.29
C VAL B 531 -21.67 13.05 -32.99
N LYS B 532 -22.92 13.48 -33.02
CA LYS B 532 -23.59 14.08 -31.88
C LYS B 532 -24.75 13.21 -31.42
N ASN B 533 -25.17 13.45 -30.18
CA ASN B 533 -26.35 12.81 -29.63
C ASN B 533 -26.22 11.30 -29.62
N LYS B 534 -24.99 10.80 -29.52
CA LYS B 534 -24.75 9.37 -29.43
C LYS B 534 -23.48 9.13 -28.62
N CYS B 535 -23.40 7.96 -28.00
CA CYS B 535 -22.24 7.59 -27.20
C CYS B 535 -21.05 7.31 -28.12
N VAL B 536 -20.03 8.16 -28.04
CA VAL B 536 -18.84 8.02 -28.87
C VAL B 536 -17.60 8.06 -27.97
N ASN B 537 -16.51 7.49 -28.48
CA ASN B 537 -15.22 7.56 -27.81
C ASN B 537 -14.43 8.67 -28.51
N PHE B 538 -14.64 9.89 -28.04
CA PHE B 538 -14.18 11.09 -28.71
C PHE B 538 -12.72 11.39 -28.38
N ASN B 539 -12.09 12.18 -29.26
CA ASN B 539 -10.70 12.60 -29.08
C ASN B 539 -10.58 14.00 -29.67
N PHE B 540 -10.38 14.99 -28.81
CA PHE B 540 -10.26 16.39 -29.24
C PHE B 540 -8.86 16.87 -28.89
N ASN B 541 -8.04 17.09 -29.91
CA ASN B 541 -6.69 17.63 -29.74
C ASN B 541 -5.89 16.80 -28.75
N GLY B 542 -6.08 15.47 -28.80
CA GLY B 542 -5.44 14.59 -27.85
C GLY B 542 -6.19 14.40 -26.56
N LEU B 543 -7.26 15.16 -26.34
CA LEU B 543 -8.07 15.00 -25.13
C LEU B 543 -9.05 13.86 -25.37
N THR B 544 -8.64 12.66 -24.97
CA THR B 544 -9.48 11.49 -25.16
C THR B 544 -10.58 11.44 -24.11
N GLY B 545 -11.61 10.67 -24.42
CA GLY B 545 -12.73 10.50 -23.51
C GLY B 545 -13.83 9.73 -24.19
N THR B 546 -14.89 9.48 -23.41
CA THR B 546 -16.05 8.75 -23.87
C THR B 546 -17.30 9.46 -23.37
N GLY B 547 -18.22 9.74 -24.28
CA GLY B 547 -19.45 10.38 -23.87
C GLY B 547 -20.31 10.74 -25.05
N VAL B 548 -21.36 11.50 -24.75
CA VAL B 548 -22.32 12.01 -25.72
C VAL B 548 -21.99 13.48 -25.96
N LEU B 549 -21.78 13.84 -27.22
CA LEU B 549 -21.46 15.20 -27.63
C LEU B 549 -22.73 15.86 -28.16
N THR B 550 -23.13 16.96 -27.54
CA THR B 550 -24.32 17.69 -27.97
C THR B 550 -23.97 19.16 -28.18
N GLU B 551 -24.76 19.83 -29.02
CA GLU B 551 -24.56 21.25 -29.20
C GLU B 551 -24.92 21.99 -27.92
N SER B 552 -24.05 22.92 -27.52
CA SER B 552 -24.16 23.59 -26.24
C SER B 552 -24.43 25.08 -26.44
N ASN B 553 -25.10 25.67 -25.45
CA ASN B 553 -25.37 27.10 -25.43
C ASN B 553 -24.39 27.86 -24.55
N LYS B 554 -23.35 27.19 -24.05
CA LYS B 554 -22.36 27.87 -23.22
C LYS B 554 -21.68 28.98 -24.00
N LYS B 555 -21.83 30.22 -23.51
CA LYS B 555 -21.29 31.39 -24.19
C LYS B 555 -19.78 31.43 -23.97
N PHE B 556 -19.08 30.57 -24.71
CA PHE B 556 -17.63 30.54 -24.64
C PHE B 556 -17.05 31.86 -25.14
N LEU B 557 -16.05 32.36 -24.42
CA LEU B 557 -15.29 33.49 -24.91
C LEU B 557 -14.33 33.02 -26.00
N PRO B 558 -13.99 33.90 -26.96
CA PRO B 558 -13.22 33.43 -28.13
C PRO B 558 -11.89 32.80 -27.78
N PHE B 559 -11.28 33.19 -26.66
CA PHE B 559 -9.97 32.67 -26.28
C PHE B 559 -10.07 31.36 -25.51
N GLN B 560 -11.28 30.91 -25.17
CA GLN B 560 -11.48 29.75 -24.32
C GLN B 560 -11.79 28.53 -25.17
N GLN B 561 -11.10 27.42 -24.87
CA GLN B 561 -11.21 26.20 -25.65
C GLN B 561 -11.83 25.04 -24.89
N PHE B 562 -11.68 24.99 -23.56
CA PHE B 562 -12.21 23.90 -22.76
C PHE B 562 -13.04 24.44 -21.62
N GLY B 563 -14.02 23.65 -21.21
CA GLY B 563 -14.80 23.95 -20.02
C GLY B 563 -14.79 22.77 -19.06
N ARG B 564 -14.12 22.95 -17.92
CA ARG B 564 -14.05 21.92 -16.91
C ARG B 564 -15.14 22.17 -15.86
N ASP B 565 -15.14 21.35 -14.81
CA ASP B 565 -16.18 21.41 -13.81
C ASP B 565 -15.51 21.18 -12.45
N ILE B 566 -16.33 20.88 -11.43
CA ILE B 566 -15.79 20.67 -10.09
C ILE B 566 -14.73 19.59 -10.12
N ALA B 567 -15.01 18.49 -10.84
CA ALA B 567 -14.14 17.33 -10.89
C ALA B 567 -13.03 17.46 -11.93
N ASP B 568 -12.73 18.68 -12.39
CA ASP B 568 -11.70 18.90 -13.39
C ASP B 568 -11.94 18.05 -14.63
N THR B 569 -13.18 17.63 -14.84
CA THR B 569 -13.55 16.89 -16.04
C THR B 569 -14.02 17.88 -17.08
N THR B 570 -13.47 17.77 -18.29
CA THR B 570 -13.81 18.71 -19.36
C THR B 570 -15.29 18.55 -19.69
N ASP B 571 -16.10 19.51 -19.24
CA ASP B 571 -17.53 19.45 -19.48
C ASP B 571 -17.90 19.96 -20.86
N ALA B 572 -17.10 20.85 -21.43
CA ALA B 572 -17.37 21.39 -22.75
C ALA B 572 -16.07 21.50 -23.54
N VAL B 573 -16.20 21.42 -24.86
CA VAL B 573 -15.07 21.50 -25.77
C VAL B 573 -15.43 22.40 -26.94
N ARG B 574 -14.40 22.88 -27.62
CA ARG B 574 -14.56 23.64 -28.85
C ARG B 574 -14.01 22.80 -30.00
N ASP B 575 -14.84 22.55 -30.99
CA ASP B 575 -14.41 21.72 -32.11
C ASP B 575 -13.30 22.44 -32.87
N PRO B 576 -12.10 21.85 -32.99
CA PRO B 576 -10.97 22.58 -33.56
C PRO B 576 -11.20 23.04 -34.99
N GLN B 577 -12.04 22.36 -35.75
CA GLN B 577 -12.20 22.66 -37.17
C GLN B 577 -13.33 23.66 -37.40
N THR B 578 -14.55 23.29 -37.02
CA THR B 578 -15.68 24.21 -36.99
C THR B 578 -15.85 24.64 -35.54
N LEU B 579 -15.48 25.89 -35.25
CA LEU B 579 -15.33 26.32 -33.87
C LEU B 579 -16.68 26.44 -33.18
N GLU B 580 -17.34 25.31 -32.97
CA GLU B 580 -18.59 25.25 -32.22
C GLU B 580 -18.34 24.57 -30.88
N ILE B 581 -19.13 24.95 -29.89
CA ILE B 581 -19.00 24.43 -28.54
C ILE B 581 -19.89 23.21 -28.39
N LEU B 582 -19.34 22.17 -27.78
CA LEU B 582 -20.03 20.92 -27.54
C LEU B 582 -20.03 20.60 -26.05
N ASP B 583 -21.18 20.19 -25.55
CA ASP B 583 -21.32 19.66 -24.20
C ASP B 583 -21.04 18.15 -24.22
N ILE B 584 -20.33 17.70 -23.19
CA ILE B 584 -19.93 16.31 -23.02
C ILE B 584 -20.73 15.74 -21.85
N THR B 585 -21.54 14.71 -22.12
CA THR B 585 -22.31 14.09 -21.07
C THR B 585 -22.12 12.58 -21.03
N PRO B 586 -21.87 12.00 -19.86
CA PRO B 586 -21.51 10.57 -19.81
C PRO B 586 -22.57 9.71 -20.49
N CYS B 587 -22.14 8.67 -21.21
CA CYS B 587 -23.10 7.91 -21.98
C CYS B 587 -24.16 7.27 -21.10
N SER B 588 -23.79 6.25 -20.32
CA SER B 588 -24.78 5.49 -19.59
C SER B 588 -24.06 4.43 -18.79
N PHE B 589 -24.53 4.22 -17.57
CA PHE B 589 -24.11 3.05 -16.81
C PHE B 589 -24.95 2.98 -15.54
N GLY B 590 -24.96 1.79 -14.95
CA GLY B 590 -25.64 1.61 -13.66
C GLY B 590 -25.75 0.18 -13.19
N GLY B 591 -26.11 -0.04 -11.93
CA GLY B 591 -26.19 -1.41 -11.44
C GLY B 591 -27.31 -2.18 -12.10
N VAL B 592 -27.14 -3.48 -12.18
CA VAL B 592 -28.14 -4.40 -12.70
C VAL B 592 -28.61 -5.25 -11.53
N SER B 593 -29.88 -5.11 -11.18
CA SER B 593 -30.46 -5.80 -10.05
C SER B 593 -31.48 -6.82 -10.58
N VAL B 594 -31.57 -7.96 -9.91
CA VAL B 594 -32.55 -8.98 -10.25
C VAL B 594 -33.59 -9.03 -9.15
N ILE B 595 -34.85 -8.82 -9.52
CA ILE B 595 -35.97 -8.92 -8.59
C ILE B 595 -36.58 -10.30 -8.80
N THR B 596 -36.49 -11.13 -7.77
CA THR B 596 -36.94 -12.51 -7.86
C THR B 596 -37.72 -12.89 -6.61
N PRO B 597 -38.80 -13.66 -6.76
CA PRO B 597 -39.30 -14.42 -5.63
C PRO B 597 -38.36 -15.57 -5.32
N GLY B 598 -38.58 -16.21 -4.19
CA GLY B 598 -37.74 -17.33 -3.81
C GLY B 598 -37.69 -18.41 -4.88
N THR B 599 -36.52 -18.99 -5.12
CA THR B 599 -36.40 -20.02 -6.14
C THR B 599 -37.32 -21.21 -5.86
N ASN B 600 -37.64 -21.44 -4.59
CA ASN B 600 -38.64 -22.45 -4.25
C ASN B 600 -40.04 -22.00 -4.60
N THR B 601 -40.25 -20.70 -4.81
CA THR B 601 -41.54 -20.21 -5.28
C THR B 601 -41.64 -20.25 -6.80
N SER B 602 -40.65 -19.71 -7.51
CA SER B 602 -40.67 -19.69 -8.96
C SER B 602 -39.26 -19.47 -9.46
N ASN B 603 -39.06 -19.74 -10.75
CA ASN B 603 -37.82 -19.40 -11.45
C ASN B 603 -37.98 -18.19 -12.35
N GLN B 604 -39.09 -17.46 -12.23
CA GLN B 604 -39.31 -16.26 -13.03
C GLN B 604 -38.82 -15.03 -12.29
N VAL B 605 -38.12 -14.15 -13.00
CA VAL B 605 -37.51 -12.96 -12.41
C VAL B 605 -37.70 -11.77 -13.32
N ALA B 606 -37.50 -10.58 -12.76
CA ALA B 606 -37.42 -9.33 -13.49
C ALA B 606 -36.05 -8.68 -13.26
N VAL B 607 -35.68 -7.77 -14.16
CA VAL B 607 -34.35 -7.14 -14.15
C VAL B 607 -34.52 -5.63 -14.13
N LEU B 608 -33.81 -4.96 -13.22
CA LEU B 608 -33.79 -3.51 -13.13
C LEU B 608 -32.44 -2.99 -13.55
N TYR B 609 -32.43 -2.09 -14.52
CA TYR B 609 -31.23 -1.37 -14.93
C TYR B 609 -31.29 -0.02 -14.25
N GLN B 610 -30.46 0.15 -13.22
CA GLN B 610 -30.59 1.27 -12.30
C GLN B 610 -30.16 2.57 -12.95
N GLY B 611 -31.04 3.56 -12.93
CA GLY B 611 -30.66 4.90 -13.36
C GLY B 611 -30.42 5.01 -14.85
N VAL B 612 -31.01 4.14 -15.65
CA VAL B 612 -30.84 4.18 -17.09
C VAL B 612 -32.20 4.32 -17.75
N ASN B 613 -32.23 5.01 -18.88
CA ASN B 613 -33.46 5.15 -19.65
C ASN B 613 -33.81 3.83 -20.30
N CYS B 614 -35.10 3.65 -20.59
CA CYS B 614 -35.54 2.44 -21.27
C CYS B 614 -35.31 2.57 -22.77
N THR B 615 -34.12 2.99 -23.17
CA THR B 615 -33.78 3.08 -24.59
C THR B 615 -32.38 2.52 -24.85
N GLU B 616 -31.51 2.59 -23.84
CA GLU B 616 -30.15 2.10 -23.99
C GLU B 616 -30.03 0.61 -23.77
N VAL B 617 -31.10 -0.06 -23.34
CA VAL B 617 -31.05 -1.48 -23.08
C VAL B 617 -31.34 -2.26 -24.36
N ASN B 638 -43.47 -5.60 -21.62
CA ASN B 638 -43.05 -5.66 -20.23
C ASN B 638 -41.80 -4.81 -19.99
N VAL B 639 -41.88 -3.54 -20.36
CA VAL B 639 -40.82 -2.56 -20.12
C VAL B 639 -41.45 -1.34 -19.45
N PHE B 640 -41.01 -1.06 -18.23
CA PHE B 640 -41.60 -0.01 -17.41
C PHE B 640 -40.50 0.94 -16.95
N GLN B 641 -40.67 2.23 -17.26
CA GLN B 641 -39.65 3.23 -16.96
C GLN B 641 -39.96 3.85 -15.60
N THR B 642 -39.22 3.45 -14.58
CA THR B 642 -39.35 3.99 -13.24
C THR B 642 -38.20 4.95 -12.96
N ARG B 643 -38.40 5.80 -11.95
CA ARG B 643 -37.36 6.77 -11.60
C ARG B 643 -36.13 6.08 -11.03
N ALA B 644 -36.24 4.83 -10.61
CA ALA B 644 -35.08 4.07 -10.18
C ALA B 644 -34.33 3.43 -11.33
N GLY B 645 -34.89 3.47 -12.54
CA GLY B 645 -34.27 2.88 -13.70
C GLY B 645 -35.31 2.21 -14.57
N CYS B 646 -34.82 1.32 -15.45
CA CYS B 646 -35.67 0.62 -16.40
C CYS B 646 -35.95 -0.79 -15.88
N LEU B 647 -37.23 -1.13 -15.74
CA LEU B 647 -37.65 -2.44 -15.22
C LEU B 647 -38.17 -3.30 -16.36
N ILE B 648 -37.62 -4.50 -16.50
CA ILE B 648 -37.95 -5.40 -17.60
C ILE B 648 -38.37 -6.73 -17.02
N GLY B 649 -39.48 -7.27 -17.51
CA GLY B 649 -39.99 -8.53 -17.03
C GLY B 649 -41.00 -8.41 -15.90
N ALA B 650 -41.44 -7.20 -15.59
CA ALA B 650 -42.46 -6.98 -14.57
C ALA B 650 -43.63 -6.22 -15.17
N GLU B 651 -44.83 -6.60 -14.77
CA GLU B 651 -46.04 -5.96 -15.27
C GLU B 651 -46.43 -4.81 -14.35
N HIS B 652 -46.46 -3.60 -14.90
CA HIS B 652 -46.94 -2.46 -14.14
C HIS B 652 -48.42 -2.63 -13.85
N VAL B 653 -48.80 -2.37 -12.61
CA VAL B 653 -50.17 -2.57 -12.14
C VAL B 653 -50.64 -1.31 -11.45
N ASN B 654 -51.84 -0.86 -11.81
CA ASN B 654 -52.43 0.33 -11.20
C ASN B 654 -52.90 0.10 -9.77
N ASN B 655 -53.14 -1.14 -9.37
CA ASN B 655 -53.50 -1.42 -8.00
C ASN B 655 -52.29 -1.23 -7.09
N SER B 656 -52.56 -0.75 -5.88
CA SER B 656 -51.51 -0.48 -4.89
C SER B 656 -51.60 -1.52 -3.78
N TYR B 657 -50.47 -2.16 -3.49
CA TYR B 657 -50.37 -3.14 -2.42
C TYR B 657 -49.23 -2.74 -1.48
N GLU B 658 -49.10 -3.49 -0.39
CA GLU B 658 -47.98 -3.30 0.51
C GLU B 658 -46.68 -3.66 -0.20
N CYS B 659 -45.62 -2.93 0.11
CA CYS B 659 -44.34 -3.19 -0.52
C CYS B 659 -43.83 -4.56 -0.12
N ASP B 660 -43.44 -5.35 -1.12
CA ASP B 660 -42.88 -6.67 -0.89
C ASP B 660 -41.39 -6.69 -1.23
N ILE B 661 -41.04 -6.29 -2.45
CA ILE B 661 -39.65 -6.12 -2.84
C ILE B 661 -39.44 -4.65 -3.17
N PRO B 662 -38.67 -3.91 -2.38
CA PRO B 662 -38.49 -2.48 -2.66
C PRO B 662 -37.67 -2.28 -3.93
N ILE B 663 -38.29 -1.67 -4.94
CA ILE B 663 -37.56 -1.28 -6.14
C ILE B 663 -36.99 0.13 -5.99
N GLY B 664 -37.79 1.06 -5.49
CA GLY B 664 -37.33 2.42 -5.30
C GLY B 664 -38.28 3.45 -5.86
N ALA B 665 -38.17 4.68 -5.38
CA ALA B 665 -39.01 5.79 -5.82
C ALA B 665 -40.49 5.45 -5.65
N GLY B 666 -40.82 4.74 -4.57
CA GLY B 666 -42.19 4.37 -4.30
C GLY B 666 -42.68 3.17 -5.08
N ILE B 667 -41.83 2.55 -5.88
CA ILE B 667 -42.20 1.43 -6.72
C ILE B 667 -41.70 0.15 -6.05
N CYS B 668 -42.58 -0.85 -6.00
CA CYS B 668 -42.26 -2.15 -5.43
C CYS B 668 -42.77 -3.23 -6.36
N ALA B 669 -42.27 -4.45 -6.16
CA ALA B 669 -42.62 -5.58 -7.01
C ALA B 669 -43.01 -6.78 -6.16
N SER B 670 -44.02 -7.51 -6.63
CA SER B 670 -44.48 -8.71 -5.96
C SER B 670 -44.84 -9.78 -6.98
N TYR B 671 -44.67 -11.04 -6.60
CA TYR B 671 -45.07 -12.17 -7.44
C TYR B 671 -46.48 -12.57 -7.04
N GLN B 672 -47.44 -12.31 -7.94
CA GLN B 672 -48.84 -12.54 -7.62
C GLN B 672 -49.59 -12.95 -8.87
N THR B 673 -50.81 -13.45 -8.66
CA THR B 673 -51.68 -13.85 -9.76
C THR B 673 -51.98 -12.68 -10.69
N SER B 686 -50.27 -19.03 -13.74
CA SER B 686 -50.72 -17.76 -14.29
C SER B 686 -50.11 -16.59 -13.53
N GLN B 687 -49.44 -16.88 -12.41
CA GLN B 687 -48.82 -15.85 -11.61
C GLN B 687 -47.65 -15.22 -12.36
N SER B 688 -47.37 -13.97 -12.02
CA SER B 688 -46.29 -13.22 -12.65
C SER B 688 -45.79 -12.16 -11.68
N ILE B 689 -44.70 -11.51 -12.07
CA ILE B 689 -44.10 -10.45 -11.27
C ILE B 689 -44.72 -9.13 -11.69
N ILE B 690 -45.36 -8.45 -10.75
CA ILE B 690 -46.03 -7.19 -10.99
C ILE B 690 -45.28 -6.08 -10.27
N ALA B 691 -45.37 -4.88 -10.84
CA ALA B 691 -44.77 -3.69 -10.27
C ALA B 691 -45.88 -2.68 -10.00
N TYR B 692 -45.81 -2.02 -8.85
CA TYR B 692 -46.86 -1.11 -8.43
C TYR B 692 -46.30 -0.05 -7.51
N THR B 693 -47.02 1.06 -7.41
CA THR B 693 -46.73 2.06 -6.40
C THR B 693 -47.26 1.54 -5.07
N MET B 694 -46.37 1.35 -4.11
CA MET B 694 -46.76 0.79 -2.83
C MET B 694 -47.71 1.73 -2.11
N SER B 695 -48.58 1.14 -1.31
CA SER B 695 -49.50 1.88 -0.47
C SER B 695 -48.80 2.17 0.86
N LEU B 696 -48.90 3.40 1.35
CA LEU B 696 -48.42 3.73 2.69
C LEU B 696 -49.54 3.39 3.64
N GLY B 697 -49.38 2.29 4.37
CA GLY B 697 -50.41 1.85 5.30
C GLY B 697 -51.78 1.85 4.66
N VAL B 698 -52.83 1.77 5.47
CA VAL B 698 -54.18 2.14 5.04
C VAL B 698 -54.42 3.57 5.48
N GLU B 699 -54.96 4.37 4.57
CA GLU B 699 -55.40 5.70 4.95
C GLU B 699 -56.53 5.60 5.95
N ASN B 700 -56.61 6.59 6.84
CA ASN B 700 -57.62 6.56 7.88
C ASN B 700 -57.88 7.98 8.35
N SER B 701 -59.10 8.46 8.17
CA SER B 701 -59.50 9.77 8.66
C SER B 701 -60.14 9.60 10.03
N VAL B 702 -59.45 10.08 11.07
CA VAL B 702 -60.00 9.98 12.42
C VAL B 702 -61.27 10.81 12.52
N ALA B 703 -62.28 10.26 13.16
CA ALA B 703 -63.54 10.97 13.34
C ALA B 703 -63.35 12.08 14.37
N TYR B 704 -62.60 13.12 14.00
CA TYR B 704 -62.30 14.17 14.94
C TYR B 704 -63.42 15.20 15.00
N SER B 705 -63.73 15.65 16.21
CA SER B 705 -64.64 16.76 16.44
C SER B 705 -64.28 17.39 17.77
N ASN B 706 -64.97 18.47 18.11
CA ASN B 706 -64.68 19.19 19.34
C ASN B 706 -65.51 18.72 20.53
N ASN B 707 -66.36 17.69 20.36
CA ASN B 707 -67.07 17.13 21.51
C ASN B 707 -67.20 15.62 21.44
N SER B 708 -66.35 14.94 20.69
CA SER B 708 -66.43 13.50 20.53
C SER B 708 -65.14 12.86 21.07
N ILE B 709 -65.30 11.79 21.84
CA ILE B 709 -64.17 11.06 22.42
C ILE B 709 -64.39 9.57 22.18
N ALA B 710 -63.32 8.87 21.80
CA ALA B 710 -63.35 7.43 21.61
C ALA B 710 -62.69 6.77 22.81
N ILE B 711 -63.41 5.88 23.48
CA ILE B 711 -62.90 5.28 24.71
C ILE B 711 -62.93 3.75 24.59
N PRO B 712 -61.85 3.05 24.91
CA PRO B 712 -61.88 1.59 24.82
C PRO B 712 -62.78 0.98 25.88
N THR B 713 -63.57 -0.01 25.46
CA THR B 713 -64.38 -0.81 26.37
C THR B 713 -63.79 -2.18 26.64
N ASN B 714 -62.70 -2.55 25.94
CA ASN B 714 -62.06 -3.84 26.11
C ASN B 714 -60.57 -3.63 25.94
N PHE B 715 -59.81 -4.72 25.89
CA PHE B 715 -58.37 -4.63 25.73
C PHE B 715 -57.83 -6.00 25.36
N THR B 716 -56.55 -6.02 24.99
CA THR B 716 -55.83 -7.25 24.74
C THR B 716 -54.44 -7.15 25.34
N ILE B 717 -53.87 -8.31 25.63
CA ILE B 717 -52.53 -8.43 26.17
C ILE B 717 -51.64 -8.96 25.05
N SER B 718 -50.70 -8.14 24.62
CA SER B 718 -49.82 -8.51 23.52
C SER B 718 -48.44 -8.84 24.06
N VAL B 719 -47.89 -9.97 23.62
CA VAL B 719 -46.51 -10.34 23.92
C VAL B 719 -45.75 -10.30 22.61
N THR B 720 -44.80 -9.37 22.52
CA THR B 720 -44.02 -9.19 21.31
C THR B 720 -42.56 -9.52 21.60
N THR B 721 -41.83 -9.91 20.55
CA THR B 721 -40.44 -10.32 20.68
C THR B 721 -39.55 -9.23 20.12
N GLU B 722 -38.53 -8.86 20.90
CA GLU B 722 -37.47 -7.98 20.44
C GLU B 722 -36.15 -8.72 20.61
N ILE B 723 -35.29 -8.64 19.60
CA ILE B 723 -34.06 -9.42 19.57
C ILE B 723 -32.90 -8.45 19.43
N LEU B 724 -31.94 -8.53 20.34
CA LEU B 724 -30.79 -7.65 20.30
C LEU B 724 -29.51 -8.46 20.36
N PRO B 725 -28.59 -8.27 19.41
CA PRO B 725 -27.27 -8.87 19.56
C PRO B 725 -26.61 -8.33 20.82
N VAL B 726 -25.86 -9.20 21.51
CA VAL B 726 -25.18 -8.83 22.73
C VAL B 726 -23.66 -8.92 22.57
N SER B 727 -23.17 -9.89 21.81
CA SER B 727 -21.75 -10.08 21.64
C SER B 727 -21.48 -10.72 20.31
N MET B 728 -20.21 -10.67 19.91
CA MET B 728 -19.74 -11.36 18.72
C MET B 728 -18.64 -12.33 19.13
N THR B 729 -18.23 -13.17 18.18
CA THR B 729 -17.23 -14.18 18.46
C THR B 729 -15.89 -13.53 18.75
N LYS B 730 -15.26 -13.95 19.85
CA LYS B 730 -13.98 -13.43 20.26
C LYS B 730 -12.91 -14.10 19.40
N THR B 731 -12.34 -13.34 18.48
CA THR B 731 -11.38 -13.87 17.53
C THR B 731 -10.00 -13.27 17.78
N SER B 732 -8.98 -14.13 17.79
CA SER B 732 -7.60 -13.69 17.88
C SER B 732 -6.84 -14.18 16.65
N VAL B 733 -5.84 -13.41 16.25
CA VAL B 733 -5.05 -13.71 15.06
C VAL B 733 -3.58 -13.60 15.41
N ASP B 734 -2.84 -14.68 15.20
CA ASP B 734 -1.38 -14.63 15.27
C ASP B 734 -0.87 -13.95 14.03
N CYS B 735 -0.53 -12.67 14.15
CA CYS B 735 -0.12 -11.91 12.99
C CYS B 735 1.11 -12.53 12.33
N THR B 736 2.08 -12.95 13.15
CA THR B 736 3.29 -13.52 12.58
C THR B 736 3.03 -14.85 11.90
N MET B 737 2.20 -15.71 12.49
CA MET B 737 1.86 -16.93 11.77
C MET B 737 1.03 -16.61 10.54
N TYR B 738 0.11 -15.67 10.65
CA TYR B 738 -0.77 -15.37 9.52
C TYR B 738 0.04 -14.92 8.32
N ILE B 739 1.00 -14.04 8.54
CA ILE B 739 1.77 -13.48 7.42
C ILE B 739 2.89 -14.42 7.04
N CYS B 740 3.59 -14.94 8.04
CA CYS B 740 4.81 -15.71 7.84
C CYS B 740 4.71 -17.07 8.53
N GLY B 741 3.60 -17.77 8.33
CA GLY B 741 3.36 -18.99 9.08
C GLY B 741 4.53 -19.95 9.01
N ASP B 742 5.27 -20.05 10.12
CA ASP B 742 6.37 -21.00 10.27
C ASP B 742 7.58 -20.67 9.40
N SER B 743 7.69 -19.43 8.92
CA SER B 743 8.82 -19.00 8.10
C SER B 743 9.69 -18.04 8.89
N THR B 744 10.95 -18.41 9.09
CA THR B 744 11.87 -17.55 9.82
C THR B 744 12.31 -16.35 8.98
N GLU B 745 12.61 -16.57 7.70
CA GLU B 745 13.05 -15.47 6.84
C GLU B 745 11.95 -14.44 6.68
N CYS B 746 10.72 -14.91 6.51
CA CYS B 746 9.59 -14.00 6.40
C CYS B 746 9.38 -13.24 7.69
N SER B 747 9.56 -13.91 8.84
CA SER B 747 9.46 -13.20 10.12
C SER B 747 10.54 -12.14 10.25
N ASN B 748 11.76 -12.47 9.82
CA ASN B 748 12.85 -11.50 9.88
C ASN B 748 12.54 -10.30 9.00
N LEU B 749 12.02 -10.54 7.80
CA LEU B 749 11.61 -9.43 6.95
C LEU B 749 10.47 -8.64 7.59
N LEU B 750 9.55 -9.34 8.24
CA LEU B 750 8.41 -8.71 8.88
C LEU B 750 8.81 -7.82 10.04
N LEU B 751 9.94 -8.12 10.67
CA LEU B 751 10.41 -7.28 11.76
C LEU B 751 10.62 -5.84 11.32
N GLN B 752 10.85 -5.62 10.03
CA GLN B 752 11.14 -4.28 9.53
C GLN B 752 9.98 -3.32 9.74
N TYR B 753 8.78 -3.82 10.01
CA TYR B 753 7.61 -2.98 10.18
C TYR B 753 7.37 -2.60 11.64
N GLY B 754 8.28 -2.94 12.53
CA GLY B 754 8.18 -2.53 13.92
C GLY B 754 7.10 -3.26 14.67
N SER B 755 6.14 -2.52 15.22
CA SER B 755 5.14 -3.05 16.13
C SER B 755 3.76 -3.12 15.50
N PHE B 756 3.70 -3.34 14.18
CA PHE B 756 2.40 -3.43 13.53
C PHE B 756 1.60 -4.60 14.05
N CYS B 757 2.22 -5.76 14.22
CA CYS B 757 1.48 -6.94 14.65
C CYS B 757 1.01 -6.82 16.10
N THR B 758 1.82 -6.21 16.97
CA THR B 758 1.48 -6.19 18.39
C THR B 758 0.28 -5.32 18.67
N GLN B 759 0.11 -4.22 17.93
CA GLN B 759 -1.05 -3.37 18.14
C GLN B 759 -2.30 -3.95 17.49
N LEU B 760 -2.17 -4.70 16.40
CA LEU B 760 -3.30 -5.46 15.91
C LEU B 760 -3.76 -6.46 16.95
N ASN B 761 -2.82 -7.18 17.55
CA ASN B 761 -3.17 -8.14 18.59
C ASN B 761 -3.81 -7.43 19.77
N ARG B 762 -3.28 -6.26 20.13
CA ARG B 762 -3.88 -5.48 21.21
C ARG B 762 -5.31 -5.10 20.88
N ALA B 763 -5.55 -4.69 19.63
CA ALA B 763 -6.90 -4.30 19.25
C ALA B 763 -7.86 -5.48 19.37
N LEU B 764 -7.44 -6.64 18.88
CA LEU B 764 -8.35 -7.79 18.96
C LEU B 764 -8.59 -8.17 20.42
N THR B 765 -7.55 -8.10 21.25
CA THR B 765 -7.73 -8.43 22.65
C THR B 765 -8.70 -7.48 23.31
N GLY B 766 -8.59 -6.19 23.00
CA GLY B 766 -9.56 -5.23 23.50
C GLY B 766 -10.96 -5.58 23.05
N ILE B 767 -11.11 -5.97 21.80
CA ILE B 767 -12.44 -6.34 21.30
C ILE B 767 -13.00 -7.49 22.10
N ALA B 768 -12.18 -8.52 22.33
CA ALA B 768 -12.68 -9.71 23.01
C ALA B 768 -13.06 -9.40 24.46
N VAL B 769 -12.20 -8.65 25.15
CA VAL B 769 -12.53 -8.25 26.52
C VAL B 769 -13.81 -7.43 26.51
N GLU B 770 -14.00 -6.61 25.48
CA GLU B 770 -15.20 -5.80 25.40
C GLU B 770 -16.43 -6.66 25.19
N GLN B 771 -16.31 -7.74 24.40
CA GLN B 771 -17.42 -8.66 24.26
C GLN B 771 -17.77 -9.28 25.61
N ASP B 772 -16.75 -9.71 26.35
CA ASP B 772 -16.99 -10.26 27.67
C ASP B 772 -17.70 -9.25 28.55
N LYS B 773 -17.23 -8.00 28.51
CA LYS B 773 -17.83 -6.95 29.32
C LYS B 773 -19.27 -6.72 28.92
N ASN B 774 -19.55 -6.75 27.63
CA ASN B 774 -20.91 -6.55 27.16
C ASN B 774 -21.82 -7.64 27.70
N THR B 775 -21.39 -8.89 27.61
CA THR B 775 -22.22 -9.98 28.13
C THR B 775 -22.44 -9.79 29.63
N GLN B 776 -21.36 -9.46 30.35
CA GLN B 776 -21.48 -9.23 31.79
C GLN B 776 -22.50 -8.16 32.08
N GLU B 777 -22.39 -7.02 31.41
CA GLU B 777 -23.26 -5.89 31.70
C GLU B 777 -24.70 -6.21 31.34
N VAL B 778 -24.92 -6.95 30.26
CA VAL B 778 -26.29 -7.25 29.85
C VAL B 778 -26.94 -8.20 30.83
N PHE B 779 -26.22 -9.23 31.25
CA PHE B 779 -26.84 -10.32 32.00
C PHE B 779 -26.56 -10.27 33.49
N ALA B 780 -25.43 -9.73 33.92
CA ALA B 780 -25.10 -9.74 35.35
C ALA B 780 -25.71 -8.54 36.07
N GLN B 781 -26.99 -8.29 35.83
CA GLN B 781 -27.68 -7.17 36.44
C GLN B 781 -28.37 -7.53 37.74
N VAL B 782 -28.28 -8.79 38.18
CA VAL B 782 -28.97 -9.25 39.37
C VAL B 782 -27.92 -9.72 40.37
N LYS B 783 -28.07 -9.27 41.62
CA LYS B 783 -27.06 -9.56 42.63
C LYS B 783 -27.08 -11.03 43.05
N GLN B 784 -28.26 -11.57 43.31
CA GLN B 784 -28.41 -12.95 43.77
C GLN B 784 -29.03 -13.80 42.68
N ILE B 785 -29.00 -15.11 42.89
CA ILE B 785 -29.58 -16.09 41.97
C ILE B 785 -30.92 -16.51 42.56
N TYR B 786 -32.01 -16.00 41.98
CA TYR B 786 -33.34 -16.33 42.46
C TYR B 786 -33.89 -17.55 41.72
N LYS B 787 -34.49 -18.46 42.48
CA LYS B 787 -35.12 -19.66 41.93
C LYS B 787 -36.59 -19.68 42.33
N THR B 788 -37.44 -20.00 41.38
CA THR B 788 -38.87 -19.87 41.61
C THR B 788 -39.36 -21.03 42.47
N PRO B 789 -40.44 -20.81 43.24
CA PRO B 789 -40.94 -21.88 44.11
C PRO B 789 -41.50 -23.03 43.29
N PRO B 790 -41.49 -24.24 43.84
CA PRO B 790 -42.05 -25.38 43.09
C PRO B 790 -43.52 -25.22 42.74
N ILE B 791 -44.30 -24.58 43.61
CA ILE B 791 -45.74 -24.41 43.38
C ILE B 791 -45.94 -23.18 42.51
N LYS B 792 -46.53 -23.37 41.34
CA LYS B 792 -46.70 -22.30 40.36
C LYS B 792 -48.10 -21.69 40.47
N ASP B 793 -48.39 -21.14 41.65
CA ASP B 793 -49.67 -20.48 41.89
C ASP B 793 -49.51 -19.01 41.56
N PHE B 794 -49.61 -18.72 40.26
CA PHE B 794 -49.38 -17.38 39.73
C PHE B 794 -50.66 -16.71 39.25
N GLY B 795 -51.81 -17.07 39.82
CA GLY B 795 -53.04 -16.42 39.45
C GLY B 795 -53.54 -16.81 38.09
N GLY B 796 -53.09 -17.95 37.55
CA GLY B 796 -53.44 -18.39 36.23
C GLY B 796 -52.39 -18.12 35.18
N PHE B 797 -51.46 -17.21 35.45
CA PHE B 797 -50.40 -16.94 34.49
C PHE B 797 -49.43 -18.11 34.46
N ASN B 798 -48.98 -18.45 33.25
CA ASN B 798 -48.25 -19.69 33.01
C ASN B 798 -46.92 -19.35 32.34
N PHE B 799 -45.82 -19.60 33.04
CA PHE B 799 -44.48 -19.31 32.55
C PHE B 799 -43.69 -20.58 32.28
N SER B 800 -44.39 -21.70 32.07
CA SER B 800 -43.71 -22.99 31.96
C SER B 800 -42.71 -23.00 30.81
N GLN B 801 -43.03 -22.33 29.71
CA GLN B 801 -42.22 -22.40 28.51
C GLN B 801 -41.07 -21.39 28.51
N ILE B 802 -41.07 -20.45 29.44
CA ILE B 802 -39.96 -19.52 29.61
C ILE B 802 -39.14 -19.81 30.84
N LEU B 803 -39.65 -20.55 31.74
CA LEU B 803 -38.88 -20.95 32.91
C LEU B 803 -37.96 -22.09 32.55
N PRO B 804 -36.85 -22.26 33.28
CA PRO B 804 -35.92 -23.34 32.95
C PRO B 804 -36.60 -24.69 33.07
N ASP B 805 -36.24 -25.60 32.16
CA ASP B 805 -36.79 -26.94 32.16
C ASP B 805 -35.85 -27.87 32.92
N PRO B 806 -36.24 -28.42 34.08
CA PRO B 806 -35.32 -29.27 34.82
C PRO B 806 -34.84 -30.48 34.03
N SER B 807 -35.67 -31.03 33.14
CA SER B 807 -35.27 -32.21 32.38
C SER B 807 -34.06 -31.92 31.50
N LYS B 808 -34.04 -30.76 30.87
CA LYS B 808 -32.88 -30.38 30.06
C LYS B 808 -31.64 -30.33 30.96
N PRO B 809 -30.50 -30.84 30.50
CA PRO B 809 -29.29 -30.77 31.34
C PRO B 809 -28.91 -29.35 31.71
N SER B 810 -29.14 -28.38 30.83
CA SER B 810 -28.92 -26.98 31.12
C SER B 810 -30.21 -26.37 31.65
N LYS B 811 -30.04 -25.31 32.45
CA LYS B 811 -31.17 -24.62 33.07
C LYS B 811 -31.83 -23.70 32.03
N ARG B 812 -32.28 -24.33 30.95
CA ARG B 812 -32.72 -23.63 29.75
C ARG B 812 -34.21 -23.84 29.56
N SER B 813 -34.92 -22.76 29.21
CA SER B 813 -36.35 -22.85 29.02
C SER B 813 -36.66 -23.33 27.61
N PHE B 814 -37.94 -23.67 27.40
CA PHE B 814 -38.37 -24.19 26.10
C PHE B 814 -38.10 -23.18 25.00
N ILE B 815 -38.43 -21.91 25.24
CA ILE B 815 -38.25 -20.90 24.21
C ILE B 815 -36.77 -20.71 23.91
N GLU B 816 -35.91 -20.71 24.94
CA GLU B 816 -34.48 -20.59 24.69
C GLU B 816 -33.95 -21.77 23.92
N ASP B 817 -34.48 -22.98 24.16
CA ASP B 817 -34.09 -24.11 23.34
C ASP B 817 -34.46 -23.87 21.88
N LEU B 818 -35.66 -23.35 21.64
CA LEU B 818 -36.01 -23.01 20.27
C LEU B 818 -35.02 -22.00 19.70
N LEU B 819 -34.71 -20.97 20.48
CA LEU B 819 -33.84 -19.90 20.00
C LEU B 819 -32.46 -20.46 19.63
N PHE B 820 -31.91 -21.30 20.49
CA PHE B 820 -30.58 -21.83 20.24
C PHE B 820 -30.60 -22.83 19.09
N ASN B 821 -31.71 -23.56 18.91
CA ASN B 821 -31.82 -24.44 17.76
C ASN B 821 -31.85 -23.65 16.46
N LYS B 822 -32.54 -22.52 16.45
CA LYS B 822 -32.72 -21.78 15.19
C LYS B 822 -31.41 -21.14 14.75
N VAL B 823 -30.80 -20.33 15.60
CA VAL B 823 -29.61 -19.59 15.20
C VAL B 823 -28.45 -20.57 15.06
N THR B 824 -27.83 -20.59 13.89
CA THR B 824 -26.75 -21.52 13.60
C THR B 824 -25.39 -20.84 13.70
N PHE B 852 -6.41 -22.27 11.66
CA PHE B 852 -5.22 -23.04 11.34
C PHE B 852 -4.20 -22.21 10.58
N ASN B 853 -4.47 -20.92 10.46
CA ASN B 853 -3.54 -19.97 9.86
C ASN B 853 -3.27 -18.81 10.81
N GLY B 854 -3.12 -19.13 12.10
CA GLY B 854 -3.03 -18.12 13.12
C GLY B 854 -4.36 -17.64 13.63
N LEU B 855 -5.47 -18.17 13.12
CA LEU B 855 -6.81 -17.71 13.47
C LEU B 855 -7.38 -18.63 14.53
N THR B 856 -7.68 -18.07 15.70
CA THR B 856 -8.21 -18.84 16.80
C THR B 856 -9.44 -18.14 17.36
N VAL B 857 -10.31 -18.94 17.97
CA VAL B 857 -11.55 -18.47 18.55
C VAL B 857 -11.47 -18.70 20.06
N LEU B 858 -11.54 -17.62 20.83
CA LEU B 858 -11.49 -17.75 22.27
C LEU B 858 -12.90 -17.96 22.83
N PRO B 859 -13.09 -18.92 23.73
CA PRO B 859 -14.43 -19.16 24.26
C PRO B 859 -14.90 -17.97 25.08
N PRO B 860 -16.21 -17.73 25.12
CA PRO B 860 -16.71 -16.66 25.98
C PRO B 860 -16.49 -16.96 27.45
N LEU B 861 -16.35 -15.90 28.23
CA LEU B 861 -16.09 -16.07 29.66
C LEU B 861 -17.23 -16.81 30.34
N LEU B 862 -18.47 -16.39 30.07
CA LEU B 862 -19.65 -17.00 30.66
C LEU B 862 -20.19 -18.05 29.70
N THR B 863 -20.44 -19.25 30.22
CA THR B 863 -20.98 -20.30 29.37
C THR B 863 -22.46 -20.06 29.13
N ASP B 864 -22.96 -20.65 28.04
CA ASP B 864 -24.37 -20.52 27.73
C ASP B 864 -25.22 -20.97 28.90
N GLU B 865 -24.75 -21.97 29.65
CA GLU B 865 -25.48 -22.40 30.83
C GLU B 865 -25.51 -21.28 31.86
N MET B 866 -24.42 -20.52 31.97
CA MET B 866 -24.39 -19.43 32.94
C MET B 866 -25.32 -18.30 32.53
N ILE B 867 -25.37 -17.98 31.24
CA ILE B 867 -26.31 -16.97 30.78
C ILE B 867 -27.73 -17.45 31.03
N ALA B 868 -27.98 -18.74 30.82
CA ALA B 868 -29.29 -19.28 31.13
C ALA B 868 -29.61 -19.13 32.60
N GLN B 869 -28.61 -19.38 33.46
CA GLN B 869 -28.84 -19.23 34.89
C GLN B 869 -29.19 -17.80 35.24
N TYR B 870 -28.48 -16.84 34.65
CA TYR B 870 -28.78 -15.44 34.91
C TYR B 870 -30.19 -15.10 34.46
N THR B 871 -30.55 -15.55 33.26
CA THR B 871 -31.89 -15.27 32.75
C THR B 871 -32.94 -15.87 33.66
N SER B 872 -32.71 -17.10 34.12
CA SER B 872 -33.65 -17.76 35.00
C SER B 872 -33.80 -16.97 36.29
N ALA B 873 -32.68 -16.50 36.83
CA ALA B 873 -32.76 -15.73 38.06
C ALA B 873 -33.55 -14.46 37.84
N LEU B 874 -33.30 -13.78 36.74
CA LEU B 874 -34.05 -12.56 36.45
C LEU B 874 -35.54 -12.85 36.37
N LEU B 875 -35.89 -13.90 35.63
CA LEU B 875 -37.30 -14.21 35.46
C LEU B 875 -37.95 -14.56 36.79
N ALA B 876 -37.26 -15.34 37.61
CA ALA B 876 -37.83 -15.73 38.88
C ALA B 876 -38.03 -14.51 39.78
N GLY B 877 -37.03 -13.65 39.85
CA GLY B 877 -37.17 -12.45 40.66
C GLY B 877 -38.32 -11.59 40.19
N THR B 878 -38.43 -11.41 38.88
CA THR B 878 -39.53 -10.61 38.35
C THR B 878 -40.87 -11.22 38.70
N ILE B 879 -41.01 -12.53 38.48
CA ILE B 879 -42.30 -13.19 38.72
C ILE B 879 -42.65 -13.14 40.20
N THR B 880 -41.66 -13.26 41.07
CA THR B 880 -41.91 -13.46 42.49
C THR B 880 -41.99 -12.17 43.28
N SER B 881 -41.36 -11.10 42.81
CA SER B 881 -41.24 -9.89 43.60
C SER B 881 -41.52 -8.62 42.83
N GLY B 882 -41.93 -8.70 41.58
CA GLY B 882 -42.17 -7.49 40.81
C GLY B 882 -40.87 -6.76 40.57
N TRP B 883 -40.88 -5.44 40.76
CA TRP B 883 -39.72 -4.61 40.48
C TRP B 883 -38.89 -4.33 41.73
N THR B 884 -39.22 -4.97 42.85
CA THR B 884 -38.51 -4.66 44.08
C THR B 884 -37.10 -5.21 44.11
N PHE B 885 -36.88 -6.37 43.48
CA PHE B 885 -35.56 -6.98 43.52
C PHE B 885 -34.53 -6.17 42.74
N GLY B 886 -34.96 -5.46 41.70
CA GLY B 886 -34.02 -4.63 40.97
C GLY B 886 -33.45 -3.51 41.81
N ALA B 887 -34.30 -2.89 42.64
CA ALA B 887 -33.83 -1.81 43.49
C ALA B 887 -32.99 -2.34 44.65
N GLY B 888 -33.55 -3.26 45.43
CA GLY B 888 -32.85 -3.84 46.55
C GLY B 888 -33.20 -5.29 46.77
N ALA B 889 -33.52 -5.64 48.01
CA ALA B 889 -33.91 -7.01 48.32
C ALA B 889 -35.23 -7.35 47.66
N ALA B 890 -35.35 -8.58 47.16
CA ALA B 890 -36.58 -9.01 46.53
C ALA B 890 -37.68 -9.13 47.56
N LEU B 891 -38.75 -8.36 47.38
CA LEU B 891 -39.92 -8.40 48.25
C LEU B 891 -41.00 -9.18 47.52
N GLN B 892 -41.35 -10.34 48.05
CA GLN B 892 -42.35 -11.16 47.38
C GLN B 892 -43.68 -10.44 47.33
N ILE B 893 -44.45 -10.71 46.28
CA ILE B 893 -45.81 -10.19 46.17
C ILE B 893 -46.62 -11.10 45.27
N PRO B 894 -47.90 -11.33 45.54
CA PRO B 894 -48.70 -12.16 44.63
C PRO B 894 -48.69 -11.57 43.23
N PHE B 895 -48.57 -12.46 42.25
CA PHE B 895 -48.37 -12.01 40.88
C PHE B 895 -49.59 -11.27 40.35
N ALA B 896 -50.79 -11.66 40.79
CA ALA B 896 -51.99 -10.93 40.38
C ALA B 896 -51.98 -9.52 40.96
N MET B 897 -51.53 -9.37 42.20
CA MET B 897 -51.39 -8.03 42.76
C MET B 897 -50.27 -7.26 42.07
N GLN B 898 -49.25 -7.95 41.54
CA GLN B 898 -48.24 -7.26 40.75
C GLN B 898 -48.82 -6.76 39.45
N MET B 899 -49.66 -7.57 38.81
CA MET B 899 -50.35 -7.11 37.62
C MET B 899 -51.29 -5.94 37.94
N ALA B 900 -51.89 -5.95 39.12
CA ALA B 900 -52.68 -4.79 39.54
C ALA B 900 -51.80 -3.56 39.67
N TYR B 901 -50.62 -3.70 40.27
CA TYR B 901 -49.70 -2.57 40.37
C TYR B 901 -49.33 -2.05 38.98
N ARG B 902 -49.07 -2.95 38.04
CA ARG B 902 -48.68 -2.52 36.70
C ARG B 902 -49.84 -1.88 35.96
N PHE B 903 -51.05 -2.37 36.16
CA PHE B 903 -52.24 -1.73 35.61
C PHE B 903 -52.36 -0.30 36.12
N ASN B 904 -52.11 -0.12 37.42
CA ASN B 904 -52.07 1.22 37.97
C ASN B 904 -50.96 2.04 37.32
N GLY B 905 -49.81 1.42 37.08
CA GLY B 905 -48.70 2.15 36.49
C GLY B 905 -49.01 2.65 35.10
N ILE B 906 -49.70 1.84 34.29
CA ILE B 906 -50.07 2.27 32.95
C ILE B 906 -51.28 3.18 32.95
N GLY B 907 -51.95 3.33 34.08
CA GLY B 907 -53.10 4.21 34.18
C GLY B 907 -54.44 3.50 34.22
N VAL B 908 -54.47 2.20 34.43
CA VAL B 908 -55.72 1.45 34.55
C VAL B 908 -55.97 1.11 36.01
N THR B 909 -57.19 1.35 36.47
CA THR B 909 -57.55 1.00 37.83
C THR B 909 -57.40 -0.50 38.04
N GLN B 910 -56.86 -0.87 39.19
CA GLN B 910 -56.50 -2.26 39.43
C GLN B 910 -57.70 -3.17 39.59
N ASN B 911 -58.87 -2.63 39.92
CA ASN B 911 -60.05 -3.47 39.97
C ASN B 911 -60.33 -4.09 38.61
N VAL B 912 -59.91 -3.42 37.54
CA VAL B 912 -60.04 -4.00 36.21
C VAL B 912 -59.23 -5.27 36.10
N LEU B 913 -58.00 -5.26 36.63
CA LEU B 913 -57.15 -6.44 36.55
C LEU B 913 -57.80 -7.61 37.28
N TYR B 914 -58.31 -7.36 38.49
CA TYR B 914 -58.91 -8.43 39.27
C TYR B 914 -60.19 -8.94 38.62
N GLU B 915 -61.00 -8.03 38.08
CA GLU B 915 -62.29 -8.40 37.51
C GLU B 915 -62.15 -9.10 36.17
N ASN B 916 -60.99 -9.03 35.54
CA ASN B 916 -60.72 -9.72 34.29
C ASN B 916 -59.45 -10.56 34.41
N GLN B 917 -59.17 -11.05 35.62
CA GLN B 917 -57.94 -11.79 35.86
C GLN B 917 -57.87 -13.04 34.99
N LYS B 918 -58.96 -13.80 34.91
CA LYS B 918 -58.96 -15.00 34.08
C LYS B 918 -58.75 -14.64 32.62
N LEU B 919 -59.46 -13.62 32.14
CA LEU B 919 -59.31 -13.22 30.75
C LEU B 919 -57.90 -12.76 30.46
N ILE B 920 -57.33 -11.95 31.36
CA ILE B 920 -55.98 -11.44 31.16
C ILE B 920 -54.98 -12.58 31.14
N ALA B 921 -55.11 -13.51 32.09
CA ALA B 921 -54.19 -14.64 32.14
C ALA B 921 -54.30 -15.51 30.88
N ASN B 922 -55.54 -15.75 30.43
CA ASN B 922 -55.72 -16.54 29.23
C ASN B 922 -55.12 -15.86 28.02
N GLN B 923 -55.30 -14.54 27.91
CA GLN B 923 -54.69 -13.81 26.81
C GLN B 923 -53.18 -13.92 26.86
N PHE B 924 -52.60 -13.78 28.04
CA PHE B 924 -51.14 -13.87 28.16
C PHE B 924 -50.66 -15.25 27.75
N ASN B 925 -51.34 -16.29 28.20
CA ASN B 925 -50.94 -17.64 27.81
C ASN B 925 -51.05 -17.82 26.32
N SER B 926 -52.13 -17.30 25.72
CA SER B 926 -52.30 -17.43 24.28
C SER B 926 -51.19 -16.71 23.53
N ALA B 927 -50.81 -15.52 24.01
CA ALA B 927 -49.73 -14.78 23.36
C ALA B 927 -48.41 -15.54 23.47
N ILE B 928 -48.15 -16.14 24.64
CA ILE B 928 -46.92 -16.89 24.79
C ILE B 928 -46.91 -18.09 23.86
N GLY B 929 -48.04 -18.80 23.77
CA GLY B 929 -48.11 -19.92 22.85
C GLY B 929 -47.91 -19.49 21.41
N LYS B 930 -48.46 -18.33 21.05
CA LYS B 930 -48.25 -17.83 19.69
C LYS B 930 -46.79 -17.49 19.46
N ILE B 931 -46.12 -16.96 20.48
CA ILE B 931 -44.68 -16.73 20.36
C ILE B 931 -43.96 -18.03 20.13
N GLN B 932 -44.32 -19.07 20.87
CA GLN B 932 -43.71 -20.38 20.68
C GLN B 932 -43.92 -20.86 19.26
N ASP B 933 -45.15 -20.70 18.75
CA ASP B 933 -45.45 -21.16 17.39
C ASP B 933 -44.63 -20.39 16.37
N SER B 934 -44.54 -19.07 16.54
CA SER B 934 -43.77 -18.26 15.59
C SER B 934 -42.31 -18.69 15.59
N LEU B 935 -41.75 -18.92 16.77
CA LEU B 935 -40.36 -19.37 16.82
C LEU B 935 -40.19 -20.74 16.18
N SER B 936 -41.12 -21.65 16.47
CA SER B 936 -41.01 -23.01 15.95
C SER B 936 -41.16 -23.04 14.43
N SER B 937 -41.94 -22.11 13.88
CA SER B 937 -42.26 -22.12 12.46
C SER B 937 -41.29 -21.26 11.65
N THR B 938 -41.23 -19.97 11.95
CA THR B 938 -40.46 -19.01 11.17
C THR B 938 -39.19 -18.66 11.94
N ALA B 939 -38.06 -18.68 11.24
CA ALA B 939 -36.76 -18.40 11.84
C ALA B 939 -36.17 -17.07 11.39
N SER B 940 -36.75 -16.41 10.39
CA SER B 940 -36.19 -15.15 9.92
C SER B 940 -36.18 -14.08 11.01
N ALA B 941 -37.00 -14.24 12.05
CA ALA B 941 -37.05 -13.24 13.11
C ALA B 941 -35.70 -13.09 13.78
N LEU B 942 -34.99 -14.20 13.99
CA LEU B 942 -33.67 -14.16 14.59
C LEU B 942 -32.59 -13.71 13.62
N GLY B 943 -32.95 -13.27 12.42
CA GLY B 943 -31.95 -12.88 11.45
C GLY B 943 -30.98 -11.85 12.02
N LYS B 944 -31.49 -10.94 12.85
CA LYS B 944 -30.61 -9.94 13.44
C LYS B 944 -29.39 -10.58 14.06
N LEU B 945 -29.59 -11.63 14.84
CA LEU B 945 -28.45 -12.36 15.39
C LEU B 945 -27.68 -13.06 14.28
N GLN B 946 -28.39 -13.83 13.45
CA GLN B 946 -27.71 -14.61 12.43
C GLN B 946 -26.91 -13.69 11.52
N ASP B 947 -27.50 -12.58 11.12
CA ASP B 947 -26.78 -11.59 10.33
C ASP B 947 -25.41 -11.34 10.93
N VAL B 948 -25.37 -10.98 12.21
CA VAL B 948 -24.09 -10.69 12.85
C VAL B 948 -23.13 -11.84 12.61
N VAL B 949 -23.56 -13.05 12.93
CA VAL B 949 -22.68 -14.20 12.77
C VAL B 949 -22.17 -14.25 11.33
N ASN B 950 -23.09 -14.14 10.37
CA ASN B 950 -22.69 -14.20 8.98
C ASN B 950 -21.58 -13.19 8.71
N GLN B 951 -21.80 -11.93 9.13
CA GLN B 951 -20.78 -10.92 8.89
C GLN B 951 -19.44 -11.42 9.39
N ASN B 952 -19.40 -11.85 10.66
CA ASN B 952 -18.14 -12.33 11.21
C ASN B 952 -17.56 -13.40 10.31
N ALA B 953 -18.35 -14.43 10.02
CA ALA B 953 -17.86 -15.50 9.17
C ALA B 953 -17.28 -14.92 7.89
N GLN B 954 -18.04 -14.06 7.22
CA GLN B 954 -17.59 -13.53 5.95
C GLN B 954 -16.21 -12.93 6.08
N ALA B 955 -16.02 -12.08 7.09
CA ALA B 955 -14.73 -11.42 7.25
C ALA B 955 -13.62 -12.45 7.30
N LEU B 956 -13.78 -13.45 8.17
CA LEU B 956 -12.73 -14.46 8.28
C LEU B 956 -12.51 -15.11 6.92
N ASN B 957 -13.58 -15.47 6.23
CA ASN B 957 -13.42 -16.03 4.90
C ASN B 957 -12.56 -15.12 4.07
N THR B 958 -12.93 -13.84 4.00
CA THR B 958 -12.15 -12.89 3.25
C THR B 958 -10.68 -12.97 3.66
N LEU B 959 -10.42 -12.88 4.97
CA LEU B 959 -9.05 -12.93 5.43
C LEU B 959 -8.36 -14.17 4.88
N VAL B 960 -8.98 -15.34 5.09
CA VAL B 960 -8.35 -16.56 4.64
C VAL B 960 -8.11 -16.50 3.14
N LYS B 961 -9.11 -16.03 2.39
CA LYS B 961 -8.96 -16.02 0.95
C LYS B 961 -7.83 -15.12 0.50
N GLN B 962 -7.54 -14.08 1.28
CA GLN B 962 -6.45 -13.20 0.87
C GLN B 962 -5.13 -13.94 0.83
N LEU B 963 -4.98 -14.99 1.64
CA LEU B 963 -3.74 -15.76 1.63
C LEU B 963 -3.52 -16.45 0.30
N SER B 964 -4.53 -16.53 -0.56
CA SER B 964 -4.40 -17.11 -1.88
C SER B 964 -4.01 -16.07 -2.94
N SER B 965 -3.82 -14.82 -2.54
CA SER B 965 -3.49 -13.77 -3.49
C SER B 965 -1.99 -13.62 -3.63
N ASN B 966 -1.53 -13.51 -4.87
CA ASN B 966 -0.09 -13.39 -5.11
C ASN B 966 0.41 -11.99 -4.84
N PHE B 967 -0.45 -10.98 -4.98
CA PHE B 967 -0.07 -9.60 -4.70
C PHE B 967 1.14 -9.18 -5.51
N GLY B 968 1.36 -9.82 -6.65
CA GLY B 968 2.50 -9.56 -7.47
C GLY B 968 3.61 -10.57 -7.34
N ALA B 969 3.60 -11.37 -6.27
CA ALA B 969 4.62 -12.40 -6.13
C ALA B 969 4.38 -13.51 -7.14
N ILE B 970 5.44 -14.28 -7.38
CA ILE B 970 5.32 -15.39 -8.33
C ILE B 970 4.29 -16.39 -7.83
N SER B 971 4.19 -16.57 -6.53
CA SER B 971 3.31 -17.56 -5.93
C SER B 971 2.72 -17.00 -4.65
N SER B 972 1.59 -17.57 -4.23
CA SER B 972 0.95 -17.21 -2.98
C SER B 972 1.37 -18.12 -1.82
N VAL B 973 2.26 -19.08 -2.05
CA VAL B 973 2.73 -20.00 -1.03
C VAL B 973 4.16 -19.67 -0.68
N LEU B 974 4.41 -19.38 0.60
CA LEU B 974 5.77 -19.07 1.03
C LEU B 974 6.69 -20.27 0.90
N ASN B 975 6.18 -21.47 1.16
CA ASN B 975 7.03 -22.64 1.02
C ASN B 975 7.47 -22.83 -0.41
N ASP B 976 6.60 -22.54 -1.38
CA ASP B 976 7.01 -22.64 -2.76
C ASP B 976 8.15 -21.68 -3.04
N ILE B 977 8.04 -20.43 -2.60
CA ILE B 977 9.09 -19.47 -2.90
C ILE B 977 10.39 -19.88 -2.21
N LEU B 978 10.32 -20.24 -0.92
CA LEU B 978 11.52 -20.59 -0.19
C LEU B 978 12.21 -21.82 -0.79
N SER B 979 11.43 -22.81 -1.20
CA SER B 979 11.99 -23.97 -1.87
C SER B 979 12.30 -23.72 -3.34
N ARG B 980 11.94 -22.55 -3.85
CA ARG B 980 12.21 -22.19 -5.23
C ARG B 980 13.24 -21.09 -5.40
N LEU B 981 13.39 -20.18 -4.43
CA LEU B 981 14.19 -18.98 -4.62
C LEU B 981 15.29 -18.84 -3.56
N ASP B 982 16.44 -18.34 -4.02
CA ASP B 982 17.54 -18.03 -3.12
C ASP B 982 17.20 -16.81 -2.28
N PRO B 983 17.82 -16.65 -1.12
CA PRO B 983 17.42 -15.59 -0.21
C PRO B 983 17.43 -14.23 -0.88
N PRO B 984 18.47 -13.89 -1.64
CA PRO B 984 18.45 -12.58 -2.31
C PRO B 984 17.26 -12.42 -3.23
N GLU B 985 16.90 -13.47 -3.96
CA GLU B 985 15.74 -13.44 -4.84
C GLU B 985 14.46 -13.78 -4.09
N ALA B 986 14.54 -14.67 -3.09
CA ALA B 986 13.36 -15.06 -2.35
C ALA B 986 12.77 -13.88 -1.58
N GLU B 987 13.63 -13.06 -1.00
CA GLU B 987 13.17 -11.94 -0.19
C GLU B 987 12.36 -10.95 -1.01
N VAL B 988 12.75 -10.73 -2.27
CA VAL B 988 12.01 -9.78 -3.10
C VAL B 988 10.56 -10.23 -3.22
N GLN B 989 10.34 -11.51 -3.51
CA GLN B 989 8.98 -12.00 -3.61
C GLN B 989 8.28 -11.99 -2.26
N ILE B 990 8.99 -12.36 -1.19
CA ILE B 990 8.35 -12.46 0.11
C ILE B 990 7.89 -11.09 0.57
N ASP B 991 8.59 -10.03 0.15
CA ASP B 991 8.21 -8.69 0.57
C ASP B 991 6.81 -8.34 0.08
N ARG B 992 6.51 -8.68 -1.17
CA ARG B 992 5.19 -8.38 -1.71
C ARG B 992 4.10 -9.09 -0.93
N LEU B 993 4.31 -10.38 -0.63
CA LEU B 993 3.33 -11.13 0.14
C LEU B 993 3.15 -10.53 1.52
N ILE B 994 4.26 -10.14 2.16
CA ILE B 994 4.18 -9.53 3.47
C ILE B 994 3.33 -8.27 3.39
N THR B 995 3.59 -7.45 2.38
CA THR B 995 2.84 -6.22 2.22
C THR B 995 1.35 -6.51 2.09
N GLY B 996 1.00 -7.42 1.18
CA GLY B 996 -0.41 -7.68 0.93
C GLY B 996 -1.13 -8.24 2.13
N ARG B 997 -0.51 -9.24 2.77
CA ARG B 997 -1.14 -9.85 3.93
C ARG B 997 -1.23 -8.87 5.09
N LEU B 998 -0.22 -8.01 5.25
CA LEU B 998 -0.30 -7.00 6.30
C LEU B 998 -1.44 -6.04 6.05
N GLN B 999 -1.60 -5.60 4.79
CA GLN B 999 -2.70 -4.70 4.48
C GLN B 999 -4.04 -5.38 4.74
N SER B 1000 -4.15 -6.65 4.36
CA SER B 1000 -5.39 -7.36 4.60
C SER B 1000 -5.69 -7.46 6.08
N LEU B 1001 -4.68 -7.78 6.88
CA LEU B 1001 -4.90 -7.86 8.32
C LEU B 1001 -5.33 -6.51 8.88
N GLN B 1002 -4.70 -5.43 8.42
CA GLN B 1002 -5.09 -4.12 8.89
C GLN B 1002 -6.55 -3.85 8.55
N THR B 1003 -6.95 -4.17 7.33
CA THR B 1003 -8.34 -3.98 6.95
C THR B 1003 -9.28 -4.78 7.84
N TYR B 1004 -8.93 -6.04 8.07
CA TYR B 1004 -9.80 -6.89 8.88
C TYR B 1004 -9.93 -6.32 10.29
N VAL B 1005 -8.81 -5.91 10.87
CA VAL B 1005 -8.84 -5.41 12.24
C VAL B 1005 -9.64 -4.12 12.30
N THR B 1006 -9.50 -3.26 11.30
CA THR B 1006 -10.25 -2.02 11.30
C THR B 1006 -11.75 -2.27 11.23
N GLN B 1007 -12.18 -3.11 10.28
CA GLN B 1007 -13.60 -3.38 10.17
C GLN B 1007 -14.11 -4.09 11.39
N GLN B 1008 -13.29 -4.95 12.00
CA GLN B 1008 -13.68 -5.61 13.23
C GLN B 1008 -13.87 -4.59 14.34
N LEU B 1009 -12.99 -3.60 14.42
CA LEU B 1009 -13.17 -2.56 15.43
C LEU B 1009 -14.48 -1.84 15.22
N ILE B 1010 -14.81 -1.52 13.97
CA ILE B 1010 -16.05 -0.82 13.70
C ILE B 1010 -17.25 -1.67 14.10
N ARG B 1011 -17.23 -2.95 13.71
CA ARG B 1011 -18.33 -3.83 14.04
C ARG B 1011 -18.44 -4.04 15.54
N ALA B 1012 -17.31 -4.07 16.22
CA ALA B 1012 -17.34 -4.20 17.68
C ALA B 1012 -17.94 -2.95 18.31
N ALA B 1013 -17.66 -1.79 17.73
CA ALA B 1013 -18.30 -0.58 18.22
C ALA B 1013 -19.80 -0.67 18.06
N GLU B 1014 -20.25 -1.15 16.91
CA GLU B 1014 -21.68 -1.31 16.68
C GLU B 1014 -22.28 -2.29 17.69
N ILE B 1015 -21.58 -3.40 17.92
CA ILE B 1015 -22.07 -4.39 18.87
C ILE B 1015 -22.10 -3.80 20.27
N ARG B 1016 -21.13 -2.95 20.60
CA ARG B 1016 -21.13 -2.34 21.93
C ARG B 1016 -22.31 -1.41 22.09
N ALA B 1017 -22.64 -0.66 21.05
CA ALA B 1017 -23.83 0.18 21.11
C ALA B 1017 -25.06 -0.69 21.32
N SER B 1018 -25.14 -1.79 20.57
CA SER B 1018 -26.29 -2.67 20.72
C SER B 1018 -26.38 -3.24 22.13
N ALA B 1019 -25.24 -3.62 22.69
CA ALA B 1019 -25.24 -4.22 24.01
C ALA B 1019 -25.58 -3.20 25.09
N ASN B 1020 -25.14 -1.96 24.93
CA ASN B 1020 -25.56 -0.92 25.85
C ASN B 1020 -27.06 -0.75 25.79
N LEU B 1021 -27.61 -0.73 24.58
CA LEU B 1021 -29.07 -0.66 24.44
C LEU B 1021 -29.73 -1.83 25.15
N ALA B 1022 -29.17 -3.02 24.98
CA ALA B 1022 -29.78 -4.21 25.57
C ALA B 1022 -29.74 -4.17 27.09
N ALA B 1023 -28.62 -3.72 27.65
CA ALA B 1023 -28.54 -3.61 29.10
C ALA B 1023 -29.52 -2.57 29.61
N THR B 1024 -29.65 -1.45 28.91
CA THR B 1024 -30.61 -0.45 29.31
C THR B 1024 -32.02 -1.03 29.29
N LYS B 1025 -32.33 -1.82 28.25
CA LYS B 1025 -33.66 -2.40 28.15
C LYS B 1025 -33.91 -3.43 29.24
N MET B 1026 -32.91 -4.24 29.55
CA MET B 1026 -33.03 -5.17 30.67
C MET B 1026 -33.35 -4.41 31.94
N SER B 1027 -32.62 -3.33 32.19
CA SER B 1027 -32.86 -2.54 33.39
C SER B 1027 -34.26 -1.97 33.41
N GLU B 1028 -34.69 -1.34 32.30
CA GLU B 1028 -35.87 -0.49 32.31
C GLU B 1028 -37.15 -1.23 31.96
N CYS B 1029 -37.07 -2.46 31.47
CA CYS B 1029 -38.23 -3.24 31.10
C CYS B 1029 -38.39 -4.49 31.97
N VAL B 1030 -37.29 -5.12 32.36
CA VAL B 1030 -37.37 -6.34 33.17
C VAL B 1030 -37.32 -6.01 34.66
N LEU B 1031 -36.41 -5.12 35.06
CA LEU B 1031 -36.33 -4.71 36.45
C LEU B 1031 -37.29 -3.57 36.78
N GLY B 1032 -37.93 -2.99 35.79
CA GLY B 1032 -38.89 -1.94 36.03
C GLY B 1032 -39.93 -1.82 34.94
N GLN B 1033 -40.90 -0.93 35.17
CA GLN B 1033 -42.00 -0.70 34.24
C GLN B 1033 -41.79 0.68 33.64
N SER B 1034 -41.47 0.72 32.35
CA SER B 1034 -41.06 1.95 31.71
C SER B 1034 -42.26 2.76 31.24
N LYS B 1035 -42.18 4.07 31.39
CA LYS B 1035 -43.14 4.98 30.80
C LYS B 1035 -42.72 5.47 29.43
N ARG B 1036 -41.51 5.16 29.00
CA ARG B 1036 -41.05 5.56 27.68
C ARG B 1036 -41.85 4.85 26.61
N VAL B 1037 -42.24 5.58 25.58
CA VAL B 1037 -43.07 5.02 24.52
C VAL B 1037 -42.22 4.16 23.60
N ASP B 1038 -42.70 2.95 23.33
CA ASP B 1038 -42.12 2.06 22.33
C ASP B 1038 -40.68 1.67 22.68
N PHE B 1039 -40.28 1.82 23.94
CA PHE B 1039 -38.96 1.37 24.35
C PHE B 1039 -38.98 -0.07 24.84
N CYS B 1040 -40.10 -0.52 25.38
CA CYS B 1040 -40.25 -1.91 25.81
C CYS B 1040 -41.42 -2.53 25.06
N GLY B 1041 -41.48 -2.31 23.75
CA GLY B 1041 -42.54 -2.83 22.92
C GLY B 1041 -43.62 -1.81 22.65
N LYS B 1042 -44.47 -2.12 21.68
CA LYS B 1042 -45.55 -1.24 21.27
C LYS B 1042 -46.75 -1.45 22.17
N GLY B 1043 -47.36 -0.36 22.60
CA GLY B 1043 -48.42 -0.38 23.58
C GLY B 1043 -47.92 0.07 24.93
N TYR B 1044 -48.85 0.14 25.88
CA TYR B 1044 -48.50 0.52 27.24
C TYR B 1044 -47.80 -0.66 27.89
N HIS B 1045 -46.53 -0.50 28.19
CA HIS B 1045 -45.72 -1.60 28.68
C HIS B 1045 -46.21 -2.07 30.04
N LEU B 1046 -46.41 -3.38 30.17
CA LEU B 1046 -46.69 -4.00 31.45
C LEU B 1046 -45.42 -4.58 32.06
N MET B 1047 -44.73 -5.44 31.31
CA MET B 1047 -43.54 -6.07 31.84
C MET B 1047 -42.77 -6.71 30.70
N SER B 1048 -41.64 -7.32 31.04
CA SER B 1048 -40.83 -8.00 30.05
C SER B 1048 -40.20 -9.23 30.69
N PHE B 1049 -39.85 -10.19 29.84
CA PHE B 1049 -39.15 -11.38 30.30
C PHE B 1049 -37.94 -11.63 29.40
N PRO B 1050 -36.76 -11.85 29.99
CA PRO B 1050 -35.56 -12.08 29.18
C PRO B 1050 -35.36 -13.55 28.87
N GLN B 1051 -34.83 -13.81 27.68
CA GLN B 1051 -34.43 -15.15 27.27
C GLN B 1051 -33.07 -15.05 26.59
N SER B 1052 -32.14 -15.86 27.07
CA SER B 1052 -30.81 -15.91 26.48
C SER B 1052 -30.88 -16.43 25.06
N ALA B 1053 -30.02 -15.90 24.20
CA ALA B 1053 -29.92 -16.33 22.82
C ALA B 1053 -28.46 -16.35 22.42
N PRO B 1054 -28.10 -17.11 21.40
CA PRO B 1054 -26.70 -17.18 21.01
C PRO B 1054 -26.14 -15.81 20.68
N HIS B 1055 -25.17 -15.36 21.47
CA HIS B 1055 -24.52 -14.07 21.26
C HIS B 1055 -25.48 -12.89 21.43
N GLY B 1056 -26.66 -13.14 22.00
CA GLY B 1056 -27.64 -12.09 22.09
C GLY B 1056 -28.72 -12.38 23.11
N VAL B 1057 -29.74 -11.52 23.11
CA VAL B 1057 -30.82 -11.63 24.06
C VAL B 1057 -32.15 -11.39 23.36
N VAL B 1058 -33.20 -11.96 23.93
CA VAL B 1058 -34.56 -11.77 23.46
C VAL B 1058 -35.39 -11.24 24.61
N PHE B 1059 -36.19 -10.23 24.35
CA PHE B 1059 -37.12 -9.69 25.31
C PHE B 1059 -38.54 -9.98 24.85
N LEU B 1060 -39.31 -10.61 25.71
CA LEU B 1060 -40.74 -10.80 25.51
C LEU B 1060 -41.43 -9.66 26.25
N HIS B 1061 -41.89 -8.67 25.49
CA HIS B 1061 -42.56 -7.51 26.06
C HIS B 1061 -44.05 -7.78 26.15
N VAL B 1062 -44.58 -7.75 27.37
CA VAL B 1062 -45.99 -7.85 27.65
C VAL B 1062 -46.52 -6.43 27.76
N THR B 1063 -47.44 -6.08 26.86
CA THR B 1063 -48.01 -4.75 26.74
C THR B 1063 -49.52 -4.84 26.73
N TYR B 1064 -50.15 -3.72 27.09
CA TYR B 1064 -51.60 -3.58 27.15
C TYR B 1064 -52.03 -2.75 25.96
N VAL B 1065 -52.91 -3.31 25.13
CA VAL B 1065 -53.38 -2.64 23.92
C VAL B 1065 -54.89 -2.49 24.02
N PRO B 1066 -55.42 -1.26 24.06
CA PRO B 1066 -56.87 -1.11 23.98
C PRO B 1066 -57.38 -1.70 22.68
N ALA B 1067 -58.52 -2.39 22.77
CA ALA B 1067 -59.01 -3.22 21.68
C ALA B 1067 -60.31 -2.70 21.08
N GLN B 1068 -61.35 -2.49 21.89
CA GLN B 1068 -62.69 -2.19 21.41
C GLN B 1068 -63.12 -0.84 21.95
N GLU B 1069 -63.27 0.13 21.06
CA GLU B 1069 -63.54 1.52 21.42
C GLU B 1069 -64.94 1.92 21.00
N LYS B 1070 -65.58 2.71 21.85
CA LYS B 1070 -66.90 3.26 21.59
C LYS B 1070 -66.82 4.77 21.44
N ASN B 1071 -67.76 5.31 20.67
CA ASN B 1071 -67.93 6.74 20.52
C ASN B 1071 -68.68 7.29 21.73
N PHE B 1072 -68.33 8.51 22.13
CA PHE B 1072 -69.05 9.18 23.20
C PHE B 1072 -69.00 10.68 22.98
N THR B 1073 -69.97 11.38 23.54
CA THR B 1073 -69.91 12.83 23.63
C THR B 1073 -69.26 13.23 24.94
N THR B 1074 -68.38 14.22 24.87
CA THR B 1074 -67.54 14.60 26.00
C THR B 1074 -67.56 16.10 26.18
N ALA B 1075 -67.29 16.53 27.42
CA ALA B 1075 -67.23 17.93 27.77
C ALA B 1075 -66.01 18.16 28.66
N PRO B 1076 -65.42 19.36 28.61
CA PRO B 1076 -64.26 19.63 29.49
C PRO B 1076 -64.65 19.81 30.95
N ALA B 1077 -65.87 20.27 31.24
CA ALA B 1077 -66.33 20.46 32.60
C ALA B 1077 -67.85 20.35 32.62
N ILE B 1078 -68.43 20.52 33.81
CA ILE B 1078 -69.87 20.42 33.99
C ILE B 1078 -70.31 21.48 34.99
N CYS B 1079 -71.48 22.09 34.73
CA CYS B 1079 -72.07 23.07 35.63
C CYS B 1079 -73.17 22.44 36.46
N HIS B 1080 -73.12 22.65 37.78
CA HIS B 1080 -74.15 22.18 38.69
C HIS B 1080 -74.88 23.34 39.35
N ASP B 1081 -74.15 24.23 40.01
CA ASP B 1081 -74.72 25.41 40.68
C ASP B 1081 -73.92 26.65 40.29
N GLY B 1082 -73.70 26.82 38.99
CA GLY B 1082 -72.89 27.92 38.51
C GLY B 1082 -71.41 27.71 38.68
N LYS B 1083 -70.99 26.53 39.12
CA LYS B 1083 -69.59 26.20 39.31
C LYS B 1083 -69.14 25.22 38.24
N ALA B 1084 -67.86 25.29 37.90
CA ALA B 1084 -67.28 24.42 36.89
C ALA B 1084 -66.61 23.23 37.58
N HIS B 1085 -67.04 22.03 37.21
CA HIS B 1085 -66.55 20.80 37.81
C HIS B 1085 -65.65 20.09 36.81
N PHE B 1086 -64.48 19.65 37.27
CA PHE B 1086 -63.53 18.94 36.44
C PHE B 1086 -63.20 17.58 37.07
N PRO B 1087 -62.93 16.57 36.24
CA PRO B 1087 -62.67 15.24 36.80
C PRO B 1087 -61.36 15.21 37.57
N ARG B 1088 -61.40 14.60 38.75
CA ARG B 1088 -60.16 14.29 39.45
C ARG B 1088 -59.27 13.40 38.59
N GLU B 1089 -59.75 12.20 38.30
CA GLU B 1089 -59.10 11.28 37.36
C GLU B 1089 -60.14 10.78 36.38
N GLY B 1090 -59.82 10.85 35.09
CA GLY B 1090 -60.74 10.36 34.07
C GLY B 1090 -61.23 11.42 33.10
N VAL B 1091 -62.40 11.20 32.52
CA VAL B 1091 -62.98 12.10 31.53
C VAL B 1091 -64.50 11.98 31.61
N PHE B 1092 -65.18 13.11 31.39
CA PHE B 1092 -66.63 13.13 31.28
C PHE B 1092 -67.06 12.60 29.91
N VAL B 1093 -68.06 11.74 29.90
CA VAL B 1093 -68.62 11.17 28.68
C VAL B 1093 -70.14 11.21 28.76
N SER B 1094 -70.77 11.07 27.59
CA SER B 1094 -72.21 10.93 27.52
C SER B 1094 -72.56 9.82 26.54
N ASN B 1095 -73.50 8.97 26.93
CA ASN B 1095 -73.99 7.90 26.05
C ASN B 1095 -75.17 8.35 25.22
N GLY B 1096 -75.42 9.65 25.12
CA GLY B 1096 -76.51 10.16 24.31
C GLY B 1096 -77.48 10.99 25.13
N THR B 1097 -77.75 10.52 26.35
CA THR B 1097 -78.68 11.19 27.25
C THR B 1097 -78.10 11.45 28.63
N HIS B 1098 -77.30 10.52 29.16
CA HIS B 1098 -76.75 10.63 30.49
C HIS B 1098 -75.25 10.90 30.43
N TRP B 1099 -74.77 11.63 31.43
CA TRP B 1099 -73.36 11.97 31.55
C TRP B 1099 -72.74 11.18 32.70
N PHE B 1100 -71.60 10.56 32.43
CA PHE B 1100 -70.84 9.84 33.43
C PHE B 1100 -69.40 10.33 33.40
N VAL B 1101 -68.60 9.84 34.35
CA VAL B 1101 -67.17 10.10 34.39
C VAL B 1101 -66.46 8.76 34.46
N THR B 1102 -65.54 8.52 33.54
CA THR B 1102 -64.87 7.23 33.43
C THR B 1102 -63.38 7.42 33.27
N GLN B 1103 -62.61 6.44 33.74
CA GLN B 1103 -61.17 6.50 33.59
C GLN B 1103 -60.79 6.49 32.11
N ARG B 1104 -59.64 7.10 31.81
CA ARG B 1104 -59.35 7.48 30.43
C ARG B 1104 -59.07 6.26 29.55
N ASN B 1105 -58.37 5.27 30.06
CA ASN B 1105 -57.90 4.16 29.24
C ASN B 1105 -58.81 2.94 29.28
N PHE B 1106 -59.96 3.03 29.93
CA PHE B 1106 -60.91 1.92 29.96
C PHE B 1106 -62.29 2.46 30.28
N TYR B 1107 -63.28 2.07 29.49
CA TYR B 1107 -64.63 2.60 29.69
C TYR B 1107 -65.20 1.99 30.95
N GLU B 1108 -65.41 2.83 31.97
CA GLU B 1108 -66.12 2.43 33.19
C GLU B 1108 -66.89 3.63 33.69
N PRO B 1109 -68.06 3.89 33.11
CA PRO B 1109 -68.81 5.09 33.50
C PRO B 1109 -69.22 5.04 34.96
N GLN B 1110 -69.23 6.21 35.59
CA GLN B 1110 -69.65 6.32 36.98
C GLN B 1110 -70.44 7.60 37.17
N ILE B 1111 -71.29 7.59 38.20
CA ILE B 1111 -72.10 8.76 38.51
C ILE B 1111 -71.18 9.91 38.90
N ILE B 1112 -71.39 11.06 38.27
CA ILE B 1112 -70.57 12.24 38.53
C ILE B 1112 -70.98 12.80 39.88
N THR B 1113 -70.14 12.61 40.89
CA THR B 1113 -70.40 13.08 42.24
C THR B 1113 -69.35 14.11 42.62
N THR B 1114 -69.47 14.64 43.84
CA THR B 1114 -68.49 15.58 44.35
C THR B 1114 -67.18 14.91 44.71
N ASP B 1115 -67.16 13.59 44.82
CA ASP B 1115 -65.92 12.86 45.06
C ASP B 1115 -65.22 12.50 43.77
N ASN B 1116 -65.96 12.37 42.67
CA ASN B 1116 -65.35 12.14 41.37
C ASN B 1116 -64.72 13.40 40.80
N THR B 1117 -65.16 14.57 41.24
CA THR B 1117 -64.83 15.83 40.58
C THR B 1117 -64.31 16.83 41.60
N PHE B 1118 -63.82 17.95 41.08
CA PHE B 1118 -63.40 19.08 41.90
C PHE B 1118 -63.83 20.37 41.20
N VAL B 1119 -64.10 21.39 41.99
CA VAL B 1119 -64.64 22.64 41.48
C VAL B 1119 -63.52 23.66 41.34
N SER B 1120 -63.61 24.48 40.29
CA SER B 1120 -62.61 25.53 40.07
C SER B 1120 -63.28 26.64 39.26
N GLY B 1121 -63.58 27.75 39.92
CA GLY B 1121 -64.14 28.90 39.24
C GLY B 1121 -65.62 28.71 38.92
N ASN B 1122 -66.08 29.50 37.95
CA ASN B 1122 -67.48 29.51 37.52
C ASN B 1122 -67.55 29.02 36.08
N CYS B 1123 -68.75 29.12 35.50
CA CYS B 1123 -69.06 28.52 34.21
C CYS B 1123 -69.00 29.50 33.05
N ASP B 1124 -68.45 30.69 33.26
CA ASP B 1124 -68.34 31.69 32.21
C ASP B 1124 -67.01 31.65 31.48
N VAL B 1125 -66.16 30.67 31.78
CA VAL B 1125 -64.79 30.63 31.30
C VAL B 1125 -64.54 29.41 30.41
N VAL B 1126 -64.98 28.24 30.85
CA VAL B 1126 -64.66 27.00 30.16
C VAL B 1126 -65.40 26.95 28.82
N ILE B 1127 -64.68 26.61 27.77
CA ILE B 1127 -65.24 26.53 26.42
C ILE B 1127 -65.74 25.11 26.21
N GLY B 1128 -67.05 24.96 26.05
CA GLY B 1128 -67.65 23.66 25.87
C GLY B 1128 -68.24 23.07 27.13
N ILE B 1129 -68.22 23.81 28.25
CA ILE B 1129 -68.79 23.29 29.48
C ILE B 1129 -70.27 23.04 29.29
N VAL B 1130 -70.78 21.99 29.94
CA VAL B 1130 -72.15 21.55 29.77
C VAL B 1130 -72.84 21.57 31.12
N ASN B 1131 -74.17 21.46 31.07
CA ASN B 1131 -75.00 21.43 32.27
C ASN B 1131 -75.33 20.00 32.64
N ASN B 1132 -75.04 19.63 33.89
CA ASN B 1132 -75.46 18.32 34.39
C ASN B 1132 -75.43 18.36 35.91
N THR B 1133 -76.20 17.45 36.51
CA THR B 1133 -76.28 17.36 37.96
C THR B 1133 -75.02 16.69 38.51
N VAL B 1134 -74.47 17.27 39.56
CA VAL B 1134 -73.33 16.70 40.28
C VAL B 1134 -73.83 16.18 41.61
N TYR B 1135 -73.73 14.87 41.82
CA TYR B 1135 -74.36 14.23 42.96
C TYR B 1135 -73.57 14.48 44.24
N ASP B 1136 -74.29 14.74 45.33
CA ASP B 1136 -73.69 14.96 46.64
C ASP B 1136 -73.97 13.74 47.52
N PRO B 1137 -72.98 12.89 47.80
CA PRO B 1137 -73.26 11.70 48.62
C PRO B 1137 -73.76 12.02 50.02
N LEU B 1138 -73.43 13.19 50.56
CA LEU B 1138 -73.82 13.53 51.92
C LEU B 1138 -75.28 13.90 52.03
N GLN B 1139 -75.89 14.39 50.94
CA GLN B 1139 -77.27 14.85 51.01
C GLN B 1139 -78.22 13.74 51.43
N PRO B 1140 -78.25 12.57 50.78
CA PRO B 1140 -79.17 11.52 51.24
C PRO B 1140 -78.87 11.05 52.65
N GLU B 1141 -77.59 10.98 53.01
CA GLU B 1141 -77.24 10.54 54.35
C GLU B 1141 -77.81 11.47 55.41
N LEU B 1142 -77.72 12.79 55.16
CA LEU B 1142 -78.29 13.73 56.12
C LEU B 1142 -79.80 13.78 56.05
N ASP B 1143 -80.39 13.53 54.88
CA ASP B 1143 -81.84 13.56 54.77
C ASP B 1143 -82.49 12.49 55.63
N SER B 1144 -81.92 11.28 55.63
CA SER B 1144 -82.46 10.19 56.43
C SER B 1144 -81.91 10.25 57.85
N SER C 13 21.87 46.60 -39.68
CA SER C 13 22.17 47.84 -40.40
C SER C 13 23.42 48.50 -39.83
N GLN C 14 23.36 49.81 -39.61
CA GLN C 14 24.49 50.57 -39.06
C GLN C 14 23.99 51.43 -37.93
N CYS C 15 24.52 51.22 -36.73
CA CYS C 15 24.02 51.90 -35.55
C CYS C 15 24.32 53.40 -35.59
N VAL C 16 23.37 54.20 -35.13
CA VAL C 16 23.58 55.64 -34.98
C VAL C 16 24.29 55.88 -33.65
N ASN C 17 25.39 56.63 -33.71
CA ASN C 17 26.20 56.91 -32.54
C ASN C 17 25.76 58.21 -31.87
N PHE C 18 25.80 58.22 -30.54
CA PHE C 18 25.48 59.40 -29.76
C PHE C 18 26.65 59.73 -28.86
N THR C 19 27.13 60.97 -28.93
CA THR C 19 28.29 61.38 -28.14
C THR C 19 27.93 61.60 -26.68
N THR C 20 26.70 62.01 -26.40
CA THR C 20 26.25 62.30 -25.04
C THR C 20 25.17 61.28 -24.68
N ARG C 21 25.51 60.34 -23.81
CA ARG C 21 24.60 59.29 -23.37
C ARG C 21 24.29 59.46 -21.90
N THR C 22 23.00 59.61 -21.58
CA THR C 22 22.53 59.70 -20.21
C THR C 22 21.24 58.91 -20.09
N GLN C 23 20.78 58.71 -18.86
CA GLN C 23 19.51 58.05 -18.60
C GLN C 23 18.90 58.65 -17.34
N LEU C 24 17.58 58.82 -17.38
CA LEU C 24 16.91 59.45 -16.25
C LEU C 24 16.99 58.54 -15.02
N PRO C 25 17.01 59.12 -13.82
CA PRO C 25 17.01 58.29 -12.61
C PRO C 25 15.74 57.46 -12.54
N PRO C 26 15.83 56.23 -12.01
CA PRO C 26 14.61 55.42 -11.85
C PRO C 26 13.69 56.00 -10.79
N ALA C 27 12.42 55.63 -10.86
CA ALA C 27 11.46 56.04 -9.85
C ALA C 27 10.67 54.83 -9.38
N TYR C 28 10.05 54.95 -8.21
CA TYR C 28 9.37 53.82 -7.57
C TYR C 28 7.90 54.13 -7.35
N THR C 29 7.07 53.11 -7.57
CA THR C 29 5.63 53.16 -7.32
C THR C 29 5.19 51.81 -6.78
N ASN C 30 3.88 51.56 -6.74
CA ASN C 30 3.38 50.33 -6.15
C ASN C 30 2.44 49.65 -7.12
N SER C 31 2.49 48.31 -7.11
CA SER C 31 1.76 47.50 -8.07
C SER C 31 0.26 47.47 -7.83
N PHE C 32 -0.20 47.99 -6.70
CA PHE C 32 -1.62 47.93 -6.38
C PHE C 32 -2.09 46.48 -6.43
N THR C 33 -2.90 46.12 -7.42
CA THR C 33 -3.42 44.76 -7.56
C THR C 33 -3.45 44.33 -9.01
N ARG C 34 -2.49 44.79 -9.81
CA ARG C 34 -2.45 44.44 -11.22
C ARG C 34 -1.50 43.26 -11.46
N GLY C 35 -1.46 42.79 -12.71
CA GLY C 35 -0.61 41.67 -13.08
C GLY C 35 -1.30 40.32 -13.15
N VAL C 36 -2.58 40.24 -12.78
CA VAL C 36 -3.27 38.96 -12.84
C VAL C 36 -3.53 38.57 -14.28
N TYR C 37 -3.30 37.30 -14.59
CA TYR C 37 -3.52 36.76 -15.93
C TYR C 37 -4.13 35.38 -15.80
N TYR C 38 -4.66 34.87 -16.91
CA TYR C 38 -5.30 33.55 -16.91
C TYR C 38 -4.20 32.49 -16.97
N PRO C 39 -4.09 31.61 -15.97
CA PRO C 39 -2.99 30.64 -15.99
C PRO C 39 -3.19 29.58 -17.06
N ASP C 40 -4.39 29.04 -17.13
CA ASP C 40 -4.76 28.04 -18.11
C ASP C 40 -5.80 28.61 -19.06
N LYS C 41 -6.09 27.85 -20.12
CA LYS C 41 -7.07 28.24 -21.12
C LYS C 41 -8.40 27.54 -20.93
N VAL C 42 -8.79 27.33 -19.67
CA VAL C 42 -9.99 26.57 -19.33
C VAL C 42 -11.12 27.53 -19.04
N PHE C 43 -12.25 27.32 -19.72
CA PHE C 43 -13.46 28.06 -19.41
C PHE C 43 -13.96 27.68 -18.02
N ARG C 44 -14.07 28.67 -17.15
CA ARG C 44 -14.56 28.49 -15.78
C ARG C 44 -15.67 29.49 -15.55
N SER C 45 -16.80 29.03 -15.01
CA SER C 45 -17.98 29.88 -14.86
C SER C 45 -18.40 29.93 -13.40
N SER C 46 -18.48 31.14 -12.85
CA SER C 46 -19.07 31.38 -11.54
C SER C 46 -18.50 30.43 -10.49
N VAL C 47 -17.19 30.59 -10.23
CA VAL C 47 -16.49 29.65 -9.37
C VAL C 47 -15.18 30.28 -8.92
N LEU C 48 -14.65 29.77 -7.81
CA LEU C 48 -13.32 30.13 -7.34
C LEU C 48 -12.36 28.98 -7.65
N HIS C 49 -11.21 29.31 -8.23
CA HIS C 49 -10.21 28.32 -8.58
C HIS C 49 -8.86 28.78 -8.03
N SER C 50 -8.10 27.83 -7.48
CA SER C 50 -6.83 28.14 -6.81
C SER C 50 -5.68 27.52 -7.60
N THR C 51 -4.66 28.32 -7.88
CA THR C 51 -3.51 27.84 -8.63
C THR C 51 -2.24 28.51 -8.10
N GLN C 52 -1.14 27.77 -8.16
CA GLN C 52 0.16 28.26 -7.71
C GLN C 52 1.02 28.51 -8.94
N ASP C 53 1.26 29.79 -9.25
CA ASP C 53 2.06 30.13 -10.42
C ASP C 53 2.92 31.36 -10.16
N LEU C 54 3.65 31.81 -11.18
CA LEU C 54 4.45 33.03 -11.10
C LEU C 54 3.51 34.21 -11.28
N PHE C 55 3.18 34.86 -10.17
CA PHE C 55 2.26 35.99 -10.15
C PHE C 55 2.98 37.24 -9.66
N LEU C 56 2.41 38.38 -9.99
CA LEU C 56 2.91 39.64 -9.45
C LEU C 56 2.25 39.85 -8.10
N PRO C 57 2.99 39.77 -7.00
CA PRO C 57 2.34 39.89 -5.69
C PRO C 57 1.64 41.23 -5.55
N PHE C 58 0.51 41.22 -4.85
CA PHE C 58 -0.23 42.45 -4.60
C PHE C 58 0.66 43.44 -3.84
N PHE C 59 0.55 44.71 -4.22
CA PHE C 59 1.27 45.79 -3.54
C PHE C 59 2.78 45.54 -3.56
N SER C 60 3.26 45.10 -4.72
CA SER C 60 4.68 44.90 -4.95
C SER C 60 5.31 46.20 -5.46
N ASN C 61 6.47 46.54 -4.90
CA ASN C 61 7.24 47.68 -5.35
C ASN C 61 7.53 47.54 -6.84
N VAL C 62 7.38 48.65 -7.55
CA VAL C 62 7.51 48.67 -9.01
C VAL C 62 8.46 49.79 -9.38
N THR C 63 9.34 49.53 -10.32
CA THR C 63 10.24 50.56 -10.83
C THR C 63 9.73 51.10 -12.16
N TRP C 64 9.64 52.41 -12.28
CA TRP C 64 9.10 53.03 -13.48
C TRP C 64 10.04 54.11 -13.99
N PHE C 65 10.11 54.19 -15.32
CA PHE C 65 10.95 55.11 -16.07
C PHE C 65 10.11 55.79 -17.15
N HIS C 66 10.76 56.69 -17.88
CA HIS C 66 10.16 57.42 -18.98
C HIS C 66 10.86 57.10 -20.29
N ALA C 67 10.10 57.15 -21.38
CA ALA C 67 10.62 56.94 -22.73
C ALA C 67 10.51 58.26 -23.48
N ILE C 68 11.62 58.99 -23.56
CA ILE C 68 11.65 60.29 -24.24
C ILE C 68 11.67 60.04 -25.74
N HIS C 69 10.62 60.52 -26.42
CA HIS C 69 10.42 60.27 -27.84
C HIS C 69 10.67 61.51 -28.71
N VAL C 70 11.20 62.58 -28.13
CA VAL C 70 11.43 63.82 -28.87
C VAL C 70 12.60 64.54 -28.24
N SER C 71 13.35 65.26 -29.06
CA SER C 71 14.54 66.00 -28.63
C SER C 71 14.35 67.46 -29.00
N GLY C 72 14.23 68.31 -27.98
CA GLY C 72 14.07 69.74 -28.20
C GLY C 72 14.45 70.55 -26.98
N GLY C 75 19.55 70.37 -27.40
CA GLY C 75 18.73 69.24 -27.77
C GLY C 75 19.51 68.14 -28.45
N THR C 76 20.75 67.92 -27.99
CA THR C 76 21.63 66.90 -28.54
C THR C 76 22.00 65.87 -27.48
N LYS C 77 21.09 65.57 -26.57
CA LYS C 77 21.31 64.61 -25.50
C LYS C 77 20.48 63.36 -25.75
N ARG C 78 21.14 62.20 -25.77
CA ARG C 78 20.48 60.93 -25.99
C ARG C 78 20.20 60.30 -24.63
N PHE C 79 18.92 60.19 -24.28
CA PHE C 79 18.50 59.55 -23.06
C PHE C 79 18.19 58.08 -23.35
N ALA C 80 18.96 57.18 -22.75
CA ALA C 80 18.91 55.77 -23.07
C ALA C 80 18.11 55.00 -22.03
N ASN C 81 17.44 53.94 -22.48
CA ASN C 81 16.71 53.07 -21.58
C ASN C 81 17.68 52.16 -20.83
N PRO C 82 17.40 51.82 -19.57
CA PRO C 82 18.32 50.96 -18.83
C PRO C 82 18.03 49.48 -19.05
N VAL C 83 19.07 48.69 -18.88
CA VAL C 83 18.95 47.23 -18.95
C VAL C 83 18.52 46.73 -17.57
N LEU C 84 17.37 46.07 -17.51
CA LEU C 84 16.81 45.66 -16.24
C LEU C 84 16.88 44.14 -16.07
N PRO C 85 16.95 43.65 -14.83
CA PRO C 85 16.93 42.20 -14.61
C PRO C 85 15.60 41.61 -15.02
N PHE C 86 15.62 40.31 -15.35
CA PHE C 86 14.41 39.58 -15.68
C PHE C 86 13.89 38.75 -14.51
N ASN C 87 14.77 38.19 -13.70
CA ASN C 87 14.39 37.40 -12.51
C ASN C 87 13.51 36.25 -13.00
N ASP C 88 12.36 35.99 -12.39
CA ASP C 88 11.53 34.86 -12.74
C ASP C 88 10.41 35.22 -13.72
N GLY C 89 10.37 36.45 -14.18
CA GLY C 89 9.31 36.93 -15.04
C GLY C 89 8.96 38.35 -14.67
N VAL C 90 8.41 39.08 -15.63
CA VAL C 90 8.22 40.51 -15.46
C VAL C 90 6.81 40.92 -15.85
N TYR C 91 6.22 41.80 -15.05
CA TYR C 91 5.02 42.52 -15.41
C TYR C 91 5.45 43.89 -15.91
N PHE C 92 5.23 44.14 -17.20
CA PHE C 92 5.65 45.38 -17.85
C PHE C 92 4.41 46.13 -18.31
N ALA C 93 4.28 47.38 -17.88
CA ALA C 93 3.11 48.19 -18.23
C ALA C 93 3.57 49.49 -18.83
N SER C 94 2.73 50.06 -19.70
CA SER C 94 3.06 51.30 -20.35
C SER C 94 1.81 52.19 -20.41
N THR C 95 2.00 53.46 -20.08
CA THR C 95 0.97 54.48 -20.17
C THR C 95 1.47 55.52 -21.18
N GLU C 96 0.78 55.60 -22.31
CA GLU C 96 1.12 56.60 -23.32
C GLU C 96 -0.10 56.90 -24.17
N LYS C 97 -0.08 58.06 -24.83
CA LYS C 97 -1.15 58.39 -25.77
C LYS C 97 -0.89 57.72 -27.11
N SER C 98 0.21 58.07 -27.75
CA SER C 98 0.63 57.40 -28.97
C SER C 98 1.58 56.25 -28.63
N ASN C 99 1.70 55.31 -29.56
CA ASN C 99 2.46 54.10 -29.29
C ASN C 99 3.96 54.38 -29.28
N ILE C 100 4.47 54.85 -28.15
CA ILE C 100 5.89 55.14 -28.02
C ILE C 100 6.68 53.88 -27.76
N ILE C 101 6.22 53.05 -26.83
CA ILE C 101 6.89 51.79 -26.52
C ILE C 101 6.67 50.82 -27.68
N ARG C 102 7.76 50.35 -28.27
CA ARG C 102 7.68 49.48 -29.44
C ARG C 102 8.09 48.05 -29.17
N GLY C 103 8.89 47.78 -28.14
CA GLY C 103 9.24 46.39 -27.86
C GLY C 103 10.38 46.29 -26.87
N TRP C 104 10.98 45.11 -26.84
CA TRP C 104 12.04 44.78 -25.90
C TRP C 104 13.02 43.81 -26.54
N ILE C 105 14.18 43.71 -25.91
CA ILE C 105 15.18 42.69 -26.23
C ILE C 105 15.49 41.94 -24.93
N PHE C 106 15.54 40.61 -25.03
CA PHE C 106 15.79 39.75 -23.89
C PHE C 106 17.02 38.90 -24.14
N GLY C 107 17.74 38.60 -23.05
CA GLY C 107 18.88 37.71 -23.15
C GLY C 107 19.66 37.72 -21.85
N THR C 108 20.86 37.15 -21.91
CA THR C 108 21.73 37.11 -20.75
C THR C 108 22.93 38.02 -20.96
N THR C 109 23.67 37.80 -22.05
CA THR C 109 24.77 38.69 -22.39
C THR C 109 24.35 39.81 -23.34
N LEU C 110 23.28 39.62 -24.11
CA LEU C 110 22.81 40.61 -25.07
C LEU C 110 23.92 41.00 -26.06
N ASP C 111 24.74 40.01 -26.43
CA ASP C 111 25.77 40.21 -27.45
C ASP C 111 25.80 39.02 -28.39
N SER C 112 26.78 38.97 -29.29
CA SER C 112 26.87 37.88 -30.25
C SER C 112 27.27 36.56 -29.61
N LYS C 113 27.70 36.56 -28.34
CA LYS C 113 28.16 35.34 -27.70
C LYS C 113 27.02 34.40 -27.34
N THR C 114 25.82 34.92 -27.16
CA THR C 114 24.66 34.13 -26.77
C THR C 114 23.48 34.50 -27.64
N GLN C 115 22.47 33.64 -27.64
CA GLN C 115 21.24 33.94 -28.34
C GLN C 115 20.46 35.02 -27.59
N SER C 116 19.68 35.77 -28.34
CA SER C 116 18.93 36.89 -27.80
C SER C 116 17.60 36.99 -28.54
N LEU C 117 16.55 37.26 -27.78
CA LEU C 117 15.21 37.46 -28.32
C LEU C 117 14.96 38.94 -28.54
N LEU C 118 14.27 39.25 -29.64
CA LEU C 118 13.94 40.62 -30.01
C LEU C 118 12.47 40.64 -30.40
N ILE C 119 11.65 41.34 -29.61
CA ILE C 119 10.23 41.52 -29.90
C ILE C 119 10.03 42.99 -30.17
N VAL C 120 9.81 43.35 -31.43
CA VAL C 120 9.64 44.75 -31.82
C VAL C 120 8.35 44.86 -32.60
N ASN C 121 7.76 46.05 -32.60
CA ASN C 121 6.52 46.32 -33.31
C ASN C 121 6.74 47.54 -34.21
N ASN C 122 7.20 47.30 -35.44
CA ASN C 122 7.23 48.38 -36.41
C ASN C 122 5.82 48.62 -36.95
N ALA C 123 5.66 49.72 -37.68
CA ALA C 123 4.32 50.16 -38.06
C ALA C 123 3.60 49.08 -38.87
N THR C 124 4.33 48.34 -39.70
CA THR C 124 3.69 47.34 -40.56
C THR C 124 3.17 46.17 -39.75
N ASN C 125 4.04 45.51 -39.00
CA ASN C 125 3.66 44.29 -38.30
C ASN C 125 4.62 44.08 -37.12
N VAL C 126 4.38 43.02 -36.36
CA VAL C 126 5.21 42.67 -35.22
C VAL C 126 6.25 41.66 -35.65
N VAL C 127 7.48 41.84 -35.16
CA VAL C 127 8.62 41.01 -35.52
C VAL C 127 9.20 40.41 -34.25
N ILE C 128 9.38 39.09 -34.26
CA ILE C 128 9.96 38.36 -33.14
C ILE C 128 11.09 37.51 -33.70
N LYS C 129 12.32 37.78 -33.27
CA LYS C 129 13.47 37.07 -33.80
C LYS C 129 14.43 36.70 -32.68
N VAL C 130 14.91 35.46 -32.71
CA VAL C 130 15.87 34.95 -31.75
C VAL C 130 17.13 34.61 -32.52
N CYS C 131 18.18 35.41 -32.32
CA CYS C 131 19.41 35.32 -33.10
C CYS C 131 20.59 35.67 -32.21
N GLU C 132 21.80 35.52 -32.76
CA GLU C 132 23.02 35.96 -32.07
C GLU C 132 23.24 37.44 -32.40
N PHE C 133 22.41 38.27 -31.78
CA PHE C 133 22.41 39.70 -32.10
C PHE C 133 23.64 40.39 -31.54
N GLN C 134 24.15 41.35 -32.30
CA GLN C 134 25.15 42.31 -31.83
C GLN C 134 24.42 43.65 -31.75
N PHE C 135 23.76 43.90 -30.62
CA PHE C 135 22.88 45.04 -30.49
C PHE C 135 23.66 46.35 -30.51
N CYS C 136 22.95 47.41 -30.92
CA CYS C 136 23.52 48.74 -30.90
C CYS C 136 23.61 49.26 -29.46
N ASN C 137 24.53 50.22 -29.26
CA ASN C 137 24.61 50.88 -27.96
C ASN C 137 23.31 51.62 -27.65
N ASP C 138 22.75 52.31 -28.65
CA ASP C 138 21.51 53.05 -28.51
C ASP C 138 20.54 52.55 -29.57
N PRO C 139 19.80 51.49 -29.31
CA PRO C 139 18.78 51.04 -30.27
C PRO C 139 17.85 52.17 -30.65
N PHE C 140 17.69 52.39 -31.96
CA PHE C 140 17.00 53.56 -32.48
C PHE C 140 15.86 53.15 -33.40
N LEU C 141 14.72 53.80 -33.20
CA LEU C 141 13.59 53.72 -34.12
C LEU C 141 13.12 55.15 -34.39
N GLY C 142 13.25 55.59 -35.64
CA GLY C 142 13.00 56.98 -35.98
C GLY C 142 11.89 57.13 -37.01
N VAL C 143 11.06 58.17 -36.79
CA VAL C 143 9.96 58.52 -37.66
C VAL C 143 10.12 59.98 -38.06
N TYR C 144 9.57 60.32 -39.22
CA TYR C 144 9.52 61.70 -39.67
C TYR C 144 8.13 61.97 -40.23
N TYR C 145 7.71 63.23 -40.15
CA TYR C 145 6.37 63.62 -40.55
C TYR C 145 6.37 63.96 -42.03
N HIS C 146 5.51 63.27 -42.79
CA HIS C 146 5.36 63.53 -44.23
C HIS C 146 4.34 64.64 -44.39
N LYS C 147 4.83 65.87 -44.59
CA LYS C 147 3.94 67.02 -44.64
C LYS C 147 2.98 66.95 -45.82
N ASN C 148 3.45 66.42 -46.96
CA ASN C 148 2.59 66.34 -48.13
C ASN C 148 1.51 65.28 -48.00
N ASN C 149 1.68 64.31 -47.10
CA ASN C 149 0.66 63.31 -46.83
C ASN C 149 -0.01 63.49 -45.49
N LYS C 150 0.44 64.44 -44.67
CA LYS C 150 -0.13 64.69 -43.36
C LYS C 150 -0.16 63.40 -42.53
N SER C 151 0.98 62.74 -42.47
CA SER C 151 1.08 61.46 -41.78
C SER C 151 2.53 61.21 -41.38
N TRP C 152 2.70 60.47 -40.30
CA TRP C 152 4.02 60.07 -39.85
C TRP C 152 4.43 58.78 -40.55
N MET C 153 5.71 58.70 -40.93
CA MET C 153 6.25 57.51 -41.56
C MET C 153 7.54 57.16 -40.85
N GLU C 154 7.62 55.95 -40.30
CA GLU C 154 8.83 55.50 -39.66
C GLU C 154 9.79 54.96 -40.72
N SER C 155 11.00 55.50 -40.75
CA SER C 155 11.98 55.12 -41.74
C SER C 155 13.36 54.85 -41.17
N GLU C 156 13.53 54.82 -39.85
CA GLU C 156 14.81 54.48 -39.25
C GLU C 156 14.60 53.31 -38.31
N PHE C 157 15.38 52.24 -38.52
CA PHE C 157 15.36 51.08 -37.63
C PHE C 157 16.81 50.61 -37.51
N ARG C 158 17.48 51.03 -36.44
CA ARG C 158 18.88 50.68 -36.20
C ARG C 158 18.97 50.14 -34.78
N VAL C 159 18.72 48.85 -34.63
CA VAL C 159 18.66 48.20 -33.32
C VAL C 159 19.87 47.30 -33.09
N TYR C 160 20.26 46.53 -34.12
CA TYR C 160 21.38 45.61 -34.02
C TYR C 160 22.26 45.78 -35.24
N SER C 161 23.57 45.63 -35.04
CA SER C 161 24.52 45.70 -36.14
C SER C 161 24.70 44.36 -36.83
N SER C 162 24.45 43.25 -36.14
CA SER C 162 24.65 41.93 -36.70
C SER C 162 23.59 40.99 -36.15
N ALA C 163 23.22 39.99 -36.95
CA ALA C 163 22.25 39.00 -36.52
C ALA C 163 22.56 37.72 -37.30
N ASN C 164 23.20 36.76 -36.63
CA ASN C 164 23.67 35.54 -37.26
C ASN C 164 23.22 34.33 -36.44
N ASN C 165 23.24 33.17 -37.09
CA ASN C 165 22.85 31.91 -36.47
C ASN C 165 21.49 32.05 -35.80
N CYS C 166 20.54 32.62 -36.53
CA CYS C 166 19.19 32.79 -36.01
C CYS C 166 18.56 31.45 -35.72
N THR C 167 17.85 31.38 -34.61
CA THR C 167 17.09 30.20 -34.24
C THR C 167 15.59 30.42 -34.25
N PHE C 168 15.12 31.67 -34.33
CA PHE C 168 13.68 31.89 -34.40
C PHE C 168 13.35 33.13 -35.21
N GLU C 169 12.25 33.05 -35.95
CA GLU C 169 11.74 34.18 -36.73
C GLU C 169 10.23 34.08 -36.83
N TYR C 170 9.54 35.20 -36.62
CA TYR C 170 8.09 35.28 -36.77
C TYR C 170 7.73 36.71 -37.12
N VAL C 171 7.00 36.88 -38.21
CA VAL C 171 6.53 38.19 -38.66
C VAL C 171 5.02 38.12 -38.81
N SER C 172 4.30 38.94 -38.05
CA SER C 172 2.85 38.94 -38.12
C SER C 172 2.38 39.61 -39.40
N GLN C 173 1.09 39.47 -39.69
CA GLN C 173 0.53 40.03 -40.90
C GLN C 173 0.61 41.55 -40.87
N PRO C 174 0.79 42.20 -42.02
CA PRO C 174 0.96 43.66 -42.01
C PRO C 174 -0.29 44.37 -41.51
N PHE C 175 -0.06 45.51 -40.86
CA PHE C 175 -1.14 46.40 -40.46
C PHE C 175 -0.61 47.82 -40.48
N LEU C 176 -1.44 48.78 -40.11
CA LEU C 176 -1.07 50.20 -40.07
C LEU C 176 -1.30 50.70 -38.65
N MET C 177 -0.20 50.98 -37.95
CA MET C 177 -0.27 51.47 -36.58
C MET C 177 -0.48 52.97 -36.58
N ASP C 178 -1.42 53.45 -35.77
CA ASP C 178 -1.71 54.87 -35.67
C ASP C 178 -0.56 55.57 -34.95
N LEU C 179 0.16 56.42 -35.68
CA LEU C 179 1.28 57.17 -35.11
C LEU C 179 0.82 58.55 -34.64
N PHE C 186 -7.27 61.00 -22.50
CA PHE C 186 -7.31 59.65 -23.05
C PHE C 186 -5.90 59.11 -23.26
N LYS C 187 -5.37 58.43 -22.25
CA LYS C 187 -4.15 57.66 -22.42
C LYS C 187 -4.49 56.19 -22.58
N ASN C 188 -3.52 55.44 -23.10
CA ASN C 188 -3.64 53.99 -23.24
C ASN C 188 -2.71 53.32 -22.25
N LEU C 189 -3.25 52.30 -21.57
CA LEU C 189 -2.50 51.45 -20.66
C LEU C 189 -2.38 50.09 -21.32
N ARG C 190 -1.15 49.67 -21.57
CA ARG C 190 -0.86 48.38 -22.19
C ARG C 190 -0.02 47.58 -21.21
N GLU C 191 -0.56 46.45 -20.76
CA GLU C 191 0.06 45.62 -19.74
C GLU C 191 0.46 44.29 -20.36
N PHE C 192 1.62 43.80 -19.96
CA PHE C 192 2.17 42.53 -20.43
C PHE C 192 2.77 41.77 -19.26
N VAL C 193 2.70 40.45 -19.35
CA VAL C 193 3.38 39.54 -18.43
C VAL C 193 4.24 38.61 -19.25
N PHE C 194 5.54 38.60 -18.95
CA PHE C 194 6.54 37.79 -19.64
C PHE C 194 7.06 36.73 -18.70
N LYS C 195 7.00 35.46 -19.13
CA LYS C 195 7.36 34.33 -18.29
C LYS C 195 8.16 33.34 -19.11
N ASN C 196 9.37 33.01 -18.66
CA ASN C 196 10.27 32.12 -19.40
C ASN C 196 10.36 30.80 -18.63
N ILE C 197 9.54 29.83 -19.03
CA ILE C 197 9.43 28.55 -18.34
C ILE C 197 9.48 27.43 -19.35
N ASP C 198 10.35 26.45 -19.10
CA ASP C 198 10.38 25.20 -19.86
C ASP C 198 10.55 25.48 -21.36
N GLY C 199 11.46 26.38 -21.69
CA GLY C 199 11.74 26.72 -23.06
C GLY C 199 10.67 27.55 -23.74
N TYR C 200 9.66 27.98 -23.01
CA TYR C 200 8.57 28.79 -23.54
C TYR C 200 8.66 30.20 -22.98
N PHE C 201 8.68 31.18 -23.88
CA PHE C 201 8.46 32.57 -23.52
C PHE C 201 6.98 32.85 -23.70
N LYS C 202 6.27 32.87 -22.58
CA LYS C 202 4.84 33.06 -22.55
C LYS C 202 4.56 34.53 -22.27
N ILE C 203 3.66 35.10 -23.08
CA ILE C 203 3.29 36.49 -23.00
C ILE C 203 1.79 36.58 -22.85
N TYR C 204 1.36 37.33 -21.83
CA TYR C 204 -0.05 37.65 -21.63
C TYR C 204 -0.17 39.16 -21.74
N SER C 205 -1.30 39.64 -22.25
CA SER C 205 -1.43 41.06 -22.56
C SER C 205 -2.83 41.56 -22.23
N LYS C 206 -2.93 42.88 -22.08
CA LYS C 206 -4.21 43.54 -21.87
C LYS C 206 -4.06 45.00 -22.25
N HIS C 207 -5.11 45.57 -22.85
CA HIS C 207 -5.11 46.97 -23.26
C HIS C 207 -6.38 47.63 -22.72
N THR C 208 -6.21 48.73 -21.99
CA THR C 208 -7.36 49.50 -21.55
C THR C 208 -7.13 50.99 -21.76
N PRO C 209 -8.17 51.75 -22.12
CA PRO C 209 -8.05 53.20 -22.19
C PRO C 209 -8.19 53.82 -20.81
N ILE C 210 -7.08 54.32 -20.28
CA ILE C 210 -7.06 54.92 -18.96
C ILE C 210 -7.16 56.44 -19.09
N ASN C 211 -7.76 57.06 -18.06
CA ASN C 211 -7.96 58.50 -18.03
C ASN C 211 -6.95 59.23 -17.16
N LEU C 212 -6.06 58.52 -16.51
CA LEU C 212 -5.12 59.14 -15.59
C LEU C 212 -4.05 59.91 -16.35
N VAL C 213 -3.52 60.94 -15.69
CA VAL C 213 -2.54 61.83 -16.32
C VAL C 213 -1.11 61.52 -15.90
N ARG C 214 -0.90 60.89 -14.74
CA ARG C 214 0.44 60.58 -14.27
C ARG C 214 0.39 59.39 -13.33
N GLY C 215 1.29 58.44 -13.56
CA GLY C 215 1.45 57.30 -12.67
C GLY C 215 0.61 56.11 -13.10
N LEU C 216 0.95 54.96 -12.53
CA LEU C 216 0.24 53.72 -12.84
C LEU C 216 -1.15 53.74 -12.20
N PRO C 217 -2.18 53.33 -12.94
CA PRO C 217 -3.54 53.39 -12.38
C PRO C 217 -3.83 52.24 -11.43
N GLN C 218 -4.52 52.55 -10.35
CA GLN C 218 -4.96 51.54 -9.42
C GLN C 218 -6.22 50.86 -9.96
N GLY C 219 -6.24 49.55 -9.92
CA GLY C 219 -7.39 48.80 -10.41
C GLY C 219 -7.02 47.36 -10.67
N PHE C 220 -8.03 46.62 -11.14
CA PHE C 220 -7.91 45.19 -11.42
C PHE C 220 -8.24 44.94 -12.87
N SER C 221 -7.41 44.15 -13.54
CA SER C 221 -7.65 43.78 -14.94
C SER C 221 -6.84 42.53 -15.25
N ALA C 222 -7.54 41.45 -15.60
CA ALA C 222 -6.88 40.19 -15.89
C ALA C 222 -6.24 40.24 -17.27
N LEU C 223 -4.98 39.81 -17.36
CA LEU C 223 -4.28 39.77 -18.64
C LEU C 223 -4.59 38.46 -19.36
N GLU C 224 -4.97 38.57 -20.60
CA GLU C 224 -5.27 37.38 -21.38
C GLU C 224 -4.00 36.82 -22.01
N PRO C 225 -3.96 35.51 -22.26
CA PRO C 225 -2.77 34.93 -22.90
C PRO C 225 -2.60 35.49 -24.31
N LEU C 226 -1.41 36.03 -24.58
CA LEU C 226 -1.13 36.53 -25.91
C LEU C 226 -0.51 35.44 -26.79
N VAL C 227 0.63 34.90 -26.36
CA VAL C 227 1.29 33.87 -27.17
C VAL C 227 2.46 33.29 -26.38
N ASP C 228 2.73 32.00 -26.59
CA ASP C 228 3.88 31.34 -26.00
C ASP C 228 4.77 30.82 -27.11
N LEU C 229 6.02 31.25 -27.09
CA LEU C 229 6.98 30.95 -28.15
C LEU C 229 7.98 29.91 -27.66
N PRO C 230 8.18 28.81 -28.39
CA PRO C 230 9.20 27.84 -27.97
C PRO C 230 10.61 28.31 -28.33
N ILE C 231 11.08 29.38 -27.70
CA ILE C 231 12.40 29.91 -28.04
C ILE C 231 13.49 29.05 -27.40
N GLY C 232 13.30 28.61 -26.17
CA GLY C 232 14.27 27.76 -25.52
C GLY C 232 15.61 28.41 -25.25
N ILE C 233 15.61 29.65 -24.78
CA ILE C 233 16.84 30.35 -24.42
C ILE C 233 16.77 30.74 -22.95
N ASN C 234 17.90 31.17 -22.42
CA ASN C 234 18.00 31.68 -21.06
C ASN C 234 17.93 33.19 -21.08
N ILE C 235 17.12 33.76 -20.18
CA ILE C 235 16.90 35.21 -20.13
C ILE C 235 17.13 35.66 -18.69
N THR C 236 18.03 36.62 -18.51
CA THR C 236 18.27 37.23 -17.21
C THR C 236 18.16 38.75 -17.23
N ARG C 237 18.29 39.38 -18.39
CA ARG C 237 18.17 40.83 -18.51
C ARG C 237 17.31 41.16 -19.73
N PHE C 238 16.86 42.40 -19.78
CA PHE C 238 16.10 42.88 -20.93
C PHE C 238 16.19 44.40 -20.97
N GLN C 239 15.84 44.95 -22.13
CA GLN C 239 15.85 46.39 -22.33
C GLN C 239 14.65 46.78 -23.18
N THR C 240 14.13 47.98 -22.93
CA THR C 240 12.94 48.46 -23.62
C THR C 240 13.33 49.27 -24.86
N LEU C 241 12.52 49.13 -25.91
CA LEU C 241 12.72 49.85 -27.16
C LEU C 241 11.58 50.86 -27.33
N HIS C 242 11.93 52.09 -27.69
CA HIS C 242 10.96 53.15 -27.88
C HIS C 242 11.17 53.80 -29.25
N ILE C 243 10.27 54.70 -29.58
CA ILE C 243 10.28 55.39 -30.87
C ILE C 243 10.81 56.80 -30.66
N SER C 244 11.48 57.32 -31.68
CA SER C 244 12.00 58.68 -31.68
C SER C 244 11.30 59.47 -32.78
N TYR C 245 10.72 60.62 -32.41
CA TYR C 245 10.02 61.49 -33.35
C TYR C 245 10.99 62.54 -33.86
N LEU C 246 11.44 62.38 -35.10
CA LEU C 246 12.37 63.32 -35.70
C LEU C 246 11.62 64.59 -36.08
N THR C 247 12.08 65.73 -35.58
CA THR C 247 11.41 67.01 -35.81
C THR C 247 12.40 68.02 -36.37
N PRO C 248 11.92 68.96 -37.19
CA PRO C 248 12.83 69.98 -37.75
C PRO C 248 13.40 70.89 -36.68
N GLY C 249 12.53 71.41 -35.82
CA GLY C 249 12.94 72.33 -34.77
C GLY C 249 13.02 73.77 -35.24
N ALA C 257 6.43 67.06 -24.89
CA ALA C 257 6.81 67.01 -23.48
C ALA C 257 6.08 65.88 -22.76
N GLY C 258 5.00 65.38 -23.37
CA GLY C 258 4.24 64.30 -22.78
C GLY C 258 4.80 62.94 -23.14
N ALA C 259 5.92 62.59 -22.53
CA ALA C 259 6.58 61.32 -22.84
C ALA C 259 5.81 60.16 -22.24
N ALA C 260 6.02 58.98 -22.83
CA ALA C 260 5.41 57.77 -22.32
C ALA C 260 6.12 57.31 -21.06
N ALA C 261 5.40 56.51 -20.25
CA ALA C 261 5.96 56.03 -18.99
C ALA C 261 5.75 54.53 -18.87
N TYR C 262 6.79 53.80 -18.47
CA TYR C 262 6.67 52.36 -18.33
C TYR C 262 7.10 51.91 -16.94
N TYR C 263 6.49 50.82 -16.51
CA TYR C 263 6.59 50.30 -15.15
C TYR C 263 6.95 48.82 -15.20
N VAL C 264 7.78 48.39 -14.27
CA VAL C 264 8.31 47.03 -14.24
C VAL C 264 8.16 46.47 -12.84
N GLY C 265 7.51 45.31 -12.74
CA GLY C 265 7.50 44.53 -11.52
C GLY C 265 7.93 43.11 -11.81
N TYR C 266 8.22 42.36 -10.74
CA TYR C 266 8.78 41.02 -10.88
C TYR C 266 7.84 39.98 -10.30
N LEU C 267 7.73 38.85 -11.00
CA LEU C 267 6.88 37.75 -10.59
C LEU C 267 7.55 36.90 -9.51
N GLN C 268 6.73 36.22 -8.73
CA GLN C 268 7.18 35.30 -7.70
C GLN C 268 6.25 34.09 -7.68
N PRO C 269 6.73 32.93 -7.22
CA PRO C 269 5.84 31.78 -7.07
C PRO C 269 4.86 31.99 -5.93
N ARG C 270 3.60 32.20 -6.26
CA ARG C 270 2.55 32.49 -5.29
C ARG C 270 1.33 31.66 -5.61
N THR C 271 0.52 31.41 -4.59
CA THR C 271 -0.76 30.74 -4.75
C THR C 271 -1.85 31.79 -4.78
N PHE C 272 -2.63 31.80 -5.85
CA PHE C 272 -3.67 32.78 -6.07
C PHE C 272 -5.02 32.11 -6.15
N LEU C 273 -6.04 32.82 -5.66
CA LEU C 273 -7.42 32.38 -5.71
C LEU C 273 -8.16 33.31 -6.66
N LEU C 274 -8.53 32.80 -7.83
CA LEU C 274 -9.16 33.60 -8.88
C LEU C 274 -10.65 33.35 -8.89
N LYS C 275 -11.42 34.42 -9.17
CA LYS C 275 -12.86 34.39 -9.20
C LYS C 275 -13.35 34.57 -10.64
N TYR C 276 -14.00 33.53 -11.17
CA TYR C 276 -14.56 33.57 -12.51
C TYR C 276 -16.05 33.81 -12.42
N ASN C 277 -16.54 34.74 -13.23
CA ASN C 277 -17.95 35.10 -13.23
C ASN C 277 -18.70 34.07 -14.08
N GLU C 278 -19.98 34.32 -14.33
CA GLU C 278 -20.74 33.42 -15.17
C GLU C 278 -20.21 33.42 -16.60
N ASN C 279 -19.50 34.48 -17.01
CA ASN C 279 -19.01 34.59 -18.37
C ASN C 279 -17.58 34.09 -18.55
N GLY C 280 -16.86 33.80 -17.47
CA GLY C 280 -15.49 33.34 -17.56
C GLY C 280 -14.46 34.41 -17.33
N THR C 281 -14.87 35.67 -17.17
CA THR C 281 -13.92 36.72 -16.90
C THR C 281 -13.47 36.66 -15.45
N ILE C 282 -12.16 36.75 -15.25
CA ILE C 282 -11.61 36.80 -13.90
C ILE C 282 -11.92 38.19 -13.33
N THR C 283 -12.87 38.25 -12.42
CA THR C 283 -13.33 39.52 -11.87
C THR C 283 -12.51 39.97 -10.67
N ASP C 284 -12.01 39.05 -9.87
CA ASP C 284 -11.26 39.41 -8.68
C ASP C 284 -10.31 38.28 -8.34
N ALA C 285 -9.32 38.60 -7.51
CA ALA C 285 -8.33 37.61 -7.10
C ALA C 285 -7.93 37.88 -5.66
N VAL C 286 -7.41 36.84 -5.02
CA VAL C 286 -6.88 36.93 -3.66
C VAL C 286 -5.47 36.38 -3.68
N ASP C 287 -4.52 37.18 -3.19
CA ASP C 287 -3.14 36.75 -2.98
C ASP C 287 -3.08 36.11 -1.59
N CYS C 288 -3.02 34.77 -1.58
CA CYS C 288 -3.15 34.05 -0.32
C CYS C 288 -2.10 34.48 0.69
N ALA C 289 -0.84 34.57 0.27
CA ALA C 289 0.28 34.77 1.18
C ALA C 289 0.54 36.24 1.48
N LEU C 290 -0.35 37.13 1.03
CA LEU C 290 -0.15 38.55 1.32
C LEU C 290 -0.23 38.84 2.81
N ASP C 291 -1.26 38.30 3.47
CA ASP C 291 -1.53 38.64 4.86
C ASP C 291 -2.36 37.52 5.47
N PRO C 292 -2.44 37.44 6.80
CA PRO C 292 -3.26 36.39 7.41
C PRO C 292 -4.71 36.44 6.97
N LEU C 293 -5.23 37.62 6.64
CA LEU C 293 -6.60 37.71 6.15
C LEU C 293 -6.75 36.92 4.85
N SER C 294 -5.83 37.13 3.91
CA SER C 294 -5.90 36.42 2.64
C SER C 294 -5.63 34.94 2.81
N GLU C 295 -4.75 34.58 3.74
CA GLU C 295 -4.53 33.17 4.04
C GLU C 295 -5.83 32.52 4.52
N THR C 296 -6.57 33.21 5.38
CA THR C 296 -7.84 32.68 5.82
C THR C 296 -8.83 32.60 4.66
N LYS C 297 -8.79 33.59 3.77
CA LYS C 297 -9.67 33.56 2.61
C LYS C 297 -9.39 32.35 1.73
N CYS C 298 -8.12 32.00 1.56
CA CYS C 298 -7.79 30.87 0.72
C CYS C 298 -8.04 29.55 1.43
N THR C 299 -7.87 29.53 2.75
CA THR C 299 -8.20 28.32 3.51
C THR C 299 -9.68 28.02 3.42
N LEU C 300 -10.52 29.04 3.60
CA LEU C 300 -11.96 28.83 3.52
C LEU C 300 -12.47 28.90 2.09
N LYS C 301 -11.61 29.23 1.12
CA LYS C 301 -11.94 29.17 -0.32
C LYS C 301 -13.05 30.17 -0.66
N SER C 302 -12.86 31.43 -0.25
CA SER C 302 -13.83 32.47 -0.58
C SER C 302 -13.12 33.81 -0.59
N PHE C 303 -13.77 34.78 -1.20
CA PHE C 303 -13.46 36.17 -0.97
C PHE C 303 -14.13 36.70 0.27
N THR C 304 -14.59 35.81 1.14
CA THR C 304 -15.28 36.19 2.36
C THR C 304 -14.90 35.22 3.46
N VAL C 305 -14.43 35.77 4.57
CA VAL C 305 -14.09 34.99 5.75
C VAL C 305 -15.07 35.38 6.84
N GLU C 306 -15.72 34.37 7.44
CA GLU C 306 -16.69 34.59 8.49
C GLU C 306 -15.98 34.84 9.82
N LYS C 307 -16.71 35.41 10.77
CA LYS C 307 -16.13 35.67 12.08
C LYS C 307 -15.71 34.36 12.74
N GLY C 308 -14.46 34.30 13.20
CA GLY C 308 -13.95 33.10 13.81
C GLY C 308 -12.43 33.10 13.81
N ILE C 309 -11.88 31.96 14.24
CA ILE C 309 -10.45 31.76 14.37
C ILE C 309 -10.08 30.51 13.58
N TYR C 310 -9.13 30.64 12.67
CA TYR C 310 -8.73 29.55 11.80
C TYR C 310 -7.21 29.39 11.82
N GLN C 311 -6.76 28.14 11.95
CA GLN C 311 -5.34 27.84 11.85
C GLN C 311 -4.95 27.90 10.38
N THR C 312 -4.11 28.85 10.02
CA THR C 312 -3.77 29.09 8.63
C THR C 312 -2.44 28.48 8.22
N SER C 313 -1.48 28.43 9.13
CA SER C 313 -0.15 27.93 8.81
C SER C 313 0.53 27.51 10.10
N ASN C 314 1.84 27.29 10.02
CA ASN C 314 2.64 26.91 11.18
C ASN C 314 3.84 27.83 11.31
N PHE C 315 4.25 28.05 12.55
CA PHE C 315 5.36 28.92 12.89
C PHE C 315 6.52 28.08 13.40
N ARG C 316 7.73 28.44 12.95
CA ARG C 316 8.96 27.76 13.30
C ARG C 316 10.07 28.79 13.35
N VAL C 317 10.79 28.81 14.46
CA VAL C 317 11.91 29.70 14.63
C VAL C 317 13.01 29.12 13.74
N GLN C 318 13.14 29.63 12.53
CA GLN C 318 14.14 29.09 11.65
C GLN C 318 15.52 29.25 12.26
N PRO C 319 16.43 28.32 11.99
CA PRO C 319 17.71 28.33 12.69
C PRO C 319 18.54 29.56 12.37
N THR C 320 19.17 30.11 13.41
CA THR C 320 19.96 31.32 13.24
C THR C 320 21.20 31.04 12.40
N GLU C 321 21.83 29.89 12.61
CA GLU C 321 23.08 29.56 11.93
C GLU C 321 23.30 28.06 12.02
N SER C 322 24.47 27.62 11.58
CA SER C 322 24.85 26.20 11.58
C SER C 322 26.06 26.00 12.46
N ILE C 323 26.03 24.93 13.25
CA ILE C 323 27.09 24.61 14.21
C ILE C 323 27.67 23.25 13.86
N VAL C 324 29.00 23.19 13.76
CA VAL C 324 29.73 21.95 13.51
C VAL C 324 30.71 21.76 14.65
N ARG C 325 30.67 20.58 15.27
CA ARG C 325 31.51 20.27 16.43
C ARG C 325 32.05 18.84 16.25
N PHE C 326 33.29 18.75 15.79
CA PHE C 326 33.98 17.49 15.64
C PHE C 326 35.10 17.41 16.67
N PRO C 327 35.58 16.20 16.96
CA PRO C 327 36.69 16.07 17.92
C PRO C 327 37.94 16.75 17.40
N ASN C 328 38.83 17.10 18.33
CA ASN C 328 40.05 17.82 17.99
C ASN C 328 41.09 16.88 17.40
N ILE C 329 40.67 16.02 16.48
CA ILE C 329 41.56 15.05 15.86
C ILE C 329 42.23 15.70 14.64
N THR C 330 43.54 15.51 14.52
CA THR C 330 44.36 16.19 13.53
C THR C 330 45.21 15.21 12.73
N ASN C 331 44.66 14.05 12.41
CA ASN C 331 45.38 13.01 11.67
C ASN C 331 44.77 12.81 10.30
N LEU C 332 45.62 12.60 9.31
CA LEU C 332 45.19 12.27 7.96
C LEU C 332 45.02 10.76 7.85
N CYS C 333 43.97 10.35 7.15
CA CYS C 333 43.70 8.93 6.97
C CYS C 333 44.70 8.33 6.00
N PRO C 334 45.43 7.27 6.38
CA PRO C 334 46.44 6.69 5.48
C PRO C 334 45.84 5.79 4.41
N PHE C 335 45.08 6.41 3.50
CA PHE C 335 44.52 5.69 2.37
C PHE C 335 45.55 5.45 1.27
N GLY C 336 46.71 6.09 1.34
CA GLY C 336 47.73 5.88 0.32
C GLY C 336 48.24 4.46 0.31
N GLU C 337 48.52 3.90 1.49
CA GLU C 337 49.02 2.54 1.57
C GLU C 337 47.94 1.49 1.30
N VAL C 338 46.75 1.93 0.88
CA VAL C 338 45.70 1.04 0.41
C VAL C 338 45.52 1.13 -1.10
N PHE C 339 45.19 2.32 -1.60
CA PHE C 339 45.00 2.51 -3.04
C PHE C 339 46.33 2.53 -3.79
N ASN C 340 47.39 3.00 -3.14
CA ASN C 340 48.69 3.16 -3.78
C ASN C 340 49.69 2.08 -3.34
N ALA C 341 49.21 0.96 -2.83
CA ALA C 341 50.12 -0.12 -2.45
C ALA C 341 50.77 -0.73 -3.69
N THR C 342 51.99 -1.23 -3.51
CA THR C 342 52.73 -1.80 -4.64
C THR C 342 52.10 -3.11 -5.10
N ARG C 343 51.72 -3.97 -4.17
CA ARG C 343 51.16 -5.28 -4.50
C ARG C 343 49.93 -5.52 -3.65
N PHE C 344 48.80 -5.72 -4.30
CA PHE C 344 47.56 -6.05 -3.60
C PHE C 344 47.55 -7.51 -3.21
N ALA C 345 46.68 -7.84 -2.24
CA ALA C 345 46.55 -9.20 -1.77
C ALA C 345 45.67 -10.02 -2.73
N SER C 346 45.59 -11.31 -2.48
CA SER C 346 44.74 -12.19 -3.27
C SER C 346 43.30 -12.11 -2.76
N VAL C 347 42.36 -12.36 -3.66
CA VAL C 347 40.95 -12.22 -3.30
C VAL C 347 40.58 -13.22 -2.22
N TYR C 348 41.08 -14.45 -2.29
CA TYR C 348 40.78 -15.43 -1.26
C TYR C 348 41.38 -15.04 0.08
N ALA C 349 42.47 -14.28 0.05
CA ALA C 349 43.10 -13.78 1.27
C ALA C 349 43.08 -12.25 1.25
N TRP C 350 41.92 -11.69 0.89
CA TRP C 350 41.80 -10.24 0.74
C TRP C 350 42.28 -9.53 2.00
N ASN C 351 43.05 -8.46 1.79
CA ASN C 351 43.62 -7.71 2.89
C ASN C 351 42.60 -6.73 3.45
N ARG C 352 42.62 -6.51 4.76
CA ARG C 352 41.74 -5.55 5.40
C ARG C 352 42.56 -4.61 6.28
N LYS C 353 42.50 -3.32 6.00
CA LYS C 353 43.11 -2.29 6.82
C LYS C 353 42.05 -1.50 7.55
N ARG C 354 42.30 -1.20 8.82
CA ARG C 354 41.39 -0.41 9.64
C ARG C 354 41.81 1.05 9.60
N ILE C 355 40.92 1.91 9.12
CA ILE C 355 41.12 3.35 9.13
C ILE C 355 40.30 3.91 10.28
N SER C 356 40.99 4.57 11.21
CA SER C 356 40.34 5.10 12.40
C SER C 356 41.13 6.30 12.91
N ASN C 357 40.41 7.23 13.52
CA ASN C 357 41.02 8.39 14.18
C ASN C 357 41.84 9.21 13.18
N CYS C 358 41.13 9.75 12.19
CA CYS C 358 41.77 10.50 11.12
C CYS C 358 40.67 11.23 10.34
N VAL C 359 41.10 12.12 9.45
CA VAL C 359 40.20 12.86 8.57
C VAL C 359 40.66 12.64 7.13
N ALA C 360 39.71 12.33 6.26
CA ALA C 360 39.99 12.04 4.86
C ALA C 360 39.18 12.97 3.96
N ASP C 361 39.86 13.57 2.98
CA ASP C 361 39.20 14.38 1.96
C ASP C 361 38.87 13.46 0.78
N TYR C 362 37.62 13.03 0.71
CA TYR C 362 37.20 12.14 -0.36
C TYR C 362 37.03 12.85 -1.69
N SER C 363 37.20 14.18 -1.72
CA SER C 363 37.12 14.89 -3.00
C SER C 363 38.18 14.38 -3.97
N VAL C 364 39.39 14.12 -3.47
CA VAL C 364 40.42 13.57 -4.33
C VAL C 364 40.02 12.21 -4.88
N LEU C 365 39.16 11.50 -4.15
CA LEU C 365 38.84 10.13 -4.51
C LEU C 365 37.85 10.08 -5.69
N TYR C 366 36.66 10.63 -5.51
CA TYR C 366 35.65 10.55 -6.56
C TYR C 366 35.94 11.50 -7.72
N ASN C 367 36.88 12.42 -7.57
CA ASN C 367 37.34 13.24 -8.68
C ASN C 367 38.47 12.59 -9.45
N SER C 368 38.93 11.42 -9.04
CA SER C 368 39.99 10.73 -9.74
C SER C 368 39.43 9.97 -10.94
N ALA C 369 40.13 10.09 -12.06
CA ALA C 369 39.74 9.41 -13.29
C ALA C 369 40.41 8.06 -13.46
N SER C 370 41.19 7.61 -12.48
CA SER C 370 41.91 6.36 -12.58
C SER C 370 41.04 5.14 -12.29
N PHE C 371 39.78 5.34 -11.92
CA PHE C 371 38.91 4.25 -11.51
C PHE C 371 37.90 3.95 -12.61
N SER C 372 37.77 2.66 -12.94
CA SER C 372 36.76 2.21 -13.89
C SER C 372 35.43 1.91 -13.21
N THR C 373 35.46 1.50 -11.94
CA THR C 373 34.26 1.23 -11.17
C THR C 373 34.30 2.05 -9.89
N PHE C 374 33.21 2.79 -9.64
CA PHE C 374 33.08 3.56 -8.40
C PHE C 374 31.58 3.56 -8.05
N LYS C 375 31.17 2.60 -7.22
CA LYS C 375 29.76 2.43 -6.89
C LYS C 375 29.59 2.41 -5.39
N CYS C 376 28.79 3.33 -4.87
CA CYS C 376 28.54 3.42 -3.44
C CYS C 376 27.14 2.93 -3.12
N TYR C 377 27.01 2.25 -1.98
CA TYR C 377 25.77 1.65 -1.53
C TYR C 377 25.46 2.18 -0.14
N GLY C 378 24.29 2.81 0.00
CA GLY C 378 23.92 3.48 1.23
C GLY C 378 24.49 4.87 1.38
N VAL C 379 25.27 5.34 0.41
CA VAL C 379 25.98 6.60 0.52
C VAL C 379 26.42 7.01 -0.87
N SER C 380 26.70 8.33 -1.04
CA SER C 380 27.13 8.91 -2.32
C SER C 380 28.58 9.39 -2.24
N PRO C 381 29.33 9.33 -3.35
CA PRO C 381 30.73 9.79 -3.26
C PRO C 381 30.88 11.23 -2.82
N THR C 382 29.99 12.12 -3.27
CA THR C 382 30.12 13.55 -3.03
C THR C 382 29.75 13.95 -1.60
N LYS C 383 28.98 13.13 -0.89
CA LYS C 383 28.53 13.47 0.46
C LYS C 383 29.51 13.07 1.54
N LEU C 384 30.54 12.29 1.20
CA LEU C 384 31.41 11.72 2.23
C LEU C 384 32.14 12.80 3.01
N ASN C 385 32.36 13.96 2.41
CA ASN C 385 33.06 15.03 3.10
C ASN C 385 32.20 15.71 4.17
N ASP C 386 30.90 15.44 4.21
CA ASP C 386 30.01 16.05 5.18
C ASP C 386 29.66 15.11 6.32
N LEU C 387 30.37 13.99 6.44
CA LEU C 387 29.99 12.90 7.33
C LEU C 387 31.14 12.50 8.24
N CYS C 388 30.78 11.86 9.35
CA CYS C 388 31.72 11.19 10.23
C CYS C 388 31.33 9.72 10.35
N PHE C 389 32.34 8.86 10.54
CA PHE C 389 32.10 7.44 10.72
C PHE C 389 32.93 6.93 11.90
N THR C 390 32.37 5.94 12.61
CA THR C 390 33.08 5.36 13.75
C THR C 390 34.36 4.68 13.29
N ASN C 391 34.30 3.93 12.20
CA ASN C 391 35.47 3.28 11.64
C ASN C 391 35.28 3.12 10.14
N VAL C 392 36.38 2.90 9.43
CA VAL C 392 36.33 2.54 8.03
C VAL C 392 37.20 1.31 7.82
N TYR C 393 36.73 0.38 6.99
CA TYR C 393 37.50 -0.80 6.65
C TYR C 393 37.79 -0.78 5.16
N ALA C 394 39.07 -0.74 4.82
CA ALA C 394 39.52 -0.76 3.42
C ALA C 394 39.97 -2.18 3.12
N ASP C 395 39.16 -2.91 2.38
CA ASP C 395 39.46 -4.28 1.99
C ASP C 395 39.96 -4.27 0.55
N SER C 396 41.20 -4.69 0.36
CA SER C 396 41.88 -4.59 -0.92
C SER C 396 42.24 -5.98 -1.43
N PHE C 397 42.09 -6.17 -2.73
CA PHE C 397 42.46 -7.44 -3.36
C PHE C 397 42.49 -7.23 -4.87
N VAL C 398 42.77 -8.30 -5.60
CA VAL C 398 42.86 -8.29 -7.06
C VAL C 398 41.98 -9.39 -7.61
N ILE C 399 41.19 -9.07 -8.64
CA ILE C 399 40.40 -10.03 -9.38
C ILE C 399 40.58 -9.74 -10.87
N ARG C 400 39.76 -10.37 -11.69
CA ARG C 400 39.71 -10.04 -13.11
C ARG C 400 38.47 -9.23 -13.43
N GLY C 401 38.45 -8.63 -14.62
CA GLY C 401 37.40 -7.68 -14.95
C GLY C 401 36.01 -8.27 -14.89
N ASP C 402 35.81 -9.45 -15.48
CA ASP C 402 34.49 -10.06 -15.54
C ASP C 402 33.95 -10.38 -14.15
N GLU C 403 34.79 -10.39 -13.13
CA GLU C 403 34.37 -10.65 -11.77
C GLU C 403 34.10 -9.40 -10.96
N VAL C 404 34.35 -8.21 -11.53
CA VAL C 404 34.17 -6.98 -10.75
C VAL C 404 32.70 -6.82 -10.35
N ARG C 405 31.78 -7.24 -11.22
CA ARG C 405 30.37 -7.18 -10.89
C ARG C 405 30.02 -8.02 -9.66
N GLN C 406 30.79 -9.07 -9.39
CA GLN C 406 30.50 -9.91 -8.23
C GLN C 406 30.78 -9.22 -6.91
N ILE C 407 31.55 -8.13 -6.92
CA ILE C 407 31.82 -7.36 -5.69
C ILE C 407 30.68 -6.36 -5.59
N ALA C 408 29.58 -6.80 -5.00
CA ALA C 408 28.40 -5.96 -4.83
C ALA C 408 27.40 -6.68 -3.93
N PRO C 409 26.61 -5.94 -3.14
CA PRO C 409 25.64 -6.58 -2.25
C PRO C 409 24.59 -7.35 -3.05
N GLY C 410 24.46 -8.63 -2.76
CA GLY C 410 23.50 -9.46 -3.46
C GLY C 410 24.03 -10.01 -4.78
N GLN C 411 25.17 -10.70 -4.73
CA GLN C 411 25.78 -11.31 -5.89
C GLN C 411 26.18 -12.74 -5.57
N THR C 412 26.32 -13.55 -6.62
CA THR C 412 26.72 -14.93 -6.48
C THR C 412 27.74 -15.28 -7.55
N GLY C 413 28.58 -16.25 -7.24
CA GLY C 413 29.63 -16.68 -8.14
C GLY C 413 30.80 -17.22 -7.35
N ASN C 414 31.87 -17.54 -8.07
CA ASN C 414 33.08 -18.03 -7.41
C ASN C 414 33.63 -16.98 -6.45
N ILE C 415 33.75 -15.73 -6.90
CA ILE C 415 34.31 -14.68 -6.06
C ILE C 415 33.39 -14.39 -4.88
N ALA C 416 32.10 -14.21 -5.15
CA ALA C 416 31.17 -13.84 -4.08
C ALA C 416 31.01 -14.98 -3.08
N ASP C 417 30.85 -16.21 -3.56
CA ASP C 417 30.54 -17.32 -2.68
C ASP C 417 31.77 -17.83 -1.93
N TYR C 418 32.96 -17.79 -2.55
CA TYR C 418 34.12 -18.50 -2.02
C TYR C 418 35.26 -17.58 -1.58
N ASN C 419 35.32 -16.35 -2.09
CA ASN C 419 36.46 -15.47 -1.84
C ASN C 419 36.10 -14.25 -1.00
N TYR C 420 35.10 -13.47 -1.42
CA TYR C 420 34.75 -12.24 -0.71
C TYR C 420 33.27 -11.95 -0.91
N LYS C 421 32.53 -11.89 0.19
CA LYS C 421 31.08 -11.68 0.16
C LYS C 421 30.73 -10.38 0.86
N LEU C 422 29.92 -9.55 0.19
CA LEU C 422 29.40 -8.32 0.78
C LEU C 422 28.01 -8.56 1.36
N PRO C 423 27.70 -8.07 2.55
CA PRO C 423 26.37 -8.26 3.12
C PRO C 423 25.31 -7.47 2.36
N ASP C 424 24.05 -7.84 2.59
CA ASP C 424 22.94 -7.18 1.91
C ASP C 424 22.74 -5.77 2.42
N ASP C 425 22.96 -5.55 3.72
CA ASP C 425 22.89 -4.21 4.31
C ASP C 425 24.22 -3.49 4.26
N PHE C 426 25.07 -3.82 3.29
CA PHE C 426 26.40 -3.20 3.21
C PHE C 426 26.26 -1.71 2.91
N THR C 427 26.96 -0.91 3.70
CA THR C 427 27.09 0.52 3.46
C THR C 427 28.57 0.82 3.20
N GLY C 428 28.86 1.42 2.05
CA GLY C 428 30.23 1.67 1.69
C GLY C 428 30.35 2.03 0.22
N CYS C 429 31.55 1.90 -0.30
CA CYS C 429 31.86 2.17 -1.69
C CYS C 429 32.83 1.12 -2.24
N VAL C 430 32.50 0.56 -3.39
CA VAL C 430 33.36 -0.38 -4.09
C VAL C 430 34.03 0.37 -5.23
N ILE C 431 35.37 0.32 -5.25
CA ILE C 431 36.17 1.02 -6.25
C ILE C 431 37.07 -0.01 -6.91
N ALA C 432 37.05 -0.06 -8.23
CA ALA C 432 37.90 -0.97 -8.98
C ALA C 432 38.56 -0.24 -10.12
N TRP C 433 39.80 -0.64 -10.42
CA TRP C 433 40.52 -0.04 -11.53
C TRP C 433 41.44 -1.08 -12.16
N ASN C 434 41.60 -0.98 -13.47
CA ASN C 434 42.45 -1.91 -14.20
C ASN C 434 43.90 -1.75 -13.77
N SER C 435 44.58 -2.87 -13.54
CA SER C 435 45.97 -2.90 -13.12
C SER C 435 46.77 -3.82 -14.03
N ASN C 436 46.53 -3.73 -15.34
CA ASN C 436 47.28 -4.58 -16.27
C ASN C 436 48.76 -4.26 -16.24
N ASN C 437 49.11 -2.97 -16.15
CA ASN C 437 50.51 -2.58 -16.13
C ASN C 437 51.24 -3.06 -14.90
N LEU C 438 50.52 -3.39 -13.83
CA LEU C 438 51.12 -3.76 -12.55
C LEU C 438 51.08 -5.25 -12.26
N ASP C 439 50.00 -5.93 -12.62
CA ASP C 439 49.77 -7.31 -12.21
C ASP C 439 49.82 -8.29 -13.37
N SER C 440 50.34 -7.89 -14.54
CA SER C 440 50.46 -8.77 -15.70
C SER C 440 51.92 -8.95 -16.04
N LYS C 441 52.34 -10.22 -16.17
CA LYS C 441 53.69 -10.56 -16.55
C LYS C 441 53.67 -11.36 -17.86
N VAL C 442 54.73 -11.22 -18.64
CA VAL C 442 54.79 -11.89 -19.94
C VAL C 442 54.72 -13.40 -19.75
N GLY C 443 55.45 -13.93 -18.77
CA GLY C 443 55.41 -15.35 -18.48
C GLY C 443 54.24 -15.79 -17.66
N GLY C 444 53.34 -14.86 -17.29
CA GLY C 444 52.19 -15.19 -16.49
C GLY C 444 52.40 -14.84 -15.03
N ASN C 445 51.52 -14.00 -14.48
CA ASN C 445 51.61 -13.59 -13.08
C ASN C 445 50.77 -14.56 -12.25
N TYR C 446 51.44 -15.48 -11.57
CA TYR C 446 50.78 -16.49 -10.75
C TYR C 446 50.74 -16.11 -9.27
N ASN C 447 51.10 -14.87 -8.93
CA ASN C 447 51.09 -14.47 -7.53
C ASN C 447 49.67 -14.40 -6.98
N TYR C 448 48.70 -14.04 -7.81
CA TYR C 448 47.32 -13.88 -7.36
C TYR C 448 46.56 -15.19 -7.55
N LEU C 449 45.85 -15.60 -6.50
CA LEU C 449 45.06 -16.82 -6.50
C LEU C 449 43.63 -16.51 -6.08
N TYR C 450 42.72 -17.41 -6.44
CA TYR C 450 41.33 -17.30 -6.03
C TYR C 450 40.81 -18.69 -5.69
N ARG C 451 40.01 -18.78 -4.63
CA ARG C 451 39.49 -20.07 -4.20
C ARG C 451 38.49 -20.58 -5.22
N LEU C 452 38.81 -21.72 -5.84
CA LEU C 452 37.97 -22.28 -6.90
C LEU C 452 36.91 -23.23 -6.34
N PHE C 453 37.18 -23.90 -5.23
CA PHE C 453 36.24 -24.80 -4.60
C PHE C 453 36.18 -24.53 -3.11
N ARG C 454 34.98 -24.51 -2.55
CA ARG C 454 34.79 -24.40 -1.11
C ARG C 454 33.61 -25.26 -0.71
N LYS C 455 33.62 -25.71 0.55
CA LYS C 455 32.58 -26.61 1.02
C LYS C 455 31.25 -25.89 1.24
N SER C 456 31.27 -24.56 1.33
CA SER C 456 30.05 -23.79 1.54
C SER C 456 30.31 -22.36 1.11
N ASN C 457 29.33 -21.49 1.28
CA ASN C 457 29.45 -20.08 0.94
C ASN C 457 29.97 -19.29 2.14
N LEU C 458 30.69 -18.22 1.85
CA LEU C 458 31.23 -17.37 2.90
C LEU C 458 30.15 -16.45 3.45
N LYS C 459 30.17 -16.25 4.78
CA LYS C 459 29.36 -15.22 5.38
C LYS C 459 29.95 -13.85 5.03
N PRO C 460 29.14 -12.79 5.13
CA PRO C 460 29.65 -11.46 4.78
C PRO C 460 30.90 -11.10 5.57
N PHE C 461 31.88 -10.53 4.88
CA PHE C 461 33.14 -10.11 5.50
C PHE C 461 33.79 -11.27 6.24
N GLU C 462 33.76 -12.44 5.62
CA GLU C 462 34.45 -13.62 6.14
C GLU C 462 35.59 -13.99 5.21
N ARG C 463 36.74 -14.33 5.79
CA ARG C 463 37.93 -14.68 5.03
C ARG C 463 38.32 -16.11 5.34
N ASP C 464 38.70 -16.85 4.29
CA ASP C 464 39.13 -18.24 4.42
C ASP C 464 40.49 -18.38 3.74
N ILE C 465 41.52 -18.66 4.52
CA ILE C 465 42.87 -18.88 4.02
C ILE C 465 43.28 -20.34 4.08
N SER C 466 42.38 -21.23 4.49
CA SER C 466 42.71 -22.64 4.55
C SER C 466 43.02 -23.19 3.17
N THR C 467 44.09 -23.97 3.08
CA THR C 467 44.49 -24.62 1.83
C THR C 467 44.28 -26.13 1.87
N GLU C 468 43.39 -26.61 2.73
CA GLU C 468 43.10 -28.03 2.81
C GLU C 468 42.59 -28.53 1.46
N ILE C 469 43.04 -29.71 1.06
CA ILE C 469 42.62 -30.28 -0.21
C ILE C 469 41.11 -30.51 -0.17
N TYR C 470 40.43 -30.01 -1.19
CA TYR C 470 38.97 -30.08 -1.25
C TYR C 470 38.53 -31.49 -1.60
N GLN C 471 37.60 -32.03 -0.82
CA GLN C 471 37.03 -33.36 -1.06
C GLN C 471 35.77 -33.18 -1.89
N ALA C 472 35.87 -33.46 -3.18
CA ALA C 472 34.74 -33.28 -4.09
C ALA C 472 33.77 -34.45 -4.06
N GLY C 473 34.10 -35.55 -3.37
CA GLY C 473 33.22 -36.69 -3.29
C GLY C 473 33.18 -37.30 -1.90
N SER C 474 33.01 -38.62 -1.83
CA SER C 474 32.99 -39.35 -0.57
C SER C 474 34.34 -39.98 -0.24
N THR C 475 35.37 -39.71 -1.04
CA THR C 475 36.68 -40.28 -0.80
C THR C 475 37.55 -39.25 -0.09
N PRO C 476 37.94 -39.46 1.16
CA PRO C 476 38.83 -38.48 1.81
C PRO C 476 40.15 -38.37 1.08
N CYS C 477 40.68 -37.16 1.01
CA CYS C 477 41.89 -36.88 0.25
C CYS C 477 43.16 -37.09 1.07
N ASN C 478 43.09 -36.90 2.39
CA ASN C 478 44.25 -37.06 3.26
C ASN C 478 45.41 -36.17 2.80
N GLY C 479 45.08 -34.97 2.33
CA GLY C 479 46.09 -34.02 1.93
C GLY C 479 46.81 -34.35 0.64
N VAL C 480 46.24 -35.21 -0.20
CA VAL C 480 46.85 -35.60 -1.46
C VAL C 480 45.83 -35.40 -2.58
N LYS C 481 46.28 -34.78 -3.67
CA LYS C 481 45.41 -34.58 -4.83
C LYS C 481 45.14 -35.92 -5.51
N GLY C 482 44.37 -35.86 -6.59
CA GLY C 482 44.05 -37.06 -7.35
C GLY C 482 42.67 -37.02 -7.96
N PHE C 483 41.88 -38.08 -7.72
CA PHE C 483 40.52 -38.17 -8.22
C PHE C 483 39.56 -37.68 -7.15
N ASN C 484 38.66 -36.77 -7.54
CA ASN C 484 37.73 -36.15 -6.61
C ASN C 484 38.45 -35.41 -5.49
N CYS C 485 39.64 -34.90 -5.79
CA CYS C 485 40.43 -34.12 -4.84
C CYS C 485 41.16 -33.03 -5.60
N TYR C 486 40.94 -31.78 -5.20
CA TYR C 486 41.50 -30.64 -5.90
C TYR C 486 42.16 -29.70 -4.91
N PHE C 487 43.15 -28.96 -5.38
CA PHE C 487 43.72 -27.87 -4.61
C PHE C 487 42.75 -26.69 -4.63
N PRO C 488 42.28 -26.21 -3.47
CA PRO C 488 41.15 -25.26 -3.48
C PRO C 488 41.45 -23.95 -4.19
N LEU C 489 42.71 -23.59 -4.35
CA LEU C 489 43.08 -22.29 -4.94
C LEU C 489 43.55 -22.47 -6.37
N GLN C 490 43.08 -21.58 -7.24
CA GLN C 490 43.47 -21.56 -8.65
C GLN C 490 44.15 -20.24 -8.95
N SER C 491 45.30 -20.31 -9.60
CA SER C 491 46.04 -19.10 -9.95
C SER C 491 45.38 -18.39 -11.12
N TYR C 492 45.36 -17.05 -11.06
CA TYR C 492 44.83 -16.27 -12.17
C TYR C 492 45.73 -16.37 -13.39
N GLY C 493 47.05 -16.28 -13.20
CA GLY C 493 47.98 -16.31 -14.31
C GLY C 493 47.79 -15.14 -15.25
N PHE C 494 47.67 -13.94 -14.71
CA PHE C 494 47.46 -12.76 -15.53
C PHE C 494 48.61 -12.60 -16.53
N GLN C 495 48.25 -12.22 -17.76
CA GLN C 495 49.22 -11.96 -18.81
C GLN C 495 48.82 -10.67 -19.51
N PRO C 496 49.79 -9.90 -20.00
CA PRO C 496 49.44 -8.64 -20.69
C PRO C 496 48.63 -8.85 -21.95
N THR C 497 48.67 -10.04 -22.55
CA THR C 497 47.94 -10.32 -23.77
C THR C 497 46.50 -10.76 -23.52
N TYR C 498 46.09 -10.88 -22.26
CA TYR C 498 44.72 -11.26 -21.96
C TYR C 498 43.74 -10.17 -22.38
N GLY C 499 42.48 -10.57 -22.54
CA GLY C 499 41.44 -9.62 -22.86
C GLY C 499 41.04 -8.77 -21.66
N VAL C 500 40.19 -7.79 -21.94
CA VAL C 500 39.76 -6.86 -20.89
C VAL C 500 39.05 -7.60 -19.78
N GLY C 501 38.26 -8.62 -20.14
CA GLY C 501 37.56 -9.40 -19.14
C GLY C 501 38.44 -10.33 -18.32
N TYR C 502 39.71 -10.47 -18.70
CA TYR C 502 40.66 -11.29 -17.96
C TYR C 502 41.85 -10.50 -17.44
N GLN C 503 41.97 -9.23 -17.77
CA GLN C 503 43.05 -8.42 -17.22
C GLN C 503 42.83 -8.18 -15.72
N PRO C 504 43.90 -7.96 -14.97
CA PRO C 504 43.76 -7.80 -13.51
C PRO C 504 43.19 -6.43 -13.15
N TYR C 505 42.18 -6.44 -12.28
CA TYR C 505 41.62 -5.24 -11.69
C TYR C 505 41.86 -5.26 -10.19
N ARG C 506 42.35 -4.15 -9.67
CA ARG C 506 42.52 -3.96 -8.23
C ARG C 506 41.22 -3.38 -7.67
N VAL C 507 40.73 -4.00 -6.59
CA VAL C 507 39.45 -3.64 -5.98
C VAL C 507 39.70 -3.26 -4.53
N VAL C 508 39.22 -2.08 -4.16
CA VAL C 508 39.21 -1.60 -2.78
C VAL C 508 37.76 -1.35 -2.38
N VAL C 509 37.35 -1.96 -1.28
CA VAL C 509 36.01 -1.81 -0.73
C VAL C 509 36.13 -1.04 0.58
N LEU C 510 35.47 0.11 0.65
CA LEU C 510 35.47 0.95 1.83
C LEU C 510 34.14 0.75 2.54
N SER C 511 34.20 0.13 3.71
CA SER C 511 33.03 -0.10 4.54
C SER C 511 33.03 0.98 5.63
N PHE C 512 32.00 1.81 5.64
CA PHE C 512 31.86 2.90 6.60
C PHE C 512 30.95 2.42 7.73
N GLU C 513 31.52 2.21 8.91
CA GLU C 513 30.74 1.79 10.07
C GLU C 513 30.05 3.00 10.68
N LEU C 514 28.73 2.96 10.74
CA LEU C 514 27.93 4.00 11.39
C LEU C 514 27.29 3.36 12.61
N LEU C 515 28.03 3.34 13.72
CA LEU C 515 27.57 2.78 14.97
C LEU C 515 27.18 3.90 15.92
N HIS C 516 26.84 3.54 17.16
CA HIS C 516 26.55 4.51 18.19
C HIS C 516 27.81 5.00 18.90
N ALA C 517 28.95 4.40 18.64
CA ALA C 517 30.19 4.80 19.26
C ALA C 517 30.63 6.16 18.74
N PRO C 518 31.53 6.83 19.44
CA PRO C 518 32.02 8.13 18.95
C PRO C 518 32.63 7.97 17.57
N ALA C 519 32.37 8.96 16.72
CA ALA C 519 32.95 8.93 15.38
C ALA C 519 34.43 9.24 15.45
N THR C 520 35.20 8.57 14.59
CA THR C 520 36.63 8.77 14.53
C THR C 520 37.15 9.06 13.14
N VAL C 521 36.41 8.73 12.09
CA VAL C 521 36.75 9.08 10.71
C VAL C 521 35.74 10.10 10.23
N CYS C 522 36.22 11.29 9.85
CA CYS C 522 35.36 12.37 9.38
C CYS C 522 35.93 12.93 8.08
N GLY C 523 35.10 13.74 7.42
CA GLY C 523 35.52 14.45 6.23
C GLY C 523 36.36 15.65 6.57
N PRO C 524 36.86 16.32 5.53
CA PRO C 524 37.70 17.51 5.77
C PRO C 524 36.84 18.72 6.09
N LYS C 525 36.20 18.67 7.26
CA LYS C 525 35.20 19.63 7.67
C LYS C 525 35.60 20.24 9.01
N LYS C 526 35.77 21.56 9.03
CA LYS C 526 36.16 22.20 10.28
C LYS C 526 34.98 22.30 11.23
N SER C 527 35.29 22.50 12.50
CA SER C 527 34.28 22.61 13.55
C SER C 527 34.16 24.07 13.97
N THR C 528 32.95 24.59 13.90
CA THR C 528 32.71 25.99 14.23
C THR C 528 32.71 26.16 15.74
N ASN C 529 32.51 27.40 16.19
CA ASN C 529 32.40 27.67 17.61
C ASN C 529 31.03 27.24 18.13
N LEU C 530 30.99 26.97 19.44
CA LEU C 530 29.77 26.48 20.07
C LEU C 530 28.88 27.67 20.42
N VAL C 531 27.65 27.65 19.90
CA VAL C 531 26.69 28.72 20.11
C VAL C 531 25.54 28.15 20.92
N LYS C 532 25.22 28.81 22.04
CA LYS C 532 24.20 28.34 22.96
C LYS C 532 23.06 29.35 23.03
N ASN C 533 21.94 28.90 23.58
CA ASN C 533 20.79 29.75 23.85
C ASN C 533 20.18 30.32 22.57
N LYS C 534 20.51 29.74 21.42
CA LYS C 534 20.02 30.21 20.13
C LYS C 534 19.57 29.03 19.28
N CYS C 535 18.63 29.31 18.38
CA CYS C 535 18.18 28.31 17.42
C CYS C 535 19.22 28.14 16.33
N VAL C 536 19.85 26.96 16.28
CA VAL C 536 20.90 26.68 15.31
C VAL C 536 20.73 25.25 14.81
N ASN C 537 21.32 25.01 13.64
CA ASN C 537 21.51 23.65 13.15
C ASN C 537 22.87 23.17 13.63
N PHE C 538 22.87 22.15 14.48
CA PHE C 538 24.07 21.64 15.13
C PHE C 538 24.47 20.32 14.50
N ASN C 539 25.74 19.99 14.65
CA ASN C 539 26.31 18.75 14.12
C ASN C 539 27.43 18.31 15.05
N PHE C 540 27.18 17.22 15.78
CA PHE C 540 28.13 16.67 16.75
C PHE C 540 28.56 15.30 16.26
N ASN C 541 29.81 15.20 15.80
CA ASN C 541 30.38 13.92 15.35
C ASN C 541 29.51 13.28 14.28
N GLY C 542 28.99 14.10 13.38
CA GLY C 542 28.16 13.64 12.29
C GLY C 542 26.69 13.56 12.62
N LEU C 543 26.32 13.61 13.89
CA LEU C 543 24.92 13.64 14.28
C LEU C 543 24.39 15.05 14.11
N THR C 544 23.46 15.22 13.17
CA THR C 544 22.92 16.53 12.84
C THR C 544 21.59 16.74 13.57
N GLY C 545 21.19 18.00 13.63
CA GLY C 545 19.90 18.33 14.22
C GLY C 545 19.71 19.82 14.26
N THR C 546 18.54 20.22 14.73
CA THR C 546 18.17 21.62 14.86
C THR C 546 17.61 21.87 16.25
N GLY C 547 18.04 22.96 16.87
CA GLY C 547 17.49 23.31 18.16
C GLY C 547 18.34 24.33 18.88
N VAL C 548 18.10 24.40 20.20
CA VAL C 548 18.79 25.28 21.12
C VAL C 548 19.62 24.42 22.06
N LEU C 549 20.90 24.76 22.16
CA LEU C 549 21.84 24.08 23.04
C LEU C 549 22.00 24.88 24.32
N THR C 550 21.86 24.22 25.46
CA THR C 550 22.04 24.89 26.75
C THR C 550 22.94 24.05 27.65
N GLU C 551 23.64 24.72 28.55
CA GLU C 551 24.45 24.00 29.53
C GLU C 551 23.55 23.16 30.41
N SER C 552 23.97 21.92 30.67
CA SER C 552 23.15 20.96 31.37
C SER C 552 23.85 20.48 32.64
N ASN C 553 23.04 20.11 33.63
CA ASN C 553 23.53 19.58 34.89
C ASN C 553 23.52 18.05 34.92
N LYS C 554 23.17 17.41 33.81
CA LYS C 554 23.13 15.96 33.77
C LYS C 554 24.51 15.38 34.03
N LYS C 555 24.57 14.34 34.86
CA LYS C 555 25.83 13.75 35.31
C LYS C 555 26.17 12.58 34.39
N PHE C 556 26.69 12.91 33.21
CA PHE C 556 27.11 11.89 32.27
C PHE C 556 28.28 11.10 32.83
N LEU C 557 28.23 9.79 32.65
CA LEU C 557 29.39 8.97 32.98
C LEU C 557 30.46 9.13 31.90
N PRO C 558 31.72 8.90 32.24
CA PRO C 558 32.80 9.18 31.29
C PRO C 558 32.65 8.46 29.97
N PHE C 559 32.10 7.25 29.97
CA PHE C 559 31.91 6.48 28.75
C PHE C 559 30.65 6.86 28.01
N GLN C 560 29.84 7.76 28.55
CA GLN C 560 28.61 8.19 27.91
C GLN C 560 28.87 9.44 27.09
N GLN C 561 28.33 9.46 25.86
CA GLN C 561 28.50 10.60 24.98
C GLN C 561 27.20 11.31 24.63
N PHE C 562 26.05 10.65 24.81
CA PHE C 562 24.77 11.28 24.56
C PHE C 562 23.69 10.52 25.29
N GLY C 563 22.57 11.21 25.53
CA GLY C 563 21.39 10.61 26.11
C GLY C 563 20.23 10.72 25.14
N ARG C 564 19.30 9.79 25.23
CA ARG C 564 18.14 9.75 24.36
C ARG C 564 16.87 9.93 25.19
N ASP C 565 15.84 10.43 24.54
CA ASP C 565 14.54 10.62 25.17
C ASP C 565 13.69 9.38 24.95
N ILE C 566 12.42 9.43 25.37
CA ILE C 566 11.53 8.30 25.16
C ILE C 566 11.37 8.06 23.67
N ALA C 567 11.35 9.14 22.88
CA ALA C 567 11.21 9.06 21.44
C ALA C 567 12.51 8.68 20.73
N ASP C 568 13.51 8.19 21.47
CA ASP C 568 14.76 7.76 20.88
C ASP C 568 15.47 8.92 20.18
N THR C 569 15.14 10.15 20.57
CA THR C 569 15.77 11.33 20.04
C THR C 569 16.87 11.80 20.98
N THR C 570 17.98 12.27 20.41
CA THR C 570 19.09 12.74 21.22
C THR C 570 18.69 13.97 22.03
N ASP C 571 18.56 13.79 23.35
CA ASP C 571 18.17 14.87 24.25
C ASP C 571 19.38 15.63 24.79
N ALA C 572 20.55 14.99 24.84
CA ALA C 572 21.74 15.66 25.31
C ALA C 572 22.95 15.08 24.60
N VAL C 573 24.01 15.88 24.51
CA VAL C 573 25.23 15.50 23.83
C VAL C 573 26.43 15.91 24.68
N ARG C 574 27.57 15.30 24.39
CA ARG C 574 28.84 15.71 24.96
C ARG C 574 29.67 16.38 23.88
N ASP C 575 30.09 17.60 24.15
CA ASP C 575 30.86 18.35 23.16
C ASP C 575 32.19 17.65 22.92
N PRO C 576 32.50 17.23 21.69
CA PRO C 576 33.71 16.41 21.48
C PRO C 576 35.01 17.11 21.81
N GLN C 577 35.03 18.44 21.85
CA GLN C 577 36.27 19.18 22.09
C GLN C 577 36.38 19.63 23.55
N THR C 578 35.41 20.38 24.03
CA THR C 578 35.32 20.75 25.45
C THR C 578 34.28 19.83 26.06
N LEU C 579 34.73 18.84 26.82
CA LEU C 579 33.87 17.74 27.20
C LEU C 579 32.82 18.18 28.21
N GLU C 580 31.89 19.01 27.76
CA GLU C 580 30.74 19.44 28.56
C GLU C 580 29.46 18.86 27.99
N ILE C 581 28.48 18.69 28.86
CA ILE C 581 27.20 18.12 28.47
C ILE C 581 26.24 19.25 28.11
N LEU C 582 25.61 19.13 26.95
CA LEU C 582 24.68 20.12 26.44
C LEU C 582 23.31 19.49 26.28
N ASP C 583 22.29 20.16 26.84
CA ASP C 583 20.91 19.79 26.61
C ASP C 583 20.45 20.39 25.29
N ILE C 584 19.69 19.60 24.53
CA ILE C 584 19.17 20.00 23.24
C ILE C 584 17.65 20.11 23.36
N THR C 585 17.09 21.26 22.97
CA THR C 585 15.65 21.41 22.92
C THR C 585 15.20 22.01 21.59
N PRO C 586 14.01 21.66 21.11
CA PRO C 586 13.54 22.27 19.85
C PRO C 586 13.47 23.78 20.01
N CYS C 587 13.74 24.51 18.92
CA CYS C 587 13.76 25.97 19.04
C CYS C 587 12.41 26.49 19.49
N SER C 588 11.41 26.37 18.62
CA SER C 588 10.06 26.81 18.93
C SER C 588 9.21 26.48 17.71
N PHE C 589 7.98 26.06 17.95
CA PHE C 589 7.08 25.84 16.84
C PHE C 589 5.65 25.75 17.36
N GLY C 590 4.72 26.06 16.48
CA GLY C 590 3.31 25.88 16.82
C GLY C 590 2.44 26.43 15.72
N GLY C 591 1.15 26.11 15.80
CA GLY C 591 0.22 26.59 14.81
C GLY C 591 0.10 28.10 14.86
N VAL C 592 -0.33 28.66 13.73
CA VAL C 592 -0.60 30.08 13.60
C VAL C 592 -2.06 30.23 13.22
N SER C 593 -2.84 30.82 14.11
CA SER C 593 -4.27 31.03 13.89
C SER C 593 -4.54 32.51 13.67
N VAL C 594 -5.53 32.80 12.85
CA VAL C 594 -5.94 34.18 12.58
C VAL C 594 -7.33 34.40 13.18
N ILE C 595 -7.41 35.34 14.11
CA ILE C 595 -8.68 35.74 14.70
C ILE C 595 -9.18 36.92 13.89
N THR C 596 -10.33 36.76 13.26
CA THR C 596 -10.88 37.78 12.40
C THR C 596 -12.39 37.90 12.59
N PRO C 597 -12.93 39.12 12.57
CA PRO C 597 -14.35 39.28 12.33
C PRO C 597 -14.66 38.98 10.86
N GLY C 598 -15.94 39.02 10.53
CA GLY C 598 -16.31 38.79 9.14
C GLY C 598 -15.64 39.79 8.22
N THR C 599 -15.13 39.29 7.08
CA THR C 599 -14.54 40.19 6.10
C THR C 599 -15.54 41.24 5.65
N ASN C 600 -16.82 40.90 5.70
CA ASN C 600 -17.87 41.91 5.53
C ASN C 600 -17.75 42.99 6.59
N THR C 601 -17.39 42.60 7.81
CA THR C 601 -17.29 43.57 8.90
C THR C 601 -16.02 44.41 8.78
N SER C 602 -14.86 43.77 8.70
CA SER C 602 -13.60 44.50 8.65
C SER C 602 -12.52 43.60 8.06
N ASN C 603 -11.43 44.23 7.66
CA ASN C 603 -10.23 43.51 7.21
C ASN C 603 -9.14 43.53 8.26
N GLN C 604 -9.45 43.97 9.48
CA GLN C 604 -8.48 43.95 10.58
C GLN C 604 -8.53 42.60 11.29
N VAL C 605 -7.34 42.00 11.50
CA VAL C 605 -7.24 40.69 12.11
C VAL C 605 -6.16 40.72 13.19
N ALA C 606 -6.25 39.75 14.10
CA ALA C 606 -5.20 39.46 15.08
C ALA C 606 -4.64 38.07 14.82
N VAL C 607 -3.44 37.82 15.30
CA VAL C 607 -2.72 36.58 15.05
C VAL C 607 -2.34 35.93 16.37
N LEU C 608 -2.63 34.64 16.49
CA LEU C 608 -2.25 33.85 17.65
C LEU C 608 -1.17 32.86 17.23
N TYR C 609 -0.01 32.95 17.86
CA TYR C 609 1.02 31.93 17.74
C TYR C 609 0.82 30.96 18.90
N GLN C 610 0.31 29.78 18.60
CA GLN C 610 -0.16 28.86 19.63
C GLN C 610 1.01 28.30 20.43
N GLY C 611 0.92 28.40 21.74
CA GLY C 611 1.90 27.75 22.59
C GLY C 611 3.30 28.29 22.47
N VAL C 612 3.45 29.55 22.10
CA VAL C 612 4.76 30.17 21.98
C VAL C 612 4.81 31.38 22.90
N ASN C 613 5.98 31.63 23.45
CA ASN C 613 6.19 32.79 24.30
C ASN C 613 6.22 34.06 23.46
N CYS C 614 5.90 35.19 24.08
CA CYS C 614 5.94 36.44 23.34
C CYS C 614 7.37 36.98 23.27
N THR C 615 8.31 36.13 22.90
CA THR C 615 9.67 36.55 22.60
C THR C 615 10.25 35.92 21.36
N GLU C 616 9.77 34.75 20.93
CA GLU C 616 10.30 34.10 19.73
C GLU C 616 9.81 34.79 18.47
N VAL C 617 8.64 35.42 18.52
CA VAL C 617 8.05 36.04 17.35
C VAL C 617 8.92 37.21 16.89
N SER C 637 3.03 47.15 18.09
CA SER C 637 1.58 47.10 18.22
C SER C 637 1.20 46.51 19.57
N ASN C 638 0.14 45.70 19.59
CA ASN C 638 -0.35 45.07 20.82
C ASN C 638 0.16 43.64 20.90
N VAL C 639 0.89 43.32 21.96
CA VAL C 639 1.38 41.97 22.22
C VAL C 639 0.90 41.56 23.60
N PHE C 640 0.20 40.44 23.69
CA PHE C 640 -0.38 39.96 24.93
C PHE C 640 -0.07 38.48 25.08
N GLN C 641 0.44 38.10 26.25
CA GLN C 641 0.88 36.73 26.49
C GLN C 641 -0.25 35.94 27.13
N THR C 642 -0.85 35.05 26.36
CA THR C 642 -1.88 34.14 26.85
C THR C 642 -1.27 32.77 27.12
N ARG C 643 -2.06 31.92 27.79
CA ARG C 643 -1.62 30.55 28.02
C ARG C 643 -1.72 29.70 26.76
N ALA C 644 -2.54 30.11 25.80
CA ALA C 644 -2.63 29.40 24.53
C ALA C 644 -1.51 29.77 23.57
N GLY C 645 -0.73 30.80 23.89
CA GLY C 645 0.31 31.28 23.04
C GLY C 645 0.39 32.80 23.12
N CYS C 646 1.04 33.39 22.12
CA CYS C 646 1.21 34.83 22.04
C CYS C 646 0.19 35.44 21.08
N LEU C 647 -0.48 36.51 21.51
CA LEU C 647 -1.54 37.16 20.74
C LEU C 647 -1.05 38.53 20.30
N ILE C 648 -1.16 38.81 19.00
CA ILE C 648 -0.66 40.05 18.41
C ILE C 648 -1.79 40.70 17.64
N GLY C 649 -2.02 41.99 17.91
CA GLY C 649 -3.04 42.74 17.21
C GLY C 649 -4.35 42.86 17.95
N ALA C 650 -4.45 42.31 19.15
CA ALA C 650 -5.66 42.40 19.96
C ALA C 650 -5.36 43.18 21.23
N GLU C 651 -6.27 44.09 21.56
CA GLU C 651 -6.11 44.93 22.74
C GLU C 651 -6.69 44.19 23.94
N HIS C 652 -5.83 43.76 24.86
CA HIS C 652 -6.30 43.13 26.07
C HIS C 652 -7.10 44.11 26.90
N VAL C 653 -8.20 43.65 27.47
CA VAL C 653 -9.12 44.51 28.20
C VAL C 653 -9.42 43.89 29.55
N ASN C 654 -9.54 44.74 30.57
CA ASN C 654 -9.91 44.29 31.91
C ASN C 654 -11.38 43.96 32.04
N ASN C 655 -12.21 44.39 31.11
CA ASN C 655 -13.62 44.04 31.16
C ASN C 655 -13.81 42.58 30.77
N SER C 656 -14.99 42.06 31.07
CA SER C 656 -15.33 40.68 30.77
C SER C 656 -16.65 40.64 30.03
N TYR C 657 -16.67 39.98 28.88
CA TYR C 657 -17.87 39.83 28.07
C TYR C 657 -18.10 38.35 27.77
N GLU C 658 -19.18 38.08 27.05
CA GLU C 658 -19.43 36.73 26.56
C GLU C 658 -18.37 36.37 25.55
N CYS C 659 -18.07 35.07 25.46
CA CYS C 659 -17.10 34.63 24.46
C CYS C 659 -17.68 34.81 23.07
N ASP C 660 -16.91 35.49 22.21
CA ASP C 660 -17.31 35.71 20.83
C ASP C 660 -16.47 34.88 19.88
N ILE C 661 -15.15 35.01 19.96
CA ILE C 661 -14.22 34.15 19.26
C ILE C 661 -13.32 33.52 20.33
N PRO C 662 -13.39 32.21 20.54
CA PRO C 662 -12.59 31.62 21.63
C PRO C 662 -11.11 31.56 21.24
N ILE C 663 -10.26 32.06 22.12
CA ILE C 663 -8.81 31.92 21.97
C ILE C 663 -8.28 30.76 22.79
N GLY C 664 -8.68 30.67 24.04
CA GLY C 664 -8.31 29.56 24.90
C GLY C 664 -7.89 30.04 26.28
N ALA C 665 -7.89 29.11 27.23
CA ALA C 665 -7.56 29.42 28.61
C ALA C 665 -8.48 30.49 29.17
N GLY C 666 -9.73 30.48 28.74
CA GLY C 666 -10.69 31.47 29.17
C GLY C 666 -10.61 32.78 28.42
N ILE C 667 -9.68 32.92 27.50
CA ILE C 667 -9.47 34.15 26.77
C ILE C 667 -10.26 34.09 25.47
N CYS C 668 -11.04 35.13 25.20
CA CYS C 668 -11.85 35.23 24.00
C CYS C 668 -11.66 36.61 23.38
N ALA C 669 -11.90 36.69 22.08
CA ALA C 669 -11.64 37.90 21.30
C ALA C 669 -12.91 38.38 20.64
N SER C 670 -13.08 39.70 20.59
CA SER C 670 -14.23 40.31 19.95
C SER C 670 -13.83 41.63 19.31
N TYR C 671 -14.56 42.03 18.28
CA TYR C 671 -14.32 43.29 17.58
C TYR C 671 -15.29 44.33 18.13
N GLN C 672 -14.76 45.36 18.79
CA GLN C 672 -15.60 46.33 19.47
C GLN C 672 -14.96 47.70 19.36
N THR C 673 -15.71 48.72 19.80
CA THR C 673 -15.22 50.09 19.78
C THR C 673 -14.12 50.28 20.80
N SER C 686 -12.43 53.78 15.02
CA SER C 686 -12.09 53.63 16.43
C SER C 686 -12.20 52.16 16.86
N GLN C 687 -12.89 51.37 16.05
CA GLN C 687 -13.12 49.97 16.40
C GLN C 687 -11.84 49.15 16.21
N SER C 688 -11.65 48.18 17.09
CA SER C 688 -10.48 47.33 17.09
C SER C 688 -10.83 45.97 17.68
N ILE C 689 -9.92 45.02 17.47
CA ILE C 689 -10.05 43.70 18.06
C ILE C 689 -9.50 43.73 19.48
N ILE C 690 -10.32 43.25 20.42
CA ILE C 690 -9.97 43.24 21.84
C ILE C 690 -9.99 41.80 22.31
N ALA C 691 -9.18 41.53 23.33
CA ALA C 691 -9.12 40.23 23.97
C ALA C 691 -9.49 40.39 25.44
N TYR C 692 -10.10 39.36 26.01
CA TYR C 692 -10.58 39.49 27.38
C TYR C 692 -10.79 38.10 27.99
N THR C 693 -10.95 38.11 29.31
CA THR C 693 -11.42 36.93 30.02
C THR C 693 -12.93 36.88 29.93
N MET C 694 -13.46 35.80 29.36
CA MET C 694 -14.89 35.72 29.14
C MET C 694 -15.63 35.58 30.45
N SER C 695 -16.79 36.21 30.52
CA SER C 695 -17.71 36.00 31.61
C SER C 695 -18.45 34.68 31.39
N LEU C 696 -18.64 33.94 32.49
CA LEU C 696 -19.45 32.73 32.46
C LEU C 696 -20.87 33.15 32.78
N GLY C 697 -21.66 33.34 31.74
CA GLY C 697 -23.03 33.74 31.94
C GLY C 697 -23.12 34.98 32.81
N VAL C 698 -24.31 35.35 33.22
CA VAL C 698 -24.46 36.39 34.22
C VAL C 698 -24.45 35.73 35.58
N GLU C 699 -23.68 36.29 36.50
CA GLU C 699 -23.70 35.84 37.88
C GLU C 699 -25.08 36.06 38.49
N ASN C 700 -25.49 35.14 39.35
CA ASN C 700 -26.82 35.21 39.95
C ASN C 700 -26.80 34.44 41.28
N SER C 701 -26.90 35.16 42.38
CA SER C 701 -27.09 34.55 43.68
C SER C 701 -28.58 34.39 43.94
N VAL C 702 -29.03 33.14 44.05
CA VAL C 702 -30.45 32.89 44.31
C VAL C 702 -30.77 33.30 45.74
N ALA C 703 -31.92 33.93 45.91
CA ALA C 703 -32.35 34.39 47.22
C ALA C 703 -32.79 33.21 48.08
N TYR C 704 -31.83 32.38 48.48
CA TYR C 704 -32.15 31.20 49.26
C TYR C 704 -32.34 31.53 50.73
N SER C 705 -33.35 30.92 51.33
CA SER C 705 -33.54 30.96 52.77
C SER C 705 -34.30 29.69 53.16
N ASN C 706 -34.48 29.49 54.45
CA ASN C 706 -35.14 28.29 54.94
C ASN C 706 -36.65 28.45 55.04
N ASN C 707 -37.21 29.61 54.68
CA ASN C 707 -38.66 29.76 54.67
C ASN C 707 -39.16 30.64 53.52
N SER C 708 -38.39 30.80 52.46
CA SER C 708 -38.78 31.64 51.32
C SER C 708 -38.90 30.76 50.08
N ILE C 709 -39.95 31.00 49.30
CA ILE C 709 -40.19 30.22 48.08
C ILE C 709 -40.59 31.17 46.96
N ALA C 710 -40.12 30.88 45.76
CA ALA C 710 -40.49 31.64 44.57
C ALA C 710 -41.45 30.79 43.72
N ILE C 711 -42.61 31.37 43.40
CA ILE C 711 -43.63 30.64 42.68
C ILE C 711 -44.06 31.43 41.45
N PRO C 712 -44.13 30.82 40.26
CA PRO C 712 -44.62 31.56 39.10
C PRO C 712 -46.09 31.92 39.23
N THR C 713 -46.41 33.13 38.78
CA THR C 713 -47.77 33.59 38.67
C THR C 713 -48.26 33.63 37.23
N ASN C 714 -47.36 33.44 36.27
CA ASN C 714 -47.69 33.48 34.85
C ASN C 714 -46.86 32.41 34.16
N PHE C 715 -46.93 32.36 32.84
CA PHE C 715 -46.18 31.35 32.09
C PHE C 715 -46.11 31.78 30.63
N THR C 716 -45.21 31.12 29.91
CA THR C 716 -45.05 31.31 28.48
C THR C 716 -45.00 29.95 27.79
N ILE C 717 -45.49 29.93 26.56
CA ILE C 717 -45.46 28.75 25.72
C ILE C 717 -44.32 28.94 24.72
N SER C 718 -43.31 28.08 24.80
CA SER C 718 -42.11 28.22 24.00
C SER C 718 -42.03 27.10 22.98
N VAL C 719 -41.91 27.46 21.72
CA VAL C 719 -41.69 26.50 20.65
C VAL C 719 -40.24 26.67 20.19
N THR C 720 -39.50 25.57 20.20
CA THR C 720 -38.10 25.60 19.80
C THR C 720 -37.86 24.55 18.73
N THR C 721 -36.82 24.79 17.93
CA THR C 721 -36.49 23.92 16.81
C THR C 721 -35.27 23.08 17.15
N GLU C 722 -35.41 21.77 16.97
CA GLU C 722 -34.28 20.84 17.05
C GLU C 722 -34.14 20.18 15.69
N ILE C 723 -32.92 20.11 15.19
CA ILE C 723 -32.65 19.58 13.86
C ILE C 723 -31.75 18.37 14.00
N LEU C 724 -32.17 17.25 13.44
CA LEU C 724 -31.42 16.02 13.54
C LEU C 724 -31.17 15.44 12.15
N PRO C 725 -29.92 15.23 11.76
CA PRO C 725 -29.67 14.46 10.53
C PRO C 725 -30.24 13.06 10.66
N VAL C 726 -30.78 12.56 9.56
CA VAL C 726 -31.41 11.25 9.54
C VAL C 726 -30.66 10.27 8.65
N SER C 727 -30.24 10.71 7.46
CA SER C 727 -29.59 9.82 6.53
C SER C 727 -28.59 10.62 5.71
N MET C 728 -27.67 9.91 5.09
CA MET C 728 -26.73 10.50 4.16
C MET C 728 -27.04 9.98 2.76
N THR C 729 -26.31 10.51 1.78
CA THR C 729 -26.54 10.12 0.40
C THR C 729 -26.01 8.72 0.15
N LYS C 730 -26.83 7.89 -0.50
CA LYS C 730 -26.44 6.52 -0.81
C LYS C 730 -25.57 6.53 -2.05
N THR C 731 -24.32 6.09 -1.91
CA THR C 731 -23.36 6.10 -3.00
C THR C 731 -22.86 4.69 -3.26
N SER C 732 -22.76 4.34 -4.55
CA SER C 732 -22.17 3.09 -4.98
C SER C 732 -21.01 3.39 -5.92
N VAL C 733 -19.89 2.71 -5.71
CA VAL C 733 -18.68 2.97 -6.47
C VAL C 733 -18.32 1.73 -7.27
N ASP C 734 -18.29 1.87 -8.59
CA ASP C 734 -17.77 0.81 -9.45
C ASP C 734 -16.27 0.79 -9.30
N CYS C 735 -15.78 -0.13 -8.47
CA CYS C 735 -14.37 -0.17 -8.14
C CYS C 735 -13.51 -0.19 -9.40
N THR C 736 -13.82 -1.10 -10.32
CA THR C 736 -12.96 -1.26 -11.49
C THR C 736 -12.96 -0.02 -12.35
N MET C 737 -14.14 0.57 -12.57
CA MET C 737 -14.18 1.77 -13.40
C MET C 737 -13.49 2.93 -12.72
N TYR C 738 -13.57 3.00 -11.40
CA TYR C 738 -12.86 4.05 -10.68
C TYR C 738 -11.36 3.86 -10.82
N ILE C 739 -10.89 2.63 -10.68
CA ILE C 739 -9.46 2.37 -10.74
C ILE C 739 -9.02 2.16 -12.18
N CYS C 740 -9.76 1.34 -12.92
CA CYS C 740 -9.41 0.91 -14.27
C CYS C 740 -10.52 1.31 -15.24
N GLY C 741 -10.90 2.58 -15.21
CA GLY C 741 -11.99 3.04 -16.03
C GLY C 741 -11.77 2.68 -17.49
N ASP C 742 -12.48 1.64 -17.94
CA ASP C 742 -12.43 1.19 -19.32
C ASP C 742 -10.99 0.89 -19.76
N SER C 743 -10.39 -0.10 -19.11
CA SER C 743 -9.04 -0.53 -19.46
C SER C 743 -8.87 -1.99 -19.09
N THR C 744 -8.66 -2.84 -20.10
CA THR C 744 -8.43 -4.26 -19.84
C THR C 744 -7.06 -4.51 -19.23
N GLU C 745 -6.03 -3.80 -19.70
CA GLU C 745 -4.69 -4.00 -19.16
C GLU C 745 -4.67 -3.65 -17.67
N CYS C 746 -5.34 -2.57 -17.29
CA CYS C 746 -5.41 -2.20 -15.90
C CYS C 746 -6.23 -3.21 -15.11
N SER C 747 -7.35 -3.67 -15.69
CA SER C 747 -8.22 -4.59 -14.96
C SER C 747 -7.53 -5.92 -14.68
N ASN C 748 -6.75 -6.40 -15.65
CA ASN C 748 -6.06 -7.67 -15.45
C ASN C 748 -5.08 -7.57 -14.29
N LEU C 749 -4.30 -6.49 -14.23
CA LEU C 749 -3.41 -6.29 -13.11
C LEU C 749 -4.19 -6.13 -11.81
N LEU C 750 -5.35 -5.46 -11.89
CA LEU C 750 -6.17 -5.24 -10.71
C LEU C 750 -6.72 -6.54 -10.17
N LEU C 751 -6.89 -7.55 -11.01
CA LEU C 751 -7.38 -8.84 -10.54
C LEU C 751 -6.46 -9.45 -9.49
N GLN C 752 -5.19 -9.02 -9.46
CA GLN C 752 -4.21 -9.62 -8.55
C GLN C 752 -4.48 -9.31 -7.09
N TYR C 753 -5.37 -8.37 -6.79
CA TYR C 753 -5.68 -8.00 -5.42
C TYR C 753 -6.87 -8.76 -4.86
N GLY C 754 -7.31 -9.81 -5.53
CA GLY C 754 -8.32 -10.66 -4.96
C GLY C 754 -9.64 -9.92 -4.80
N SER C 755 -10.33 -10.21 -3.72
CA SER C 755 -11.67 -9.68 -3.49
C SER C 755 -11.63 -8.34 -2.78
N PHE C 756 -10.78 -7.44 -3.28
CA PHE C 756 -10.76 -6.09 -2.77
C PHE C 756 -12.08 -5.39 -3.05
N CYS C 757 -12.63 -5.60 -4.24
CA CYS C 757 -13.77 -4.83 -4.71
C CYS C 757 -15.06 -5.26 -4.04
N THR C 758 -15.27 -6.58 -3.91
CA THR C 758 -16.55 -7.08 -3.44
C THR C 758 -16.85 -6.61 -2.04
N GLN C 759 -15.84 -6.49 -1.19
CA GLN C 759 -16.05 -6.08 0.18
C GLN C 759 -16.23 -4.58 0.33
N LEU C 760 -15.53 -3.79 -0.48
CA LEU C 760 -15.82 -2.36 -0.49
C LEU C 760 -17.25 -2.10 -0.95
N ASN C 761 -17.67 -2.77 -2.02
CA ASN C 761 -19.04 -2.60 -2.47
C ASN C 761 -20.03 -3.14 -1.46
N ARG C 762 -19.68 -4.23 -0.77
CA ARG C 762 -20.54 -4.75 0.28
C ARG C 762 -20.70 -3.72 1.39
N ALA C 763 -19.61 -3.05 1.77
CA ALA C 763 -19.69 -2.03 2.79
C ALA C 763 -20.60 -0.89 2.35
N LEU C 764 -20.41 -0.42 1.11
CA LEU C 764 -21.24 0.67 0.65
C LEU C 764 -22.70 0.27 0.59
N THR C 765 -22.97 -0.95 0.14
CA THR C 765 -24.35 -1.43 0.07
C THR C 765 -24.96 -1.49 1.45
N GLY C 766 -24.20 -1.99 2.43
CA GLY C 766 -24.68 -1.98 3.79
C GLY C 766 -24.97 -0.57 4.27
N ILE C 767 -24.13 0.38 3.89
CA ILE C 767 -24.35 1.76 4.30
C ILE C 767 -25.65 2.27 3.72
N ALA C 768 -25.90 2.01 2.45
CA ALA C 768 -27.11 2.52 1.82
C ALA C 768 -28.35 1.88 2.42
N VAL C 769 -28.31 0.56 2.63
CA VAL C 769 -29.41 -0.11 3.28
C VAL C 769 -29.61 0.48 4.67
N GLU C 770 -28.51 0.81 5.34
CA GLU C 770 -28.61 1.44 6.65
C GLU C 770 -29.33 2.77 6.56
N GLN C 771 -29.02 3.58 5.55
CA GLN C 771 -29.70 4.85 5.41
C GLN C 771 -31.19 4.65 5.21
N ASP C 772 -31.55 3.70 4.34
CA ASP C 772 -32.96 3.43 4.11
C ASP C 772 -33.65 2.99 5.39
N LYS C 773 -32.99 2.11 6.14
CA LYS C 773 -33.54 1.66 7.41
C LYS C 773 -33.69 2.82 8.38
N ASN C 774 -32.72 3.73 8.39
CA ASN C 774 -32.79 4.89 9.25
C ASN C 774 -34.03 5.71 8.95
N THR C 775 -34.24 6.02 7.67
CA THR C 775 -35.42 6.79 7.31
C THR C 775 -36.68 6.06 7.71
N GLN C 776 -36.74 4.76 7.43
CA GLN C 776 -37.91 3.98 7.77
C GLN C 776 -38.21 4.07 9.26
N GLU C 777 -37.20 3.82 10.09
CA GLU C 777 -37.39 3.84 11.53
C GLU C 777 -37.80 5.21 12.01
N VAL C 778 -37.15 6.26 11.51
CA VAL C 778 -37.44 7.60 11.99
C VAL C 778 -38.86 7.99 11.66
N PHE C 779 -39.30 7.71 10.44
CA PHE C 779 -40.56 8.25 9.95
C PHE C 779 -41.70 7.25 9.92
N ALA C 780 -41.44 6.00 9.59
CA ALA C 780 -42.53 5.03 9.49
C ALA C 780 -42.91 4.49 10.86
N GLN C 781 -43.12 5.39 11.82
CA GLN C 781 -43.54 4.99 13.16
C GLN C 781 -45.06 4.98 13.30
N VAL C 782 -45.79 5.32 12.26
CA VAL C 782 -47.24 5.46 12.31
C VAL C 782 -47.86 4.32 11.50
N LYS C 783 -48.97 3.78 12.02
CA LYS C 783 -49.60 2.65 11.36
C LYS C 783 -50.48 3.10 10.20
N GLN C 784 -51.48 3.93 10.48
CA GLN C 784 -52.38 4.42 9.46
C GLN C 784 -52.04 5.87 9.09
N ILE C 785 -52.43 6.25 7.88
CA ILE C 785 -52.16 7.60 7.37
C ILE C 785 -53.32 8.48 7.84
N TYR C 786 -53.17 9.04 9.03
CA TYR C 786 -54.19 9.94 9.56
C TYR C 786 -54.15 11.28 8.84
N LYS C 787 -55.33 11.88 8.63
CA LYS C 787 -55.45 13.17 8.00
C LYS C 787 -56.47 14.01 8.75
N THR C 788 -56.19 15.31 8.86
CA THR C 788 -57.03 16.16 9.69
C THR C 788 -58.39 16.39 9.04
N PRO C 789 -59.42 16.64 9.84
CA PRO C 789 -60.74 16.95 9.28
C PRO C 789 -60.73 18.30 8.60
N PRO C 790 -61.63 18.53 7.65
CA PRO C 790 -61.64 19.82 6.95
C PRO C 790 -61.91 21.01 7.87
N ILE C 791 -62.58 20.79 9.01
CA ILE C 791 -62.87 21.88 9.95
C ILE C 791 -61.76 21.93 10.98
N LYS C 792 -61.08 23.06 11.06
CA LYS C 792 -59.95 23.23 11.99
C LYS C 792 -60.40 23.96 13.25
N ASP C 793 -61.33 23.34 13.99
CA ASP C 793 -61.79 23.89 15.26
C ASP C 793 -60.97 23.29 16.40
N PHE C 794 -59.73 23.76 16.48
CA PHE C 794 -58.74 23.22 17.42
C PHE C 794 -58.61 24.09 18.67
N GLY C 795 -59.70 24.68 19.15
CA GLY C 795 -59.59 25.49 20.33
C GLY C 795 -58.77 26.74 20.14
N GLY C 796 -58.68 27.24 18.91
CA GLY C 796 -57.92 28.44 18.61
C GLY C 796 -56.49 28.20 18.19
N PHE C 797 -55.99 26.97 18.30
CA PHE C 797 -54.62 26.69 17.91
C PHE C 797 -54.53 26.55 16.40
N ASN C 798 -53.54 27.19 15.81
CA ASN C 798 -53.42 27.34 14.38
C ASN C 798 -52.22 26.54 13.88
N PHE C 799 -52.49 25.45 13.17
CA PHE C 799 -51.44 24.58 12.66
C PHE C 799 -51.27 24.72 11.15
N SER C 800 -51.77 25.82 10.59
CA SER C 800 -51.77 25.97 9.13
C SER C 800 -50.37 25.88 8.56
N GLN C 801 -49.40 26.49 9.23
CA GLN C 801 -48.04 26.59 8.67
C GLN C 801 -47.26 25.29 8.78
N ILE C 802 -47.72 24.35 9.59
CA ILE C 802 -47.09 23.03 9.70
C ILE C 802 -47.93 21.94 9.07
N LEU C 803 -49.21 22.16 8.84
CA LEU C 803 -50.02 21.19 8.16
C LEU C 803 -49.71 21.22 6.66
N PRO C 804 -49.93 20.10 5.95
CA PRO C 804 -49.59 20.07 4.53
C PRO C 804 -50.39 21.09 3.75
N ASP C 805 -49.77 21.64 2.71
CA ASP C 805 -50.40 22.66 1.88
C ASP C 805 -50.92 22.01 0.61
N PRO C 806 -52.24 21.94 0.40
CA PRO C 806 -52.74 21.32 -0.84
C PRO C 806 -52.32 22.06 -2.10
N SER C 807 -52.05 23.36 -2.02
CA SER C 807 -51.76 24.13 -3.22
C SER C 807 -50.50 23.61 -3.91
N LYS C 808 -49.44 23.36 -3.16
CA LYS C 808 -48.22 22.86 -3.76
C LYS C 808 -48.45 21.46 -4.31
N PRO C 809 -47.85 21.12 -5.45
CA PRO C 809 -48.03 19.74 -5.97
C PRO C 809 -47.61 18.69 -4.96
N SER C 810 -46.54 18.93 -4.23
CA SER C 810 -46.17 18.10 -3.08
C SER C 810 -46.91 18.64 -1.86
N LYS C 811 -47.70 17.79 -1.22
CA LYS C 811 -48.55 18.24 -0.12
C LYS C 811 -47.68 18.52 1.10
N ARG C 812 -46.84 19.55 1.00
CA ARG C 812 -45.81 19.84 1.99
C ARG C 812 -46.18 21.08 2.76
N SER C 813 -45.76 21.14 4.02
CA SER C 813 -46.11 22.26 4.86
C SER C 813 -45.24 23.47 4.54
N PHE C 814 -45.72 24.64 4.97
CA PHE C 814 -45.00 25.88 4.72
C PHE C 814 -43.61 25.85 5.33
N ILE C 815 -43.52 25.40 6.58
CA ILE C 815 -42.23 25.34 7.24
C ILE C 815 -41.32 24.34 6.55
N GLU C 816 -41.88 23.22 6.10
CA GLU C 816 -41.06 22.24 5.40
C GLU C 816 -40.59 22.78 4.06
N ASP C 817 -41.40 23.59 3.40
CA ASP C 817 -40.91 24.26 2.19
C ASP C 817 -39.74 25.18 2.54
N LEU C 818 -39.87 25.94 3.62
CA LEU C 818 -38.74 26.78 4.03
C LEU C 818 -37.51 25.93 4.26
N LEU C 819 -37.65 24.84 5.01
CA LEU C 819 -36.50 24.02 5.35
C LEU C 819 -35.84 23.47 4.10
N PHE C 820 -36.65 22.93 3.19
CA PHE C 820 -36.11 22.37 1.97
C PHE C 820 -35.48 23.44 1.09
N ASN C 821 -35.91 24.69 1.24
CA ASN C 821 -35.25 25.76 0.51
C ASN C 821 -33.88 26.08 1.09
N LYS C 822 -33.79 26.15 2.42
CA LYS C 822 -32.55 26.62 3.03
C LYS C 822 -31.41 25.62 2.85
N VAL C 823 -31.70 24.34 2.86
CA VAL C 823 -30.68 23.31 2.73
C VAL C 823 -30.59 22.93 1.26
N THR C 824 -29.38 23.00 0.71
CA THR C 824 -29.16 22.79 -0.71
C THR C 824 -29.02 21.31 -1.03
N PHE C 852 -19.60 10.34 -11.59
CA PHE C 852 -19.55 10.10 -13.02
C PHE C 852 -18.20 9.56 -13.45
N ASN C 853 -17.50 8.89 -12.53
CA ASN C 853 -16.25 8.23 -12.85
C ASN C 853 -16.26 6.84 -12.22
N GLY C 854 -17.38 6.14 -12.39
CA GLY C 854 -17.66 4.94 -11.63
C GLY C 854 -18.44 5.18 -10.36
N LEU C 855 -18.70 6.43 -10.02
CA LEU C 855 -19.42 6.78 -8.81
C LEU C 855 -20.86 7.11 -9.18
N THR C 856 -21.81 6.51 -8.47
CA THR C 856 -23.22 6.74 -8.71
C THR C 856 -23.94 6.95 -7.39
N VAL C 857 -25.08 7.62 -7.47
CA VAL C 857 -25.90 7.95 -6.32
C VAL C 857 -27.21 7.20 -6.44
N LEU C 858 -27.48 6.35 -5.46
CA LEU C 858 -28.71 5.56 -5.45
C LEU C 858 -29.84 6.38 -4.81
N PRO C 859 -30.97 6.54 -5.48
CA PRO C 859 -32.04 7.36 -4.90
C PRO C 859 -32.57 6.72 -3.63
N PRO C 860 -33.02 7.53 -2.68
CA PRO C 860 -33.62 6.95 -1.47
C PRO C 860 -34.87 6.16 -1.80
N LEU C 861 -35.13 5.14 -0.98
CA LEU C 861 -36.33 4.33 -1.18
C LEU C 861 -37.58 5.17 -1.02
N LEU C 862 -37.63 5.98 0.02
CA LEU C 862 -38.78 6.83 0.28
C LEU C 862 -38.57 8.19 -0.38
N THR C 863 -39.56 8.62 -1.15
CA THR C 863 -39.47 9.93 -1.79
C THR C 863 -39.82 11.03 -0.80
N ASP C 864 -39.37 12.24 -1.13
CA ASP C 864 -39.63 13.37 -0.25
C ASP C 864 -41.13 13.54 -0.02
N GLU C 865 -41.94 13.21 -1.02
CA GLU C 865 -43.38 13.27 -0.84
C GLU C 865 -43.83 12.24 0.17
N MET C 866 -43.18 11.08 0.19
CA MET C 866 -43.54 10.06 1.16
C MET C 866 -43.16 10.49 2.57
N ILE C 867 -42.01 11.12 2.73
CA ILE C 867 -41.64 11.64 4.05
C ILE C 867 -42.64 12.70 4.47
N ALA C 868 -43.05 13.55 3.54
CA ALA C 868 -44.04 14.56 3.87
C ALA C 868 -45.34 13.92 4.31
N GLN C 869 -45.77 12.87 3.62
CA GLN C 869 -47.00 12.20 4.00
C GLN C 869 -46.88 11.58 5.38
N TYR C 870 -45.74 10.96 5.68
CA TYR C 870 -45.55 10.39 7.01
C TYR C 870 -45.62 11.48 8.07
N THR C 871 -44.93 12.60 7.84
CA THR C 871 -44.93 13.67 8.82
C THR C 871 -46.33 14.22 9.01
N SER C 872 -47.06 14.39 7.91
CA SER C 872 -48.41 14.91 8.00
C SER C 872 -49.31 13.94 8.76
N ALA C 873 -49.13 12.64 8.52
CA ALA C 873 -49.93 11.66 9.25
C ALA C 873 -49.63 11.75 10.74
N LEU C 874 -48.36 11.87 11.09
CA LEU C 874 -48.02 12.00 12.50
C LEU C 874 -48.65 13.25 13.08
N LEU C 875 -48.58 14.35 12.36
CA LEU C 875 -49.12 15.61 12.87
C LEU C 875 -50.62 15.48 13.09
N ALA C 876 -51.32 14.90 12.12
CA ALA C 876 -52.77 14.79 12.24
C ALA C 876 -53.14 13.87 13.40
N GLY C 877 -52.48 12.73 13.51
CA GLY C 877 -52.77 11.84 14.62
C GLY C 877 -52.57 12.53 15.95
N THR C 878 -51.46 13.25 16.08
CA THR C 878 -51.20 13.99 17.32
C THR C 878 -52.30 15.00 17.58
N ILE C 879 -52.59 15.84 16.58
CA ILE C 879 -53.51 16.96 16.79
C ILE C 879 -54.90 16.45 17.12
N THR C 880 -55.29 15.33 16.53
CA THR C 880 -56.66 14.85 16.63
C THR C 880 -56.87 13.83 17.74
N SER C 881 -55.81 13.17 18.20
CA SER C 881 -55.98 12.06 19.12
C SER C 881 -54.93 12.06 20.22
N GLY C 882 -54.20 13.15 20.40
CA GLY C 882 -53.19 13.18 21.44
C GLY C 882 -52.18 12.07 21.23
N TRP C 883 -51.87 11.36 22.31
CA TRP C 883 -50.89 10.29 22.27
C TRP C 883 -51.53 8.92 22.09
N THR C 884 -52.85 8.85 21.95
CA THR C 884 -53.51 7.56 21.87
C THR C 884 -53.11 6.79 20.61
N PHE C 885 -52.98 7.48 19.48
CA PHE C 885 -52.71 6.79 18.24
C PHE C 885 -51.37 6.06 18.26
N GLY C 886 -50.43 6.50 19.10
CA GLY C 886 -49.15 5.83 19.18
C GLY C 886 -49.17 4.55 19.99
N ALA C 887 -50.20 4.35 20.80
CA ALA C 887 -50.33 3.14 21.61
C ALA C 887 -51.39 2.18 21.06
N GLY C 888 -52.16 2.59 20.07
CA GLY C 888 -53.17 1.73 19.50
C GLY C 888 -54.03 2.50 18.51
N ALA C 889 -55.34 2.26 18.54
CA ALA C 889 -56.24 3.01 17.70
C ALA C 889 -56.27 4.47 18.12
N ALA C 890 -56.33 5.36 17.14
CA ALA C 890 -56.40 6.79 17.43
C ALA C 890 -57.76 7.12 18.01
N LEU C 891 -57.77 7.70 19.19
CA LEU C 891 -59.00 8.10 19.87
C LEU C 891 -59.10 9.62 19.78
N GLN C 892 -60.14 10.10 19.13
CA GLN C 892 -60.30 11.54 18.99
C GLN C 892 -60.54 12.18 20.35
N ILE C 893 -60.09 13.43 20.48
CA ILE C 893 -60.34 14.21 21.69
C ILE C 893 -60.25 15.70 21.35
N PRO C 894 -61.05 16.56 21.97
CA PRO C 894 -60.90 17.99 21.72
C PRO C 894 -59.50 18.45 22.10
N PHE C 895 -58.90 19.27 21.23
CA PHE C 895 -57.49 19.60 21.39
C PHE C 895 -57.27 20.40 22.67
N ALA C 896 -58.24 21.22 23.07
CA ALA C 896 -58.12 21.92 24.34
C ALA C 896 -58.11 20.94 25.51
N MET C 897 -58.94 19.89 25.44
CA MET C 897 -58.87 18.86 26.47
C MET C 897 -57.57 18.09 26.38
N GLN C 898 -56.98 17.97 25.19
CA GLN C 898 -55.67 17.36 25.10
C GLN C 898 -54.64 18.22 25.81
N MET C 899 -54.69 19.53 25.60
CA MET C 899 -53.77 20.42 26.31
C MET C 899 -54.02 20.41 27.80
N ALA C 900 -55.26 20.21 28.23
CA ALA C 900 -55.53 20.02 29.65
C ALA C 900 -54.84 18.76 30.17
N TYR C 901 -54.90 17.68 29.39
CA TYR C 901 -54.17 16.48 29.77
C TYR C 901 -52.67 16.75 29.84
N ARG C 902 -52.15 17.52 28.89
CA ARG C 902 -50.72 17.85 28.92
C ARG C 902 -50.38 18.65 30.17
N PHE C 903 -51.22 19.62 30.52
CA PHE C 903 -50.99 20.43 31.72
C PHE C 903 -50.97 19.56 32.95
N ASN C 904 -51.88 18.61 33.05
CA ASN C 904 -51.82 17.61 34.11
C ASN C 904 -50.50 16.86 34.06
N GLY C 905 -50.05 16.51 32.85
CA GLY C 905 -48.82 15.73 32.72
C GLY C 905 -47.61 16.46 33.23
N ILE C 906 -47.53 17.77 32.98
CA ILE C 906 -46.41 18.57 33.49
C ILE C 906 -46.62 19.00 34.93
N GLY C 907 -47.81 18.79 35.48
CA GLY C 907 -48.08 19.11 36.87
C GLY C 907 -48.93 20.33 37.12
N VAL C 908 -49.60 20.87 36.10
CA VAL C 908 -50.45 22.04 36.24
C VAL C 908 -51.90 21.60 36.11
N THR C 909 -52.74 22.09 37.02
CA THR C 909 -54.15 21.75 36.97
C THR C 909 -54.77 22.20 35.65
N GLN C 910 -55.69 21.40 35.15
CA GLN C 910 -56.29 21.66 33.84
C GLN C 910 -57.15 22.92 33.83
N ASN C 911 -57.67 23.33 34.99
CA ASN C 911 -58.44 24.57 35.03
C ASN C 911 -57.58 25.75 34.59
N VAL C 912 -56.27 25.66 34.79
CA VAL C 912 -55.39 26.71 34.30
C VAL C 912 -55.43 26.76 32.78
N LEU C 913 -55.40 25.59 32.13
CA LEU C 913 -55.44 25.55 30.68
C LEU C 913 -56.73 26.19 30.15
N TYR C 914 -57.86 25.82 30.74
CA TYR C 914 -59.14 26.34 30.26
C TYR C 914 -59.30 27.82 30.55
N GLU C 915 -58.83 28.27 31.73
CA GLU C 915 -58.98 29.66 32.12
C GLU C 915 -58.01 30.59 31.40
N ASN C 916 -57.07 30.03 30.66
CA ASN C 916 -56.14 30.83 29.86
C ASN C 916 -56.01 30.23 28.47
N GLN C 917 -57.09 29.61 27.99
CA GLN C 917 -57.04 28.92 26.70
C GLN C 917 -56.68 29.90 25.58
N LYS C 918 -57.32 31.07 25.55
CA LYS C 918 -57.05 32.03 24.49
C LYS C 918 -55.62 32.53 24.55
N LEU C 919 -55.14 32.85 25.75
CA LEU C 919 -53.76 33.30 25.89
C LEU C 919 -52.79 32.23 25.44
N ILE C 920 -53.04 30.98 25.83
CA ILE C 920 -52.16 29.89 25.46
C ILE C 920 -52.15 29.72 23.95
N ALA C 921 -53.31 29.76 23.32
CA ALA C 921 -53.37 29.62 21.87
C ALA C 921 -52.64 30.76 21.18
N ASN C 922 -52.82 31.98 21.68
CA ASN C 922 -52.14 33.12 21.08
C ASN C 922 -50.64 32.98 21.21
N GLN C 923 -50.16 32.54 22.38
CA GLN C 923 -48.74 32.34 22.56
C GLN C 923 -48.21 31.28 21.62
N PHE C 924 -48.94 30.18 21.46
CA PHE C 924 -48.50 29.12 20.57
C PHE C 924 -48.42 29.62 19.13
N ASN C 925 -49.44 30.36 18.69
CA ASN C 925 -49.43 30.89 17.34
C ASN C 925 -48.26 31.86 17.15
N SER C 926 -48.02 32.71 18.13
CA SER C 926 -46.92 33.65 18.04
C SER C 926 -45.59 32.92 17.95
N ALA C 927 -45.42 31.86 18.75
CA ALA C 927 -44.19 31.08 18.70
C ALA C 927 -44.01 30.44 17.34
N ILE C 928 -45.10 29.92 16.77
CA ILE C 928 -45.00 29.34 15.44
C ILE C 928 -44.57 30.41 14.43
N GLY C 929 -45.15 31.60 14.54
CA GLY C 929 -44.73 32.70 13.68
C GLY C 929 -43.27 33.03 13.83
N LYS C 930 -42.78 33.02 15.07
CA LYS C 930 -41.37 33.30 15.31
C LYS C 930 -40.49 32.22 14.67
N ILE C 931 -40.92 30.97 14.74
CA ILE C 931 -40.19 29.90 14.08
C ILE C 931 -40.14 30.18 12.58
N GLN C 932 -41.27 30.54 12.00
CA GLN C 932 -41.32 30.86 10.58
C GLN C 932 -40.32 31.96 10.24
N ASP C 933 -40.34 33.03 11.02
CA ASP C 933 -39.47 34.17 10.75
C ASP C 933 -38.01 33.78 10.88
N SER C 934 -37.68 33.00 11.92
CA SER C 934 -36.29 32.60 12.10
C SER C 934 -35.82 31.76 10.93
N LEU C 935 -36.65 30.81 10.49
CA LEU C 935 -36.25 30.00 9.34
C LEU C 935 -36.09 30.87 8.10
N SER C 936 -37.02 31.80 7.87
CA SER C 936 -36.96 32.62 6.67
C SER C 936 -35.75 33.55 6.69
N SER C 937 -35.32 33.97 7.86
CA SER C 937 -34.28 34.98 7.98
C SER C 937 -32.89 34.35 8.09
N THR C 938 -32.67 33.54 9.12
CA THR C 938 -31.37 32.98 9.42
C THR C 938 -31.35 31.51 9.01
N ALA C 939 -30.40 31.14 8.16
CA ALA C 939 -30.25 29.78 7.68
C ALA C 939 -29.18 28.99 8.42
N SER C 940 -28.52 29.60 9.41
CA SER C 940 -27.46 28.90 10.12
C SER C 940 -27.99 27.75 10.97
N ALA C 941 -29.27 27.79 11.34
CA ALA C 941 -29.81 26.76 12.21
C ALA C 941 -29.77 25.40 11.53
N LEU C 942 -29.93 25.37 10.21
CA LEU C 942 -29.87 24.13 9.45
C LEU C 942 -28.45 23.65 9.21
N GLY C 943 -27.46 24.27 9.84
CA GLY C 943 -26.08 23.87 9.60
C GLY C 943 -25.86 22.40 9.85
N LYS C 944 -26.46 21.88 10.93
CA LYS C 944 -26.29 20.46 11.25
C LYS C 944 -26.57 19.58 10.05
N LEU C 945 -27.56 19.95 9.24
CA LEU C 945 -27.80 19.18 8.02
C LEU C 945 -26.80 19.53 6.94
N GLN C 946 -26.63 20.82 6.67
CA GLN C 946 -25.78 21.22 5.56
C GLN C 946 -24.38 20.64 5.71
N ASP C 947 -23.83 20.72 6.91
CA ASP C 947 -22.51 20.17 7.15
C ASP C 947 -22.43 18.73 6.66
N VAL C 948 -23.39 17.91 7.07
CA VAL C 948 -23.40 16.52 6.62
C VAL C 948 -23.30 16.49 5.10
N VAL C 949 -24.19 17.21 4.43
CA VAL C 949 -24.14 17.26 2.98
C VAL C 949 -22.74 17.65 2.53
N ASN C 950 -22.24 18.76 3.06
CA ASN C 950 -20.90 19.20 2.69
C ASN C 950 -19.91 18.07 2.88
N GLN C 951 -19.93 17.45 4.05
CA GLN C 951 -19.01 16.34 4.30
C GLN C 951 -19.05 15.37 3.14
N ASN C 952 -20.24 14.85 2.83
CA ASN C 952 -20.34 13.88 1.75
C ASN C 952 -19.74 14.46 0.48
N ALA C 953 -20.19 15.64 0.08
CA ALA C 953 -19.65 16.26 -1.12
C ALA C 953 -18.14 16.29 -1.05
N GLN C 954 -17.61 16.81 0.06
CA GLN C 954 -16.17 16.92 0.19
C GLN C 954 -15.52 15.58 -0.11
N ALA C 955 -15.99 14.53 0.56
CA ALA C 955 -15.38 13.22 0.38
C ALA C 955 -15.37 12.87 -1.10
N LEU C 956 -16.52 12.94 -1.75
CA LEU C 956 -16.56 12.58 -3.16
C LEU C 956 -15.55 13.40 -3.94
N ASN C 957 -15.55 14.71 -3.72
CA ASN C 957 -14.59 15.55 -4.43
C ASN C 957 -13.18 15.03 -4.21
N THR C 958 -12.82 14.79 -2.95
CA THR C 958 -11.50 14.27 -2.66
C THR C 958 -11.24 13.02 -3.49
N LEU C 959 -12.19 12.07 -3.45
CA LEU C 959 -12.02 10.86 -4.22
C LEU C 959 -11.72 11.19 -5.67
N VAL C 960 -12.55 12.07 -6.25
CA VAL C 960 -12.35 12.42 -7.64
C VAL C 960 -10.97 13.01 -7.83
N LYS C 961 -10.57 13.92 -6.95
CA LYS C 961 -9.28 14.56 -7.11
C LYS C 961 -8.14 13.56 -6.98
N GLN C 962 -8.34 12.47 -6.26
CA GLN C 962 -7.27 11.51 -6.15
C GLN C 962 -6.95 10.86 -7.49
N LEU C 963 -7.86 10.92 -8.44
CA LEU C 963 -7.59 10.38 -9.77
C LEU C 963 -6.65 11.27 -10.55
N SER C 964 -6.27 12.42 -10.01
CA SER C 964 -5.35 13.35 -10.65
C SER C 964 -3.94 13.25 -10.08
N SER C 965 -3.66 12.22 -9.30
CA SER C 965 -2.37 12.07 -8.64
C SER C 965 -1.54 10.99 -9.36
N ASN C 966 -0.27 11.31 -9.58
CA ASN C 966 0.61 10.35 -10.26
C ASN C 966 0.97 9.20 -9.36
N PHE C 967 1.16 9.44 -8.07
CA PHE C 967 1.60 8.42 -7.15
C PHE C 967 2.92 7.81 -7.58
N GLY C 968 3.70 8.55 -8.38
CA GLY C 968 4.96 8.08 -8.90
C GLY C 968 4.96 7.73 -10.37
N ALA C 969 3.78 7.63 -10.99
CA ALA C 969 3.72 7.36 -12.42
C ALA C 969 4.04 8.60 -13.22
N ILE C 970 4.33 8.40 -14.50
CA ILE C 970 4.64 9.54 -15.37
C ILE C 970 3.41 10.39 -15.64
N SER C 971 2.21 9.85 -15.43
CA SER C 971 0.98 10.60 -15.68
C SER C 971 -0.12 10.04 -14.81
N SER C 972 -1.11 10.90 -14.53
CA SER C 972 -2.31 10.49 -13.81
C SER C 972 -3.45 10.10 -14.75
N VAL C 973 -3.20 10.09 -16.05
CA VAL C 973 -4.19 9.65 -17.04
C VAL C 973 -3.75 8.30 -17.58
N LEU C 974 -4.64 7.33 -17.50
CA LEU C 974 -4.31 5.98 -17.91
C LEU C 974 -4.19 5.85 -19.42
N ASN C 975 -5.04 6.54 -20.17
CA ASN C 975 -4.98 6.43 -21.62
C ASN C 975 -3.66 6.98 -22.15
N ASP C 976 -3.14 8.03 -21.54
CA ASP C 976 -1.86 8.58 -21.97
C ASP C 976 -0.75 7.53 -21.84
N ILE C 977 -0.76 6.79 -20.73
CA ILE C 977 0.22 5.72 -20.57
C ILE C 977 -0.01 4.64 -21.61
N LEU C 978 -1.27 4.25 -21.80
CA LEU C 978 -1.57 3.19 -22.74
C LEU C 978 -1.27 3.62 -24.17
N SER C 979 -1.56 4.87 -24.51
CA SER C 979 -1.40 5.35 -25.88
C SER C 979 0.04 5.70 -26.23
N ARG C 980 0.97 5.67 -25.26
CA ARG C 980 2.35 6.06 -25.51
C ARG C 980 3.37 4.98 -25.20
N LEU C 981 3.05 4.02 -24.33
CA LEU C 981 4.02 3.02 -23.89
C LEU C 981 3.54 1.63 -24.23
N ASP C 982 4.49 0.74 -24.49
CA ASP C 982 4.17 -0.66 -24.72
C ASP C 982 3.74 -1.32 -23.43
N PRO C 983 3.02 -2.44 -23.51
CA PRO C 983 2.43 -3.03 -22.30
C PRO C 983 3.46 -3.31 -21.24
N PRO C 984 4.67 -3.79 -21.59
CA PRO C 984 5.66 -4.04 -20.54
C PRO C 984 6.04 -2.81 -19.74
N GLU C 985 6.16 -1.65 -20.39
CA GLU C 985 6.41 -0.41 -19.68
C GLU C 985 5.11 0.26 -19.22
N ALA C 986 3.99 -0.05 -19.86
CA ALA C 986 2.71 0.46 -19.39
C ALA C 986 2.37 -0.12 -18.03
N GLU C 987 2.62 -1.41 -17.83
CA GLU C 987 2.25 -2.08 -16.58
C GLU C 987 2.99 -1.49 -15.40
N VAL C 988 4.26 -1.15 -15.58
CA VAL C 988 5.03 -0.57 -14.48
C VAL C 988 4.37 0.69 -13.97
N GLN C 989 4.00 1.58 -14.89
CA GLN C 989 3.36 2.82 -14.51
C GLN C 989 1.94 2.61 -14.02
N ILE C 990 1.25 1.58 -14.52
CA ILE C 990 -0.13 1.36 -14.13
C ILE C 990 -0.20 0.80 -12.73
N ASP C 991 0.81 0.04 -12.32
CA ASP C 991 0.80 -0.55 -10.98
C ASP C 991 0.73 0.53 -9.92
N ARG C 992 1.49 1.61 -10.11
CA ARG C 992 1.50 2.69 -9.13
C ARG C 992 0.13 3.33 -9.01
N LEU C 993 -0.50 3.64 -10.15
CA LEU C 993 -1.83 4.23 -10.11
C LEU C 993 -2.81 3.28 -9.45
N ILE C 994 -2.69 1.99 -9.76
CA ILE C 994 -3.59 1.02 -9.15
C ILE C 994 -3.45 1.07 -7.65
N THR C 995 -2.21 1.08 -7.15
CA THR C 995 -1.99 1.10 -5.72
C THR C 995 -2.58 2.35 -5.10
N GLY C 996 -2.27 3.51 -5.69
CA GLY C 996 -2.74 4.75 -5.11
C GLY C 996 -4.24 4.88 -5.10
N ARG C 997 -4.89 4.51 -6.21
CA ARG C 997 -6.33 4.62 -6.29
C ARG C 997 -7.01 3.60 -5.40
N LEU C 998 -6.44 2.40 -5.26
CA LEU C 998 -6.99 1.44 -4.31
C LEU C 998 -6.91 1.98 -2.90
N GLN C 999 -5.77 2.59 -2.55
CA GLN C 999 -5.63 3.15 -1.21
C GLN C 999 -6.64 4.26 -0.99
N SER C 1000 -6.82 5.12 -1.99
CA SER C 1000 -7.79 6.19 -1.87
C SER C 1000 -9.19 5.64 -1.68
N LEU C 1001 -9.54 4.60 -2.44
CA LEU C 1001 -10.87 4.02 -2.31
C LEU C 1001 -11.06 3.43 -0.93
N GLN C 1002 -10.06 2.72 -0.42
CA GLN C 1002 -10.19 2.16 0.93
C GLN C 1002 -10.36 3.27 1.95
N THR C 1003 -9.62 4.35 1.80
CA THR C 1003 -9.77 5.48 2.70
C THR C 1003 -11.19 6.01 2.66
N TYR C 1004 -11.72 6.21 1.45
CA TYR C 1004 -13.06 6.75 1.33
C TYR C 1004 -14.08 5.84 1.97
N VAL C 1005 -13.95 4.53 1.73
CA VAL C 1005 -14.93 3.59 2.28
C VAL C 1005 -14.85 3.58 3.80
N THR C 1006 -13.65 3.65 4.35
CA THR C 1006 -13.51 3.68 5.80
C THR C 1006 -14.15 4.93 6.39
N GLN C 1007 -13.86 6.09 5.78
CA GLN C 1007 -14.45 7.33 6.25
C GLN C 1007 -15.97 7.27 6.15
N GLN C 1008 -16.47 6.71 5.06
CA GLN C 1008 -17.91 6.58 4.90
C GLN C 1008 -18.51 5.71 5.96
N LEU C 1009 -17.82 4.61 6.30
CA LEU C 1009 -18.32 3.74 7.35
C LEU C 1009 -18.42 4.49 8.66
N ILE C 1010 -17.38 5.26 9.00
CA ILE C 1010 -17.39 5.98 10.26
C ILE C 1010 -18.53 7.00 10.28
N ARG C 1011 -18.64 7.77 9.20
CA ARG C 1011 -19.70 8.78 9.15
C ARG C 1011 -21.07 8.13 9.18
N ALA C 1012 -21.19 6.95 8.57
CA ALA C 1012 -22.46 6.24 8.60
C ALA C 1012 -22.79 5.78 10.01
N ALA C 1013 -21.78 5.36 10.76
CA ALA C 1013 -22.03 5.03 12.17
C ALA C 1013 -22.53 6.25 12.91
N GLU C 1014 -21.91 7.40 12.66
CA GLU C 1014 -22.34 8.63 13.31
C GLU C 1014 -23.79 8.94 12.93
N ILE C 1015 -24.12 8.80 11.65
CA ILE C 1015 -25.47 9.07 11.20
C ILE C 1015 -26.45 8.07 11.80
N ARG C 1016 -26.01 6.83 11.99
CA ARG C 1016 -26.87 5.83 12.62
C ARG C 1016 -27.19 6.24 14.04
N ALA C 1017 -26.18 6.71 14.78
CA ALA C 1017 -26.45 7.20 16.12
C ALA C 1017 -27.43 8.37 16.10
N SER C 1018 -27.20 9.29 15.17
CA SER C 1018 -28.08 10.45 15.07
C SER C 1018 -29.51 10.01 14.79
N ALA C 1019 -29.68 9.06 13.88
CA ALA C 1019 -31.02 8.63 13.48
C ALA C 1019 -31.70 7.83 14.57
N ASN C 1020 -30.94 7.04 15.33
CA ASN C 1020 -31.54 6.36 16.48
C ASN C 1020 -32.04 7.39 17.48
N LEU C 1021 -31.24 8.42 17.73
CA LEU C 1021 -31.69 9.48 18.63
C LEU C 1021 -32.95 10.12 18.07
N ALA C 1022 -32.98 10.36 16.76
CA ALA C 1022 -34.13 11.03 16.16
C ALA C 1022 -35.38 10.18 16.28
N ALA C 1023 -35.24 8.88 16.08
CA ALA C 1023 -36.40 8.00 16.19
C ALA C 1023 -36.89 7.93 17.62
N THR C 1024 -35.95 7.86 18.57
CA THR C 1024 -36.34 7.86 19.97
C THR C 1024 -37.09 9.13 20.32
N LYS C 1025 -36.61 10.27 19.82
CA LYS C 1025 -37.28 11.53 20.09
C LYS C 1025 -38.65 11.58 19.42
N MET C 1026 -38.74 11.11 18.18
CA MET C 1026 -40.04 11.04 17.52
C MET C 1026 -41.01 10.30 18.41
N SER C 1027 -40.62 9.13 18.88
CA SER C 1027 -41.47 8.34 19.75
C SER C 1027 -41.84 9.13 21.00
N GLU C 1028 -40.84 9.51 21.79
CA GLU C 1028 -41.08 9.99 23.15
C GLU C 1028 -41.59 11.43 23.22
N CYS C 1029 -41.56 12.18 22.12
CA CYS C 1029 -42.05 13.55 22.10
C CYS C 1029 -43.27 13.73 21.22
N VAL C 1030 -43.35 13.01 20.10
CA VAL C 1030 -44.49 13.14 19.20
C VAL C 1030 -45.61 12.19 19.58
N LEU C 1031 -45.28 10.92 19.81
CA LEU C 1031 -46.28 9.93 20.19
C LEU C 1031 -46.59 9.95 21.67
N GLY C 1032 -45.87 10.74 22.46
CA GLY C 1032 -46.14 10.81 23.88
C GLY C 1032 -45.67 12.10 24.49
N GLN C 1033 -45.70 12.17 25.82
CA GLN C 1033 -45.28 13.36 26.57
C GLN C 1033 -44.18 12.91 27.52
N SER C 1034 -42.95 13.31 27.23
CA SER C 1034 -41.79 12.79 27.95
C SER C 1034 -41.59 13.54 29.26
N LYS C 1035 -41.24 12.80 30.30
CA LYS C 1035 -40.81 13.39 31.55
C LYS C 1035 -39.31 13.65 31.59
N ARG C 1036 -38.57 13.17 30.61
CA ARG C 1036 -37.13 13.35 30.59
C ARG C 1036 -36.79 14.82 30.41
N VAL C 1037 -35.88 15.32 31.25
CA VAL C 1037 -35.53 16.74 31.21
C VAL C 1037 -34.71 17.03 29.97
N ASP C 1038 -35.08 18.09 29.25
CA ASP C 1038 -34.31 18.61 28.14
C ASP C 1038 -34.15 17.62 26.99
N PHE C 1039 -34.99 16.58 26.96
CA PHE C 1039 -34.94 15.63 25.85
C PHE C 1039 -35.86 16.03 24.72
N CYS C 1040 -36.99 16.65 25.03
CA CYS C 1040 -37.91 17.19 24.03
C CYS C 1040 -37.91 18.71 24.10
N GLY C 1041 -36.73 19.29 24.25
CA GLY C 1041 -36.57 20.73 24.32
C GLY C 1041 -36.42 21.23 25.75
N LYS C 1042 -36.09 22.52 25.85
CA LYS C 1042 -35.92 23.15 27.15
C LYS C 1042 -37.27 23.61 27.67
N GLY C 1043 -37.60 23.19 28.88
CA GLY C 1043 -38.86 23.50 29.53
C GLY C 1043 -39.58 22.22 29.87
N TYR C 1044 -40.78 22.37 30.40
CA TYR C 1044 -41.64 21.22 30.67
C TYR C 1044 -42.33 20.86 29.37
N HIS C 1045 -41.97 19.72 28.80
CA HIS C 1045 -42.44 19.36 27.48
C HIS C 1045 -43.95 19.21 27.46
N LEU C 1046 -44.60 19.92 26.54
CA LEU C 1046 -46.02 19.78 26.29
C LEU C 1046 -46.27 18.85 25.11
N MET C 1047 -45.65 19.14 23.98
CA MET C 1047 -45.81 18.28 22.81
C MET C 1047 -44.72 18.61 21.81
N SER C 1048 -44.75 17.90 20.68
CA SER C 1048 -43.79 18.15 19.61
C SER C 1048 -44.48 17.94 18.27
N PHE C 1049 -43.91 18.56 17.24
CA PHE C 1049 -44.42 18.39 15.88
C PHE C 1049 -43.27 18.11 14.93
N PRO C 1050 -43.35 17.02 14.15
CA PRO C 1050 -42.27 16.71 13.20
C PRO C 1050 -42.46 17.39 11.85
N GLN C 1051 -41.33 17.78 11.26
CA GLN C 1051 -41.29 18.34 9.93
C GLN C 1051 -40.17 17.67 9.15
N SER C 1052 -40.48 17.21 7.94
CA SER C 1052 -39.46 16.59 7.10
C SER C 1052 -38.46 17.64 6.64
N ALA C 1053 -37.20 17.25 6.60
CA ALA C 1053 -36.12 18.07 6.08
C ALA C 1053 -35.26 17.22 5.18
N PRO C 1054 -34.51 17.84 4.28
CA PRO C 1054 -33.64 17.05 3.40
C PRO C 1054 -32.70 16.18 4.21
N HIS C 1055 -32.87 14.87 4.12
CA HIS C 1055 -32.02 13.91 4.82
C HIS C 1055 -32.16 14.02 6.34
N GLY C 1056 -33.16 14.72 6.83
CA GLY C 1056 -33.21 14.96 8.27
C GLY C 1056 -34.61 15.26 8.75
N VAL C 1057 -34.70 15.51 10.06
CA VAL C 1057 -35.98 15.80 10.69
C VAL C 1057 -35.84 17.05 11.54
N VAL C 1058 -36.92 17.81 11.63
CA VAL C 1058 -37.02 18.96 12.52
C VAL C 1058 -38.14 18.70 13.51
N PHE C 1059 -37.85 18.93 14.78
CA PHE C 1059 -38.84 18.80 15.83
C PHE C 1059 -39.13 20.18 16.39
N LEU C 1060 -40.41 20.57 16.34
CA LEU C 1060 -40.90 21.78 16.97
C LEU C 1060 -41.39 21.35 18.35
N HIS C 1061 -40.59 21.62 19.36
CA HIS C 1061 -40.92 21.26 20.74
C HIS C 1061 -41.70 22.40 21.37
N VAL C 1062 -42.94 22.12 21.74
CA VAL C 1062 -43.77 23.03 22.51
C VAL C 1062 -43.60 22.68 23.98
N THR C 1063 -43.05 23.63 24.75
CA THR C 1063 -42.77 23.45 26.16
C THR C 1063 -43.43 24.58 26.96
N TYR C 1064 -43.60 24.32 28.25
CA TYR C 1064 -44.17 25.25 29.19
C TYR C 1064 -43.06 25.84 30.04
N VAL C 1065 -43.01 27.16 30.14
CA VAL C 1065 -41.94 27.86 30.83
C VAL C 1065 -42.54 28.79 31.87
N PRO C 1066 -42.25 28.63 33.15
CA PRO C 1066 -42.69 29.63 34.13
C PRO C 1066 -42.15 31.00 33.78
N ALA C 1067 -42.98 32.02 33.96
CA ALA C 1067 -42.67 33.36 33.46
C ALA C 1067 -42.44 34.37 34.58
N GLN C 1068 -43.42 34.56 35.48
CA GLN C 1068 -43.41 35.67 36.43
C GLN C 1068 -43.54 35.10 37.84
N GLU C 1069 -42.42 34.98 38.53
CA GLU C 1069 -42.39 34.42 39.87
C GLU C 1069 -42.43 35.52 40.92
N LYS C 1070 -43.06 35.19 42.05
CA LYS C 1070 -43.13 36.05 43.22
C LYS C 1070 -42.55 35.32 44.42
N ASN C 1071 -42.03 36.09 45.36
CA ASN C 1071 -41.63 35.56 46.65
C ASN C 1071 -42.84 35.37 47.56
N PHE C 1072 -42.81 34.30 48.35
CA PHE C 1072 -43.79 34.07 49.39
C PHE C 1072 -43.09 33.39 50.56
N THR C 1073 -43.69 33.52 51.74
CA THR C 1073 -43.18 32.77 52.88
C THR C 1073 -43.74 31.36 52.84
N THR C 1074 -42.95 30.38 53.28
CA THR C 1074 -43.39 29.00 53.16
C THR C 1074 -43.05 28.23 54.42
N ALA C 1075 -43.86 27.22 54.71
CA ALA C 1075 -43.68 26.32 55.83
C ALA C 1075 -43.88 24.88 55.37
N PRO C 1076 -43.15 23.93 55.97
CA PRO C 1076 -43.32 22.53 55.55
C PRO C 1076 -44.62 21.92 56.00
N ALA C 1077 -45.21 22.42 57.08
CA ALA C 1077 -46.48 21.90 57.59
C ALA C 1077 -47.14 23.00 58.40
N ILE C 1078 -48.35 22.71 58.88
CA ILE C 1078 -49.12 23.67 59.64
C ILE C 1078 -49.78 22.95 60.81
N CYS C 1079 -49.81 23.63 61.96
CA CYS C 1079 -50.40 23.10 63.17
C CYS C 1079 -51.76 23.74 63.40
N HIS C 1080 -52.78 22.91 63.60
CA HIS C 1080 -54.14 23.38 63.86
C HIS C 1080 -54.63 23.01 65.24
N ASP C 1081 -54.54 21.73 65.60
CA ASP C 1081 -54.96 21.23 66.90
C ASP C 1081 -53.90 20.29 67.47
N GLY C 1082 -52.65 20.73 67.43
CA GLY C 1082 -51.54 19.88 67.82
C GLY C 1082 -51.20 18.83 66.80
N LYS C 1083 -51.79 18.89 65.62
CA LYS C 1083 -51.54 17.93 64.56
C LYS C 1083 -50.80 18.63 63.42
N ALA C 1084 -49.85 17.92 62.82
CA ALA C 1084 -49.10 18.44 61.70
C ALA C 1084 -49.87 18.17 60.41
N HIS C 1085 -50.06 19.22 59.62
CA HIS C 1085 -50.81 19.14 58.37
C HIS C 1085 -49.86 19.36 57.21
N PHE C 1086 -49.94 18.48 56.21
CA PHE C 1086 -49.11 18.58 55.02
C PHE C 1086 -49.98 18.66 53.78
N PRO C 1087 -49.56 19.38 52.74
CA PRO C 1087 -50.40 19.51 51.55
C PRO C 1087 -50.49 18.20 50.79
N ARG C 1088 -51.70 17.82 50.40
CA ARG C 1088 -51.86 16.66 49.52
C ARG C 1088 -51.16 16.91 48.19
N GLU C 1089 -51.43 18.05 47.56
CA GLU C 1089 -50.82 18.42 46.29
C GLU C 1089 -50.58 19.93 46.33
N GLY C 1090 -49.31 20.35 46.44
CA GLY C 1090 -48.99 21.75 46.41
C GLY C 1090 -47.99 22.12 47.50
N VAL C 1091 -47.96 23.40 47.83
CA VAL C 1091 -47.08 23.96 48.86
C VAL C 1091 -47.85 25.01 49.64
N PHE C 1092 -47.57 25.09 50.94
CA PHE C 1092 -48.08 26.18 51.77
C PHE C 1092 -47.32 27.45 51.48
N VAL C 1093 -48.05 28.56 51.33
CA VAL C 1093 -47.47 29.87 51.05
C VAL C 1093 -48.16 30.90 51.92
N SER C 1094 -47.50 32.05 52.06
CA SER C 1094 -48.03 33.19 52.79
C SER C 1094 -47.66 34.46 52.06
N ASN C 1095 -48.66 35.32 51.86
CA ASN C 1095 -48.52 36.64 51.25
C ASN C 1095 -48.13 37.71 52.25
N GLY C 1096 -47.63 37.32 53.42
CA GLY C 1096 -47.28 38.28 54.45
C GLY C 1096 -48.15 38.15 55.69
N THR C 1097 -49.43 37.90 55.50
CA THR C 1097 -50.37 37.84 56.62
C THR C 1097 -51.18 36.56 56.66
N HIS C 1098 -51.62 36.05 55.51
CA HIS C 1098 -52.49 34.89 55.47
C HIS C 1098 -51.77 33.73 54.79
N TRP C 1099 -52.13 32.51 55.19
CA TRP C 1099 -51.54 31.29 54.67
C TRP C 1099 -52.53 30.60 53.74
N PHE C 1100 -52.05 30.21 52.56
CA PHE C 1100 -52.82 29.47 51.59
C PHE C 1100 -52.03 28.24 51.14
N VAL C 1101 -52.68 27.39 50.36
CA VAL C 1101 -52.06 26.23 49.75
C VAL C 1101 -52.23 26.35 48.24
N THR C 1102 -51.12 26.31 47.51
CA THR C 1102 -51.15 26.54 46.07
C THR C 1102 -50.33 25.48 45.35
N GLN C 1103 -50.73 25.21 44.11
CA GLN C 1103 -49.99 24.24 43.31
C GLN C 1103 -48.58 24.74 43.03
N ARG C 1104 -47.68 23.78 42.82
CA ARG C 1104 -46.25 24.07 42.91
C ARG C 1104 -45.70 24.80 41.70
N ASN C 1105 -46.36 24.68 40.54
CA ASN C 1105 -45.85 25.30 39.31
C ASN C 1105 -46.70 26.46 38.84
N PHE C 1106 -47.63 26.94 39.66
CA PHE C 1106 -48.46 28.08 39.30
C PHE C 1106 -49.11 28.62 40.56
N TYR C 1107 -49.09 29.94 40.72
CA TYR C 1107 -49.62 30.55 41.93
C TYR C 1107 -51.14 30.56 41.84
N GLU C 1108 -51.78 29.61 42.51
CA GLU C 1108 -53.24 29.56 42.65
C GLU C 1108 -53.55 29.34 44.12
N PRO C 1109 -53.40 30.38 44.94
CA PRO C 1109 -53.62 30.21 46.39
C PRO C 1109 -55.04 29.78 46.69
N GLN C 1110 -55.20 28.95 47.71
CA GLN C 1110 -56.51 28.50 48.15
C GLN C 1110 -56.51 28.33 49.66
N ILE C 1111 -57.71 28.42 50.24
CA ILE C 1111 -57.84 28.25 51.68
C ILE C 1111 -57.38 26.86 52.07
N ILE C 1112 -56.66 26.78 53.18
CA ILE C 1112 -56.14 25.51 53.67
C ILE C 1112 -57.24 24.82 54.46
N THR C 1113 -57.76 23.72 53.92
CA THR C 1113 -58.84 22.97 54.54
C THR C 1113 -58.37 21.54 54.81
N THR C 1114 -59.25 20.77 55.45
CA THR C 1114 -58.97 19.36 55.67
C THR C 1114 -58.99 18.56 54.38
N ASP C 1115 -59.52 19.12 53.29
CA ASP C 1115 -59.49 18.46 52.00
C ASP C 1115 -58.21 18.77 51.24
N ASN C 1116 -57.61 19.94 51.48
CA ASN C 1116 -56.36 20.27 50.83
C ASN C 1116 -55.17 19.60 51.49
N THR C 1117 -55.32 19.12 52.72
CA THR C 1117 -54.19 18.67 53.53
C THR C 1117 -54.49 17.31 54.11
N PHE C 1118 -53.45 16.71 54.69
CA PHE C 1118 -53.57 15.47 55.43
C PHE C 1118 -52.72 15.57 56.70
N VAL C 1119 -53.13 14.83 57.72
CA VAL C 1119 -52.53 14.91 59.04
C VAL C 1119 -51.61 13.73 59.24
N SER C 1120 -50.47 13.99 59.88
CA SER C 1120 -49.51 12.92 60.19
C SER C 1120 -48.69 13.37 61.40
N GLY C 1121 -49.03 12.82 62.57
CA GLY C 1121 -48.27 13.08 63.78
C GLY C 1121 -48.61 14.40 64.42
N ASN C 1122 -47.82 14.75 65.43
CA ASN C 1122 -47.98 15.97 66.19
C ASN C 1122 -46.95 16.99 65.72
N CYS C 1123 -46.90 18.12 66.43
CA CYS C 1123 -46.12 19.28 66.02
C CYS C 1123 -44.77 19.38 66.73
N ASP C 1124 -44.27 18.27 67.29
CA ASP C 1124 -43.00 18.27 68.01
C ASP C 1124 -41.85 17.75 67.17
N VAL C 1125 -42.07 17.53 65.87
CA VAL C 1125 -41.08 16.89 65.00
C VAL C 1125 -40.72 17.79 63.82
N VAL C 1126 -41.73 18.32 63.14
CA VAL C 1126 -41.50 19.05 61.90
C VAL C 1126 -40.73 20.33 62.21
N ILE C 1127 -39.61 20.51 61.53
CA ILE C 1127 -38.78 21.70 61.71
C ILE C 1127 -39.31 22.81 60.81
N GLY C 1128 -39.60 23.96 61.39
CA GLY C 1128 -40.15 25.07 60.64
C GLY C 1128 -41.65 25.06 60.54
N ILE C 1129 -42.33 24.13 61.20
CA ILE C 1129 -43.78 24.10 61.17
C ILE C 1129 -44.32 25.40 61.75
N VAL C 1130 -45.47 25.84 61.24
CA VAL C 1130 -46.06 27.10 61.66
C VAL C 1130 -47.50 26.85 62.09
N ASN C 1131 -48.02 27.80 62.87
CA ASN C 1131 -49.38 27.71 63.37
C ASN C 1131 -50.34 28.39 62.40
N ASN C 1132 -51.42 27.69 62.05
CA ASN C 1132 -52.49 28.30 61.28
C ASN C 1132 -53.74 27.44 61.43
N THR C 1133 -54.89 28.03 61.09
CA THR C 1133 -56.17 27.36 61.22
C THR C 1133 -56.49 26.60 59.94
N VAL C 1134 -56.83 25.32 60.10
CA VAL C 1134 -57.23 24.47 58.98
C VAL C 1134 -58.75 24.41 58.94
N TYR C 1135 -59.33 24.81 57.82
CA TYR C 1135 -60.78 24.91 57.71
C TYR C 1135 -61.41 23.53 57.56
N ASP C 1136 -62.57 23.35 58.19
CA ASP C 1136 -63.33 22.11 58.09
C ASP C 1136 -64.63 22.37 57.33
N PRO C 1137 -64.76 21.93 56.08
CA PRO C 1137 -66.00 22.21 55.34
C PRO C 1137 -67.24 21.66 55.99
N LEU C 1138 -67.14 20.55 56.72
CA LEU C 1138 -68.32 19.90 57.28
C LEU C 1138 -68.92 20.69 58.44
N GLN C 1139 -68.10 21.48 59.14
CA GLN C 1139 -68.62 22.18 60.31
C GLN C 1139 -69.73 23.15 59.96
N PRO C 1140 -69.59 24.05 59.00
CA PRO C 1140 -70.72 24.93 58.67
C PRO C 1140 -71.94 24.16 58.19
N GLU C 1141 -71.72 23.07 57.45
CA GLU C 1141 -72.85 22.28 56.96
C GLU C 1141 -73.65 21.70 58.13
N LEU C 1142 -72.95 21.16 59.13
CA LEU C 1142 -73.66 20.62 60.29
C LEU C 1142 -74.29 21.74 61.12
N ASP C 1143 -73.59 22.86 61.27
CA ASP C 1143 -74.14 23.97 62.04
C ASP C 1143 -75.38 24.53 61.36
N SER C 1144 -75.36 24.67 60.04
CA SER C 1144 -76.48 25.21 59.30
C SER C 1144 -77.44 24.09 58.89
N GLU D 1 79.12 -34.33 56.96
CA GLU D 1 79.83 -35.02 55.88
C GLU D 1 79.49 -34.42 54.54
N VAL D 2 78.88 -33.23 54.57
CA VAL D 2 78.47 -32.56 53.34
C VAL D 2 79.70 -32.22 52.51
N GLN D 3 79.82 -32.85 51.34
CA GLN D 3 80.98 -32.62 50.48
C GLN D 3 80.63 -32.92 49.04
N LEU D 4 81.33 -32.26 48.12
CA LEU D 4 81.18 -32.45 46.69
C LEU D 4 82.55 -32.77 46.11
N VAL D 5 82.63 -33.84 45.31
CA VAL D 5 83.90 -34.34 44.79
C VAL D 5 83.83 -34.33 43.27
N GLU D 6 84.55 -33.38 42.65
CA GLU D 6 84.63 -33.35 41.19
C GLU D 6 85.68 -34.31 40.67
N SER D 7 85.49 -34.79 39.45
CA SER D 7 86.48 -35.60 38.77
C SER D 7 86.18 -35.56 37.28
N GLY D 8 87.05 -36.20 36.49
CA GLY D 8 86.88 -36.30 35.05
C GLY D 8 87.66 -35.29 34.25
N GLY D 9 88.26 -34.29 34.89
CA GLY D 9 89.06 -33.32 34.17
C GLY D 9 90.29 -33.96 33.56
N GLY D 10 90.90 -33.22 32.65
CA GLY D 10 92.11 -33.68 32.00
C GLY D 10 92.57 -32.73 30.92
N VAL D 11 93.65 -33.12 30.26
CA VAL D 11 94.26 -32.34 29.20
C VAL D 11 93.83 -32.92 27.86
N VAL D 12 93.36 -32.05 26.97
CA VAL D 12 92.68 -32.48 25.76
C VAL D 12 92.99 -31.49 24.65
N GLN D 13 92.98 -31.99 23.41
CA GLN D 13 93.18 -31.12 22.25
C GLN D 13 91.82 -30.60 21.74
N PRO D 14 91.81 -29.47 21.03
CA PRO D 14 90.53 -28.91 20.57
C PRO D 14 89.78 -29.89 19.67
N GLY D 15 88.46 -29.92 19.84
CA GLY D 15 87.59 -30.82 19.13
C GLY D 15 87.16 -32.03 19.94
N ARG D 16 88.04 -32.52 20.81
CA ARG D 16 87.74 -33.73 21.57
C ARG D 16 86.69 -33.43 22.65
N SER D 17 86.21 -34.50 23.27
CA SER D 17 85.16 -34.45 24.27
C SER D 17 85.70 -34.85 25.63
N LEU D 18 84.88 -34.63 26.66
CA LEU D 18 85.25 -34.94 28.04
C LEU D 18 83.99 -34.90 28.89
N ARG D 19 83.87 -35.88 29.79
CA ARG D 19 82.71 -35.99 30.68
C ARG D 19 83.16 -35.75 32.11
N LEU D 20 82.64 -34.70 32.73
CA LEU D 20 82.97 -34.39 34.11
C LEU D 20 81.98 -35.05 35.05
N SER D 21 82.43 -35.29 36.28
CA SER D 21 81.63 -35.93 37.30
C SER D 21 81.72 -35.14 38.60
N CYS D 22 80.70 -35.27 39.43
CA CYS D 22 80.66 -34.59 40.72
C CYS D 22 79.88 -35.49 41.68
N ALA D 23 80.60 -36.21 42.54
CA ALA D 23 79.97 -37.09 43.52
C ALA D 23 79.60 -36.29 44.76
N ALA D 24 78.35 -36.43 45.19
CA ALA D 24 77.84 -35.73 46.36
C ALA D 24 77.55 -36.75 47.47
N SER D 25 77.82 -36.34 48.70
CA SER D 25 77.56 -37.20 49.86
C SER D 25 77.38 -36.32 51.07
N GLY D 26 76.63 -36.84 52.05
CA GLY D 26 76.40 -36.13 53.29
C GLY D 26 75.12 -35.32 53.37
N PHE D 27 74.33 -35.26 52.31
CA PHE D 27 73.09 -34.49 52.30
C PHE D 27 72.12 -35.12 51.32
N THR D 28 70.92 -34.52 51.24
CA THR D 28 69.86 -35.01 50.36
C THR D 28 70.10 -34.43 48.97
N PHE D 29 70.65 -35.25 48.07
CA PHE D 29 71.06 -34.76 46.76
C PHE D 29 69.86 -34.32 45.92
N SER D 30 68.75 -35.05 46.01
CA SER D 30 67.55 -34.74 45.24
C SER D 30 66.78 -33.54 45.76
N SER D 31 67.29 -32.84 46.77
CA SER D 31 66.67 -31.64 47.30
C SER D 31 67.37 -30.37 46.86
N TYR D 32 68.46 -30.48 46.10
CA TYR D 32 69.27 -29.35 45.70
C TYR D 32 69.38 -29.31 44.19
N GLY D 33 69.44 -28.09 43.65
CA GLY D 33 69.79 -27.88 42.25
C GLY D 33 71.30 -27.75 42.14
N MET D 34 71.85 -28.42 41.13
CA MET D 34 73.29 -28.51 40.97
C MET D 34 73.77 -27.61 39.84
N HIS D 35 74.90 -26.95 40.06
CA HIS D 35 75.48 -26.01 39.11
C HIS D 35 76.87 -26.47 38.68
N TRP D 36 77.32 -25.93 37.55
CA TRP D 36 78.71 -25.97 37.15
C TRP D 36 79.18 -24.53 36.98
N VAL D 37 80.30 -24.21 37.62
CA VAL D 37 80.92 -22.88 37.48
C VAL D 37 82.40 -23.10 37.19
N ARG D 38 82.87 -22.56 36.07
CA ARG D 38 84.26 -22.69 35.68
C ARG D 38 85.02 -21.40 35.95
N GLN D 39 86.33 -21.53 36.13
CA GLN D 39 87.19 -20.37 36.38
C GLN D 39 88.45 -20.52 35.56
N ALA D 40 88.58 -19.71 34.51
CA ALA D 40 89.79 -19.72 33.70
C ALA D 40 90.96 -19.20 34.54
N PRO D 41 92.18 -19.67 34.27
CA PRO D 41 93.33 -19.27 35.09
C PRO D 41 93.53 -17.76 35.08
N GLY D 42 93.58 -17.18 36.29
CA GLY D 42 93.72 -15.74 36.46
C GLY D 42 92.47 -14.94 36.21
N LYS D 43 91.34 -15.58 35.91
CA LYS D 43 90.12 -14.89 35.52
C LYS D 43 89.04 -15.14 36.57
N GLY D 44 87.87 -14.54 36.36
CA GLY D 44 86.79 -14.60 37.30
C GLY D 44 85.97 -15.86 37.18
N LEU D 45 84.82 -15.84 37.86
CA LEU D 45 83.89 -16.97 37.86
C LEU D 45 82.92 -16.84 36.69
N GLU D 46 82.64 -17.97 36.04
CA GLU D 46 81.70 -18.02 34.92
C GLU D 46 80.73 -19.18 35.14
N TRP D 47 79.45 -18.88 35.14
CA TRP D 47 78.43 -19.90 35.33
C TRP D 47 78.25 -20.69 34.04
N VAL D 48 78.19 -22.02 34.17
CA VAL D 48 78.15 -22.91 33.01
C VAL D 48 76.74 -23.42 32.76
N ALA D 49 76.20 -24.18 33.71
CA ALA D 49 74.88 -24.76 33.55
C ALA D 49 74.30 -25.09 34.91
N VAL D 50 72.98 -25.28 34.93
CA VAL D 50 72.26 -25.67 36.14
C VAL D 50 71.28 -26.76 35.75
N ILE D 51 71.02 -27.66 36.71
CA ILE D 51 69.97 -28.66 36.58
C ILE D 51 69.18 -28.70 37.87
N TRP D 52 67.87 -28.77 37.76
CA TRP D 52 67.02 -28.71 38.94
C TRP D 52 67.04 -30.04 39.68
N TYR D 53 66.34 -30.07 40.82
CA TYR D 53 66.47 -31.17 41.78
C TYR D 53 66.13 -32.51 41.16
N ASP D 54 65.11 -32.56 40.31
CA ASP D 54 64.69 -33.81 39.68
C ASP D 54 65.08 -33.88 38.21
N GLY D 55 65.94 -32.96 37.75
CA GLY D 55 66.37 -32.98 36.37
C GLY D 55 65.32 -32.63 35.35
N SER D 56 64.21 -32.02 35.79
CA SER D 56 63.14 -31.64 34.86
C SER D 56 63.44 -30.34 34.12
N ASN D 57 64.34 -29.52 34.63
CA ASN D 57 64.70 -28.25 33.99
C ASN D 57 66.21 -28.07 34.03
N ASN D 58 66.75 -27.50 32.97
CA ASN D 58 68.17 -27.17 32.94
C ASN D 58 68.37 -25.96 32.04
N PHE D 59 69.24 -25.06 32.48
CA PHE D 59 69.57 -23.85 31.75
C PHE D 59 71.07 -23.81 31.49
N TYR D 60 71.45 -23.45 30.27
CA TYR D 60 72.85 -23.45 29.86
C TYR D 60 73.34 -22.03 29.61
N ALA D 61 74.65 -21.87 29.65
CA ALA D 61 75.28 -20.61 29.31
C ALA D 61 75.44 -20.50 27.80
N ASP D 62 75.37 -19.25 27.31
CA ASP D 62 75.47 -19.02 25.87
C ASP D 62 76.79 -19.54 25.31
N SER D 63 77.87 -19.45 26.08
CA SER D 63 79.19 -19.85 25.60
C SER D 63 79.32 -21.36 25.44
N VAL D 64 78.48 -22.14 26.10
CA VAL D 64 78.55 -23.59 26.05
C VAL D 64 77.31 -24.22 25.44
N LYS D 65 76.31 -23.43 25.08
CA LYS D 65 75.07 -23.98 24.55
C LYS D 65 75.33 -24.69 23.24
N GLY D 66 74.69 -25.85 23.05
CA GLY D 66 74.90 -26.67 21.89
C GLY D 66 76.10 -27.60 21.97
N ARG D 67 77.01 -27.40 22.92
CA ARG D 67 78.16 -28.28 23.08
C ARG D 67 78.20 -29.00 24.41
N PHE D 68 77.64 -28.42 25.47
CA PHE D 68 77.67 -29.01 26.79
C PHE D 68 76.29 -29.56 27.15
N THR D 69 76.28 -30.68 27.88
CA THR D 69 75.05 -31.31 28.34
C THR D 69 75.21 -31.61 29.83
N ILE D 70 74.21 -31.22 30.62
CA ILE D 70 74.22 -31.45 32.07
C ILE D 70 73.19 -32.51 32.40
N SER D 71 73.49 -33.33 33.41
CA SER D 71 72.62 -34.41 33.81
C SER D 71 72.95 -34.79 35.25
N ARG D 72 72.05 -35.58 35.85
CA ARG D 72 72.23 -36.00 37.23
C ARG D 72 71.60 -37.38 37.43
N ASP D 73 72.22 -38.18 38.29
CA ASP D 73 71.71 -39.49 38.69
C ASP D 73 71.38 -39.42 40.17
N ASN D 74 70.10 -39.52 40.50
CA ASN D 74 69.65 -39.29 41.87
C ASN D 74 69.73 -40.53 42.76
N PHE D 75 69.86 -41.72 42.18
CA PHE D 75 70.09 -42.91 42.99
C PHE D 75 71.59 -43.23 43.13
N LYS D 76 72.47 -42.35 42.63
CA LYS D 76 73.90 -42.49 42.80
C LYS D 76 74.53 -41.23 43.35
N ASN D 77 73.75 -40.17 43.49
CA ASN D 77 74.20 -38.87 44.01
C ASN D 77 75.39 -38.35 43.21
N THR D 78 75.16 -38.19 41.90
CA THR D 78 76.24 -37.78 41.00
C THR D 78 75.70 -36.77 39.99
N LEU D 79 76.46 -35.69 39.80
CA LEU D 79 76.19 -34.71 38.77
C LEU D 79 77.18 -34.89 37.64
N TYR D 80 76.70 -34.76 36.41
CA TYR D 80 77.54 -34.94 35.22
C TYR D 80 77.54 -33.69 34.36
N LEU D 81 78.62 -33.53 33.59
CA LEU D 81 78.71 -32.50 32.57
C LEU D 81 79.42 -33.08 31.36
N GLN D 82 78.69 -33.25 30.27
CA GLN D 82 79.25 -33.71 29.00
C GLN D 82 79.73 -32.51 28.20
N MET D 83 80.99 -32.54 27.79
CA MET D 83 81.61 -31.41 27.09
C MET D 83 82.10 -31.90 25.74
N ASN D 84 81.42 -31.51 24.67
CA ASN D 84 81.83 -31.84 23.31
C ASN D 84 82.33 -30.60 22.57
N SER D 85 83.05 -30.83 21.48
CA SER D 85 83.61 -29.78 20.64
C SER D 85 84.36 -28.74 21.47
N LEU D 86 85.19 -29.24 22.38
CA LEU D 86 85.93 -28.36 23.28
C LEU D 86 86.85 -27.43 22.51
N ARG D 87 87.01 -26.21 23.03
CA ARG D 87 87.89 -25.20 22.46
C ARG D 87 88.89 -24.77 23.52
N ALA D 88 89.92 -24.04 23.07
CA ALA D 88 90.92 -23.52 24.01
C ALA D 88 90.30 -22.63 25.08
N GLU D 89 89.23 -21.92 24.75
CA GLU D 89 88.57 -21.04 25.72
C GLU D 89 87.74 -21.80 26.76
N ASP D 90 87.69 -23.13 26.69
CA ASP D 90 87.06 -23.95 27.71
C ASP D 90 88.03 -24.35 28.82
N THR D 91 89.29 -23.96 28.69
CA THR D 91 90.28 -24.27 29.72
C THR D 91 89.92 -23.54 31.01
N ALA D 92 89.72 -24.30 32.09
CA ALA D 92 89.34 -23.73 33.38
C ALA D 92 89.36 -24.83 34.43
N VAL D 93 89.20 -24.42 35.68
CA VAL D 93 88.84 -25.33 36.76
C VAL D 93 87.32 -25.33 36.89
N TYR D 94 86.72 -26.51 36.87
CA TYR D 94 85.27 -26.66 36.88
C TYR D 94 84.79 -27.06 38.26
N TYR D 95 83.91 -26.25 38.84
CA TYR D 95 83.33 -26.48 40.16
C TYR D 95 81.87 -26.90 40.03
N CYS D 96 81.44 -27.79 40.92
CA CYS D 96 80.04 -28.07 41.12
C CYS D 96 79.60 -27.54 42.48
N ALA D 97 78.34 -27.10 42.55
CA ALA D 97 77.83 -26.49 43.77
C ALA D 97 76.34 -26.78 43.88
N ARG D 98 75.85 -26.80 45.12
CA ARG D 98 74.46 -27.06 45.42
C ARG D 98 73.76 -25.76 45.81
N SER D 99 72.44 -25.76 45.65
CA SER D 99 71.60 -24.67 46.11
C SER D 99 70.21 -25.22 46.38
N TYR D 100 69.62 -24.85 47.51
CA TYR D 100 68.38 -25.46 47.94
C TYR D 100 67.23 -25.06 47.04
N CYS D 101 66.36 -26.03 46.75
CA CYS D 101 65.15 -25.80 45.97
C CYS D 101 63.97 -25.65 46.92
N SER D 102 63.20 -24.59 46.72
CA SER D 102 62.13 -24.22 47.64
C SER D 102 61.05 -25.30 47.74
N GLY D 103 60.23 -25.43 46.71
CA GLY D 103 59.19 -26.44 46.67
C GLY D 103 58.89 -26.82 45.24
N GLY D 104 59.90 -27.37 44.57
CA GLY D 104 59.83 -27.63 43.15
C GLY D 104 60.42 -26.53 42.29
N PHE D 105 61.01 -25.51 42.90
CA PHE D 105 61.57 -24.38 42.18
C PHE D 105 63.02 -24.16 42.61
N CYS D 106 63.93 -24.15 41.64
CA CYS D 106 65.32 -23.84 41.94
C CYS D 106 65.77 -22.61 41.15
N PHE D 107 65.13 -21.46 41.40
CA PHE D 107 65.51 -20.24 40.67
C PHE D 107 66.76 -19.60 41.26
N GLY D 108 66.79 -19.42 42.58
CA GLY D 108 67.94 -18.83 43.21
C GLY D 108 67.68 -17.45 43.77
N TYR D 109 66.44 -17.19 44.18
CA TYR D 109 66.13 -15.94 44.87
C TYR D 109 66.43 -16.02 46.35
N TYR D 110 66.05 -17.12 46.99
CA TYR D 110 66.21 -17.27 48.43
C TYR D 110 67.48 -17.98 48.83
N TYR D 111 68.10 -18.74 47.93
CA TYR D 111 69.26 -19.54 48.25
C TYR D 111 70.35 -19.33 47.19
N GLY D 112 71.60 -19.45 47.63
CA GLY D 112 72.72 -19.39 46.72
C GLY D 112 73.53 -20.67 46.74
N LEU D 113 74.67 -20.67 46.05
CA LEU D 113 75.55 -21.83 46.06
C LEU D 113 76.30 -21.91 47.37
N ASP D 114 75.70 -22.56 48.38
CA ASP D 114 76.26 -22.56 49.72
C ASP D 114 77.39 -23.56 49.91
N VAL D 115 77.46 -24.60 49.08
CA VAL D 115 78.50 -25.62 49.20
C VAL D 115 79.13 -25.84 47.83
N TRP D 116 80.45 -25.71 47.76
CA TRP D 116 81.21 -25.86 46.53
C TRP D 116 82.14 -27.06 46.64
N GLY D 117 82.45 -27.66 45.48
CA GLY D 117 83.42 -28.74 45.43
C GLY D 117 84.86 -28.25 45.35
N GLN D 118 85.78 -29.20 45.50
CA GLN D 118 87.21 -28.88 45.40
C GLN D 118 87.55 -28.38 44.00
N GLY D 119 86.94 -28.95 42.98
CA GLY D 119 87.19 -28.54 41.61
C GLY D 119 87.98 -29.59 40.84
N THR D 120 87.88 -29.49 39.51
CA THR D 120 88.64 -30.36 38.62
C THR D 120 89.16 -29.54 37.45
N THR D 121 90.41 -29.78 37.08
CA THR D 121 91.10 -28.93 36.10
C THR D 121 90.90 -29.47 34.69
N VAL D 122 90.49 -28.58 33.79
CA VAL D 122 90.32 -28.87 32.38
C VAL D 122 91.22 -27.94 31.58
N THR D 123 92.07 -28.52 30.73
CA THR D 123 92.97 -27.78 29.87
C THR D 123 92.76 -28.23 28.44
N VAL D 124 92.55 -27.27 27.53
CA VAL D 124 92.38 -27.56 26.11
C VAL D 124 93.49 -26.82 25.35
N SER D 125 94.44 -27.58 24.82
CA SER D 125 95.62 -27.05 24.16
C SER D 125 95.96 -27.93 22.97
N SER D 126 96.42 -27.30 21.89
CA SER D 126 96.85 -28.04 20.70
C SER D 126 98.19 -28.74 20.90
N SER E 1 74.25 -10.06 26.95
CA SER E 1 73.90 -10.73 28.20
C SER E 1 73.75 -9.73 29.34
N TYR E 2 73.39 -10.23 30.52
CA TYR E 2 73.20 -9.36 31.67
C TYR E 2 74.55 -9.10 32.35
N GLU E 3 74.86 -7.82 32.56
CA GLU E 3 76.16 -7.40 33.07
C GLU E 3 76.11 -7.16 34.57
N LEU E 4 77.12 -7.65 35.28
CA LEU E 4 77.30 -7.38 36.70
C LEU E 4 78.65 -6.70 36.90
N THR E 5 78.62 -5.46 37.37
CA THR E 5 79.81 -4.62 37.48
C THR E 5 80.33 -4.61 38.91
N GLN E 6 81.65 -4.70 39.05
CA GLN E 6 82.33 -4.57 40.33
C GLN E 6 83.61 -3.77 40.13
N PRO E 7 84.03 -3.00 41.13
CA PRO E 7 85.35 -2.37 41.07
C PRO E 7 86.44 -3.42 41.10
N PRO E 8 87.46 -3.29 40.26
CA PRO E 8 88.46 -4.37 40.15
C PRO E 8 89.29 -4.57 41.41
N SER E 9 89.43 -3.56 42.27
CA SER E 9 90.28 -3.68 43.43
C SER E 9 89.86 -2.69 44.50
N VAL E 10 89.97 -3.10 45.76
CA VAL E 10 89.65 -2.28 46.92
C VAL E 10 90.74 -2.50 47.97
N SER E 11 91.28 -1.40 48.51
CA SER E 11 92.33 -1.46 49.52
C SER E 11 91.83 -0.84 50.82
N VAL E 12 92.13 -1.50 51.94
CA VAL E 12 91.67 -1.04 53.24
C VAL E 12 92.71 -1.37 54.30
N ALA E 13 92.77 -0.52 55.32
CA ALA E 13 93.65 -0.74 56.46
C ALA E 13 92.98 -1.65 57.49
N PRO E 14 93.76 -2.43 58.23
CA PRO E 14 93.16 -3.33 59.23
C PRO E 14 92.35 -2.55 60.27
N GLY E 15 91.26 -3.16 60.72
CA GLY E 15 90.35 -2.52 61.64
C GLY E 15 89.35 -1.58 61.00
N LYS E 16 89.63 -1.08 59.79
CA LYS E 16 88.69 -0.24 59.07
C LYS E 16 87.69 -1.13 58.33
N THR E 17 86.84 -0.53 57.50
CA THR E 17 85.82 -1.26 56.78
C THR E 17 86.04 -1.14 55.27
N ALA E 18 85.56 -2.14 54.54
CA ALA E 18 85.63 -2.18 53.08
C ALA E 18 84.22 -2.31 52.52
N THR E 19 83.94 -1.54 51.46
CA THR E 19 82.66 -1.58 50.77
C THR E 19 82.88 -1.97 49.31
N ILE E 20 82.17 -2.99 48.86
CA ILE E 20 82.30 -3.53 47.52
C ILE E 20 80.99 -3.30 46.79
N THR E 21 81.06 -2.68 45.62
CA THR E 21 79.89 -2.23 44.87
C THR E 21 79.57 -3.25 43.78
N CYS E 22 78.35 -3.77 43.80
CA CYS E 22 77.88 -4.63 42.72
C CYS E 22 77.02 -3.78 41.79
N GLY E 23 77.45 -3.68 40.53
CA GLY E 23 76.69 -2.89 39.58
C GLY E 23 75.80 -3.72 38.66
N GLY E 24 74.49 -3.47 38.69
CA GLY E 24 73.57 -4.24 37.88
C GLY E 24 72.46 -3.38 37.33
N ASN E 25 71.79 -3.91 36.31
CA ASN E 25 70.67 -3.26 35.68
C ASN E 25 69.39 -3.70 36.38
N ASN E 26 68.71 -2.74 37.03
CA ASN E 26 67.52 -3.04 37.83
C ASN E 26 67.84 -4.05 38.93
N ILE E 27 69.05 -3.94 39.49
CA ILE E 27 69.49 -4.89 40.50
C ILE E 27 68.72 -4.70 41.82
N GLY E 28 68.08 -3.54 42.00
CA GLY E 28 67.17 -3.38 43.12
C GLY E 28 66.00 -4.34 43.11
N THR E 29 65.75 -5.00 41.98
CA THR E 29 64.70 -6.00 41.85
C THR E 29 65.23 -7.43 41.94
N LYS E 30 66.53 -7.60 42.13
CA LYS E 30 67.14 -8.92 42.11
C LYS E 30 67.71 -9.27 43.48
N SER E 31 67.93 -10.56 43.70
CA SER E 31 68.43 -11.10 44.95
C SER E 31 69.92 -11.44 44.77
N VAL E 32 70.79 -10.67 45.41
CA VAL E 32 72.24 -10.75 45.18
C VAL E 32 72.87 -11.65 46.22
N HIS E 33 73.78 -12.52 45.78
CA HIS E 33 74.59 -13.35 46.65
C HIS E 33 76.06 -12.98 46.49
N TRP E 34 76.83 -13.19 47.55
CA TRP E 34 78.24 -12.84 47.56
C TRP E 34 79.09 -14.06 47.91
N TYR E 35 80.26 -14.16 47.27
CA TYR E 35 81.15 -15.29 47.46
C TYR E 35 82.56 -14.78 47.73
N GLN E 36 83.22 -15.37 48.73
CA GLN E 36 84.60 -15.08 49.04
C GLN E 36 85.47 -16.24 48.55
N GLN E 37 86.53 -15.92 47.82
CA GLN E 37 87.45 -16.93 47.31
C GLN E 37 88.88 -16.51 47.62
N LYS E 38 89.46 -17.13 48.63
CA LYS E 38 90.87 -16.89 48.88
C LYS E 38 91.70 -17.69 47.87
N PRO E 39 92.83 -17.14 47.42
CA PRO E 39 93.62 -17.81 46.38
C PRO E 39 94.01 -19.23 46.78
N GLY E 40 93.64 -20.19 45.94
CA GLY E 40 94.00 -21.58 46.15
C GLY E 40 92.84 -22.51 46.43
N GLN E 41 91.66 -21.99 46.78
CA GLN E 41 90.54 -22.82 47.17
C GLN E 41 89.27 -22.36 46.47
N ALA E 42 88.20 -23.12 46.67
CA ALA E 42 86.91 -22.81 46.06
C ALA E 42 86.27 -21.62 46.77
N PRO E 43 85.42 -20.87 46.06
CA PRO E 43 84.71 -19.76 46.70
C PRO E 43 83.78 -20.24 47.80
N VAL E 44 83.43 -19.33 48.69
CA VAL E 44 82.58 -19.61 49.84
C VAL E 44 81.46 -18.57 49.87
N LEU E 45 80.22 -19.05 50.01
CA LEU E 45 79.09 -18.13 50.16
C LEU E 45 79.19 -17.42 51.51
N VAL E 46 79.23 -16.09 51.47
CA VAL E 46 79.29 -15.30 52.69
C VAL E 46 78.01 -14.49 52.92
N ILE E 47 77.32 -14.07 51.87
CA ILE E 47 76.03 -13.40 51.99
C ILE E 47 75.11 -13.95 50.91
N TYR E 48 73.90 -14.34 51.31
CA TYR E 48 72.86 -14.75 50.38
C TYR E 48 71.58 -14.02 50.73
N TYR E 49 70.67 -13.96 49.75
CA TYR E 49 69.40 -13.24 49.92
C TYR E 49 69.66 -11.79 50.30
N ASN E 50 70.68 -11.19 49.68
CA ASN E 50 71.07 -9.79 49.84
C ASN E 50 71.68 -9.49 51.22
N SER E 51 71.23 -10.16 52.27
CA SER E 51 71.70 -9.80 53.61
C SER E 51 71.82 -10.94 54.60
N ASP E 52 71.49 -12.18 54.23
CA ASP E 52 71.55 -13.29 55.17
C ASP E 52 72.93 -13.93 55.18
N ARG E 53 73.44 -14.19 56.38
CA ARG E 53 74.70 -14.89 56.50
C ARG E 53 74.48 -16.37 56.73
N PRO E 54 75.30 -17.23 56.11
CA PRO E 54 75.30 -18.65 56.49
C PRO E 54 75.76 -18.83 57.92
N SER E 55 75.61 -20.07 58.40
CA SER E 55 75.78 -20.35 59.83
C SER E 55 77.17 -19.99 60.34
N GLY E 56 78.19 -20.14 59.50
CA GLY E 56 79.56 -20.00 59.96
C GLY E 56 80.23 -18.69 59.66
N ILE E 57 79.63 -17.87 58.79
CA ILE E 57 80.25 -16.60 58.42
C ILE E 57 80.15 -15.63 59.58
N PRO E 58 81.25 -15.00 60.01
CA PRO E 58 81.18 -14.10 61.16
C PRO E 58 80.31 -12.88 60.88
N GLU E 59 79.82 -12.28 61.96
CA GLU E 59 78.90 -11.15 61.86
C GLU E 59 79.55 -9.88 61.33
N ARG E 60 80.87 -9.86 61.08
CA ARG E 60 81.50 -8.69 60.48
C ARG E 60 81.00 -8.46 59.05
N PHE E 61 80.62 -9.52 58.35
CA PHE E 61 80.12 -9.40 56.99
C PHE E 61 78.63 -9.07 57.02
N SER E 62 78.21 -8.25 56.05
CA SER E 62 76.80 -7.92 55.87
C SER E 62 76.62 -7.36 54.47
N GLY E 63 75.39 -7.52 53.95
CA GLY E 63 75.06 -7.01 52.65
C GLY E 63 73.81 -6.14 52.71
N SER E 64 73.71 -5.23 51.75
CA SER E 64 72.54 -4.38 51.58
C SER E 64 72.10 -4.39 50.13
N ASN E 65 70.88 -3.92 49.91
CA ASN E 65 70.30 -3.81 48.58
C ASN E 65 69.13 -2.83 48.63
N SER E 66 69.44 -1.53 48.63
CA SER E 66 68.44 -0.50 48.86
C SER E 66 68.73 0.69 47.97
N GLY E 67 67.76 1.06 47.13
CA GLY E 67 67.91 2.19 46.23
C GLY E 67 68.94 1.94 45.16
N ASN E 68 68.87 0.76 44.53
CA ASN E 68 69.83 0.34 43.51
C ASN E 68 71.27 0.43 44.02
N THR E 69 71.45 0.14 45.32
CA THR E 69 72.75 0.19 45.97
C THR E 69 72.96 -1.13 46.70
N VAL E 70 73.43 -2.14 45.99
CA VAL E 70 73.79 -3.42 46.60
C VAL E 70 75.26 -3.37 46.97
N THR E 71 75.57 -3.77 48.21
CA THR E 71 76.88 -3.51 48.78
C THR E 71 77.23 -4.62 49.75
N LEU E 72 78.47 -5.10 49.66
CA LEU E 72 79.05 -5.99 50.66
C LEU E 72 79.90 -5.18 51.62
N THR E 73 79.73 -5.42 52.92
CA THR E 73 80.41 -4.64 53.95
C THR E 73 81.17 -5.57 54.88
N ILE E 74 82.44 -5.25 55.13
CA ILE E 74 83.31 -6.02 56.00
C ILE E 74 83.93 -5.05 57.00
N SER E 75 83.41 -5.04 58.22
CA SER E 75 83.96 -4.20 59.29
C SER E 75 85.02 -4.97 60.08
N ARG E 76 85.86 -4.21 60.76
CA ARG E 76 87.02 -4.77 61.49
C ARG E 76 87.81 -5.70 60.59
N VAL E 77 88.32 -5.13 59.49
CA VAL E 77 89.00 -5.91 58.48
C VAL E 77 90.28 -6.52 59.05
N GLU E 78 90.44 -7.82 58.83
CA GLU E 78 91.63 -8.56 59.22
C GLU E 78 92.41 -8.95 57.98
N ALA E 79 93.67 -9.36 58.18
CA ALA E 79 94.50 -9.79 57.06
C ALA E 79 93.94 -11.02 56.39
N GLY E 80 93.25 -11.88 57.16
CA GLY E 80 92.64 -13.07 56.60
C GLY E 80 91.49 -12.80 55.64
N ASP E 81 90.98 -11.57 55.61
CA ASP E 81 89.92 -11.19 54.68
C ASP E 81 90.44 -10.84 53.29
N GLU E 82 91.74 -10.97 53.05
CA GLU E 82 92.30 -10.68 51.73
C GLU E 82 91.91 -11.79 50.76
N ALA E 83 90.94 -11.51 49.89
CA ALA E 83 90.42 -12.50 48.95
C ALA E 83 89.73 -11.78 47.80
N ASP E 84 89.26 -12.55 46.83
CA ASP E 84 88.41 -12.05 45.76
C ASP E 84 86.95 -12.23 46.15
N TYR E 85 86.14 -11.22 45.87
CA TYR E 85 84.72 -11.23 46.19
C TYR E 85 83.90 -11.03 44.92
N TYR E 86 82.88 -11.85 44.74
CA TYR E 86 82.01 -11.78 43.58
C TYR E 86 80.56 -11.67 44.03
N CYS E 87 79.81 -10.78 43.39
CA CYS E 87 78.36 -10.81 43.54
C CYS E 87 77.76 -11.68 42.45
N GLN E 88 76.57 -12.20 42.73
CA GLN E 88 75.95 -13.14 41.82
C GLN E 88 74.43 -13.04 41.96
N VAL E 89 73.73 -13.08 40.82
CA VAL E 89 72.28 -12.98 40.77
C VAL E 89 71.76 -14.06 39.82
N TRP E 90 70.44 -14.23 39.84
CA TRP E 90 69.72 -15.02 38.84
C TRP E 90 68.93 -14.05 37.98
N ASP E 91 69.26 -13.99 36.69
CA ASP E 91 68.61 -13.07 35.76
C ASP E 91 67.63 -13.88 34.90
N SER E 92 66.35 -13.82 35.28
CA SER E 92 65.32 -14.56 34.55
C SER E 92 65.10 -14.00 33.16
N GLY E 93 65.42 -12.73 32.94
CA GLY E 93 65.32 -12.13 31.62
C GLY E 93 66.23 -12.77 30.59
N SER E 94 67.22 -13.56 31.02
CA SER E 94 68.10 -14.25 30.10
C SER E 94 68.38 -15.69 30.51
N ASP E 95 67.69 -16.22 31.53
CA ASP E 95 67.90 -17.58 32.01
C ASP E 95 69.37 -17.84 32.29
N HIS E 96 70.01 -16.90 32.98
CA HIS E 96 71.43 -16.96 33.27
C HIS E 96 71.68 -16.62 34.74
N TYR E 97 72.48 -17.45 35.41
CA TYR E 97 73.13 -17.02 36.62
C TYR E 97 74.35 -16.20 36.23
N VAL E 98 74.44 -14.97 36.73
CA VAL E 98 75.50 -14.05 36.35
C VAL E 98 76.36 -13.76 37.55
N PHE E 99 77.67 -13.93 37.40
CA PHE E 99 78.65 -13.56 38.40
C PHE E 99 79.27 -12.22 38.05
N GLY E 100 79.53 -11.39 39.07
CA GLY E 100 80.18 -10.12 38.84
C GLY E 100 81.62 -10.28 38.41
N THR E 101 82.18 -9.16 37.92
CA THR E 101 83.53 -9.17 37.38
C THR E 101 84.56 -9.48 38.45
N GLY E 102 84.27 -9.09 39.67
CA GLY E 102 85.13 -9.45 40.78
C GLY E 102 85.82 -8.26 41.39
N THR E 103 86.18 -8.41 42.67
CA THR E 103 86.89 -7.37 43.40
C THR E 103 87.98 -8.01 44.23
N LYS E 104 89.23 -7.63 43.97
CA LYS E 104 90.36 -8.07 44.80
C LYS E 104 90.48 -7.15 46.00
N VAL E 105 90.40 -7.72 47.20
CA VAL E 105 90.48 -6.96 48.44
C VAL E 105 91.84 -7.25 49.07
N THR E 106 92.77 -6.32 48.92
CA THR E 106 94.06 -6.39 49.60
C THR E 106 94.04 -5.49 50.82
N VAL E 107 94.66 -5.95 51.90
CA VAL E 107 94.70 -5.24 53.17
C VAL E 107 96.01 -4.46 53.23
N VAL E 108 95.92 -3.14 53.21
CA VAL E 108 97.09 -2.28 53.25
C VAL E 108 97.80 -2.45 54.58
N GLU F 1 -29.26 -71.15 -68.05
CA GLU F 1 -28.34 -70.78 -69.13
C GLU F 1 -27.11 -70.08 -68.56
N VAL F 2 -26.92 -70.20 -67.25
CA VAL F 2 -25.80 -69.54 -66.59
C VAL F 2 -24.49 -70.12 -67.11
N GLN F 3 -23.71 -69.30 -67.80
CA GLN F 3 -22.45 -69.77 -68.37
C GLN F 3 -21.49 -68.61 -68.54
N LEU F 4 -20.20 -68.93 -68.49
CA LEU F 4 -19.13 -67.96 -68.71
C LEU F 4 -18.21 -68.48 -69.81
N VAL F 5 -17.93 -67.64 -70.80
CA VAL F 5 -17.18 -68.04 -71.99
C VAL F 5 -15.93 -67.18 -72.08
N GLU F 6 -14.77 -67.78 -71.80
CA GLU F 6 -13.51 -67.07 -71.95
C GLU F 6 -13.02 -67.12 -73.40
N SER F 7 -12.25 -66.11 -73.78
CA SER F 7 -11.61 -66.09 -75.08
C SER F 7 -10.45 -65.10 -75.01
N GLY F 8 -9.70 -65.02 -76.11
CA GLY F 8 -8.60 -64.08 -76.24
C GLY F 8 -7.24 -64.65 -75.94
N GLY F 9 -7.16 -65.87 -75.41
CA GLY F 9 -5.88 -66.49 -75.16
C GLY F 9 -5.11 -66.74 -76.45
N GLY F 10 -3.83 -67.04 -76.30
CA GLY F 10 -3.00 -67.34 -77.43
C GLY F 10 -1.55 -67.52 -77.02
N VAL F 11 -0.72 -67.76 -78.03
CA VAL F 11 0.71 -67.98 -77.85
C VAL F 11 1.44 -66.69 -78.20
N VAL F 12 2.34 -66.27 -77.32
CA VAL F 12 2.91 -64.94 -77.39
C VAL F 12 4.35 -65.00 -76.87
N GLN F 13 5.20 -64.11 -77.38
CA GLN F 13 6.57 -64.01 -76.91
C GLN F 13 6.66 -63.01 -75.76
N PRO F 14 7.68 -63.12 -74.90
CA PRO F 14 7.77 -62.21 -73.74
C PRO F 14 7.87 -60.75 -74.19
N GLY F 15 7.20 -59.88 -73.43
CA GLY F 15 7.10 -58.47 -73.73
C GLY F 15 5.81 -58.06 -74.40
N ARG F 16 5.23 -58.94 -75.21
CA ARG F 16 4.01 -58.61 -75.95
C ARG F 16 2.81 -58.56 -75.00
N SER F 17 1.70 -58.07 -75.53
CA SER F 17 0.46 -57.88 -74.78
C SER F 17 -0.62 -58.82 -75.29
N LEU F 18 -1.72 -58.87 -74.54
CA LEU F 18 -2.84 -59.74 -74.86
C LEU F 18 -4.04 -59.32 -74.03
N ARG F 19 -5.21 -59.27 -74.66
CA ARG F 19 -6.45 -58.88 -74.00
C ARG F 19 -7.38 -60.08 -73.93
N LEU F 20 -7.71 -60.51 -72.71
CA LEU F 20 -8.62 -61.62 -72.52
C LEU F 20 -10.05 -61.12 -72.39
N SER F 21 -10.99 -62.00 -72.73
CA SER F 21 -12.40 -61.68 -72.68
C SER F 21 -13.15 -62.80 -71.97
N CYS F 22 -14.31 -62.46 -71.41
CA CYS F 22 -15.15 -63.43 -70.72
C CYS F 22 -16.59 -62.97 -70.90
N ALA F 23 -17.30 -63.63 -71.81
CA ALA F 23 -18.70 -63.32 -72.07
C ALA F 23 -19.59 -64.08 -71.09
N ALA F 24 -20.48 -63.35 -70.43
CA ALA F 24 -21.40 -63.93 -69.46
C ALA F 24 -22.82 -63.86 -70.01
N SER F 25 -23.62 -64.89 -69.73
CA SER F 25 -25.00 -64.94 -70.16
C SER F 25 -25.76 -65.86 -69.22
N GLY F 26 -27.07 -65.61 -69.11
CA GLY F 26 -27.93 -66.44 -68.29
C GLY F 26 -28.19 -65.93 -66.89
N PHE F 27 -27.58 -64.82 -66.49
CA PHE F 27 -27.78 -64.27 -65.15
C PHE F 27 -27.58 -62.77 -65.19
N THR F 28 -27.75 -62.13 -64.02
CA THR F 28 -27.61 -60.68 -63.89
C THR F 28 -26.13 -60.36 -63.70
N PHE F 29 -25.47 -59.90 -64.76
CA PHE F 29 -24.03 -59.71 -64.71
C PHE F 29 -23.63 -58.61 -63.76
N SER F 30 -24.42 -57.54 -63.69
CA SER F 30 -24.13 -56.40 -62.83
C SER F 30 -24.41 -56.67 -61.35
N SER F 31 -24.80 -57.89 -60.99
CA SER F 31 -25.02 -58.26 -59.60
C SER F 31 -23.90 -59.10 -59.03
N TYR F 32 -22.88 -59.42 -59.82
CA TYR F 32 -21.79 -60.28 -59.40
C TYR F 32 -20.46 -59.58 -59.58
N GLY F 33 -19.53 -59.86 -58.67
CA GLY F 33 -18.16 -59.46 -58.85
C GLY F 33 -17.40 -60.54 -59.62
N MET F 34 -16.59 -60.09 -60.58
CA MET F 34 -15.93 -61.00 -61.51
C MET F 34 -14.45 -61.13 -61.15
N HIS F 35 -13.94 -62.36 -61.25
CA HIS F 35 -12.57 -62.68 -60.91
C HIS F 35 -11.84 -63.24 -62.13
N TRP F 36 -10.52 -63.20 -62.06
CA TRP F 36 -9.64 -63.96 -62.94
C TRP F 36 -8.78 -64.85 -62.06
N VAL F 37 -8.73 -66.14 -62.39
CA VAL F 37 -7.88 -67.10 -61.70
C VAL F 37 -7.14 -67.90 -62.75
N ARG F 38 -5.81 -67.88 -62.68
CA ARG F 38 -5.00 -68.61 -63.64
C ARG F 38 -4.44 -69.88 -62.99
N GLN F 39 -4.11 -70.85 -63.84
CA GLN F 39 -3.55 -72.12 -63.38
C GLN F 39 -2.42 -72.52 -64.31
N ALA F 40 -1.18 -72.40 -63.83
CA ALA F 40 -0.05 -72.84 -64.60
C ALA F 40 -0.09 -74.35 -64.78
N PRO F 41 0.45 -74.86 -65.89
CA PRO F 41 0.36 -76.31 -66.15
C PRO F 41 1.01 -77.13 -65.04
N GLY F 42 0.25 -78.07 -64.48
CA GLY F 42 0.70 -78.90 -63.39
C GLY F 42 0.73 -78.23 -62.03
N LYS F 43 0.29 -76.97 -61.93
CA LYS F 43 0.39 -76.20 -60.71
C LYS F 43 -1.00 -75.88 -60.19
N GLY F 44 -1.05 -75.19 -59.04
CA GLY F 44 -2.29 -74.90 -58.37
C GLY F 44 -2.99 -73.68 -58.94
N LEU F 45 -4.00 -73.23 -58.19
CA LEU F 45 -4.78 -72.07 -58.57
C LEU F 45 -4.15 -70.80 -58.02
N GLU F 46 -4.15 -69.75 -58.83
CA GLU F 46 -3.59 -68.46 -58.45
C GLU F 46 -4.60 -67.37 -58.80
N TRP F 47 -4.98 -66.58 -57.81
CA TRP F 47 -5.93 -65.49 -58.03
C TRP F 47 -5.21 -64.32 -58.69
N VAL F 48 -5.85 -63.75 -59.72
CA VAL F 48 -5.23 -62.71 -60.54
C VAL F 48 -5.78 -61.33 -60.15
N ALA F 49 -7.07 -61.12 -60.37
CA ALA F 49 -7.66 -59.83 -60.10
C ALA F 49 -9.17 -59.99 -59.91
N VAL F 50 -9.77 -58.99 -59.28
CA VAL F 50 -11.21 -58.93 -59.06
C VAL F 50 -11.69 -57.55 -59.42
N ILE F 51 -12.93 -57.46 -59.91
CA ILE F 51 -13.61 -56.19 -60.14
C ILE F 51 -15.02 -56.32 -59.59
N TRP F 52 -15.47 -55.28 -58.89
CA TRP F 52 -16.76 -55.33 -58.24
C TRP F 52 -17.89 -55.14 -59.26
N TYR F 53 -19.13 -55.24 -58.77
CA TYR F 53 -20.29 -55.37 -59.63
C TYR F 53 -20.42 -54.18 -60.59
N ASP F 54 -20.13 -52.98 -60.13
CA ASP F 54 -20.24 -51.79 -60.94
C ASP F 54 -18.88 -51.25 -61.38
N GLY F 55 -17.81 -52.01 -61.17
CA GLY F 55 -16.49 -51.58 -61.57
C GLY F 55 -15.91 -50.44 -60.77
N SER F 56 -16.47 -50.15 -59.59
CA SER F 56 -15.98 -49.07 -58.76
C SER F 56 -14.75 -49.45 -57.95
N ASN F 57 -14.51 -50.75 -57.76
CA ASN F 57 -13.36 -51.22 -57.01
C ASN F 57 -12.73 -52.40 -57.72
N ASN F 58 -11.41 -52.47 -57.67
CA ASN F 58 -10.70 -53.63 -58.22
C ASN F 58 -9.41 -53.83 -57.45
N PHE F 59 -9.09 -55.09 -57.18
CA PHE F 59 -7.89 -55.46 -56.46
C PHE F 59 -7.08 -56.41 -57.33
N TYR F 60 -5.76 -56.19 -57.37
CA TYR F 60 -4.87 -56.97 -58.21
C TYR F 60 -3.93 -57.82 -57.37
N ALA F 61 -3.40 -58.86 -58.00
CA ALA F 61 -2.39 -59.69 -57.37
C ALA F 61 -1.02 -59.05 -57.52
N ASP F 62 -0.16 -59.29 -56.51
CA ASP F 62 1.17 -58.69 -56.52
C ASP F 62 1.96 -59.10 -57.76
N SER F 63 1.78 -60.32 -58.24
CA SER F 63 2.54 -60.83 -59.36
C SER F 63 2.16 -60.17 -60.69
N VAL F 64 0.98 -59.57 -60.77
CA VAL F 64 0.49 -58.95 -62.00
C VAL F 64 0.28 -57.45 -61.85
N LYS F 65 0.50 -56.89 -60.66
CA LYS F 65 0.23 -55.48 -60.44
C LYS F 65 1.18 -54.64 -61.30
N GLY F 66 0.63 -53.56 -61.87
CA GLY F 66 1.39 -52.73 -62.78
C GLY F 66 1.44 -53.21 -64.21
N ARG F 67 1.07 -54.47 -64.49
CA ARG F 67 1.05 -54.98 -65.85
C ARG F 67 -0.32 -55.40 -66.34
N PHE F 68 -1.20 -55.82 -65.43
CA PHE F 68 -2.53 -56.30 -65.81
C PHE F 68 -3.57 -55.26 -65.42
N THR F 69 -4.61 -55.14 -66.25
CA THR F 69 -5.72 -54.23 -66.00
C THR F 69 -7.03 -55.00 -66.20
N ILE F 70 -7.93 -54.89 -65.22
CA ILE F 70 -9.22 -55.58 -65.28
C ILE F 70 -10.31 -54.54 -65.52
N SER F 71 -11.35 -54.94 -66.25
CA SER F 71 -12.44 -54.04 -66.59
C SER F 71 -13.65 -54.88 -66.94
N ARG F 72 -14.81 -54.21 -67.01
CA ARG F 72 -16.06 -54.89 -67.33
C ARG F 72 -16.99 -53.93 -68.05
N ASP F 73 -17.78 -54.48 -68.98
CA ASP F 73 -18.81 -53.74 -69.70
C ASP F 73 -20.15 -54.33 -69.32
N ASN F 74 -20.98 -53.54 -68.64
CA ASN F 74 -22.21 -54.07 -68.06
C ASN F 74 -23.39 -54.04 -69.01
N PHE F 75 -23.30 -53.30 -70.11
CA PHE F 75 -24.34 -53.37 -71.14
C PHE F 75 -23.99 -54.36 -72.24
N LYS F 76 -22.90 -55.12 -72.08
CA LYS F 76 -22.52 -56.18 -73.02
C LYS F 76 -22.26 -57.48 -72.30
N ASN F 77 -22.28 -57.48 -70.97
CA ASN F 77 -22.05 -58.65 -70.13
C ASN F 77 -20.71 -59.31 -70.47
N THR F 78 -19.65 -58.52 -70.34
CA THR F 78 -18.32 -58.98 -70.72
C THR F 78 -17.30 -58.52 -69.69
N LEU F 79 -16.44 -59.44 -69.27
CA LEU F 79 -15.30 -59.13 -68.41
C LEU F 79 -14.02 -59.15 -69.24
N TYR F 80 -13.13 -58.20 -68.97
CA TYR F 80 -11.89 -58.07 -69.72
C TYR F 80 -10.69 -58.18 -68.79
N LEU F 81 -9.56 -58.61 -69.36
CA LEU F 81 -8.27 -58.59 -68.68
C LEU F 81 -7.20 -58.19 -69.67
N GLN F 82 -6.64 -56.99 -69.49
CA GLN F 82 -5.54 -56.51 -70.32
C GLN F 82 -4.22 -56.96 -69.69
N MET F 83 -3.39 -57.63 -70.48
CA MET F 83 -2.14 -58.21 -69.99
C MET F 83 -0.99 -57.62 -70.80
N ASN F 84 -0.22 -56.72 -70.19
CA ASN F 84 0.95 -56.15 -70.83
C ASN F 84 2.24 -56.66 -70.18
N SER F 85 3.34 -56.48 -70.90
CA SER F 85 4.68 -56.90 -70.44
C SER F 85 4.66 -58.34 -69.96
N LEU F 86 4.04 -59.21 -70.75
CA LEU F 86 3.91 -60.61 -70.38
C LEU F 86 5.27 -61.28 -70.24
N ARG F 87 5.36 -62.20 -69.30
CA ARG F 87 6.56 -62.99 -69.04
C ARG F 87 6.24 -64.47 -69.16
N ALA F 88 7.28 -65.30 -69.20
CA ALA F 88 7.09 -66.74 -69.29
C ALA F 88 6.28 -67.27 -68.10
N GLU F 89 6.41 -66.65 -66.93
CA GLU F 89 5.67 -67.08 -65.75
C GLU F 89 4.19 -66.71 -65.78
N ASP F 90 3.72 -66.03 -66.83
CA ASP F 90 2.31 -65.78 -67.03
C ASP F 90 1.61 -66.87 -67.82
N THR F 91 2.35 -67.89 -68.24
CA THR F 91 1.76 -69.01 -68.96
C THR F 91 0.82 -69.77 -68.04
N ALA F 92 -0.45 -69.86 -68.43
CA ALA F 92 -1.46 -70.55 -67.63
C ALA F 92 -2.75 -70.64 -68.44
N VAL F 93 -3.70 -71.36 -67.89
CA VAL F 93 -5.10 -71.28 -68.32
C VAL F 93 -5.80 -70.27 -67.43
N TYR F 94 -6.48 -69.29 -68.04
CA TYR F 94 -7.10 -68.20 -67.31
C TYR F 94 -8.61 -68.43 -67.23
N TYR F 95 -9.13 -68.46 -66.00
CA TYR F 95 -10.55 -68.66 -65.73
C TYR F 95 -11.17 -67.35 -65.25
N CYS F 96 -12.43 -67.13 -65.64
CA CYS F 96 -13.25 -66.10 -65.03
C CYS F 96 -14.35 -66.76 -64.21
N ALA F 97 -14.74 -66.09 -63.12
CA ALA F 97 -15.73 -66.65 -62.22
C ALA F 97 -16.51 -65.51 -61.58
N ARG F 98 -17.75 -65.82 -61.20
CA ARG F 98 -18.66 -64.88 -60.57
C ARG F 98 -18.76 -65.16 -59.07
N SER F 99 -19.15 -64.13 -58.34
CA SER F 99 -19.45 -64.26 -56.91
C SER F 99 -20.43 -63.16 -56.54
N TYR F 100 -21.46 -63.52 -55.79
CA TYR F 100 -22.55 -62.60 -55.52
C TYR F 100 -22.09 -61.46 -54.61
N CYS F 101 -22.56 -60.25 -54.93
CA CYS F 101 -22.29 -59.06 -54.13
C CYS F 101 -23.49 -58.79 -53.23
N SER F 102 -23.23 -58.61 -51.94
CA SER F 102 -24.28 -58.50 -50.94
C SER F 102 -25.20 -57.31 -51.18
N GLY F 103 -24.70 -56.11 -50.91
CA GLY F 103 -25.46 -54.90 -51.12
C GLY F 103 -24.52 -53.74 -51.41
N GLY F 104 -23.78 -53.85 -52.50
CA GLY F 104 -22.71 -52.93 -52.79
C GLY F 104 -21.34 -53.38 -52.33
N PHE F 105 -21.23 -54.59 -51.79
CA PHE F 105 -19.98 -55.10 -51.26
C PHE F 105 -19.69 -56.46 -51.88
N CYS F 106 -18.51 -56.60 -52.49
CA CYS F 106 -18.10 -57.90 -53.01
C CYS F 106 -16.80 -58.34 -52.35
N PHE F 107 -16.83 -58.54 -51.03
CA PHE F 107 -15.61 -58.95 -50.34
C PHE F 107 -15.37 -60.45 -50.48
N GLY F 108 -16.39 -61.26 -50.22
CA GLY F 108 -16.24 -62.70 -50.35
C GLY F 108 -16.28 -63.42 -49.03
N TYR F 109 -17.03 -62.88 -48.06
CA TYR F 109 -17.23 -63.58 -46.81
C TYR F 109 -18.40 -64.55 -46.89
N TYR F 110 -19.50 -64.13 -47.52
CA TYR F 110 -20.70 -64.96 -47.58
C TYR F 110 -20.82 -65.76 -48.86
N TYR F 111 -20.10 -65.37 -49.91
CA TYR F 111 -20.22 -66.03 -51.21
C TYR F 111 -18.83 -66.33 -51.77
N GLY F 112 -18.74 -67.40 -52.54
CA GLY F 112 -17.51 -67.75 -53.23
C GLY F 112 -17.71 -67.77 -54.72
N LEU F 113 -16.68 -68.21 -55.46
CA LEU F 113 -16.78 -68.32 -56.91
C LEU F 113 -17.62 -69.54 -57.28
N ASP F 114 -18.94 -69.36 -57.35
CA ASP F 114 -19.85 -70.47 -57.55
C ASP F 114 -19.94 -70.94 -59.00
N VAL F 115 -19.62 -70.09 -59.96
CA VAL F 115 -19.69 -70.44 -61.38
C VAL F 115 -18.38 -70.05 -62.05
N TRP F 116 -17.75 -71.02 -62.71
CA TRP F 116 -16.49 -70.83 -63.39
C TRP F 116 -16.66 -71.03 -64.90
N GLY F 117 -15.80 -70.36 -65.68
CA GLY F 117 -15.79 -70.54 -67.11
C GLY F 117 -14.96 -71.74 -67.56
N GLN F 118 -15.10 -72.06 -68.85
CA GLN F 118 -14.33 -73.17 -69.41
C GLN F 118 -12.84 -72.89 -69.35
N GLY F 119 -12.44 -71.65 -69.55
CA GLY F 119 -11.04 -71.28 -69.50
C GLY F 119 -10.47 -70.95 -70.88
N THR F 120 -9.36 -70.22 -70.87
CA THR F 120 -8.65 -69.89 -72.10
C THR F 120 -7.16 -70.00 -71.85
N THR F 121 -6.43 -70.61 -72.79
CA THR F 121 -5.04 -70.94 -72.61
C THR F 121 -4.13 -69.80 -73.05
N VAL F 122 -3.19 -69.42 -72.18
CA VAL F 122 -2.19 -68.42 -72.46
C VAL F 122 -0.82 -69.04 -72.30
N THR F 123 0.01 -68.94 -73.35
CA THR F 123 1.37 -69.45 -73.34
C THR F 123 2.31 -68.32 -73.72
N VAL F 124 3.36 -68.12 -72.91
CA VAL F 124 4.38 -67.12 -73.18
C VAL F 124 5.72 -67.83 -73.30
N SER F 125 6.25 -67.88 -74.52
CA SER F 125 7.47 -68.61 -74.82
C SER F 125 8.26 -67.82 -75.86
N SER F 126 9.59 -67.84 -75.72
CA SER F 126 10.47 -67.18 -76.68
C SER F 126 10.57 -67.94 -78.00
N SER G 1 3.19 -62.39 -48.44
CA SER G 1 1.75 -62.50 -48.67
C SER G 1 1.12 -63.46 -47.67
N TYR G 2 -0.21 -63.62 -47.75
CA TYR G 2 -0.91 -64.49 -46.83
C TYR G 2 -0.87 -65.94 -47.32
N GLU G 3 -0.44 -66.84 -46.45
CA GLU G 3 -0.18 -68.23 -46.80
C GLU G 3 -1.38 -69.10 -46.44
N LEU G 4 -1.76 -69.99 -47.35
CA LEU G 4 -2.77 -71.01 -47.10
C LEU G 4 -2.16 -72.38 -47.31
N THR G 5 -2.10 -73.18 -46.25
CA THR G 5 -1.40 -74.45 -46.24
C THR G 5 -2.39 -75.60 -46.39
N GLN G 6 -2.02 -76.59 -47.21
CA GLN G 6 -2.78 -77.82 -47.37
C GLN G 6 -1.80 -78.98 -47.49
N PRO G 7 -2.18 -80.17 -47.01
CA PRO G 7 -1.37 -81.35 -47.27
C PRO G 7 -1.37 -81.68 -48.74
N PRO G 8 -0.22 -82.02 -49.31
CA PRO G 8 -0.15 -82.20 -50.78
C PRO G 8 -0.95 -83.38 -51.29
N SER G 9 -1.23 -84.39 -50.47
CA SER G 9 -1.92 -85.57 -50.95
C SER G 9 -2.60 -86.28 -49.80
N VAL G 10 -3.78 -86.85 -50.08
CA VAL G 10 -4.56 -87.62 -49.11
C VAL G 10 -5.09 -88.86 -49.82
N SER G 11 -4.93 -90.02 -49.19
CA SER G 11 -5.38 -91.29 -49.75
C SER G 11 -6.42 -91.91 -48.84
N VAL G 12 -7.50 -92.44 -49.44
CA VAL G 12 -8.60 -93.00 -48.67
C VAL G 12 -9.19 -94.18 -49.44
N ALA G 13 -9.72 -95.14 -48.70
CA ALA G 13 -10.40 -96.29 -49.26
C ALA G 13 -11.87 -95.95 -49.52
N PRO G 14 -12.49 -96.56 -50.52
CA PRO G 14 -13.90 -96.27 -50.81
C PRO G 14 -14.79 -96.60 -49.62
N GLY G 15 -15.83 -95.78 -49.43
CA GLY G 15 -16.71 -95.92 -48.30
C GLY G 15 -16.21 -95.27 -47.03
N LYS G 16 -14.90 -95.04 -46.90
CA LYS G 16 -14.35 -94.36 -45.74
C LYS G 16 -14.46 -92.85 -45.96
N THR G 17 -13.87 -92.07 -45.05
CA THR G 17 -13.94 -90.61 -45.13
C THR G 17 -12.55 -90.02 -45.31
N ALA G 18 -12.50 -88.83 -45.92
CA ALA G 18 -11.27 -88.09 -46.13
C ALA G 18 -11.39 -86.72 -45.47
N THR G 19 -10.33 -86.29 -44.79
CA THR G 19 -10.27 -84.99 -44.14
C THR G 19 -9.11 -84.20 -44.72
N ILE G 20 -9.40 -82.98 -45.18
CA ILE G 20 -8.42 -82.11 -45.83
C ILE G 20 -8.24 -80.88 -44.96
N THR G 21 -6.99 -80.59 -44.62
CA THR G 21 -6.66 -79.55 -43.65
C THR G 21 -6.26 -78.28 -44.38
N CYS G 22 -6.95 -77.19 -44.11
CA CYS G 22 -6.55 -75.88 -44.63
C CYS G 22 -5.78 -75.15 -43.54
N GLY G 23 -4.52 -74.82 -43.82
CA GLY G 23 -3.73 -74.11 -42.83
C GLY G 23 -3.63 -72.63 -43.08
N GLY G 24 -4.07 -71.81 -42.12
CA GLY G 24 -4.04 -70.38 -42.30
C GLY G 24 -3.69 -69.67 -41.00
N ASN G 25 -3.29 -68.41 -41.15
CA ASN G 25 -2.96 -67.55 -40.02
C ASN G 25 -4.22 -66.82 -39.58
N ASN G 26 -4.66 -67.10 -38.35
CA ASN G 26 -5.92 -66.56 -37.82
C ASN G 26 -7.09 -66.93 -38.71
N ILE G 27 -7.04 -68.14 -39.27
CA ILE G 27 -8.09 -68.57 -40.20
C ILE G 27 -9.41 -68.81 -39.48
N GLY G 28 -9.38 -68.97 -38.16
CA GLY G 28 -10.62 -68.99 -37.39
C GLY G 28 -11.42 -67.72 -37.50
N THR G 29 -10.83 -66.63 -37.99
CA THR G 29 -11.52 -65.38 -38.21
C THR G 29 -11.90 -65.16 -39.67
N LYS G 30 -11.63 -66.12 -40.54
CA LYS G 30 -11.89 -65.95 -41.96
C LYS G 30 -12.94 -66.95 -42.43
N SER G 31 -13.51 -66.64 -43.60
CA SER G 31 -14.57 -67.44 -44.20
C SER G 31 -13.97 -68.24 -45.36
N VAL G 32 -13.87 -69.56 -45.17
CA VAL G 32 -13.15 -70.43 -46.10
C VAL G 32 -14.12 -71.05 -47.09
N HIS G 33 -13.71 -71.08 -48.35
CA HIS G 33 -14.45 -71.74 -49.42
C HIS G 33 -13.60 -72.88 -49.98
N TRP G 34 -14.26 -73.91 -50.50
CA TRP G 34 -13.57 -75.08 -51.03
C TRP G 34 -14.00 -75.33 -52.47
N TYR G 35 -13.05 -75.78 -53.29
CA TYR G 35 -13.28 -76.02 -54.70
C TYR G 35 -12.76 -77.40 -55.08
N GLN G 36 -13.56 -78.13 -55.84
CA GLN G 36 -13.17 -79.43 -56.38
C GLN G 36 -12.85 -79.26 -57.86
N GLN G 37 -11.71 -79.78 -58.28
CA GLN G 37 -11.30 -79.70 -59.69
C GLN G 37 -10.85 -81.08 -60.14
N LYS G 38 -11.70 -81.76 -60.89
CA LYS G 38 -11.27 -83.02 -61.49
C LYS G 38 -10.39 -82.72 -62.70
N PRO G 39 -9.37 -83.53 -62.95
CA PRO G 39 -8.44 -83.23 -64.06
C PRO G 39 -9.16 -83.09 -65.38
N GLY G 40 -8.97 -81.95 -66.03
CA GLY G 40 -9.53 -81.69 -67.35
C GLY G 40 -10.57 -80.60 -67.40
N GLN G 41 -11.12 -80.18 -66.28
CA GLN G 41 -12.21 -79.22 -66.26
C GLN G 41 -11.94 -78.14 -65.22
N ALA G 42 -12.82 -77.14 -65.20
CA ALA G 42 -12.70 -76.03 -64.26
C ALA G 42 -13.09 -76.48 -62.86
N PRO G 43 -12.55 -75.82 -61.82
CA PRO G 43 -12.94 -76.16 -60.46
C PRO G 43 -14.41 -75.86 -60.21
N VAL G 44 -14.95 -76.50 -59.17
CA VAL G 44 -16.35 -76.39 -58.79
C VAL G 44 -16.42 -76.06 -57.31
N LEU G 45 -17.21 -75.04 -56.96
CA LEU G 45 -17.44 -74.72 -55.56
C LEU G 45 -18.26 -75.83 -54.91
N VAL G 46 -17.70 -76.43 -53.85
CA VAL G 46 -18.40 -77.49 -53.13
C VAL G 46 -18.79 -77.06 -51.72
N ILE G 47 -18.02 -76.18 -51.08
CA ILE G 47 -18.36 -75.62 -49.77
C ILE G 47 -18.03 -74.14 -49.80
N TYR G 48 -18.99 -73.31 -49.38
CA TYR G 48 -18.78 -71.88 -49.20
C TYR G 48 -19.30 -71.48 -47.83
N TYR G 49 -18.81 -70.34 -47.35
CA TYR G 49 -19.17 -69.84 -46.02
C TYR G 49 -18.84 -70.88 -44.94
N ASN G 50 -17.69 -71.53 -45.12
CA ASN G 50 -17.15 -72.53 -44.19
C ASN G 50 -17.94 -73.84 -44.17
N SER G 51 -19.27 -73.79 -44.36
CA SER G 51 -20.05 -75.00 -44.20
C SER G 51 -21.27 -75.11 -45.10
N ASP G 52 -21.56 -74.12 -45.95
CA ASP G 52 -22.75 -74.16 -46.79
C ASP G 52 -22.46 -74.88 -48.10
N ARG G 53 -23.37 -75.78 -48.50
CA ARG G 53 -23.24 -76.43 -49.79
C ARG G 53 -24.07 -75.73 -50.84
N PRO G 54 -23.56 -75.60 -52.06
CA PRO G 54 -24.41 -75.17 -53.17
C PRO G 54 -25.51 -76.19 -53.44
N SER G 55 -26.43 -75.79 -54.32
CA SER G 55 -27.67 -76.55 -54.50
C SER G 55 -27.42 -77.97 -54.98
N GLY G 56 -26.36 -78.19 -55.77
CA GLY G 56 -26.17 -79.48 -56.41
C GLY G 56 -25.14 -80.38 -55.75
N ILE G 57 -24.36 -79.86 -54.84
CA ILE G 57 -23.31 -80.66 -54.19
C ILE G 57 -23.97 -81.66 -53.24
N PRO G 58 -23.65 -82.95 -53.31
CA PRO G 58 -24.30 -83.93 -52.43
C PRO G 58 -23.95 -83.69 -50.97
N GLU G 59 -24.81 -84.18 -50.09
CA GLU G 59 -24.66 -83.98 -48.66
C GLU G 59 -23.47 -84.72 -48.06
N ARG G 60 -22.75 -85.54 -48.83
CA ARG G 60 -21.54 -86.19 -48.31
C ARG G 60 -20.47 -85.18 -47.97
N PHE G 61 -20.43 -84.05 -48.67
CA PHE G 61 -19.45 -83.01 -48.41
C PHE G 61 -19.92 -82.10 -47.29
N SER G 62 -18.98 -81.66 -46.47
CA SER G 62 -19.25 -80.71 -45.41
C SER G 62 -17.93 -80.07 -44.99
N GLY G 63 -18.03 -78.85 -44.46
CA GLY G 63 -16.87 -78.13 -43.97
C GLY G 63 -17.08 -77.66 -42.55
N SER G 64 -15.97 -77.48 -41.85
CA SER G 64 -15.98 -76.94 -40.49
C SER G 64 -14.94 -75.83 -40.38
N ASN G 65 -15.06 -75.05 -39.31
CA ASN G 65 -14.12 -73.96 -39.03
C ASN G 65 -14.25 -73.60 -37.55
N SER G 66 -13.64 -74.39 -36.68
CA SER G 66 -13.84 -74.28 -35.23
C SER G 66 -12.52 -74.53 -34.52
N GLY G 67 -12.06 -73.54 -33.75
CA GLY G 67 -10.82 -73.68 -33.01
C GLY G 67 -9.60 -73.72 -33.91
N ASN G 68 -9.56 -72.81 -34.88
CA ASN G 68 -8.48 -72.76 -35.87
C ASN G 68 -8.32 -74.10 -36.59
N THR G 69 -9.44 -74.81 -36.79
CA THR G 69 -9.45 -76.11 -37.45
C THR G 69 -10.50 -76.06 -38.57
N VAL G 70 -10.09 -75.57 -39.73
CA VAL G 70 -10.95 -75.58 -40.90
C VAL G 70 -10.66 -76.85 -41.69
N THR G 71 -11.72 -77.56 -42.07
CA THR G 71 -11.59 -78.92 -42.57
C THR G 71 -12.69 -79.21 -43.57
N LEU G 72 -12.31 -79.82 -44.69
CA LEU G 72 -13.26 -80.37 -45.64
C LEU G 72 -13.42 -81.86 -45.39
N THR G 73 -14.67 -82.33 -45.36
CA THR G 73 -14.97 -83.71 -45.02
C THR G 73 -15.81 -84.35 -46.13
N ILE G 74 -15.39 -85.54 -46.57
CA ILE G 74 -16.08 -86.29 -47.62
C ILE G 74 -16.31 -87.69 -47.09
N SER G 75 -17.52 -88.00 -46.66
CA SER G 75 -17.88 -89.32 -46.19
C SER G 75 -18.43 -90.16 -47.36
N ARG G 76 -18.38 -91.48 -47.17
CA ARG G 76 -18.75 -92.44 -48.21
C ARG G 76 -18.03 -92.12 -49.52
N VAL G 77 -16.70 -92.14 -49.45
CA VAL G 77 -15.88 -91.74 -50.58
C VAL G 77 -16.09 -92.68 -51.75
N GLU G 78 -16.34 -92.10 -52.93
CA GLU G 78 -16.47 -92.83 -54.17
C GLU G 78 -15.27 -92.55 -55.06
N ALA G 79 -15.11 -93.38 -56.09
CA ALA G 79 -14.01 -93.18 -57.03
C ALA G 79 -14.13 -91.86 -57.78
N GLY G 80 -15.37 -91.40 -58.00
CA GLY G 80 -15.59 -90.13 -58.67
C GLY G 80 -15.13 -88.92 -57.88
N ASP G 81 -14.85 -89.08 -56.58
CA ASP G 81 -14.34 -87.99 -55.75
C ASP G 81 -12.83 -87.78 -55.90
N GLU G 82 -12.17 -88.53 -56.78
CA GLU G 82 -10.73 -88.34 -57.00
C GLU G 82 -10.50 -87.04 -57.77
N ALA G 83 -10.03 -86.01 -57.06
CA ALA G 83 -9.84 -84.70 -57.65
C ALA G 83 -8.86 -83.91 -56.78
N ASP G 84 -8.54 -82.70 -57.24
CA ASP G 84 -7.78 -81.75 -56.43
C ASP G 84 -8.75 -80.83 -55.69
N TYR G 85 -8.45 -80.55 -54.44
CA TYR G 85 -9.28 -79.70 -53.60
C TYR G 85 -8.46 -78.52 -53.09
N TYR G 86 -9.02 -77.32 -53.18
CA TYR G 86 -8.37 -76.10 -52.73
C TYR G 86 -9.27 -75.37 -51.75
N CYS G 87 -8.69 -74.87 -50.67
CA CYS G 87 -9.39 -73.92 -49.84
C CYS G 87 -9.04 -72.50 -50.29
N GLN G 88 -9.95 -71.57 -50.01
CA GLN G 88 -9.79 -70.21 -50.50
C GLN G 88 -10.45 -69.25 -49.52
N VAL G 89 -9.79 -68.13 -49.27
CA VAL G 89 -10.28 -67.10 -48.36
C VAL G 89 -10.09 -65.74 -49.01
N TRP G 90 -10.69 -64.73 -48.38
CA TRP G 90 -10.44 -63.32 -48.71
C TRP G 90 -9.66 -62.72 -47.55
N ASP G 91 -8.43 -62.30 -47.82
CA ASP G 91 -7.55 -61.74 -46.78
C ASP G 91 -7.53 -60.22 -46.95
N SER G 92 -8.32 -59.53 -46.14
CA SER G 92 -8.39 -58.09 -46.22
C SER G 92 -7.10 -57.42 -45.76
N GLY G 93 -6.31 -58.10 -44.93
CA GLY G 93 -5.02 -57.58 -44.52
C GLY G 93 -4.04 -57.40 -45.66
N SER G 94 -4.31 -57.99 -46.83
CA SER G 94 -3.45 -57.81 -48.00
C SER G 94 -4.23 -57.59 -49.28
N ASP G 95 -5.55 -57.41 -49.21
CA ASP G 95 -6.40 -57.21 -50.39
C ASP G 95 -6.15 -58.29 -51.43
N HIS G 96 -6.13 -59.55 -50.96
CA HIS G 96 -5.84 -60.70 -51.81
C HIS G 96 -6.83 -61.80 -51.54
N TYR G 97 -7.40 -62.36 -52.60
CA TYR G 97 -8.00 -63.68 -52.52
C TYR G 97 -6.88 -64.71 -52.60
N VAL G 98 -6.80 -65.59 -51.61
CA VAL G 98 -5.71 -66.55 -51.50
C VAL G 98 -6.28 -67.95 -51.64
N PHE G 99 -5.69 -68.72 -52.56
CA PHE G 99 -6.02 -70.14 -52.73
C PHE G 99 -4.96 -70.98 -52.02
N GLY G 100 -5.41 -72.07 -51.41
CA GLY G 100 -4.48 -72.99 -50.78
C GLY G 100 -3.60 -73.72 -51.78
N THR G 101 -2.56 -74.36 -51.25
CA THR G 101 -1.58 -75.04 -52.09
C THR G 101 -2.19 -76.21 -52.83
N GLY G 102 -3.17 -76.83 -52.23
CA GLY G 102 -3.90 -77.89 -52.90
C GLY G 102 -3.70 -79.24 -52.28
N THR G 103 -4.68 -80.11 -52.50
CA THR G 103 -4.62 -81.48 -51.99
C THR G 103 -5.13 -82.41 -53.06
N LYS G 104 -4.29 -83.35 -53.49
CA LYS G 104 -4.71 -84.40 -54.43
C LYS G 104 -5.32 -85.55 -53.64
N VAL G 105 -6.57 -85.87 -53.94
CA VAL G 105 -7.29 -86.94 -53.25
C VAL G 105 -7.39 -88.11 -54.21
N THR G 106 -6.55 -89.12 -54.00
CA THR G 106 -6.64 -90.38 -54.74
C THR G 106 -7.33 -91.42 -53.88
N VAL G 107 -8.16 -92.24 -54.52
CA VAL G 107 -8.93 -93.26 -53.83
C VAL G 107 -8.18 -94.58 -53.95
N VAL G 108 -7.70 -95.09 -52.83
CA VAL G 108 -6.94 -96.34 -52.81
C VAL G 108 -7.86 -97.49 -53.23
N GLU H 1 27.67 85.96 -45.65
CA GLU H 1 29.02 85.51 -46.01
C GLU H 1 29.06 83.99 -46.10
N VAL H 2 27.89 83.37 -46.17
CA VAL H 2 27.81 81.91 -46.21
C VAL H 2 28.46 81.42 -47.50
N GLN H 3 29.56 80.69 -47.36
CA GLN H 3 30.27 80.20 -48.53
C GLN H 3 31.07 78.95 -48.17
N LEU H 4 31.29 78.10 -49.17
CA LEU H 4 32.08 76.89 -49.04
C LEU H 4 33.16 76.90 -50.12
N VAL H 5 34.41 76.67 -49.71
CA VAL H 5 35.57 76.78 -50.59
C VAL H 5 36.27 75.43 -50.64
N GLU H 6 36.14 74.72 -51.76
CA GLU H 6 36.86 73.46 -51.94
C GLU H 6 38.28 73.72 -52.42
N SER H 7 39.17 72.78 -52.08
CA SER H 7 40.54 72.81 -52.59
C SER H 7 41.11 71.40 -52.46
N GLY H 8 42.34 71.23 -52.94
CA GLY H 8 43.05 69.98 -52.84
C GLY H 8 42.98 69.10 -54.06
N GLY H 9 42.13 69.43 -55.03
CA GLY H 9 42.07 68.66 -56.25
C GLY H 9 43.36 68.73 -57.04
N GLY H 10 43.48 67.82 -58.01
CA GLY H 10 44.64 67.81 -58.86
C GLY H 10 44.61 66.62 -59.79
N VAL H 11 45.69 66.51 -60.58
CA VAL H 11 45.85 65.46 -61.57
C VAL H 11 46.77 64.40 -60.99
N VAL H 12 46.36 63.14 -61.08
CA VAL H 12 47.01 62.06 -60.35
C VAL H 12 46.91 60.79 -61.18
N GLN H 13 47.90 59.90 -61.01
CA GLN H 13 47.87 58.61 -61.67
C GLN H 13 47.18 57.57 -60.80
N PRO H 14 46.64 56.50 -61.39
CA PRO H 14 45.92 55.50 -60.58
C PRO H 14 46.81 54.89 -59.51
N GLY H 15 46.22 54.66 -58.34
CA GLY H 15 46.92 54.15 -57.18
C GLY H 15 47.29 55.21 -56.17
N ARG H 16 47.60 56.43 -56.62
CA ARG H 16 48.02 57.48 -55.73
C ARG H 16 46.85 58.00 -54.89
N SER H 17 47.18 58.82 -53.90
CA SER H 17 46.22 59.36 -52.96
C SER H 17 46.09 60.87 -53.13
N LEU H 18 45.08 61.42 -52.47
CA LEU H 18 44.79 62.85 -52.55
C LEU H 18 43.83 63.21 -51.41
N ARG H 19 44.10 64.34 -50.76
CA ARG H 19 43.28 64.83 -49.66
C ARG H 19 42.58 66.11 -50.08
N LEU H 20 41.25 66.08 -50.10
CA LEU H 20 40.47 67.25 -50.45
C LEU H 20 40.11 68.04 -49.20
N SER H 21 39.88 69.34 -49.40
CA SER H 21 39.55 70.24 -48.31
C SER H 21 38.34 71.08 -48.71
N CYS H 22 37.62 71.57 -47.70
CA CYS H 22 36.45 72.40 -47.92
C CYS H 22 36.36 73.36 -46.74
N ALA H 23 36.78 74.60 -46.94
CA ALA H 23 36.73 75.62 -45.91
C ALA H 23 35.35 76.28 -45.90
N ALA H 24 34.74 76.33 -44.72
CA ALA H 24 33.43 76.94 -44.54
C ALA H 24 33.55 78.21 -43.73
N SER H 25 32.74 79.21 -44.07
CA SER H 25 32.74 80.47 -43.35
C SER H 25 31.39 81.14 -43.55
N GLY H 26 31.00 81.96 -42.58
CA GLY H 26 29.76 82.70 -42.65
C GLY H 26 28.58 82.07 -41.95
N PHE H 27 28.74 80.89 -41.35
CA PHE H 27 27.64 80.22 -40.66
C PHE H 27 28.21 79.33 -39.56
N THR H 28 27.31 78.68 -38.83
CA THR H 28 27.69 77.79 -37.73
C THR H 28 28.02 76.42 -38.31
N PHE H 29 29.32 76.12 -38.43
CA PHE H 29 29.74 74.91 -39.12
C PHE H 29 29.33 73.66 -38.35
N SER H 30 29.39 73.70 -37.02
CA SER H 30 29.07 72.56 -36.18
C SER H 30 27.55 72.31 -36.08
N SER H 31 26.74 73.05 -36.80
CA SER H 31 25.30 72.85 -36.82
C SER H 31 24.81 72.17 -38.09
N TYR H 32 25.71 71.87 -39.02
CA TYR H 32 25.36 71.30 -40.31
C TYR H 32 26.12 70.00 -40.53
N GLY H 33 25.45 69.07 -41.21
CA GLY H 33 26.13 67.89 -41.70
C GLY H 33 26.69 68.17 -43.08
N MET H 34 27.92 67.71 -43.31
CA MET H 34 28.65 68.03 -44.52
C MET H 34 28.70 66.82 -45.45
N HIS H 35 28.55 67.09 -46.75
CA HIS H 35 28.52 66.06 -47.77
C HIS H 35 29.64 66.28 -48.77
N TRP H 36 29.96 65.20 -49.50
CA TRP H 36 30.76 65.27 -50.72
C TRP H 36 29.91 64.70 -51.85
N VAL H 37 29.81 65.44 -52.94
CA VAL H 37 29.11 64.99 -54.14
C VAL H 37 30.01 65.25 -55.34
N ARG H 38 30.33 64.20 -56.08
CA ARG H 38 31.18 64.33 -57.25
C ARG H 38 30.35 64.26 -58.52
N GLN H 39 30.90 64.85 -59.59
CA GLN H 39 30.23 64.86 -60.88
C GLN H 39 31.26 64.57 -61.96
N ALA H 40 31.20 63.37 -62.54
CA ALA H 40 32.08 63.04 -63.62
C ALA H 40 31.74 63.89 -64.86
N PRO H 41 32.73 64.20 -65.69
CA PRO H 41 32.48 65.08 -66.84
C PRO H 41 31.40 64.54 -67.77
N GLY H 42 30.38 65.37 -68.01
CA GLY H 42 29.25 64.99 -68.83
C GLY H 42 28.25 64.08 -68.16
N LYS H 43 28.43 63.75 -66.89
CA LYS H 43 27.59 62.78 -66.18
C LYS H 43 26.84 63.48 -65.05
N GLY H 44 26.01 62.71 -64.36
CA GLY H 44 25.15 63.24 -63.33
C GLY H 44 25.85 63.40 -61.99
N LEU H 45 25.05 63.65 -60.97
CA LEU H 45 25.55 63.81 -59.61
C LEU H 45 25.62 62.47 -58.91
N GLU H 46 26.70 62.28 -58.14
CA GLU H 46 26.91 61.05 -57.38
C GLU H 46 27.31 61.43 -55.96
N TRP H 47 26.56 60.92 -54.98
CA TRP H 47 26.85 61.19 -53.59
C TRP H 47 28.02 60.34 -53.12
N VAL H 48 28.96 60.96 -52.41
CA VAL H 48 30.19 60.30 -52.01
C VAL H 48 30.13 59.88 -50.55
N ALA H 49 30.03 60.85 -49.65
CA ALA H 49 30.04 60.55 -48.23
C ALA H 49 29.40 61.71 -47.46
N VAL H 50 28.99 61.41 -46.23
CA VAL H 50 28.41 62.40 -45.34
C VAL H 50 29.05 62.22 -43.96
N ILE H 51 29.18 63.33 -43.24
CA ILE H 51 29.59 63.30 -41.84
C ILE H 51 28.67 64.22 -41.07
N TRP H 52 28.24 63.77 -39.89
CA TRP H 52 27.28 64.52 -39.11
C TRP H 52 27.95 65.70 -38.42
N TYR H 53 27.12 66.49 -37.73
CA TYR H 53 27.55 67.80 -37.24
C TYR H 53 28.76 67.71 -36.32
N ASP H 54 28.81 66.69 -35.46
CA ASP H 54 29.91 66.52 -34.53
C ASP H 54 30.84 65.39 -34.93
N GLY H 55 30.70 64.87 -36.14
CA GLY H 55 31.57 63.81 -36.62
C GLY H 55 31.37 62.47 -35.93
N SER H 56 30.24 62.27 -35.25
CA SER H 56 29.97 61.01 -34.57
C SER H 56 29.45 59.94 -35.51
N ASN H 57 28.93 60.31 -36.67
CA ASN H 57 28.41 59.36 -37.64
C ASN H 57 28.85 59.76 -39.04
N ASN H 58 29.15 58.77 -39.86
CA ASN H 58 29.48 59.03 -41.26
C ASN H 58 29.08 57.82 -42.09
N PHE H 59 28.52 58.10 -43.27
CA PHE H 59 28.08 57.07 -44.19
C PHE H 59 28.78 57.27 -45.52
N TYR H 60 29.25 56.18 -46.11
CA TYR H 60 30.01 56.22 -47.35
C TYR H 60 29.24 55.59 -48.48
N ALA H 61 29.63 55.94 -49.71
CA ALA H 61 29.08 55.33 -50.90
C ALA H 61 29.79 54.02 -51.20
N ASP H 62 29.04 53.08 -51.78
CA ASP H 62 29.61 51.76 -52.07
C ASP H 62 30.81 51.86 -52.99
N SER H 63 30.81 52.81 -53.92
CA SER H 63 31.88 52.95 -54.89
C SER H 63 33.18 53.44 -54.28
N VAL H 64 33.12 54.09 -53.12
CA VAL H 64 34.30 54.65 -52.47
C VAL H 64 34.58 54.01 -51.12
N LYS H 65 33.74 53.08 -50.67
CA LYS H 65 33.93 52.48 -49.35
C LYS H 65 35.23 51.69 -49.31
N GLY H 66 35.95 51.81 -48.20
CA GLY H 66 37.24 51.20 -48.05
C GLY H 66 38.40 51.98 -48.63
N ARG H 67 38.15 52.99 -49.46
CA ARG H 67 39.21 53.81 -50.01
C ARG H 67 39.13 55.28 -49.60
N PHE H 68 37.94 55.80 -49.33
CA PHE H 68 37.76 57.20 -48.98
C PHE H 68 37.47 57.32 -47.49
N THR H 69 37.96 58.40 -46.88
CA THR H 69 37.72 58.70 -45.48
C THR H 69 37.29 60.16 -45.36
N ILE H 70 36.19 60.41 -44.65
CA ILE H 70 35.67 61.75 -44.46
C ILE H 70 35.91 62.16 -43.01
N SER H 71 36.16 63.45 -42.81
CA SER H 71 36.45 63.98 -41.48
C SER H 71 36.17 65.47 -41.49
N ARG H 72 36.12 66.05 -40.29
CA ARG H 72 35.86 67.47 -40.14
C ARG H 72 36.56 68.01 -38.90
N ASP H 73 37.01 69.25 -38.99
CA ASP H 73 37.61 69.98 -37.87
C ASP H 73 36.70 71.15 -37.53
N ASN H 74 36.10 71.10 -36.33
CA ASN H 74 35.07 72.07 -35.98
C ASN H 74 35.62 73.35 -35.37
N PHE H 75 36.88 73.36 -34.94
CA PHE H 75 37.51 74.61 -34.51
C PHE H 75 38.28 75.29 -35.63
N LYS H 76 38.20 74.77 -36.85
CA LYS H 76 38.80 75.38 -38.02
C LYS H 76 37.81 75.54 -39.16
N ASN H 77 36.61 75.01 -39.00
CA ASN H 77 35.54 75.08 -39.99
C ASN H 77 36.01 74.52 -41.33
N THR H 78 36.43 73.26 -41.30
CA THR H 78 37.00 72.62 -42.49
C THR H 78 36.49 71.20 -42.59
N LEU H 79 36.05 70.81 -43.79
CA LEU H 79 35.69 69.45 -44.11
C LEU H 79 36.79 68.82 -44.96
N TYR H 80 37.10 67.55 -44.68
CA TYR H 80 38.15 66.84 -45.39
C TYR H 80 37.61 65.60 -46.07
N LEU H 81 38.31 65.18 -47.13
CA LEU H 81 38.04 63.90 -47.79
C LEU H 81 39.38 63.30 -48.20
N GLN H 82 39.74 62.19 -47.54
CA GLN H 82 40.95 61.45 -47.88
C GLN H 82 40.60 60.41 -48.94
N MET H 83 41.34 60.43 -50.06
CA MET H 83 41.06 59.56 -51.19
C MET H 83 42.30 58.72 -51.47
N ASN H 84 42.24 57.44 -51.14
CA ASN H 84 43.33 56.51 -51.42
C ASN H 84 42.93 55.52 -52.50
N SER H 85 43.95 54.88 -53.09
CA SER H 85 43.77 53.88 -54.14
C SER H 85 42.86 54.41 -55.26
N LEU H 86 43.14 55.65 -55.68
CA LEU H 86 42.31 56.30 -56.69
C LEU H 86 42.35 55.52 -58.00
N ARG H 87 41.21 55.53 -58.70
CA ARG H 87 41.07 54.89 -60.00
C ARG H 87 40.62 55.93 -61.02
N ALA H 88 40.68 55.55 -62.31
CA ALA H 88 40.23 56.46 -63.36
C ALA H 88 38.77 56.85 -63.20
N GLU H 89 37.94 55.97 -62.64
CA GLU H 89 36.53 56.26 -62.44
C GLU H 89 36.28 57.23 -61.28
N ASP H 90 37.31 57.68 -60.58
CA ASP H 90 37.18 58.72 -59.56
C ASP H 90 37.35 60.12 -60.14
N THR H 91 37.62 60.23 -61.43
CA THR H 91 37.75 61.53 -62.06
C THR H 91 36.41 62.26 -62.03
N ALA H 92 36.39 63.44 -61.41
CA ALA H 92 35.16 64.22 -61.29
C ALA H 92 35.51 65.57 -60.69
N VAL H 93 34.51 66.45 -60.67
CA VAL H 93 34.54 67.65 -59.84
C VAL H 93 33.87 67.31 -58.52
N TYR H 94 34.54 67.60 -57.41
CA TYR H 94 34.06 67.24 -56.09
C TYR H 94 33.50 68.47 -55.37
N TYR H 95 32.23 68.39 -54.98
CA TYR H 95 31.54 69.45 -54.27
C TYR H 95 31.34 69.09 -52.81
N CYS H 96 31.41 70.10 -51.95
CA CYS H 96 30.96 69.97 -50.57
C CYS H 96 29.71 70.80 -50.37
N ALA H 97 28.83 70.32 -49.49
CA ALA H 97 27.55 70.98 -49.26
C ALA H 97 27.12 70.76 -47.83
N ARG H 98 26.34 71.71 -47.32
CA ARG H 98 25.82 71.67 -45.96
C ARG H 98 24.35 71.28 -45.97
N SER H 99 23.89 70.76 -44.83
CA SER H 99 22.48 70.47 -44.61
C SER H 99 22.22 70.53 -43.12
N TYR H 100 21.14 71.18 -42.72
CA TYR H 100 20.89 71.45 -41.31
C TYR H 100 20.57 70.17 -40.57
N CYS H 101 21.11 70.04 -39.35
CA CYS H 101 20.84 68.93 -38.48
C CYS H 101 19.77 69.35 -37.46
N SER H 102 18.74 68.52 -37.33
CA SER H 102 17.57 68.86 -36.51
C SER H 102 17.92 69.07 -35.05
N GLY H 103 18.20 67.99 -34.34
CA GLY H 103 18.56 68.05 -32.94
C GLY H 103 19.44 66.87 -32.60
N GLY H 104 20.61 66.80 -33.22
CA GLY H 104 21.47 65.64 -33.13
C GLY H 104 21.29 64.64 -34.24
N PHE H 105 20.44 64.93 -35.23
CA PHE H 105 20.14 64.01 -36.32
C PHE H 105 20.35 64.73 -37.65
N CYS H 106 21.18 64.14 -38.51
CA CYS H 106 21.35 64.69 -39.85
C CYS H 106 20.97 63.64 -40.89
N PHE H 107 19.71 63.22 -40.90
CA PHE H 107 19.27 62.21 -41.86
C PHE H 107 18.99 62.82 -43.23
N GLY H 108 18.23 63.91 -43.26
CA GLY H 108 17.92 64.56 -44.52
C GLY H 108 16.48 64.42 -44.94
N TYR H 109 15.57 64.31 -43.96
CA TYR H 109 14.15 64.31 -44.28
C TYR H 109 13.60 65.72 -44.39
N TYR H 110 13.99 66.61 -43.47
CA TYR H 110 13.45 67.96 -43.45
C TYR H 110 14.33 68.98 -44.17
N TYR H 111 15.60 68.67 -44.39
CA TYR H 111 16.53 69.61 -44.98
C TYR H 111 17.33 68.92 -46.09
N GLY H 112 17.71 69.72 -47.10
CA GLY H 112 18.56 69.22 -48.16
C GLY H 112 19.86 69.99 -48.22
N LEU H 113 20.67 69.73 -49.25
CA LEU H 113 21.92 70.45 -49.44
C LEU H 113 21.63 71.85 -49.97
N ASP H 114 21.39 72.80 -49.06
CA ASP H 114 20.96 74.14 -49.47
C ASP H 114 22.10 75.03 -49.94
N VAL H 115 23.35 74.75 -49.54
CA VAL H 115 24.49 75.57 -49.93
C VAL H 115 25.58 74.64 -50.45
N TRP H 116 26.05 74.91 -51.67
CA TRP H 116 27.08 74.12 -52.33
C TRP H 116 28.33 74.98 -52.54
N GLY H 117 29.48 74.30 -52.59
CA GLY H 117 30.72 74.97 -52.90
C GLY H 117 30.98 75.12 -54.39
N GLN H 118 32.01 75.91 -54.72
CA GLN H 118 32.38 76.10 -56.11
C GLN H 118 32.82 74.79 -56.75
N GLY H 119 33.52 73.95 -56.00
CA GLY H 119 33.97 72.67 -56.51
C GLY H 119 35.48 72.64 -56.73
N THR H 120 36.02 71.43 -56.78
CA THR H 120 37.43 71.21 -57.06
C THR H 120 37.58 70.02 -57.99
N THR H 121 38.45 70.16 -58.99
CA THR H 121 38.56 69.18 -60.06
C THR H 121 39.57 68.11 -59.72
N VAL H 122 39.16 66.85 -59.86
CA VAL H 122 40.02 65.69 -59.66
C VAL H 122 40.06 64.88 -60.95
N THR H 123 41.26 64.64 -61.45
CA THR H 123 41.47 63.85 -62.66
C THR H 123 42.43 62.72 -62.35
N VAL H 124 42.06 61.48 -62.70
CA VAL H 124 42.91 60.32 -62.50
C VAL H 124 43.15 59.69 -63.87
N SER H 125 44.39 59.81 -64.36
CA SER H 125 44.78 59.36 -65.69
C SER H 125 46.18 58.79 -65.62
N SER H 126 46.41 57.73 -66.40
CA SER H 126 47.73 57.12 -66.48
C SER H 126 48.72 57.96 -67.30
N SER I 1 21.66 48.76 -55.36
CA SER I 1 21.43 50.01 -54.65
C SER I 1 20.04 50.57 -54.95
N TYR I 2 19.71 51.69 -54.31
CA TYR I 2 18.39 52.28 -54.50
C TYR I 2 18.40 53.16 -55.75
N GLU I 3 17.43 52.94 -56.64
CA GLU I 3 17.38 53.58 -57.94
C GLU I 3 16.44 54.78 -57.91
N LEU I 4 16.88 55.89 -58.51
CA LEU I 4 16.04 57.07 -58.71
C LEU I 4 15.97 57.36 -60.20
N THR I 5 14.77 57.28 -60.76
CA THR I 5 14.55 57.38 -62.19
C THR I 5 14.04 58.76 -62.56
N GLN I 6 14.57 59.31 -63.65
CA GLN I 6 14.12 60.56 -64.23
C GLN I 6 14.12 60.44 -65.74
N PRO I 7 13.20 61.12 -66.42
CA PRO I 7 13.27 61.20 -67.88
C PRO I 7 14.52 61.97 -68.30
N PRO I 8 15.24 61.49 -69.31
CA PRO I 8 16.52 62.12 -69.64
C PRO I 8 16.40 63.54 -70.18
N SER I 9 15.25 63.92 -70.75
CA SER I 9 15.12 65.23 -71.36
C SER I 9 13.66 65.63 -71.42
N VAL I 10 13.41 66.93 -71.22
CA VAL I 10 12.08 67.52 -71.28
C VAL I 10 12.17 68.84 -72.05
N SER I 11 11.28 69.02 -73.01
CA SER I 11 11.24 70.23 -73.83
C SER I 11 9.94 70.96 -73.62
N VAL I 12 10.01 72.29 -73.49
CA VAL I 12 8.84 73.11 -73.23
C VAL I 12 8.99 74.46 -73.91
N ALA I 13 7.86 75.03 -74.30
CA ALA I 13 7.82 76.36 -74.89
C ALA I 13 7.76 77.42 -73.79
N PRO I 14 8.30 78.61 -74.03
CA PRO I 14 8.26 79.66 -73.00
C PRO I 14 6.83 80.01 -72.63
N GLY I 15 6.64 80.33 -71.35
CA GLY I 15 5.32 80.60 -70.81
C GLY I 15 4.51 79.38 -70.45
N LYS I 16 4.83 78.23 -71.01
CA LYS I 16 4.15 76.98 -70.66
C LYS I 16 4.80 76.40 -69.40
N THR I 17 4.40 75.20 -69.02
CA THR I 17 4.92 74.56 -67.81
C THR I 17 5.65 73.27 -68.17
N ALA I 18 6.59 72.89 -67.30
CA ALA I 18 7.35 71.66 -67.44
C ALA I 18 7.17 70.80 -66.19
N THR I 19 6.98 69.50 -66.40
CA THR I 19 6.83 68.54 -65.31
C THR I 19 7.92 67.50 -65.40
N ILE I 20 8.66 67.31 -64.30
CA ILE I 20 9.79 66.40 -64.24
C ILE I 20 9.44 65.28 -63.26
N THR I 21 9.56 64.03 -63.71
CA THR I 21 9.11 62.88 -62.97
C THR I 21 10.29 62.23 -62.26
N CYS I 22 10.21 62.11 -60.94
CA CYS I 22 11.20 61.37 -60.17
C CYS I 22 10.66 59.97 -59.91
N GLY I 23 11.37 58.96 -60.41
CA GLY I 23 10.92 57.59 -60.20
C GLY I 23 11.65 56.87 -59.08
N GLY I 24 10.92 56.42 -58.07
CA GLY I 24 11.54 55.76 -56.94
C GLY I 24 10.69 54.60 -56.44
N ASN I 25 11.34 53.73 -55.67
CA ASN I 25 10.68 52.59 -55.06
C ASN I 25 10.16 53.01 -53.69
N ASN I 26 8.84 52.99 -53.53
CA ASN I 26 8.19 53.45 -52.30
C ASN I 26 8.55 54.91 -52.00
N ILE I 27 8.69 55.71 -53.07
CA ILE I 27 9.10 57.10 -52.91
C ILE I 27 8.00 57.93 -52.25
N GLY I 28 6.76 57.45 -52.26
CA GLY I 28 5.72 58.09 -51.48
C GLY I 28 6.00 58.12 -50.00
N THR I 29 6.96 57.32 -49.52
CA THR I 29 7.37 57.32 -48.13
C THR I 29 8.64 58.11 -47.88
N LYS I 30 9.21 58.73 -48.91
CA LYS I 30 10.48 59.42 -48.79
C LYS I 30 10.30 60.92 -49.02
N SER I 31 11.29 61.68 -48.56
CA SER I 31 11.30 63.13 -48.65
C SER I 31 12.24 63.53 -49.78
N VAL I 32 11.69 64.04 -50.88
CA VAL I 32 12.44 64.30 -52.10
C VAL I 32 12.89 65.75 -52.13
N HIS I 33 14.14 65.97 -52.53
CA HIS I 33 14.68 67.31 -52.76
C HIS I 33 15.06 67.45 -54.22
N TRP I 34 15.02 68.68 -54.73
CA TRP I 34 15.32 68.97 -56.12
C TRP I 34 16.43 69.99 -56.23
N TYR I 35 17.28 69.83 -57.24
CA TYR I 35 18.43 70.70 -57.45
C TYR I 35 18.47 71.15 -58.90
N GLN I 36 18.70 72.44 -59.11
CA GLN I 36 18.89 73.00 -60.44
C GLN I 36 20.38 73.28 -60.64
N GLN I 37 20.91 72.83 -61.78
CA GLN I 37 22.32 73.06 -62.10
C GLN I 37 22.42 73.58 -63.53
N LYS I 38 22.64 74.87 -63.67
CA LYS I 38 22.90 75.41 -64.99
C LYS I 38 24.34 75.09 -65.38
N PRO I 39 24.59 74.82 -66.66
CA PRO I 39 25.95 74.40 -67.08
C PRO I 39 27.00 75.43 -66.69
N GLY I 40 28.00 74.98 -65.94
CA GLY I 40 29.12 75.81 -65.56
C GLY I 40 29.23 76.09 -64.07
N GLN I 41 28.19 75.85 -63.29
CA GLN I 41 28.18 76.19 -61.88
C GLN I 41 27.66 75.03 -61.06
N ALA I 42 27.71 75.19 -59.73
CA ALA I 42 27.25 74.17 -58.82
C ALA I 42 25.73 74.11 -58.79
N PRO I 43 25.15 72.96 -58.48
CA PRO I 43 23.70 72.86 -58.38
C PRO I 43 23.16 73.74 -57.25
N VAL I 44 21.87 74.04 -57.34
CA VAL I 44 21.17 74.91 -56.40
C VAL I 44 19.91 74.19 -55.93
N LEU I 45 19.70 74.14 -54.62
CA LEU I 45 18.47 73.59 -54.08
C LEU I 45 17.30 74.50 -54.42
N VAL I 46 16.30 73.94 -55.11
CA VAL I 46 15.12 74.70 -55.49
C VAL I 46 13.86 74.21 -54.76
N ILE I 47 13.78 72.92 -54.44
CA ILE I 47 12.69 72.38 -53.64
C ILE I 47 13.27 71.40 -52.64
N TYR I 48 12.88 71.54 -51.37
CA TYR I 48 13.24 70.60 -50.33
C TYR I 48 11.98 70.23 -49.56
N TYR I 49 12.04 69.10 -48.86
CA TYR I 49 10.89 68.58 -48.11
C TYR I 49 9.69 68.41 -49.02
N ASN I 50 9.95 67.93 -50.24
CA ASN I 50 8.95 67.63 -51.26
C ASN I 50 8.29 68.88 -51.85
N SER I 51 8.11 69.95 -51.06
CA SER I 51 7.36 71.09 -51.57
C SER I 51 7.82 72.44 -51.04
N ASP I 52 8.81 72.52 -50.16
CA ASP I 52 9.23 73.79 -49.60
C ASP I 52 10.28 74.46 -50.49
N ARG I 53 10.09 75.76 -50.72
CA ARG I 53 11.08 76.51 -51.47
C ARG I 53 12.03 77.24 -50.53
N PRO I 54 13.33 77.27 -50.85
CA PRO I 54 14.23 78.17 -50.13
C PRO I 54 13.86 79.63 -50.34
N SER I 55 14.53 80.50 -49.58
CA SER I 55 14.10 81.89 -49.49
C SER I 55 14.15 82.60 -50.83
N GLY I 56 15.08 82.23 -51.70
CA GLY I 56 15.30 82.97 -52.93
C GLY I 56 14.71 82.38 -54.18
N ILE I 57 14.27 81.14 -54.12
CA ILE I 57 13.71 80.48 -55.31
C ILE I 57 12.35 81.08 -55.62
N PRO I 58 12.09 81.52 -56.86
CA PRO I 58 10.80 82.14 -57.18
C PRO I 58 9.65 81.16 -57.04
N GLU I 59 8.46 81.71 -56.84
CA GLU I 59 7.27 80.90 -56.61
C GLU I 59 6.81 80.11 -57.84
N ARG I 60 7.44 80.28 -59.00
CA ARG I 60 7.10 79.47 -60.16
C ARG I 60 7.40 78.00 -59.93
N PHE I 61 8.42 77.71 -59.13
CA PHE I 61 8.79 76.33 -58.83
C PHE I 61 7.93 75.78 -57.70
N SER I 62 7.60 74.50 -57.81
CA SER I 62 6.86 73.80 -56.77
C SER I 62 7.04 72.30 -56.97
N GLY I 63 6.93 71.55 -55.87
CA GLY I 63 7.03 70.12 -55.91
C GLY I 63 5.83 69.47 -55.27
N SER I 64 5.56 68.23 -55.69
CA SER I 64 4.51 67.42 -55.10
C SER I 64 5.05 66.03 -54.81
N ASN I 65 4.30 65.29 -54.00
CA ASN I 65 4.64 63.92 -53.63
C ASN I 65 3.38 63.24 -53.10
N SER I 66 2.51 62.80 -54.01
CA SER I 66 1.18 62.30 -53.63
C SER I 66 0.82 61.13 -54.53
N GLY I 67 0.56 59.98 -53.92
CA GLY I 67 0.19 58.80 -54.67
C GLY I 67 1.32 58.25 -55.51
N ASN I 68 2.52 58.16 -54.91
CA ASN I 68 3.73 57.72 -55.60
C ASN I 68 3.99 58.55 -56.85
N THR I 69 3.65 59.85 -56.78
CA THR I 69 3.82 60.77 -57.91
C THR I 69 4.56 62.00 -57.38
N VAL I 70 5.88 61.92 -57.34
CA VAL I 70 6.70 63.06 -56.97
C VAL I 70 7.09 63.80 -58.25
N THR I 71 6.91 65.12 -58.25
CA THR I 71 6.96 65.89 -59.47
C THR I 71 7.48 67.29 -59.17
N LEU I 72 8.41 67.76 -60.01
CA LEU I 72 8.84 69.15 -60.01
C LEU I 72 8.08 69.91 -61.08
N THR I 73 7.56 71.09 -60.74
CA THR I 73 6.73 71.87 -61.64
C THR I 73 7.30 73.27 -61.78
N ILE I 74 7.43 73.73 -63.02
CA ILE I 74 7.96 75.05 -63.34
C ILE I 74 6.96 75.72 -64.30
N SER I 75 6.15 76.62 -63.78
CA SER I 75 5.20 77.37 -64.60
C SER I 75 5.83 78.67 -65.07
N ARG I 76 5.26 79.22 -66.14
CA ARG I 76 5.79 80.41 -66.82
C ARG I 76 7.28 80.22 -67.11
N VAL I 77 7.57 79.20 -67.90
CA VAL I 77 8.95 78.82 -68.17
C VAL I 77 9.66 79.94 -68.93
N GLU I 78 10.84 80.32 -68.45
CA GLU I 78 11.71 81.29 -69.09
C GLU I 78 12.93 80.59 -69.65
N ALA I 79 13.64 81.31 -70.54
CA ALA I 79 14.86 80.74 -71.12
C ALA I 79 15.92 80.49 -70.06
N GLY I 80 15.93 81.30 -69.00
CA GLY I 80 16.88 81.10 -67.91
C GLY I 80 16.68 79.82 -67.11
N ASP I 81 15.53 79.17 -67.27
CA ASP I 81 15.26 77.90 -66.60
C ASP I 81 15.89 76.71 -67.32
N GLU I 82 16.62 76.92 -68.40
CA GLU I 82 17.28 75.83 -69.12
C GLU I 82 18.45 75.31 -68.28
N ALA I 83 18.27 74.16 -67.64
CA ALA I 83 19.28 73.59 -66.76
C ALA I 83 19.02 72.10 -66.60
N ASP I 84 19.90 71.43 -65.87
CA ASP I 84 19.69 70.05 -65.45
C ASP I 84 19.04 70.04 -64.07
N TYR I 85 18.08 69.15 -63.88
CA TYR I 85 17.36 69.02 -62.62
C TYR I 85 17.49 67.59 -62.10
N TYR I 86 17.80 67.46 -60.81
CA TYR I 86 17.97 66.17 -60.17
C TYR I 86 17.08 66.10 -58.94
N CYS I 87 16.40 64.97 -58.77
CA CYS I 87 15.77 64.69 -57.49
C CYS I 87 16.73 63.91 -56.61
N GLN I 88 16.52 64.02 -55.30
CA GLN I 88 17.44 63.42 -54.35
C GLN I 88 16.68 63.06 -53.08
N VAL I 89 16.99 61.88 -52.53
CA VAL I 89 16.35 61.38 -51.32
C VAL I 89 17.43 60.81 -50.40
N TRP I 90 17.03 60.52 -49.17
CA TRP I 90 17.84 59.76 -48.22
C TRP I 90 17.19 58.39 -48.07
N ASP I 91 17.90 57.34 -48.47
CA ASP I 91 17.39 55.97 -48.42
C ASP I 91 18.04 55.28 -47.23
N SER I 92 17.30 55.20 -46.13
CA SER I 92 17.82 54.57 -44.92
C SER I 92 17.97 53.06 -45.08
N GLY I 93 17.22 52.45 -46.01
CA GLY I 93 17.38 51.05 -46.30
C GLY I 93 18.73 50.66 -46.85
N SER I 94 19.53 51.65 -47.28
CA SER I 94 20.88 51.37 -47.76
C SER I 94 21.89 52.40 -47.26
N ASP I 95 21.53 53.29 -46.35
CA ASP I 95 22.43 54.32 -45.82
C ASP I 95 23.10 55.09 -46.95
N HIS I 96 22.28 55.50 -47.92
CA HIS I 96 22.77 56.20 -49.10
C HIS I 96 21.88 57.41 -49.39
N TYR I 97 22.51 58.55 -49.62
CA TYR I 97 21.85 59.63 -50.33
C TYR I 97 21.90 59.32 -51.83
N VAL I 98 20.75 59.29 -52.47
CA VAL I 98 20.65 58.89 -53.86
C VAL I 98 20.18 60.08 -54.68
N PHE I 99 20.91 60.39 -55.75
CA PHE I 99 20.53 61.41 -56.71
C PHE I 99 19.91 60.74 -57.93
N GLY I 100 18.88 61.37 -58.50
CA GLY I 100 18.27 60.86 -59.71
C GLY I 100 19.18 60.96 -60.91
N THR I 101 18.78 60.27 -61.98
CA THR I 101 19.61 60.18 -63.18
C THR I 101 19.74 61.54 -63.84
N GLY I 102 18.73 62.37 -63.72
CA GLY I 102 18.79 63.71 -64.21
C GLY I 102 17.87 63.98 -65.36
N THR I 103 17.50 65.26 -65.52
CA THR I 103 16.62 65.68 -66.60
C THR I 103 17.15 66.97 -67.17
N LYS I 104 17.48 66.97 -68.46
CA LYS I 104 17.87 68.19 -69.16
C LYS I 104 16.63 68.91 -69.65
N VAL I 105 16.45 70.16 -69.22
CA VAL I 105 15.28 70.96 -69.58
C VAL I 105 15.75 72.00 -70.58
N THR I 106 15.47 71.78 -71.85
CA THR I 106 15.72 72.77 -72.89
C THR I 106 14.42 73.47 -73.24
N VAL I 107 14.50 74.78 -73.48
CA VAL I 107 13.34 75.60 -73.78
C VAL I 107 13.23 75.72 -75.30
N VAL I 108 12.18 75.15 -75.87
CA VAL I 108 11.98 75.19 -77.32
C VAL I 108 11.75 76.63 -77.76
#